data_6RL5
#
_entry.id   6RL5
#
_cell.length_a   107.055
_cell.length_b   124.782
_cell.length_c   145.416
_cell.angle_alpha   90.00
_cell.angle_beta   98.95
_cell.angle_gamma   90.00
#
_symmetry.space_group_name_H-M   'P 1 21 1'
#
loop_
_entity.id
_entity.type
_entity.pdbx_description
1 polymer 'Diaminobutyrate--2-oxoglutarate transaminase'
2 non-polymer "PYRIDOXAL-5'-PHOSPHATE"
3 water water
#
_entity_poly.entity_id   1
_entity_poly.type   'polypeptide(L)'
_entity_poly.pdbx_seq_one_letter_code
;MQTQILERMESEVRTYSRSFPTVFTEAKGARLHAEDGNQYIDFLAGAGTLNYGHNHPKLKQALADYIASDGIVHGLDMWS
AAKRDYLETLEEVILKPRGLDYKVHLPGPTGTNAVEAAIRLARNAKGRHNIVTFTNGFHGVTMGALATTGNRKFREATGG
IPTQGASFMPFDGYMGEGVDTLSYFEKLLGDNSGGLDVPAAVIIETVQGEGGINPAGIPWLQRLEKICRDHDMLLIVDDI
QAGCGRTGKFFSFEHAGITPDIVTNSKSLSGFGLPFAHVLMRPELDIWKPGQYNGTFRGFNLAFVTAAAAMRHFWSDDTF
ERDVQRKGRVVEDRFQKLASFMTEKGHPASERGRGLMRGLDVGDGDMADKITAQAFKNGLIIETSGHSGQVIKCLCPLTI
TDEDLVGGLDILEQSVKEVFGQAHHHHHH
;
_entity_poly.pdbx_strand_id   A,B,C,D,E,F,G,H
#
# COMPACT_ATOMS: atom_id res chain seq x y z
N ILE A 5 36.81 14.68 -7.19
CA ILE A 5 36.09 13.40 -7.11
C ILE A 5 34.76 13.58 -6.34
N LEU A 6 33.97 14.59 -6.71
CA LEU A 6 32.64 14.72 -6.11
C LEU A 6 31.58 14.61 -7.19
N GLU A 7 31.67 13.56 -8.02
CA GLU A 7 30.66 13.28 -9.05
C GLU A 7 29.48 12.57 -8.39
N ARG A 8 28.68 13.39 -7.72
CA ARG A 8 27.29 13.12 -7.40
C ARG A 8 26.37 13.21 -8.63
N MET A 9 26.92 13.60 -9.78
CA MET A 9 26.12 13.96 -10.94
C MET A 9 25.77 12.78 -11.87
N GLU A 10 26.66 11.80 -11.96
CA GLU A 10 26.43 10.60 -12.75
C GLU A 10 25.45 9.65 -12.07
N SER A 11 24.62 9.00 -12.90
CA SER A 11 23.58 8.09 -12.45
C SER A 11 24.17 6.94 -11.60
N GLU A 12 23.28 6.20 -10.95
CA GLU A 12 23.66 5.03 -10.15
C GLU A 12 23.69 3.74 -10.98
N VAL A 13 23.72 3.82 -12.31
CA VAL A 13 23.76 2.67 -13.21
C VAL A 13 25.22 2.47 -13.64
N ARG A 14 26.14 2.98 -12.82
CA ARG A 14 27.56 2.91 -13.11
C ARG A 14 28.08 1.48 -12.89
N THR A 15 29.30 1.25 -13.39
CA THR A 15 29.98 -0.04 -13.25
C THR A 15 31.46 0.17 -12.93
N TYR A 16 32.18 0.91 -13.80
CA TYR A 16 33.64 0.93 -13.80
C TYR A 16 34.26 1.97 -12.87
N SER A 17 33.51 2.99 -12.45
CA SER A 17 34.01 3.94 -11.45
C SER A 17 33.73 3.49 -10.02
N ARG A 18 33.06 2.35 -9.84
CA ARG A 18 33.02 1.66 -8.55
C ARG A 18 34.13 0.60 -8.45
N SER A 19 34.42 -0.11 -9.54
CA SER A 19 35.50 -1.11 -9.56
C SER A 19 36.88 -0.44 -9.51
N PHE A 20 37.08 0.59 -10.34
CA PHE A 20 38.35 1.30 -10.45
C PHE A 20 38.09 2.77 -10.17
N PRO A 21 38.19 3.21 -8.91
CA PRO A 21 37.63 4.50 -8.46
C PRO A 21 38.64 5.65 -8.45
N THR A 22 39.25 5.89 -9.61
CA THR A 22 40.24 6.94 -9.74
C THR A 22 39.98 7.72 -11.02
N VAL A 23 40.66 8.87 -11.14
CA VAL A 23 40.46 9.81 -12.25
C VAL A 23 41.63 9.68 -13.23
N PHE A 24 41.36 9.08 -14.40
CA PHE A 24 42.39 8.80 -15.40
C PHE A 24 42.64 10.00 -16.32
N THR A 25 43.93 10.19 -16.65
CA THR A 25 44.52 11.37 -17.28
C THR A 25 44.83 11.07 -18.74
N GLU A 26 45.97 10.39 -18.95
CA GLU A 26 46.58 10.18 -20.25
C GLU A 26 46.77 8.68 -20.41
N ALA A 27 47.00 8.25 -21.65
CA ALA A 27 47.07 6.84 -21.95
C ALA A 27 47.96 6.62 -23.17
N LYS A 28 48.79 5.58 -23.13
CA LYS A 28 49.58 5.18 -24.28
C LYS A 28 49.91 3.70 -24.18
N GLY A 29 49.74 2.99 -25.29
CA GLY A 29 49.99 1.56 -25.29
C GLY A 29 49.05 0.88 -24.33
N ALA A 30 49.62 0.11 -23.39
CA ALA A 30 48.86 -0.50 -22.33
C ALA A 30 49.02 0.22 -20.98
N ARG A 31 49.60 1.42 -20.96
CA ARG A 31 49.83 2.16 -19.71
C ARG A 31 48.87 3.33 -19.57
N LEU A 32 48.16 3.38 -18.44
CA LEU A 32 47.23 4.46 -18.11
C LEU A 32 47.71 5.24 -16.89
N HIS A 33 47.50 6.55 -16.90
CA HIS A 33 47.89 7.39 -15.78
C HIS A 33 46.65 7.95 -15.08
N ALA A 34 46.77 8.16 -13.77
CA ALA A 34 45.71 8.79 -12.98
C ALA A 34 46.26 10.06 -12.34
N GLU A 35 45.34 10.89 -11.84
CA GLU A 35 45.73 12.22 -11.37
C GLU A 35 46.81 12.15 -10.29
N ASP A 36 46.68 11.21 -9.35
CA ASP A 36 47.66 11.01 -8.29
C ASP A 36 48.93 10.31 -8.79
N GLY A 37 49.41 10.67 -9.98
CA GLY A 37 50.64 10.08 -10.49
C GLY A 37 50.58 8.63 -10.91
N ASN A 38 49.74 7.81 -10.26
CA ASN A 38 49.76 6.36 -10.43
C ASN A 38 49.60 5.92 -11.89
N GLN A 39 50.24 4.80 -12.21
CA GLN A 39 50.28 4.24 -13.55
C GLN A 39 49.79 2.78 -13.53
N TYR A 40 48.99 2.39 -14.51
CA TYR A 40 48.38 1.07 -14.49
C TYR A 40 48.63 0.31 -15.79
N ILE A 41 48.91 -0.98 -15.67
CA ILE A 41 48.96 -1.84 -16.84
C ILE A 41 47.52 -2.26 -17.16
N ASP A 42 47.15 -2.22 -18.43
CA ASP A 42 45.75 -2.31 -18.82
C ASP A 42 45.50 -3.66 -19.48
N PHE A 43 44.92 -4.58 -18.72
CA PHE A 43 44.45 -5.84 -19.26
C PHE A 43 42.95 -5.80 -19.61
N LEU A 44 42.29 -4.66 -19.42
CA LEU A 44 40.91 -4.46 -19.85
C LEU A 44 40.84 -3.89 -21.27
N ALA A 45 41.59 -2.80 -21.52
CA ALA A 45 41.72 -2.16 -22.83
C ALA A 45 40.35 -1.79 -23.39
N GLY A 46 39.58 -1.10 -22.57
CA GLY A 46 38.23 -0.73 -22.95
C GLY A 46 37.31 -1.87 -23.33
N ALA A 47 37.56 -3.08 -22.80
CA ALA A 47 36.71 -4.26 -23.02
C ALA A 47 36.89 -4.87 -24.40
N GLY A 48 38.11 -4.83 -24.91
CA GLY A 48 38.38 -5.24 -26.28
C GLY A 48 38.22 -4.15 -27.31
N THR A 49 38.11 -2.90 -26.88
CA THR A 49 37.96 -1.77 -27.79
C THR A 49 39.31 -1.21 -28.25
N LEU A 50 40.36 -1.42 -27.47
CA LEU A 50 41.67 -0.89 -27.83
C LEU A 50 42.62 -2.00 -28.25
N ASN A 51 42.26 -2.77 -29.28
CA ASN A 51 43.09 -3.89 -29.68
C ASN A 51 44.52 -3.47 -30.04
N TYR A 52 44.72 -2.20 -30.41
CA TYR A 52 46.04 -1.69 -30.75
C TYR A 52 46.59 -0.76 -29.67
N GLY A 53 46.06 -0.86 -28.44
CA GLY A 53 46.48 -0.01 -27.34
C GLY A 53 45.90 1.39 -27.41
N HIS A 54 46.16 2.16 -26.37
CA HIS A 54 45.69 3.54 -26.33
C HIS A 54 46.52 4.43 -27.23
N ASN A 55 45.85 5.18 -28.12
CA ASN A 55 46.48 6.31 -28.80
C ASN A 55 47.70 5.88 -29.62
N HIS A 56 47.51 4.86 -30.42
CA HIS A 56 48.61 4.36 -31.23
C HIS A 56 49.16 5.47 -32.14
N PRO A 57 50.48 5.67 -32.17
CA PRO A 57 51.05 6.78 -32.97
C PRO A 57 50.63 6.83 -34.44
N LYS A 58 50.59 5.69 -35.15
CA LYS A 58 50.22 5.78 -36.55
C LYS A 58 48.76 6.18 -36.72
N LEU A 59 47.89 5.65 -35.88
CA LEU A 59 46.49 6.08 -35.87
C LEU A 59 46.37 7.52 -35.42
N LYS A 60 47.11 7.90 -34.37
CA LYS A 60 46.99 9.26 -33.86
C LYS A 60 47.45 10.28 -34.90
N GLN A 61 48.40 9.93 -35.78
CA GLN A 61 48.81 10.87 -36.83
C GLN A 61 47.77 10.95 -37.93
N ALA A 62 47.25 9.81 -38.37
CA ALA A 62 46.26 9.82 -39.44
C ALA A 62 45.05 10.63 -39.02
N LEU A 63 44.61 10.45 -37.78
CA LEU A 63 43.44 11.17 -37.28
C LEU A 63 43.73 12.65 -37.23
N ALA A 64 44.83 13.02 -36.60
CA ALA A 64 45.18 14.43 -36.46
C ALA A 64 45.34 15.10 -37.83
N ASP A 65 46.07 14.45 -38.76
CA ASP A 65 46.25 15.04 -40.08
C ASP A 65 44.89 15.29 -40.75
N TYR A 66 43.94 14.39 -40.56
CA TYR A 66 42.63 14.58 -41.14
C TYR A 66 41.91 15.77 -40.51
N ILE A 67 41.93 15.85 -39.18
CA ILE A 67 41.32 17.01 -38.53
C ILE A 67 41.97 18.29 -39.03
N ALA A 68 43.30 18.28 -39.17
CA ALA A 68 44.01 19.49 -39.60
C ALA A 68 43.58 19.93 -40.98
N SER A 69 43.31 18.97 -41.87
CA SER A 69 42.92 19.27 -43.24
C SER A 69 41.44 19.64 -43.40
N ASP A 70 40.66 19.67 -42.32
CA ASP A 70 39.25 20.07 -42.36
C ASP A 70 38.42 19.07 -43.16
N GLY A 71 38.77 17.79 -43.05
CA GLY A 71 37.94 16.76 -43.65
C GLY A 71 36.58 16.70 -42.96
N ILE A 72 35.54 16.47 -43.77
CA ILE A 72 34.20 16.46 -43.20
C ILE A 72 34.15 15.39 -42.13
N VAL A 73 33.54 15.71 -41.00
CA VAL A 73 33.46 14.79 -39.87
C VAL A 73 32.16 14.01 -39.90
N HIS A 74 31.07 14.71 -40.14
CA HIS A 74 29.75 14.11 -40.05
C HIS A 74 29.14 14.01 -41.43
N GLY A 75 29.15 12.81 -41.99
CA GLY A 75 28.73 12.64 -43.38
C GLY A 75 27.35 12.07 -43.58
N LEU A 76 26.69 11.61 -42.51
CA LEU A 76 25.42 10.88 -42.61
C LEU A 76 25.66 9.71 -43.57
N ASP A 77 24.95 9.62 -44.68
CA ASP A 77 25.15 8.63 -45.71
C ASP A 77 26.08 9.08 -46.83
N MET A 78 26.32 10.38 -46.95
CA MET A 78 26.96 10.94 -48.12
C MET A 78 28.28 10.25 -48.43
N TRP A 79 28.58 10.08 -49.71
CA TRP A 79 29.91 9.62 -50.08
C TRP A 79 30.93 10.64 -49.65
N SER A 80 32.09 10.17 -49.20
CA SER A 80 33.20 11.05 -48.90
C SER A 80 34.48 10.28 -49.18
N ALA A 81 35.60 11.01 -49.26
CA ALA A 81 36.87 10.38 -49.59
C ALA A 81 37.29 9.40 -48.49
N ALA A 82 37.07 9.79 -47.23
CA ALA A 82 37.31 8.89 -46.09
C ALA A 82 36.49 7.62 -46.21
N LYS A 83 35.20 7.76 -46.51
CA LYS A 83 34.35 6.57 -46.63
C LYS A 83 34.82 5.71 -47.78
N ARG A 84 35.09 6.33 -48.93
CA ARG A 84 35.57 5.58 -50.08
C ARG A 84 36.86 4.86 -49.74
N ASP A 85 37.76 5.57 -49.06
CA ASP A 85 39.04 4.98 -48.70
C ASP A 85 38.87 3.80 -47.75
N TYR A 86 38.05 3.98 -46.70
CA TYR A 86 37.79 2.89 -45.78
C TYR A 86 37.34 1.62 -46.52
N LEU A 87 36.32 1.74 -47.38
CA LEU A 87 35.80 0.56 -48.07
C LEU A 87 36.81 -0.01 -49.06
N GLU A 88 37.52 0.87 -49.77
CA GLU A 88 38.70 0.45 -50.53
C GLU A 88 39.65 -0.41 -49.70
N THR A 89 40.07 0.09 -48.53
CA THR A 89 41.11 -0.61 -47.78
C THR A 89 40.58 -1.93 -47.23
N LEU A 90 39.36 -1.92 -46.72
CA LEU A 90 38.78 -3.13 -46.15
C LEU A 90 38.68 -4.22 -47.19
N GLU A 91 38.31 -3.88 -48.42
CA GLU A 91 38.26 -4.91 -49.45
C GLU A 91 39.66 -5.30 -49.91
N GLU A 92 40.53 -4.33 -50.09
CA GLU A 92 41.86 -4.64 -50.56
C GLU A 92 42.65 -5.43 -49.50
N VAL A 93 42.67 -4.94 -48.26
CA VAL A 93 43.61 -5.45 -47.25
C VAL A 93 43.06 -6.65 -46.51
N ILE A 94 41.78 -6.63 -46.16
CA ILE A 94 41.19 -7.64 -45.29
C ILE A 94 40.41 -8.67 -46.11
N LEU A 95 39.38 -8.21 -46.84
CA LEU A 95 38.38 -9.12 -47.38
C LEU A 95 38.97 -10.00 -48.50
N LYS A 96 39.70 -9.38 -49.44
CA LYS A 96 40.15 -10.12 -50.62
C LYS A 96 41.24 -11.15 -50.30
N PRO A 97 42.29 -10.86 -49.53
CA PRO A 97 43.25 -11.92 -49.18
C PRO A 97 42.65 -13.09 -48.40
N ARG A 98 41.41 -13.01 -47.94
CA ARG A 98 40.77 -14.10 -47.23
C ARG A 98 39.65 -14.73 -48.02
N GLY A 99 39.44 -14.33 -49.26
CA GLY A 99 38.47 -15.00 -50.09
C GLY A 99 37.05 -14.73 -49.71
N LEU A 100 36.79 -13.58 -49.11
CA LEU A 100 35.47 -13.24 -48.59
C LEU A 100 34.85 -12.20 -49.48
N ASP A 101 33.59 -12.42 -49.84
CA ASP A 101 32.82 -11.49 -50.66
C ASP A 101 31.68 -10.93 -49.81
N TYR A 102 31.84 -9.70 -49.31
CA TYR A 102 30.81 -9.01 -48.53
C TYR A 102 30.63 -7.59 -49.02
N LYS A 103 29.37 -7.14 -48.99
CA LYS A 103 28.99 -5.73 -49.03
C LYS A 103 28.85 -5.18 -47.60
N VAL A 104 29.05 -3.88 -47.45
CA VAL A 104 29.07 -3.29 -46.13
C VAL A 104 27.83 -2.42 -45.94
N HIS A 105 27.16 -2.60 -44.82
CA HIS A 105 26.17 -1.66 -44.30
C HIS A 105 26.79 -0.95 -43.11
N LEU A 106 26.63 0.38 -43.05
CA LEU A 106 27.03 1.06 -41.83
C LEU A 106 25.78 1.44 -41.05
N PRO A 107 25.55 0.84 -39.86
CA PRO A 107 24.46 1.28 -38.99
C PRO A 107 24.93 2.29 -37.95
N GLY A 108 24.17 2.48 -36.89
CA GLY A 108 24.61 3.33 -35.81
C GLY A 108 25.91 2.84 -35.18
N PRO A 109 26.72 3.76 -34.74
CA PRO A 109 28.08 3.39 -34.33
C PRO A 109 28.16 2.63 -33.02
N THR A 110 27.34 1.59 -32.83
CA THR A 110 27.37 0.79 -31.61
C THR A 110 27.15 -0.67 -31.95
N GLY A 111 27.70 -1.54 -31.08
CA GLY A 111 27.50 -2.96 -31.25
C GLY A 111 26.03 -3.36 -31.31
N THR A 112 25.22 -2.97 -30.29
CA THR A 112 23.78 -3.28 -30.32
C THR A 112 23.13 -2.84 -31.62
N ASN A 113 23.61 -1.73 -32.18
CA ASN A 113 23.01 -1.22 -33.41
C ASN A 113 23.32 -2.13 -34.58
N ALA A 114 24.58 -2.55 -34.71
CA ALA A 114 24.92 -3.55 -35.71
C ALA A 114 24.08 -4.81 -35.53
N VAL A 115 24.05 -5.35 -34.31
CA VAL A 115 23.28 -6.56 -34.04
C VAL A 115 21.82 -6.39 -34.46
N GLU A 116 21.22 -5.23 -34.15
CA GLU A 116 19.82 -5.00 -34.52
C GLU A 116 19.64 -4.90 -36.02
N ALA A 117 20.61 -4.30 -36.72
CA ALA A 117 20.57 -4.21 -38.17
C ALA A 117 20.82 -5.56 -38.82
N ALA A 118 21.63 -6.42 -38.19
CA ALA A 118 21.93 -7.73 -38.77
C ALA A 118 20.76 -8.69 -38.62
N ILE A 119 20.13 -8.73 -37.44
CA ILE A 119 19.02 -9.65 -37.26
C ILE A 119 17.79 -9.18 -38.01
N ARG A 120 17.58 -7.86 -38.11
CA ARG A 120 16.49 -7.31 -38.91
C ARG A 120 16.69 -7.65 -40.38
N LEU A 121 17.91 -7.41 -40.89
CA LEU A 121 18.26 -7.88 -42.22
C LEU A 121 17.90 -9.34 -42.42
N ALA A 122 18.45 -10.21 -41.56
CA ALA A 122 18.22 -11.64 -41.68
C ALA A 122 16.73 -11.98 -41.68
N ARG A 123 15.96 -11.29 -40.82
CA ARG A 123 14.53 -11.53 -40.74
C ARG A 123 13.84 -11.20 -42.03
N ASN A 124 14.25 -10.11 -42.68
CA ASN A 124 13.62 -9.73 -43.94
C ASN A 124 14.08 -10.64 -45.06
N ALA A 125 15.35 -11.06 -45.03
CA ALA A 125 15.91 -11.87 -46.10
C ALA A 125 15.27 -13.25 -46.19
N LYS A 126 14.68 -13.74 -45.10
CA LYS A 126 14.17 -15.11 -45.08
C LYS A 126 12.67 -15.20 -44.87
N GLY A 127 12.03 -14.15 -44.39
CA GLY A 127 10.59 -14.18 -44.18
C GLY A 127 10.19 -14.88 -42.92
N ARG A 128 11.03 -14.82 -41.89
CA ARG A 128 10.80 -15.56 -40.66
C ARG A 128 11.27 -14.67 -39.50
N HIS A 129 10.50 -14.67 -38.41
CA HIS A 129 10.80 -13.75 -37.32
C HIS A 129 11.80 -14.29 -36.32
N ASN A 130 12.02 -15.60 -36.27
CA ASN A 130 12.76 -16.16 -35.15
C ASN A 130 14.26 -16.10 -35.40
N ILE A 131 14.99 -15.77 -34.34
CA ILE A 131 16.44 -15.76 -34.30
C ILE A 131 16.87 -16.79 -33.25
N VAL A 132 17.75 -17.71 -33.62
CA VAL A 132 18.26 -18.67 -32.66
C VAL A 132 19.51 -18.08 -32.05
N THR A 133 19.52 -17.96 -30.73
CA THR A 133 20.68 -17.46 -29.99
C THR A 133 21.18 -18.56 -29.06
N PHE A 134 22.28 -18.32 -28.36
CA PHE A 134 22.91 -19.38 -27.58
C PHE A 134 23.08 -19.00 -26.11
N THR A 135 23.07 -20.03 -25.26
CA THR A 135 23.29 -19.88 -23.83
C THR A 135 24.50 -18.99 -23.57
N ASN A 136 24.34 -18.04 -22.65
CA ASN A 136 25.40 -17.12 -22.22
C ASN A 136 25.85 -16.16 -23.31
N GLY A 137 25.15 -16.13 -24.44
CA GLY A 137 25.46 -15.13 -25.47
C GLY A 137 25.11 -13.72 -25.00
N PHE A 138 26.02 -12.78 -25.24
CA PHE A 138 25.76 -11.36 -25.06
C PHE A 138 25.79 -10.69 -26.43
N HIS A 139 24.83 -9.84 -26.70
CA HIS A 139 24.73 -9.21 -28.01
C HIS A 139 24.24 -7.77 -27.90
N GLY A 140 24.05 -7.24 -26.71
CA GLY A 140 23.58 -5.88 -26.52
C GLY A 140 22.23 -5.80 -25.82
N VAL A 141 21.87 -4.58 -25.45
CA VAL A 141 20.79 -4.37 -24.51
C VAL A 141 19.64 -3.54 -25.08
N THR A 142 19.74 -3.01 -26.28
CA THR A 142 18.55 -2.42 -26.87
C THR A 142 17.51 -3.51 -27.12
N MET A 143 16.21 -3.14 -26.98
CA MET A 143 15.11 -4.10 -26.96
C MET A 143 15.27 -5.20 -28.00
N GLY A 144 15.62 -4.82 -29.23
CA GLY A 144 15.83 -5.80 -30.28
C GLY A 144 16.99 -6.72 -30.03
N ALA A 145 18.20 -6.16 -29.88
CA ALA A 145 19.35 -6.95 -29.46
C ALA A 145 19.05 -7.76 -28.21
N LEU A 146 18.35 -7.14 -27.25
CA LEU A 146 18.18 -7.76 -25.93
C LEU A 146 17.53 -9.13 -26.04
N ALA A 147 16.70 -9.35 -27.05
CA ALA A 147 16.09 -10.66 -27.23
C ALA A 147 17.12 -11.76 -27.42
N THR A 148 18.27 -11.45 -28.01
CA THR A 148 19.29 -12.48 -28.18
C THR A 148 20.26 -12.54 -27.00
N THR A 149 20.11 -11.64 -26.03
CA THR A 149 21.03 -11.56 -24.90
C THR A 149 20.44 -12.36 -23.74
N GLY A 150 21.23 -13.29 -23.21
CA GLY A 150 20.70 -14.16 -22.19
C GLY A 150 20.68 -13.63 -20.76
N ASN A 151 21.35 -12.49 -20.47
CA ASN A 151 21.55 -12.06 -19.09
C ASN A 151 20.25 -11.60 -18.42
N ARG A 152 19.87 -12.23 -17.30
CA ARG A 152 18.65 -11.85 -16.57
C ARG A 152 18.71 -10.43 -16.03
N LYS A 153 19.89 -9.99 -15.57
CA LYS A 153 20.02 -8.60 -15.09
C LYS A 153 19.53 -7.59 -16.13
N PHE A 154 19.95 -7.75 -17.38
CA PHE A 154 19.48 -6.82 -18.42
C PHE A 154 18.03 -7.06 -18.75
N ARG A 155 17.62 -8.33 -18.83
CA ARG A 155 16.28 -8.68 -19.29
C ARG A 155 15.21 -8.34 -18.26
N GLU A 156 15.53 -8.48 -16.98
CA GLU A 156 14.53 -8.20 -15.95
C GLU A 156 14.26 -6.71 -15.82
N ALA A 157 15.15 -5.87 -16.36
CA ALA A 157 15.12 -4.42 -16.23
C ALA A 157 14.37 -3.68 -17.34
N THR A 158 13.76 -4.38 -18.30
CA THR A 158 13.12 -3.69 -19.41
C THR A 158 11.94 -2.84 -18.96
N GLY A 159 11.31 -3.19 -17.84
CA GLY A 159 10.15 -2.48 -17.35
C GLY A 159 8.79 -3.08 -17.69
N GLY A 160 8.67 -4.40 -17.72
CA GLY A 160 7.41 -5.01 -18.05
C GLY A 160 7.27 -5.44 -19.48
N ILE A 161 8.33 -5.34 -20.27
CA ILE A 161 8.30 -5.73 -21.67
C ILE A 161 9.08 -7.03 -21.88
N PRO A 162 8.41 -8.18 -21.98
CA PRO A 162 9.12 -9.41 -22.36
C PRO A 162 9.75 -9.28 -23.74
N THR A 163 10.96 -9.83 -23.89
CA THR A 163 11.57 -9.90 -25.22
C THR A 163 10.72 -10.80 -26.12
N GLN A 164 10.99 -10.76 -27.42
CA GLN A 164 10.40 -11.76 -28.30
C GLN A 164 11.22 -11.89 -29.56
N GLY A 165 10.98 -13.00 -30.26
CA GLY A 165 11.64 -13.26 -31.51
C GLY A 165 12.97 -13.93 -31.38
N ALA A 166 13.16 -14.74 -30.34
CA ALA A 166 14.47 -15.35 -30.13
C ALA A 166 14.31 -16.64 -29.34
N SER A 167 15.11 -17.64 -29.72
CA SER A 167 15.11 -18.95 -29.06
C SER A 167 16.53 -19.30 -28.66
N PHE A 168 16.69 -19.93 -27.51
CA PHE A 168 18.02 -20.26 -26.98
C PHE A 168 18.32 -21.76 -27.15
N MET A 169 19.40 -22.06 -27.83
CA MET A 169 19.97 -23.40 -27.85
C MET A 169 21.16 -23.48 -26.91
N PRO A 170 21.60 -24.69 -26.57
CA PRO A 170 22.79 -24.82 -25.71
C PRO A 170 24.07 -24.69 -26.53
N PHE A 171 24.90 -23.72 -26.16
CA PHE A 171 26.23 -23.54 -26.72
C PHE A 171 27.10 -24.77 -26.51
N ASP A 172 28.20 -24.83 -27.25
CA ASP A 172 29.08 -25.98 -27.21
C ASP A 172 29.59 -26.19 -25.79
N GLY A 173 29.42 -27.42 -25.28
CA GLY A 173 29.87 -27.79 -23.96
C GLY A 173 28.90 -27.56 -22.82
N TYR A 174 27.75 -26.93 -23.10
CA TYR A 174 26.84 -26.55 -22.02
C TYR A 174 26.25 -27.76 -21.30
N MET A 175 26.15 -28.90 -21.96
CA MET A 175 25.57 -30.09 -21.35
C MET A 175 26.61 -31.08 -20.83
N GLY A 176 27.89 -30.72 -20.85
CA GLY A 176 28.88 -31.61 -20.33
C GLY A 176 30.15 -31.48 -21.12
N GLU A 177 30.72 -32.62 -21.51
CA GLU A 177 31.87 -32.70 -22.40
C GLU A 177 31.62 -33.83 -23.37
N GLY A 178 31.96 -33.60 -24.64
CA GLY A 178 31.66 -34.57 -25.68
C GLY A 178 30.23 -34.49 -26.17
N VAL A 179 29.26 -34.28 -25.26
CA VAL A 179 27.83 -34.22 -25.57
C VAL A 179 27.59 -33.25 -26.71
N ASP A 180 26.98 -33.74 -27.79
CA ASP A 180 26.68 -32.85 -28.91
C ASP A 180 25.40 -32.10 -28.58
N THR A 181 25.57 -30.81 -28.39
CA THR A 181 24.46 -29.90 -28.24
C THR A 181 23.78 -29.59 -29.57
N LEU A 182 24.50 -29.73 -30.68
CA LEU A 182 23.90 -29.42 -31.98
C LEU A 182 22.83 -30.45 -32.37
N SER A 183 22.96 -31.69 -31.86
CA SER A 183 21.97 -32.72 -32.22
C SER A 183 20.60 -32.38 -31.65
N TYR A 184 20.55 -31.88 -30.43
CA TYR A 184 19.29 -31.34 -29.92
C TYR A 184 18.75 -30.27 -30.86
N PHE A 185 19.63 -29.37 -31.34
CA PHE A 185 19.22 -28.32 -32.28
C PHE A 185 18.76 -28.93 -33.60
N GLU A 186 19.49 -29.94 -34.10
CA GLU A 186 19.08 -30.60 -35.33
C GLU A 186 17.72 -31.25 -35.18
N LYS A 187 17.44 -31.80 -34.00
CA LYS A 187 16.16 -32.48 -33.83
C LYS A 187 15.03 -31.46 -33.76
N LEU A 188 15.25 -30.35 -33.05
CA LEU A 188 14.23 -29.31 -32.96
C LEU A 188 13.94 -28.70 -34.32
N LEU A 189 14.96 -28.57 -35.17
CA LEU A 189 14.74 -28.04 -36.50
C LEU A 189 13.81 -28.93 -37.31
N GLY A 190 13.87 -30.25 -37.09
CA GLY A 190 13.06 -31.22 -37.82
C GLY A 190 11.77 -31.66 -37.16
N ASP A 191 11.40 -31.07 -36.02
CA ASP A 191 10.24 -31.48 -35.22
C ASP A 191 9.18 -30.39 -35.30
N ASN A 192 8.03 -30.71 -35.88
CA ASN A 192 6.99 -29.70 -36.07
C ASN A 192 6.40 -29.20 -34.77
N SER A 193 6.31 -30.04 -33.75
CA SER A 193 5.78 -29.58 -32.48
C SER A 193 6.86 -29.35 -31.43
N GLY A 194 8.13 -29.26 -31.85
CA GLY A 194 9.21 -29.12 -30.88
C GLY A 194 9.15 -27.82 -30.10
N GLY A 195 8.56 -26.79 -30.67
CA GLY A 195 8.47 -25.50 -30.02
C GLY A 195 9.40 -24.46 -30.59
N LEU A 196 10.27 -24.84 -31.52
CA LEU A 196 11.22 -23.94 -32.15
C LEU A 196 10.64 -23.46 -33.47
N ASP A 197 10.22 -22.19 -33.50
CA ASP A 197 9.82 -21.61 -34.76
C ASP A 197 11.02 -21.51 -35.69
N VAL A 198 10.77 -21.69 -36.98
CA VAL A 198 11.87 -21.86 -37.92
C VAL A 198 12.64 -20.56 -38.00
N PRO A 199 13.93 -20.59 -37.67
CA PRO A 199 14.72 -19.35 -37.56
C PRO A 199 15.14 -18.78 -38.90
N ALA A 200 15.17 -17.45 -38.96
CA ALA A 200 15.81 -16.76 -40.08
C ALA A 200 17.32 -16.80 -39.97
N ALA A 201 17.85 -17.01 -38.76
CA ALA A 201 19.28 -16.92 -38.59
C ALA A 201 19.65 -17.50 -37.24
N VAL A 202 20.84 -17.99 -37.18
CA VAL A 202 21.50 -18.36 -35.96
C VAL A 202 22.50 -17.26 -35.71
N ILE A 203 22.62 -16.79 -34.47
CA ILE A 203 23.61 -15.76 -34.16
C ILE A 203 24.53 -16.27 -33.07
N ILE A 204 25.82 -16.07 -33.26
CA ILE A 204 26.80 -16.76 -32.43
C ILE A 204 28.06 -15.93 -32.32
N GLU A 205 28.69 -15.99 -31.16
CA GLU A 205 30.09 -15.59 -30.98
C GLU A 205 30.92 -16.85 -31.13
N THR A 206 32.07 -16.77 -31.81
CA THR A 206 32.90 -17.95 -31.86
C THR A 206 33.59 -18.18 -30.52
N VAL A 207 33.90 -17.10 -29.79
CA VAL A 207 34.37 -17.19 -28.41
C VAL A 207 33.52 -16.24 -27.57
N GLN A 208 32.75 -16.80 -26.64
CA GLN A 208 31.76 -16.00 -25.92
C GLN A 208 32.43 -15.04 -24.95
N GLY A 209 32.18 -13.76 -25.12
CA GLY A 209 32.83 -12.75 -24.30
C GLY A 209 32.26 -12.65 -22.91
N GLU A 210 31.21 -11.84 -22.76
CA GLU A 210 30.64 -11.66 -21.43
C GLU A 210 30.25 -12.99 -20.82
N GLY A 211 29.95 -13.99 -21.65
CA GLY A 211 29.52 -15.28 -21.17
C GLY A 211 30.58 -16.16 -20.52
N GLY A 212 31.77 -15.62 -20.25
CA GLY A 212 32.79 -16.35 -19.53
C GLY A 212 33.92 -16.99 -20.32
N ILE A 213 34.29 -16.43 -21.48
CA ILE A 213 35.39 -16.88 -22.35
C ILE A 213 35.19 -18.33 -22.80
N ASN A 214 34.06 -18.61 -23.46
CA ASN A 214 33.73 -19.97 -23.84
C ASN A 214 33.97 -20.13 -25.33
N PRO A 215 35.12 -20.66 -25.76
CA PRO A 215 35.50 -20.70 -27.17
C PRO A 215 34.88 -21.93 -27.84
N ALA A 216 34.11 -21.70 -28.90
CA ALA A 216 33.44 -22.81 -29.56
C ALA A 216 34.47 -23.69 -30.26
N GLY A 217 34.24 -25.00 -30.23
CA GLY A 217 35.15 -25.92 -30.89
C GLY A 217 35.08 -25.79 -32.40
N ILE A 218 36.23 -25.90 -33.06
CA ILE A 218 36.26 -25.78 -34.52
C ILE A 218 35.33 -26.77 -35.19
N PRO A 219 35.36 -28.07 -34.88
CA PRO A 219 34.39 -28.97 -35.51
C PRO A 219 32.95 -28.62 -35.19
N TRP A 220 32.70 -28.09 -33.99
CA TRP A 220 31.36 -27.64 -33.63
C TRP A 220 30.92 -26.48 -34.53
N LEU A 221 31.81 -25.49 -34.71
CA LEU A 221 31.54 -24.38 -35.60
C LEU A 221 31.19 -24.87 -37.00
N GLN A 222 32.01 -25.79 -37.52
CA GLN A 222 31.79 -26.28 -38.88
C GLN A 222 30.47 -27.01 -39.00
N ARG A 223 30.08 -27.79 -37.98
CA ARG A 223 28.80 -28.47 -38.07
C ARG A 223 27.63 -27.49 -38.02
N LEU A 224 27.69 -26.48 -37.14
CA LEU A 224 26.65 -25.44 -37.14
C LEU A 224 26.53 -24.79 -38.52
N GLU A 225 27.67 -24.54 -39.19
CA GLU A 225 27.63 -23.93 -40.50
C GLU A 225 26.90 -24.83 -41.49
N LYS A 226 27.16 -26.14 -41.44
CA LYS A 226 26.48 -27.06 -42.34
C LYS A 226 25.01 -27.17 -41.98
N ILE A 227 24.70 -27.14 -40.67
CA ILE A 227 23.32 -27.14 -40.21
C ILE A 227 22.56 -25.95 -40.77
N CYS A 228 23.25 -24.82 -40.97
CA CYS A 228 22.55 -23.64 -41.47
C CYS A 228 22.29 -23.73 -42.96
N ARG A 229 23.35 -24.04 -43.73
CA ARG A 229 23.21 -24.27 -45.16
C ARG A 229 22.14 -25.31 -45.46
N ASP A 230 22.09 -26.39 -44.67
CA ASP A 230 21.09 -27.44 -44.87
C ASP A 230 19.68 -27.06 -44.44
N HIS A 231 19.47 -25.90 -43.80
CA HIS A 231 18.16 -25.58 -43.25
C HIS A 231 17.73 -24.15 -43.57
N ASP A 232 18.31 -23.55 -44.60
CA ASP A 232 17.91 -22.21 -45.06
C ASP A 232 18.00 -21.18 -43.93
N MET A 233 19.06 -21.22 -43.15
CA MET A 233 19.29 -20.28 -42.05
C MET A 233 20.59 -19.51 -42.27
N LEU A 234 20.53 -18.19 -42.20
CA LEU A 234 21.76 -17.42 -42.25
C LEU A 234 22.52 -17.59 -40.93
N LEU A 235 23.84 -17.68 -41.02
CA LEU A 235 24.70 -17.72 -39.84
C LEU A 235 25.22 -16.31 -39.58
N ILE A 236 24.72 -15.66 -38.55
CA ILE A 236 25.26 -14.36 -38.13
C ILE A 236 26.37 -14.66 -37.13
N VAL A 237 27.60 -14.25 -37.45
CA VAL A 237 28.69 -14.30 -36.47
C VAL A 237 28.89 -12.90 -35.92
N ASP A 238 28.75 -12.78 -34.60
CA ASP A 238 28.93 -11.52 -33.88
C ASP A 238 30.39 -11.43 -33.44
N ASP A 239 31.17 -10.69 -34.21
CA ASP A 239 32.61 -10.58 -33.96
C ASP A 239 32.93 -9.25 -33.31
N ILE A 240 32.06 -8.79 -32.40
CA ILE A 240 32.16 -7.44 -31.86
C ILE A 240 33.24 -7.35 -30.77
N GLN A 241 33.42 -8.40 -29.98
CA GLN A 241 34.49 -8.47 -28.98
C GLN A 241 35.61 -9.45 -29.35
N ALA A 242 35.30 -10.53 -30.06
CA ALA A 242 36.28 -11.55 -30.39
C ALA A 242 37.08 -11.24 -31.65
N GLY A 243 36.72 -10.19 -32.38
CA GLY A 243 37.28 -9.94 -33.69
C GLY A 243 38.35 -8.88 -33.66
N CYS A 244 38.69 -8.41 -34.86
CA CYS A 244 39.79 -7.49 -35.07
C CYS A 244 41.07 -8.03 -34.45
N GLY A 245 41.34 -9.31 -34.68
CA GLY A 245 42.59 -9.92 -34.29
C GLY A 245 42.69 -10.45 -32.88
N ARG A 246 41.59 -10.38 -32.12
CA ARG A 246 41.60 -10.75 -30.70
C ARG A 246 41.91 -12.24 -30.51
N THR A 247 41.32 -13.11 -31.33
CA THR A 247 41.57 -14.54 -31.24
C THR A 247 42.72 -15.02 -32.12
N GLY A 248 43.52 -14.11 -32.67
CA GLY A 248 44.74 -14.49 -33.36
C GLY A 248 44.64 -14.52 -34.87
N LYS A 249 43.44 -14.57 -35.42
CA LYS A 249 43.14 -14.27 -36.81
C LYS A 249 42.37 -12.95 -36.83
N PHE A 250 42.15 -12.36 -38.02
CA PHE A 250 41.44 -11.08 -38.01
C PHE A 250 39.98 -11.29 -37.65
N PHE A 251 39.28 -12.13 -38.41
CA PHE A 251 37.98 -12.63 -38.00
C PHE A 251 38.18 -13.89 -37.20
N SER A 252 37.43 -14.01 -36.10
CA SER A 252 37.57 -15.17 -35.24
C SER A 252 37.06 -16.44 -35.91
N PHE A 253 36.20 -16.33 -36.92
CA PHE A 253 35.72 -17.54 -37.59
C PHE A 253 36.72 -18.08 -38.62
N GLU A 254 37.86 -17.42 -38.82
CA GLU A 254 38.85 -17.97 -39.75
C GLU A 254 39.30 -19.35 -39.28
N HIS A 255 39.49 -19.49 -37.96
CA HIS A 255 39.97 -20.75 -37.39
C HIS A 255 39.20 -21.94 -37.92
N ALA A 256 37.91 -21.77 -38.18
CA ALA A 256 37.09 -22.87 -38.66
C ALA A 256 36.92 -22.85 -40.18
N GLY A 257 37.48 -21.85 -40.86
CA GLY A 257 37.36 -21.78 -42.31
C GLY A 257 35.94 -21.72 -42.82
N ILE A 258 34.99 -21.31 -41.99
CA ILE A 258 33.61 -21.13 -42.40
C ILE A 258 33.46 -19.74 -43.02
N THR A 259 32.40 -19.55 -43.79
CA THR A 259 32.09 -18.20 -44.27
C THR A 259 30.68 -17.87 -43.81
N PRO A 260 30.54 -17.07 -42.76
CA PRO A 260 29.21 -16.74 -42.26
C PRO A 260 28.48 -15.84 -43.25
N ASP A 261 27.14 -15.93 -43.22
CA ASP A 261 26.30 -15.13 -44.09
C ASP A 261 26.36 -13.64 -43.74
N ILE A 262 26.35 -13.30 -42.44
CA ILE A 262 26.39 -11.93 -41.95
C ILE A 262 27.42 -11.83 -40.82
N VAL A 263 28.18 -10.74 -40.77
CA VAL A 263 29.18 -10.51 -39.73
C VAL A 263 28.94 -9.12 -39.16
N THR A 264 28.88 -9.02 -37.83
CA THR A 264 28.91 -7.71 -37.17
C THR A 264 30.30 -7.44 -36.58
N ASN A 265 30.73 -6.19 -36.66
CA ASN A 265 31.97 -5.71 -36.09
C ASN A 265 31.72 -4.38 -35.39
N SER A 266 32.53 -4.09 -34.37
CA SER A 266 32.39 -2.79 -33.72
C SER A 266 33.60 -2.34 -32.90
N LYS A 267 33.83 -3.00 -31.77
CA LYS A 267 34.66 -2.44 -30.70
C LYS A 267 35.96 -1.84 -31.24
N SER A 268 36.90 -2.66 -31.66
CA SER A 268 38.20 -2.17 -32.08
C SER A 268 38.28 -1.89 -33.57
N LEU A 269 37.16 -1.92 -34.28
CA LEU A 269 37.19 -1.72 -35.72
C LEU A 269 37.86 -0.38 -36.06
N SER A 270 37.59 0.64 -35.25
CA SER A 270 38.15 1.96 -35.50
C SER A 270 39.61 2.08 -35.09
N GLY A 271 40.14 1.15 -34.30
CA GLY A 271 41.52 1.19 -33.83
C GLY A 271 41.86 2.18 -32.74
N PHE A 272 41.16 3.31 -32.67
CA PHE A 272 41.51 4.36 -31.73
C PHE A 272 40.62 4.41 -30.49
N GLY A 273 39.49 3.69 -30.49
CA GLY A 273 38.47 3.92 -29.51
C GLY A 273 37.38 4.86 -29.97
N LEU A 274 37.32 5.14 -31.24
CA LEU A 274 36.23 5.96 -31.74
C LEU A 274 35.01 5.08 -31.90
N PRO A 275 33.83 5.54 -31.53
CA PRO A 275 32.62 4.74 -31.76
C PRO A 275 32.46 4.50 -33.26
N PHE A 276 32.34 3.23 -33.62
CA PHE A 276 32.27 2.83 -35.01
C PHE A 276 31.75 1.40 -35.07
N ALA A 277 31.07 1.07 -36.16
CA ALA A 277 30.47 -0.25 -36.31
C ALA A 277 30.14 -0.48 -37.78
N HIS A 278 29.92 -1.75 -38.14
CA HIS A 278 29.45 -2.06 -39.49
C HIS A 278 28.93 -3.49 -39.53
N VAL A 279 28.31 -3.84 -40.65
CA VAL A 279 27.68 -5.13 -40.84
C VAL A 279 28.04 -5.63 -42.23
N LEU A 280 28.99 -6.56 -42.32
CA LEU A 280 29.31 -7.26 -43.56
C LEU A 280 28.22 -8.28 -43.88
N MET A 281 28.05 -8.57 -45.17
CA MET A 281 26.97 -9.41 -45.64
C MET A 281 27.27 -9.94 -47.04
N ARG A 282 26.86 -11.17 -47.32
CA ARG A 282 27.03 -11.72 -48.66
C ARG A 282 26.21 -10.87 -49.63
N PRO A 283 26.73 -10.58 -50.83
CA PRO A 283 26.11 -9.54 -51.67
C PRO A 283 24.62 -9.74 -51.90
N GLU A 284 24.22 -10.97 -52.20
CA GLU A 284 22.82 -11.21 -52.53
C GLU A 284 21.89 -10.98 -51.36
N LEU A 285 22.41 -10.93 -50.14
CA LEU A 285 21.57 -10.68 -48.99
C LEU A 285 21.19 -9.21 -48.84
N ASP A 286 21.75 -8.33 -49.67
CA ASP A 286 21.57 -6.89 -49.54
C ASP A 286 20.20 -6.50 -50.05
N ILE A 287 19.19 -6.96 -49.31
CA ILE A 287 17.79 -6.80 -49.67
C ILE A 287 17.19 -5.53 -49.07
N TRP A 288 17.99 -4.75 -48.33
CA TRP A 288 17.52 -3.49 -47.78
C TRP A 288 16.95 -2.60 -48.89
N LYS A 289 15.96 -1.82 -48.55
CA LYS A 289 15.54 -0.80 -49.50
C LYS A 289 15.90 0.58 -48.94
N PRO A 290 16.13 1.59 -49.80
CA PRO A 290 16.74 2.84 -49.34
C PRO A 290 15.98 3.51 -48.21
N GLY A 291 16.69 3.77 -47.11
CA GLY A 291 16.11 4.43 -45.97
C GLY A 291 15.26 3.57 -45.06
N GLN A 292 15.30 2.24 -45.20
CA GLN A 292 14.55 1.41 -44.27
C GLN A 292 15.20 1.34 -42.89
N TYR A 293 16.44 1.80 -42.77
CA TYR A 293 17.18 1.80 -41.51
C TYR A 293 18.18 2.95 -41.58
N ASN A 294 18.41 3.62 -40.46
CA ASN A 294 19.31 4.77 -40.49
C ASN A 294 19.94 4.93 -39.10
N GLY A 295 20.44 6.13 -38.82
CA GLY A 295 21.22 6.42 -37.64
C GLY A 295 22.12 7.60 -37.91
N THR A 296 21.89 8.70 -37.16
CA THR A 296 22.59 9.96 -37.40
C THR A 296 24.09 9.76 -37.65
N PHE A 297 24.75 8.96 -36.82
CA PHE A 297 26.21 8.87 -36.87
C PHE A 297 26.70 7.65 -37.66
N ARG A 298 25.92 7.20 -38.66
CA ARG A 298 26.33 6.14 -39.56
C ARG A 298 27.45 6.56 -40.51
N GLY A 299 27.86 7.83 -40.47
CA GLY A 299 28.94 8.28 -41.34
C GLY A 299 30.00 9.04 -40.56
N PHE A 300 30.54 8.39 -39.55
CA PHE A 300 31.55 9.01 -38.69
C PHE A 300 32.86 8.96 -39.46
N ASN A 301 33.21 10.05 -40.14
CA ASN A 301 34.36 9.99 -41.03
C ASN A 301 35.66 9.78 -40.25
N LEU A 302 35.77 10.29 -39.03
CA LEU A 302 37.02 10.12 -38.29
C LEU A 302 37.27 8.64 -38.02
N ALA A 303 36.21 7.88 -37.78
CA ALA A 303 36.42 6.45 -37.54
C ALA A 303 36.87 5.75 -38.82
N PHE A 304 36.35 6.17 -39.98
CA PHE A 304 36.83 5.68 -41.27
C PHE A 304 38.33 5.82 -41.41
N VAL A 305 38.86 6.96 -40.97
CA VAL A 305 40.25 7.29 -41.19
C VAL A 305 41.14 6.41 -40.33
N THR A 306 40.83 6.29 -39.05
CA THR A 306 41.67 5.46 -38.20
C THR A 306 41.48 3.98 -38.49
N ALA A 307 40.31 3.58 -38.98
CA ALA A 307 40.14 2.16 -39.28
C ALA A 307 40.98 1.76 -40.46
N ALA A 308 40.93 2.56 -41.54
CA ALA A 308 41.80 2.32 -42.69
C ALA A 308 43.27 2.28 -42.28
N ALA A 309 43.71 3.26 -41.50
CA ALA A 309 45.10 3.29 -41.05
C ALA A 309 45.48 2.05 -40.26
N ALA A 310 44.57 1.56 -39.40
CA ALA A 310 44.85 0.38 -38.61
C ALA A 310 44.94 -0.87 -39.48
N MET A 311 44.03 -1.01 -40.45
CA MET A 311 44.11 -2.14 -41.35
C MET A 311 45.40 -2.14 -42.16
N ARG A 312 45.80 -0.97 -42.67
CA ARG A 312 46.99 -0.96 -43.50
C ARG A 312 48.25 -1.19 -42.67
N HIS A 313 48.33 -0.61 -41.47
CA HIS A 313 49.56 -0.72 -40.69
C HIS A 313 49.74 -2.09 -40.05
N PHE A 314 48.65 -2.81 -39.75
CA PHE A 314 48.74 -4.06 -38.99
C PHE A 314 48.33 -5.29 -39.77
N TRP A 315 47.57 -5.16 -40.85
CA TRP A 315 47.03 -6.36 -41.50
C TRP A 315 47.51 -6.48 -42.94
N SER A 316 48.65 -5.84 -43.25
CA SER A 316 49.25 -5.98 -44.59
C SER A 316 49.94 -7.32 -44.75
N ASP A 317 50.47 -7.89 -43.67
CA ASP A 317 51.08 -9.21 -43.66
C ASP A 317 50.60 -9.96 -42.42
N ASP A 318 51.03 -11.22 -42.32
CA ASP A 318 50.66 -12.08 -41.22
C ASP A 318 51.51 -11.88 -39.96
N THR A 319 52.48 -10.97 -39.98
CA THR A 319 53.39 -10.82 -38.85
C THR A 319 52.63 -10.52 -37.57
N PHE A 320 51.81 -9.45 -37.58
CA PHE A 320 51.08 -9.06 -36.38
C PHE A 320 50.23 -10.19 -35.84
N GLU A 321 49.35 -10.73 -36.70
CA GLU A 321 48.53 -11.90 -36.41
C GLU A 321 49.32 -13.00 -35.73
N ARG A 322 50.45 -13.40 -36.31
CA ARG A 322 51.27 -14.45 -35.72
C ARG A 322 51.93 -14.02 -34.44
N ASP A 323 52.06 -12.72 -34.22
CA ASP A 323 52.55 -12.30 -32.92
C ASP A 323 51.46 -12.33 -31.85
N VAL A 324 50.19 -12.27 -32.25
CA VAL A 324 49.13 -12.39 -31.27
C VAL A 324 49.02 -13.84 -30.81
N GLN A 325 49.00 -14.78 -31.76
CA GLN A 325 49.01 -16.20 -31.43
C GLN A 325 50.12 -16.50 -30.41
N ARG A 326 51.28 -15.92 -30.64
CA ARG A 326 52.40 -16.15 -29.74
C ARG A 326 52.17 -15.49 -28.38
N LYS A 327 51.67 -14.26 -28.36
CA LYS A 327 51.36 -13.65 -27.05
C LYS A 327 50.26 -14.43 -26.34
N GLY A 328 49.28 -14.93 -27.09
CA GLY A 328 48.26 -15.76 -26.47
C GLY A 328 48.87 -16.92 -25.71
N ARG A 329 49.83 -17.61 -26.34
CA ARG A 329 50.46 -18.76 -25.70
C ARG A 329 51.07 -18.41 -24.35
N VAL A 330 51.65 -17.23 -24.19
CA VAL A 330 52.23 -16.95 -22.87
C VAL A 330 51.14 -16.67 -21.85
N VAL A 331 50.12 -15.88 -22.23
CA VAL A 331 49.00 -15.68 -21.33
C VAL A 331 48.39 -17.03 -20.96
N GLU A 332 48.23 -17.91 -21.96
CA GLU A 332 47.67 -19.23 -21.70
C GLU A 332 48.54 -19.99 -20.72
N ASP A 333 49.86 -19.93 -20.90
CA ASP A 333 50.74 -20.66 -20.00
C ASP A 333 50.65 -20.14 -18.57
N ARG A 334 50.64 -18.82 -18.38
CA ARG A 334 50.63 -18.31 -17.02
C ARG A 334 49.24 -18.39 -16.35
N PHE A 335 48.17 -18.49 -17.13
CA PHE A 335 46.87 -18.71 -16.51
C PHE A 335 46.71 -20.15 -16.05
N GLN A 336 47.19 -21.11 -16.86
CA GLN A 336 47.18 -22.52 -16.46
C GLN A 336 47.95 -22.72 -15.17
N LYS A 337 49.13 -22.11 -15.06
CA LYS A 337 49.88 -22.16 -13.81
C LYS A 337 49.07 -21.60 -12.66
N LEU A 338 48.37 -20.49 -12.88
CA LEU A 338 47.57 -19.91 -11.80
C LEU A 338 46.44 -20.84 -11.38
N ALA A 339 45.75 -21.45 -12.36
CA ALA A 339 44.72 -22.43 -12.01
C ALA A 339 45.30 -23.64 -11.29
N SER A 340 46.54 -24.03 -11.63
CA SER A 340 47.19 -25.14 -10.93
C SER A 340 47.42 -24.79 -9.47
N PHE A 341 47.97 -23.61 -9.22
CA PHE A 341 48.20 -23.12 -7.87
C PHE A 341 46.90 -23.10 -7.08
N MET A 342 45.87 -22.47 -7.64
CA MET A 342 44.58 -22.38 -6.96
C MET A 342 44.03 -23.76 -6.68
N THR A 343 44.07 -24.64 -7.69
CA THR A 343 43.53 -25.98 -7.54
C THR A 343 44.20 -26.70 -6.37
N GLU A 344 45.53 -26.67 -6.34
CA GLU A 344 46.28 -27.34 -5.28
C GLU A 344 46.04 -26.73 -3.91
N LYS A 345 45.62 -25.45 -3.81
CA LYS A 345 45.12 -24.90 -2.56
C LYS A 345 43.65 -25.26 -2.31
N GLY A 346 43.07 -26.14 -3.12
CA GLY A 346 41.69 -26.53 -2.91
C GLY A 346 40.67 -25.48 -3.30
N HIS A 347 40.99 -24.63 -4.27
CA HIS A 347 39.99 -23.78 -4.89
C HIS A 347 40.01 -24.03 -6.39
N PRO A 348 39.09 -24.86 -6.91
CA PRO A 348 39.17 -25.27 -8.32
C PRO A 348 39.19 -24.09 -9.28
N ALA A 349 40.11 -24.15 -10.24
CA ALA A 349 40.27 -23.12 -11.24
C ALA A 349 40.83 -23.75 -12.50
N SER A 350 40.58 -23.10 -13.63
CA SER A 350 40.91 -23.64 -14.94
C SER A 350 41.07 -22.48 -15.91
N GLU A 351 41.63 -22.78 -17.08
CA GLU A 351 41.95 -21.79 -18.10
C GLU A 351 41.25 -22.17 -19.39
N ARG A 352 40.78 -21.17 -20.13
CA ARG A 352 40.41 -21.40 -21.51
C ARG A 352 40.63 -20.13 -22.32
N GLY A 353 40.46 -20.26 -23.61
CA GLY A 353 40.50 -19.10 -24.48
C GLY A 353 41.10 -19.45 -25.82
N ARG A 354 41.46 -18.39 -26.54
CA ARG A 354 41.88 -18.52 -27.94
C ARG A 354 42.50 -17.21 -28.37
N GLY A 355 43.73 -17.26 -28.85
CA GLY A 355 44.43 -16.01 -29.10
C GLY A 355 44.66 -15.26 -27.81
N LEU A 356 44.43 -13.94 -27.85
CA LEU A 356 44.55 -13.09 -26.67
C LEU A 356 43.19 -12.79 -26.04
N MET A 357 42.20 -13.66 -26.23
CA MET A 357 40.93 -13.60 -25.51
C MET A 357 40.91 -14.83 -24.60
N ARG A 358 41.40 -14.66 -23.38
CA ARG A 358 41.70 -15.77 -22.50
C ARG A 358 41.04 -15.58 -21.14
N GLY A 359 40.75 -16.68 -20.48
CA GLY A 359 40.04 -16.58 -19.22
C GLY A 359 40.53 -17.49 -18.12
N LEU A 360 40.63 -16.93 -16.90
CA LEU A 360 40.97 -17.66 -15.68
C LEU A 360 39.68 -17.79 -14.88
N ASP A 361 39.11 -18.99 -14.88
CA ASP A 361 37.83 -19.29 -14.24
C ASP A 361 38.10 -19.73 -12.80
N VAL A 362 37.93 -18.81 -11.84
CA VAL A 362 38.06 -19.23 -10.44
C VAL A 362 36.69 -19.74 -9.99
N GLY A 363 36.51 -19.95 -8.70
CA GLY A 363 35.29 -20.60 -8.31
C GLY A 363 34.08 -19.73 -8.56
N ASP A 364 34.08 -18.56 -7.94
CA ASP A 364 32.90 -17.75 -7.78
C ASP A 364 33.30 -16.28 -7.90
N GLY A 365 32.28 -15.45 -8.14
CA GLY A 365 32.51 -14.02 -8.27
C GLY A 365 33.19 -13.40 -7.07
N ASP A 366 32.98 -13.95 -5.87
CA ASP A 366 33.59 -13.34 -4.69
C ASP A 366 35.10 -13.50 -4.75
N MET A 367 35.57 -14.66 -5.21
CA MET A 367 37.00 -14.90 -5.32
C MET A 367 37.60 -14.07 -6.44
N ALA A 368 36.91 -13.99 -7.59
CA ALA A 368 37.39 -13.21 -8.72
C ALA A 368 37.47 -11.72 -8.37
N ASP A 369 36.47 -11.22 -7.65
CA ASP A 369 36.48 -9.82 -7.22
C ASP A 369 37.62 -9.53 -6.25
N LYS A 370 37.98 -10.49 -5.38
CA LYS A 370 39.15 -10.29 -4.52
C LYS A 370 40.43 -10.21 -5.34
N ILE A 371 40.67 -11.20 -6.20
CA ILE A 371 41.85 -11.21 -7.07
C ILE A 371 41.91 -9.93 -7.90
N THR A 372 40.75 -9.39 -8.30
CA THR A 372 40.72 -8.21 -9.18
C THR A 372 40.98 -6.92 -8.43
N ALA A 373 40.25 -6.68 -7.33
CA ALA A 373 40.51 -5.48 -6.53
C ALA A 373 41.95 -5.45 -6.03
N GLN A 374 42.51 -6.62 -5.72
CA GLN A 374 43.90 -6.68 -5.31
C GLN A 374 44.83 -6.29 -6.47
N ALA A 375 44.55 -6.77 -7.68
CA ALA A 375 45.39 -6.40 -8.82
C ALA A 375 45.30 -4.91 -9.11
N PHE A 376 44.16 -4.30 -8.83
CA PHE A 376 44.05 -2.86 -9.04
C PHE A 376 44.91 -2.11 -8.02
N LYS A 377 44.91 -2.57 -6.77
CA LYS A 377 45.78 -1.95 -5.78
C LYS A 377 47.24 -2.12 -6.15
N ASN A 378 47.55 -3.17 -6.88
CA ASN A 378 48.92 -3.48 -7.26
C ASN A 378 49.30 -2.92 -8.62
N GLY A 379 48.39 -2.21 -9.29
CA GLY A 379 48.73 -1.52 -10.52
C GLY A 379 48.31 -2.19 -11.81
N LEU A 380 47.42 -3.19 -11.76
CA LEU A 380 46.93 -3.82 -12.98
C LEU A 380 45.41 -3.65 -13.06
N ILE A 381 44.91 -3.28 -14.24
CA ILE A 381 43.48 -3.18 -14.48
C ILE A 381 43.06 -4.43 -15.23
N ILE A 382 42.26 -5.26 -14.58
CA ILE A 382 41.71 -6.47 -15.18
C ILE A 382 40.30 -6.61 -14.63
N GLU A 383 39.40 -7.19 -15.43
CA GLU A 383 38.01 -7.28 -15.02
C GLU A 383 37.46 -8.67 -15.24
N THR A 384 36.20 -8.86 -14.87
CA THR A 384 35.54 -10.14 -14.82
C THR A 384 34.47 -10.24 -15.89
N SER A 385 34.05 -11.49 -16.11
CA SER A 385 32.91 -11.83 -16.94
C SER A 385 32.46 -13.22 -16.49
N GLY A 386 31.46 -13.76 -17.17
CA GLY A 386 30.77 -14.94 -16.71
C GLY A 386 29.40 -14.60 -16.13
N HIS A 387 28.55 -15.62 -16.04
CA HIS A 387 27.21 -15.41 -15.47
C HIS A 387 27.29 -14.95 -14.00
N SER A 388 28.27 -15.43 -13.24
CA SER A 388 28.52 -14.99 -11.87
C SER A 388 29.68 -13.99 -11.76
N GLY A 389 30.34 -13.64 -12.86
CA GLY A 389 31.60 -12.94 -12.77
C GLY A 389 32.70 -13.79 -12.20
N GLN A 390 32.74 -15.08 -12.57
CA GLN A 390 33.71 -16.02 -12.02
C GLN A 390 34.92 -16.21 -12.92
N VAL A 391 34.95 -15.53 -14.08
CA VAL A 391 36.04 -15.64 -15.06
C VAL A 391 36.79 -14.31 -15.09
N ILE A 392 38.10 -14.37 -14.86
CA ILE A 392 38.98 -13.20 -14.96
C ILE A 392 39.50 -13.13 -16.39
N LYS A 393 39.13 -12.08 -17.13
CA LYS A 393 39.44 -11.96 -18.56
C LYS A 393 40.79 -11.30 -18.76
N CYS A 394 41.59 -11.88 -19.64
CA CYS A 394 42.64 -11.12 -20.31
C CYS A 394 42.04 -10.51 -21.57
N LEU A 395 41.98 -9.18 -21.61
CA LEU A 395 41.56 -8.46 -22.80
C LEU A 395 42.59 -7.38 -23.14
N CYS A 396 43.87 -7.72 -22.96
CA CYS A 396 44.96 -6.77 -23.11
C CYS A 396 45.09 -6.34 -24.57
N PRO A 397 45.76 -5.21 -24.84
CA PRO A 397 45.98 -4.80 -26.22
C PRO A 397 46.82 -5.81 -26.97
N LEU A 398 46.36 -6.19 -28.16
CA LEU A 398 47.12 -7.10 -29.01
C LEU A 398 48.54 -6.60 -29.28
N THR A 399 48.78 -5.31 -29.17
CA THR A 399 50.08 -4.72 -29.45
C THR A 399 51.01 -4.68 -28.25
N ILE A 400 50.65 -5.35 -27.15
CA ILE A 400 51.30 -5.04 -25.88
C ILE A 400 52.78 -5.45 -25.93
N THR A 401 53.65 -4.60 -25.39
CA THR A 401 55.06 -4.97 -25.26
C THR A 401 55.20 -6.22 -24.41
N ASP A 402 56.25 -6.98 -24.70
CA ASP A 402 56.49 -8.19 -23.91
C ASP A 402 56.76 -7.87 -22.45
N GLU A 403 57.40 -6.73 -22.16
CA GLU A 403 57.59 -6.41 -20.75
C GLU A 403 56.25 -6.10 -20.09
N ASP A 404 55.42 -5.27 -20.73
CA ASP A 404 54.11 -4.95 -20.17
C ASP A 404 53.21 -6.15 -20.08
N LEU A 405 53.38 -7.12 -20.97
CA LEU A 405 52.60 -8.35 -20.90
C LEU A 405 53.00 -9.19 -19.69
N VAL A 406 54.26 -9.64 -19.67
CA VAL A 406 54.78 -10.37 -18.50
C VAL A 406 54.71 -9.50 -17.25
N GLY A 407 54.74 -8.19 -17.40
CA GLY A 407 54.60 -7.32 -16.23
C GLY A 407 53.19 -7.33 -15.66
N GLY A 408 52.18 -7.41 -16.52
CA GLY A 408 50.82 -7.49 -16.03
C GLY A 408 50.51 -8.84 -15.40
N LEU A 409 50.97 -9.91 -16.04
CA LEU A 409 50.75 -11.26 -15.50
C LEU A 409 51.40 -11.41 -14.13
N ASP A 410 52.63 -10.90 -13.97
CA ASP A 410 53.27 -10.93 -12.66
C ASP A 410 52.40 -10.28 -11.60
N ILE A 411 51.91 -9.07 -11.88
CA ILE A 411 51.05 -8.38 -10.92
C ILE A 411 49.82 -9.23 -10.62
N LEU A 412 49.30 -9.94 -11.62
CA LEU A 412 48.17 -10.81 -11.37
C LEU A 412 48.55 -11.92 -10.42
N GLU A 413 49.62 -12.65 -10.74
CA GLU A 413 50.11 -13.73 -9.91
C GLU A 413 50.39 -13.26 -8.48
N GLN A 414 51.06 -12.13 -8.32
CA GLN A 414 51.28 -11.60 -6.98
C GLN A 414 49.95 -11.34 -6.28
N SER A 415 48.95 -10.90 -7.02
CA SER A 415 47.67 -10.60 -6.39
C SER A 415 46.91 -11.88 -6.00
N VAL A 416 46.98 -12.92 -6.83
CA VAL A 416 46.41 -14.20 -6.45
C VAL A 416 47.04 -14.69 -5.16
N LYS A 417 48.37 -14.69 -5.11
CA LYS A 417 49.05 -15.17 -3.92
C LYS A 417 48.70 -14.34 -2.69
N GLU A 418 48.64 -13.01 -2.82
CA GLU A 418 48.27 -12.21 -1.65
C GLU A 418 46.85 -12.53 -1.19
N VAL A 419 45.93 -12.79 -2.12
CA VAL A 419 44.58 -13.16 -1.72
C VAL A 419 44.59 -14.49 -0.97
N PHE A 420 45.40 -15.44 -1.43
CA PHE A 420 45.57 -16.74 -0.78
C PHE A 420 46.51 -16.69 0.42
N GLY A 421 46.42 -15.65 1.24
CA GLY A 421 47.26 -15.52 2.42
C GLY A 421 48.74 -15.76 2.15
N THR B 3 33.65 7.22 -58.20
CA THR B 3 32.65 6.79 -57.24
C THR B 3 32.41 5.27 -57.27
N GLN B 4 33.22 4.54 -58.05
CA GLN B 4 32.87 3.15 -58.33
C GLN B 4 33.03 2.23 -57.12
N ILE B 5 33.91 2.55 -56.16
CA ILE B 5 34.00 1.70 -54.97
C ILE B 5 32.82 1.97 -54.03
N LEU B 6 32.33 3.21 -53.95
CA LEU B 6 31.26 3.57 -53.02
C LEU B 6 29.92 2.95 -53.42
N GLU B 7 29.68 2.79 -54.74
CA GLU B 7 28.42 2.26 -55.24
C GLU B 7 28.37 0.73 -55.13
N ARG B 8 29.43 0.04 -55.55
CA ARG B 8 29.46 -1.42 -55.59
C ARG B 8 29.54 -2.04 -54.22
N MET B 9 30.02 -1.32 -53.20
CA MET B 9 30.32 -1.96 -51.93
C MET B 9 29.44 -1.52 -50.76
N GLU B 10 28.88 -0.30 -50.81
CA GLU B 10 27.97 0.15 -49.77
C GLU B 10 26.58 -0.44 -49.97
N SER B 11 25.93 -0.81 -48.85
CA SER B 11 24.57 -1.33 -48.86
C SER B 11 23.61 -0.42 -49.63
N GLU B 12 22.45 -0.94 -50.03
CA GLU B 12 21.45 -0.16 -50.74
C GLU B 12 20.47 0.54 -49.81
N VAL B 13 20.64 0.42 -48.48
CA VAL B 13 19.79 1.15 -47.54
C VAL B 13 20.11 2.64 -47.52
N ARG B 14 21.18 3.07 -48.21
CA ARG B 14 21.64 4.45 -48.17
C ARG B 14 20.63 5.39 -48.84
N THR B 15 20.60 6.63 -48.36
CA THR B 15 19.66 7.64 -48.85
C THR B 15 20.33 8.95 -49.28
N TYR B 16 21.31 9.44 -48.49
CA TYR B 16 21.88 10.76 -48.75
C TYR B 16 22.90 10.76 -49.90
N SER B 17 23.62 9.65 -50.11
CA SER B 17 24.45 9.54 -51.31
C SER B 17 23.62 9.40 -52.58
N ARG B 18 22.31 9.17 -52.47
CA ARG B 18 21.44 9.08 -53.63
C ARG B 18 21.01 10.47 -54.11
N SER B 19 20.62 11.36 -53.18
CA SER B 19 20.18 12.69 -53.55
C SER B 19 21.33 13.66 -53.77
N PHE B 20 22.52 13.33 -53.25
CA PHE B 20 23.73 14.14 -53.36
C PHE B 20 24.86 13.25 -53.90
N PRO B 21 24.78 12.83 -55.18
CA PRO B 21 25.71 11.78 -55.67
C PRO B 21 27.16 12.20 -55.92
N THR B 22 27.75 13.01 -55.04
CA THR B 22 29.11 13.48 -55.21
C THR B 22 29.97 13.09 -54.01
N VAL B 23 31.30 13.19 -54.17
CA VAL B 23 32.26 12.78 -53.14
C VAL B 23 32.78 14.02 -52.42
N PHE B 24 32.30 14.22 -51.20
CA PHE B 24 32.68 15.38 -50.41
C PHE B 24 34.06 15.20 -49.79
N THR B 25 34.75 16.31 -49.58
CA THR B 25 36.10 16.24 -49.06
C THR B 25 36.24 17.13 -47.85
N GLU B 26 36.42 18.42 -48.09
CA GLU B 26 36.60 19.43 -47.06
C GLU B 26 35.26 20.04 -46.70
N ALA B 27 35.13 20.43 -45.43
CA ALA B 27 33.92 21.10 -44.91
C ALA B 27 34.34 22.13 -43.86
N LYS B 28 33.80 23.34 -43.97
CA LYS B 28 34.08 24.39 -43.00
C LYS B 28 32.87 25.30 -42.94
N GLY B 29 32.37 25.57 -41.72
CA GLY B 29 31.23 26.46 -41.57
C GLY B 29 29.96 25.88 -42.13
N ALA B 30 29.37 26.56 -43.10
CA ALA B 30 28.17 26.08 -43.78
C ALA B 30 28.45 25.73 -45.22
N ARG B 31 29.73 25.58 -45.57
CA ARG B 31 30.16 25.29 -46.94
C ARG B 31 30.82 23.92 -47.00
N LEU B 32 30.44 23.13 -48.02
CA LEU B 32 30.99 21.80 -48.28
C LEU B 32 31.61 21.75 -49.67
N HIS B 33 32.74 21.05 -49.77
CA HIS B 33 33.45 20.91 -51.03
C HIS B 33 33.34 19.48 -51.56
N ALA B 34 33.43 19.34 -52.88
CA ALA B 34 33.42 18.04 -53.52
C ALA B 34 34.68 17.85 -54.34
N GLU B 35 34.98 16.58 -54.66
CA GLU B 35 36.17 16.25 -55.44
C GLU B 35 36.10 16.82 -56.85
N ASP B 36 34.90 17.06 -57.36
CA ASP B 36 34.69 17.54 -58.72
C ASP B 36 34.72 19.06 -58.82
N GLY B 37 35.00 19.76 -57.73
CA GLY B 37 35.08 21.18 -57.78
C GLY B 37 33.80 21.88 -57.42
N ASN B 38 32.71 21.14 -57.27
CA ASN B 38 31.49 21.76 -56.82
C ASN B 38 31.66 22.26 -55.38
N GLN B 39 30.80 23.20 -55.02
CA GLN B 39 30.81 23.85 -53.72
C GLN B 39 29.37 24.01 -53.28
N TYR B 40 29.10 23.88 -51.98
CA TYR B 40 27.71 23.86 -51.53
C TYR B 40 27.54 24.69 -50.28
N ILE B 41 26.37 25.30 -50.15
CA ILE B 41 25.92 25.83 -48.87
C ILE B 41 25.06 24.78 -48.19
N ASP B 42 25.39 24.46 -46.93
CA ASP B 42 24.79 23.34 -46.19
C ASP B 42 23.62 23.85 -45.36
N PHE B 43 22.40 23.61 -45.84
CA PHE B 43 21.18 23.87 -45.07
C PHE B 43 20.65 22.62 -44.40
N LEU B 44 21.51 21.62 -44.22
CA LEU B 44 21.11 20.33 -43.67
C LEU B 44 21.89 20.01 -42.42
N ALA B 45 23.16 20.43 -42.40
CA ALA B 45 24.03 20.37 -41.23
C ALA B 45 23.96 19.03 -40.55
N GLY B 46 24.10 17.96 -41.35
CA GLY B 46 23.98 16.60 -40.83
C GLY B 46 22.70 16.35 -40.07
N ALA B 47 21.60 16.90 -40.59
CA ALA B 47 20.29 16.82 -39.95
C ALA B 47 20.35 17.45 -38.56
N GLY B 48 20.82 18.69 -38.50
CA GLY B 48 20.89 19.34 -37.21
C GLY B 48 21.95 18.81 -36.28
N THR B 49 22.91 18.04 -36.79
CA THR B 49 23.98 17.54 -35.94
C THR B 49 25.11 18.56 -35.82
N LEU B 50 25.22 19.48 -36.79
CA LEU B 50 26.28 20.46 -36.79
C LEU B 50 25.75 21.85 -36.52
N ASN B 51 25.11 22.06 -35.37
CA ASN B 51 24.56 23.37 -35.07
C ASN B 51 25.62 24.47 -35.04
N TYR B 52 26.90 24.12 -34.89
CA TYR B 52 27.98 25.10 -34.86
C TYR B 52 28.77 25.10 -36.15
N GLY B 53 28.18 24.58 -37.22
CA GLY B 53 28.86 24.47 -38.49
C GLY B 53 29.71 23.22 -38.53
N HIS B 54 30.43 23.08 -39.65
CA HIS B 54 31.44 22.04 -39.82
C HIS B 54 32.79 22.45 -39.26
N ASN B 55 33.40 21.59 -38.46
CA ASN B 55 34.80 21.80 -38.05
C ASN B 55 35.01 23.20 -37.46
N HIS B 56 34.34 23.48 -36.37
CA HIS B 56 34.42 24.83 -35.84
C HIS B 56 35.83 25.12 -35.31
N PRO B 57 36.41 26.27 -35.63
CA PRO B 57 37.78 26.55 -35.17
C PRO B 57 38.03 26.30 -33.70
N LYS B 58 37.13 26.78 -32.85
CA LYS B 58 37.36 26.71 -31.42
C LYS B 58 37.22 25.27 -30.93
N LEU B 59 36.25 24.53 -31.48
CA LEU B 59 36.09 23.13 -31.09
C LEU B 59 37.21 22.28 -31.65
N LYS B 60 37.61 22.56 -32.91
CA LYS B 60 38.71 21.84 -33.52
C LYS B 60 40.00 21.97 -32.71
N GLN B 61 40.30 23.16 -32.20
CA GLN B 61 41.54 23.33 -31.46
C GLN B 61 41.48 22.61 -30.13
N ALA B 62 40.31 22.59 -29.47
CA ALA B 62 40.17 21.87 -28.21
C ALA B 62 40.31 20.37 -28.40
N LEU B 63 39.77 19.86 -29.51
CA LEU B 63 39.87 18.44 -29.79
C LEU B 63 41.31 18.06 -30.11
N ALA B 64 41.99 18.85 -30.94
CA ALA B 64 43.35 18.48 -31.34
C ALA B 64 44.31 18.55 -30.16
N ASP B 65 44.12 19.53 -29.27
CA ASP B 65 44.93 19.58 -28.06
C ASP B 65 44.79 18.29 -27.28
N TYR B 66 43.56 17.81 -27.13
CA TYR B 66 43.35 16.64 -26.30
C TYR B 66 44.02 15.43 -26.91
N ILE B 67 43.97 15.30 -28.23
CA ILE B 67 44.62 14.19 -28.91
C ILE B 67 46.13 14.30 -28.78
N ALA B 68 46.65 15.52 -28.82
CA ALA B 68 48.10 15.71 -28.80
C ALA B 68 48.68 15.30 -27.45
N SER B 69 47.97 15.63 -26.39
CA SER B 69 48.35 15.32 -25.02
C SER B 69 48.12 13.87 -24.65
N ASP B 70 47.66 13.04 -25.60
CA ASP B 70 47.47 11.61 -25.37
C ASP B 70 46.43 11.34 -24.29
N GLY B 71 45.38 12.16 -24.21
CA GLY B 71 44.31 11.88 -23.26
C GLY B 71 43.58 10.59 -23.60
N ILE B 72 42.99 9.97 -22.57
CA ILE B 72 42.25 8.72 -22.77
C ILE B 72 41.07 8.98 -23.69
N VAL B 73 40.98 8.21 -24.78
CA VAL B 73 39.87 8.36 -25.72
C VAL B 73 38.63 7.63 -25.22
N HIS B 74 38.77 6.34 -24.88
CA HIS B 74 37.65 5.45 -24.56
C HIS B 74 37.66 5.15 -23.06
N GLY B 75 36.98 5.99 -22.30
CA GLY B 75 36.99 5.83 -20.88
C GLY B 75 36.09 4.75 -20.36
N LEU B 76 35.40 4.04 -21.25
CA LEU B 76 34.42 3.05 -20.82
C LEU B 76 33.39 3.76 -19.94
N ASP B 77 33.49 3.53 -18.63
CA ASP B 77 32.69 4.22 -17.65
C ASP B 77 33.55 4.77 -16.53
N MET B 78 34.85 4.43 -16.50
CA MET B 78 35.76 4.98 -15.51
C MET B 78 35.66 6.51 -15.47
N TRP B 79 36.25 7.08 -14.44
CA TRP B 79 36.25 8.52 -14.30
C TRP B 79 37.47 9.11 -14.99
N SER B 80 37.23 10.11 -15.83
CA SER B 80 38.30 10.82 -16.50
C SER B 80 38.12 12.30 -16.24
N ALA B 81 39.19 13.05 -16.47
CA ALA B 81 39.10 14.49 -16.32
C ALA B 81 38.17 15.09 -17.36
N ALA B 82 38.14 14.52 -18.57
CA ALA B 82 37.24 15.03 -19.60
C ALA B 82 35.78 14.91 -19.17
N LYS B 83 35.42 13.76 -18.59
CA LYS B 83 34.05 13.56 -18.11
C LYS B 83 33.72 14.49 -16.94
N ARG B 84 34.66 14.70 -16.02
CA ARG B 84 34.41 15.67 -14.98
C ARG B 84 34.17 17.06 -15.57
N ASP B 85 35.09 17.51 -16.42
CA ASP B 85 34.92 18.83 -17.03
C ASP B 85 33.60 18.92 -17.78
N TYR B 86 33.14 17.82 -18.37
CA TYR B 86 31.86 17.89 -19.06
C TYR B 86 30.71 18.11 -18.08
N LEU B 87 30.63 17.25 -17.06
CA LEU B 87 29.51 17.34 -16.12
C LEU B 87 29.51 18.68 -15.39
N GLU B 88 30.68 19.17 -14.99
CA GLU B 88 30.73 20.46 -14.29
C GLU B 88 30.35 21.61 -15.22
N THR B 89 30.93 21.66 -16.41
CA THR B 89 30.51 22.64 -17.41
C THR B 89 29.01 22.56 -17.69
N LEU B 90 28.46 21.35 -17.78
CA LEU B 90 27.04 21.19 -18.04
C LEU B 90 26.22 21.84 -16.94
N GLU B 91 26.59 21.58 -15.68
CA GLU B 91 25.85 22.12 -14.55
C GLU B 91 25.99 23.65 -14.48
N GLU B 92 27.22 24.16 -14.50
CA GLU B 92 27.44 25.59 -14.26
C GLU B 92 26.98 26.45 -15.45
N VAL B 93 27.34 26.06 -16.68
CA VAL B 93 27.05 26.94 -17.81
C VAL B 93 25.60 26.80 -18.26
N ILE B 94 25.04 25.59 -18.22
CA ILE B 94 23.78 25.27 -18.90
C ILE B 94 22.63 25.11 -17.92
N LEU B 95 22.76 24.19 -16.96
CA LEU B 95 21.63 23.81 -16.13
C LEU B 95 21.35 24.83 -15.02
N LYS B 96 22.38 25.23 -14.25
CA LYS B 96 22.15 26.14 -13.11
C LYS B 96 21.45 27.42 -13.54
N PRO B 97 22.00 28.21 -14.48
CA PRO B 97 21.32 29.45 -14.88
C PRO B 97 19.95 29.25 -15.45
N ARG B 98 19.60 28.04 -15.85
CA ARG B 98 18.26 27.79 -16.33
C ARG B 98 17.33 27.27 -15.24
N GLY B 99 17.79 27.29 -13.98
CA GLY B 99 17.01 26.77 -12.88
C GLY B 99 16.84 25.27 -12.88
N LEU B 100 17.61 24.55 -13.68
CA LEU B 100 17.33 23.15 -13.90
C LEU B 100 18.11 22.30 -12.92
N ASP B 101 17.44 21.32 -12.33
CA ASP B 101 18.06 20.36 -11.44
C ASP B 101 17.90 18.98 -12.08
N TYR B 102 18.96 18.51 -12.73
CA TYR B 102 18.98 17.21 -13.37
C TYR B 102 20.25 16.49 -12.97
N LYS B 103 20.20 15.17 -13.09
CA LYS B 103 21.39 14.34 -13.10
C LYS B 103 21.56 13.78 -14.50
N VAL B 104 22.75 13.23 -14.77
CA VAL B 104 23.16 12.87 -16.11
C VAL B 104 23.42 11.38 -16.15
N HIS B 105 22.86 10.71 -17.16
CA HIS B 105 23.12 9.31 -17.48
C HIS B 105 23.60 9.21 -18.94
N LEU B 106 24.62 8.40 -19.16
CA LEU B 106 25.29 8.37 -20.45
C LEU B 106 25.06 7.01 -21.11
N PRO B 107 24.14 6.90 -22.05
CA PRO B 107 23.97 5.64 -22.78
C PRO B 107 24.96 5.52 -23.93
N GLY B 108 24.69 4.62 -24.86
CA GLY B 108 25.48 4.57 -26.07
C GLY B 108 25.48 5.92 -26.74
N PRO B 109 26.42 6.15 -27.58
CA PRO B 109 26.52 7.45 -28.23
C PRO B 109 25.55 7.64 -29.38
N THR B 110 24.26 7.48 -29.11
CA THR B 110 23.25 7.31 -30.15
C THR B 110 21.90 7.89 -29.69
N GLY B 111 21.18 8.49 -30.62
CA GLY B 111 19.86 9.01 -30.27
C GLY B 111 18.89 7.92 -29.85
N THR B 112 18.76 6.85 -30.66
CA THR B 112 17.94 5.70 -30.27
C THR B 112 18.35 5.19 -28.90
N ASN B 113 19.65 5.06 -28.66
CA ASN B 113 20.09 4.49 -27.42
C ASN B 113 19.60 5.33 -26.25
N ALA B 114 19.54 6.65 -26.44
CA ALA B 114 19.14 7.56 -25.38
C ALA B 114 17.65 7.49 -25.12
N VAL B 115 16.84 7.47 -26.19
CA VAL B 115 15.41 7.21 -26.07
C VAL B 115 15.16 5.88 -25.37
N GLU B 116 15.92 4.84 -25.73
CA GLU B 116 15.70 3.51 -25.16
C GLU B 116 15.95 3.51 -23.65
N ALA B 117 17.08 4.07 -23.22
CA ALA B 117 17.34 4.25 -21.79
C ALA B 117 16.26 5.11 -21.14
N ALA B 118 15.93 6.24 -21.77
CA ALA B 118 14.95 7.16 -21.20
C ALA B 118 13.62 6.46 -20.93
N ILE B 119 13.06 5.76 -21.92
CA ILE B 119 11.76 5.13 -21.66
C ILE B 119 11.92 3.93 -20.74
N ARG B 120 13.02 3.16 -20.88
CA ARG B 120 13.25 2.08 -19.93
C ARG B 120 13.32 2.61 -18.50
N LEU B 121 14.03 3.71 -18.27
CA LEU B 121 14.05 4.34 -16.94
C LEU B 121 12.64 4.72 -16.48
N ALA B 122 11.85 5.35 -17.36
CA ALA B 122 10.47 5.69 -16.99
C ALA B 122 9.65 4.45 -16.63
N ARG B 123 9.83 3.36 -17.39
CA ARG B 123 9.02 2.18 -17.12
C ARG B 123 9.36 1.55 -15.79
N ASN B 124 10.63 1.61 -15.37
CA ASN B 124 10.95 1.07 -14.06
C ASN B 124 10.51 2.01 -12.96
N ALA B 125 10.64 3.32 -13.17
CA ALA B 125 10.26 4.30 -12.16
C ALA B 125 8.81 4.15 -11.73
N LYS B 126 7.91 3.87 -12.68
CA LYS B 126 6.48 3.91 -12.40
C LYS B 126 5.80 2.54 -12.38
N GLY B 127 6.52 1.45 -12.63
CA GLY B 127 5.89 0.15 -12.67
C GLY B 127 4.79 -0.01 -13.71
N ARG B 128 4.74 0.85 -14.73
CA ARG B 128 3.81 0.74 -15.84
C ARG B 128 4.62 0.51 -17.11
N HIS B 129 4.06 -0.20 -18.09
CA HIS B 129 4.85 -0.52 -19.27
C HIS B 129 4.56 0.37 -20.46
N ASN B 130 3.38 0.98 -20.51
CA ASN B 130 2.99 1.70 -21.72
C ASN B 130 3.61 3.09 -21.75
N ILE B 131 3.95 3.52 -22.95
CA ILE B 131 4.57 4.83 -23.18
C ILE B 131 3.70 5.54 -24.21
N VAL B 132 3.23 6.73 -23.88
CA VAL B 132 2.38 7.51 -24.78
C VAL B 132 3.29 8.35 -25.68
N THR B 133 3.03 8.29 -26.99
CA THR B 133 3.76 9.01 -28.02
C THR B 133 2.73 9.76 -28.87
N PHE B 134 3.19 10.55 -29.85
CA PHE B 134 2.30 11.40 -30.64
C PHE B 134 2.48 11.14 -32.13
N THR B 135 1.36 11.29 -32.86
CA THR B 135 1.34 11.31 -34.32
C THR B 135 2.50 12.10 -34.91
N ASN B 136 3.32 11.42 -35.76
CA ASN B 136 4.43 11.99 -36.52
C ASN B 136 5.71 12.11 -35.71
N GLY B 137 5.80 11.51 -34.52
CA GLY B 137 7.05 11.55 -33.78
C GLY B 137 8.05 10.53 -34.30
N PHE B 138 9.31 10.95 -34.35
CA PHE B 138 10.43 10.06 -34.63
C PHE B 138 11.40 10.11 -33.45
N HIS B 139 11.73 8.93 -32.91
CA HIS B 139 12.65 8.82 -31.79
C HIS B 139 13.67 7.70 -31.99
N GLY B 140 13.72 7.07 -33.16
CA GLY B 140 14.77 6.13 -33.48
C GLY B 140 14.19 4.81 -34.01
N VAL B 141 15.09 3.93 -34.42
CA VAL B 141 14.72 2.75 -35.19
C VAL B 141 15.04 1.43 -34.50
N THR B 142 15.95 1.37 -33.52
CA THR B 142 16.15 0.15 -32.76
C THR B 142 14.83 -0.23 -32.09
N MET B 143 14.60 -1.53 -31.88
CA MET B 143 13.24 -2.03 -31.63
C MET B 143 12.58 -1.37 -30.42
N GLY B 144 13.35 -1.01 -29.39
CA GLY B 144 12.75 -0.32 -28.26
C GLY B 144 12.19 1.03 -28.65
N ALA B 145 12.99 1.85 -29.30
CA ALA B 145 12.52 3.17 -29.70
C ALA B 145 11.46 3.10 -30.80
N LEU B 146 11.54 2.12 -31.69
CA LEU B 146 10.64 2.11 -32.84
C LEU B 146 9.18 2.05 -32.42
N ALA B 147 8.87 1.45 -31.28
CA ALA B 147 7.49 1.43 -30.82
C ALA B 147 6.92 2.85 -30.65
N THR B 148 7.77 3.86 -30.41
CA THR B 148 7.31 5.23 -30.23
C THR B 148 7.46 6.09 -31.49
N THR B 149 8.14 5.56 -32.49
CA THR B 149 8.35 6.19 -33.78
C THR B 149 7.19 5.87 -34.73
N GLY B 150 6.66 6.89 -35.41
CA GLY B 150 5.39 6.72 -36.13
C GLY B 150 5.48 6.21 -37.57
N ASN B 151 6.64 6.34 -38.23
CA ASN B 151 6.74 6.10 -39.67
C ASN B 151 6.58 4.62 -40.05
N ARG B 152 5.69 4.33 -41.02
CA ARG B 152 5.44 2.94 -41.42
C ARG B 152 6.62 2.35 -42.19
N LYS B 153 7.44 3.16 -42.87
CA LYS B 153 8.54 2.60 -43.66
C LYS B 153 9.55 1.89 -42.77
N PHE B 154 9.71 2.34 -41.53
CA PHE B 154 10.56 1.66 -40.55
C PHE B 154 9.82 0.53 -39.87
N ARG B 155 8.61 0.79 -39.36
CA ARG B 155 7.88 -0.24 -38.61
C ARG B 155 7.58 -1.47 -39.47
N GLU B 156 7.44 -1.30 -40.78
CA GLU B 156 7.16 -2.46 -41.63
C GLU B 156 8.42 -3.23 -42.01
N ALA B 157 9.60 -2.74 -41.63
CA ALA B 157 10.84 -3.42 -41.93
C ALA B 157 11.40 -4.15 -40.72
N THR B 158 10.60 -4.35 -39.66
CA THR B 158 11.11 -5.01 -38.47
C THR B 158 11.34 -6.50 -38.72
N GLY B 159 10.76 -7.04 -39.80
CA GLY B 159 10.89 -8.46 -40.10
C GLY B 159 9.84 -9.35 -39.48
N GLY B 160 8.68 -8.82 -39.13
CA GLY B 160 7.62 -9.64 -38.58
C GLY B 160 7.44 -9.54 -37.08
N ILE B 161 8.21 -8.69 -36.42
CA ILE B 161 8.00 -8.39 -35.00
C ILE B 161 7.14 -7.14 -34.92
N PRO B 162 5.91 -7.23 -34.42
CA PRO B 162 5.14 -6.00 -34.18
C PRO B 162 5.69 -5.32 -32.95
N THR B 163 5.87 -4.01 -33.04
CA THR B 163 6.33 -3.23 -31.89
C THR B 163 5.38 -3.40 -30.70
N GLN B 164 5.89 -3.08 -29.52
CA GLN B 164 5.16 -3.27 -28.28
C GLN B 164 5.57 -2.20 -27.28
N GLY B 165 4.60 -1.67 -26.55
CA GLY B 165 4.87 -0.78 -25.45
C GLY B 165 4.41 0.65 -25.62
N ALA B 166 3.84 1.05 -26.76
CA ALA B 166 3.48 2.44 -26.96
C ALA B 166 2.05 2.61 -27.46
N SER B 167 1.47 3.77 -27.15
CA SER B 167 0.16 4.23 -27.58
C SER B 167 0.33 5.58 -28.26
N PHE B 168 -0.41 5.83 -29.34
CA PHE B 168 -0.30 7.09 -30.06
C PHE B 168 -1.52 7.96 -29.79
N MET B 169 -1.27 9.24 -29.37
CA MET B 169 -2.09 10.40 -29.09
C MET B 169 -1.97 11.43 -30.23
N PRO B 170 -3.07 12.13 -30.54
CA PRO B 170 -3.02 13.15 -31.60
C PRO B 170 -2.25 14.38 -31.14
N PHE B 171 -1.19 14.72 -31.88
CA PHE B 171 -0.32 15.86 -31.59
C PHE B 171 -1.08 17.17 -31.77
N ASP B 172 -0.57 18.24 -31.15
CA ASP B 172 -1.16 19.56 -31.29
C ASP B 172 -1.52 19.84 -32.75
N GLY B 173 -2.78 20.21 -32.98
CA GLY B 173 -3.25 20.58 -34.30
C GLY B 173 -3.67 19.44 -35.20
N TYR B 174 -3.47 18.18 -34.80
CA TYR B 174 -3.72 17.09 -35.73
C TYR B 174 -5.17 17.03 -36.15
N MET B 175 -6.09 17.38 -35.25
CA MET B 175 -7.53 17.20 -35.50
C MET B 175 -8.19 18.49 -35.95
N GLY B 176 -7.49 19.29 -36.78
CA GLY B 176 -8.03 20.53 -37.27
C GLY B 176 -7.69 21.70 -36.36
N GLU B 177 -8.13 22.89 -36.78
CA GLU B 177 -7.81 24.13 -36.07
C GLU B 177 -8.80 24.35 -34.93
N GLY B 178 -8.28 24.83 -33.79
CA GLY B 178 -9.11 25.12 -32.64
C GLY B 178 -9.67 23.93 -31.91
N VAL B 179 -9.17 22.73 -32.18
CA VAL B 179 -9.53 21.52 -31.43
C VAL B 179 -8.32 21.18 -30.57
N ASP B 180 -8.50 21.24 -29.25
CA ASP B 180 -7.41 20.92 -28.33
C ASP B 180 -7.34 19.40 -28.22
N THR B 181 -6.34 18.81 -28.88
CA THR B 181 -6.21 17.37 -28.93
C THR B 181 -5.98 16.76 -27.55
N LEU B 182 -5.43 17.54 -26.61
CA LEU B 182 -5.14 17.00 -25.29
C LEU B 182 -6.41 16.68 -24.51
N SER B 183 -7.58 17.15 -24.95
CA SER B 183 -8.82 16.81 -24.27
C SER B 183 -9.17 15.33 -24.49
N TYR B 184 -9.08 14.86 -25.74
CA TYR B 184 -9.16 13.44 -26.04
C TYR B 184 -8.26 12.62 -25.12
N PHE B 185 -6.96 12.94 -25.11
CA PHE B 185 -6.01 12.26 -24.25
C PHE B 185 -6.44 12.29 -22.79
N GLU B 186 -6.81 13.48 -22.28
CA GLU B 186 -7.23 13.59 -20.89
C GLU B 186 -8.39 12.67 -20.58
N LYS B 187 -9.35 12.54 -21.52
CA LYS B 187 -10.49 11.68 -21.29
C LYS B 187 -10.08 10.21 -21.28
N LEU B 188 -9.34 9.77 -22.30
CA LEU B 188 -8.89 8.38 -22.34
C LEU B 188 -8.24 7.96 -21.03
N LEU B 189 -7.51 8.89 -20.39
CA LEU B 189 -6.83 8.57 -19.14
C LEU B 189 -7.83 8.20 -18.05
N GLY B 190 -8.93 8.93 -17.96
CA GLY B 190 -9.92 8.68 -16.93
C GLY B 190 -10.86 7.53 -17.19
N ASP B 191 -10.67 6.85 -18.32
CA ASP B 191 -11.65 5.93 -18.86
C ASP B 191 -11.12 4.51 -18.78
N ASN B 192 -11.86 3.64 -18.09
CA ASN B 192 -11.39 2.30 -17.77
C ASN B 192 -11.37 1.35 -18.97
N SER B 193 -12.31 1.50 -19.92
CA SER B 193 -12.29 0.65 -21.11
C SER B 193 -11.98 1.41 -22.39
N GLY B 194 -11.37 2.59 -22.30
CA GLY B 194 -11.05 3.40 -23.47
C GLY B 194 -9.86 2.92 -24.32
N GLY B 195 -9.10 1.93 -23.85
CA GLY B 195 -8.02 1.35 -24.62
C GLY B 195 -6.62 1.79 -24.23
N LEU B 196 -6.47 2.87 -23.48
CA LEU B 196 -5.16 3.37 -23.03
C LEU B 196 -4.73 2.63 -21.78
N ASP B 197 -3.81 1.68 -21.92
CA ASP B 197 -3.05 1.23 -20.76
C ASP B 197 -2.43 2.46 -20.09
N VAL B 198 -2.49 2.50 -18.77
CA VAL B 198 -2.00 3.65 -18.02
C VAL B 198 -0.51 3.83 -18.29
N PRO B 199 -0.10 5.00 -18.79
CA PRO B 199 1.29 5.19 -19.22
C PRO B 199 2.23 5.59 -18.09
N ALA B 200 3.47 5.05 -18.15
CA ALA B 200 4.51 5.55 -17.25
C ALA B 200 4.94 6.96 -17.65
N ALA B 201 4.94 7.25 -18.95
CA ALA B 201 5.56 8.47 -19.44
C ALA B 201 4.97 8.87 -20.78
N VAL B 202 5.09 10.16 -21.06
CA VAL B 202 4.76 10.75 -22.35
C VAL B 202 6.05 11.27 -22.96
N ILE B 203 6.41 10.78 -24.16
CA ILE B 203 7.59 11.24 -24.88
C ILE B 203 7.14 12.11 -26.05
N ILE B 204 7.83 13.24 -26.26
CA ILE B 204 7.35 14.25 -27.21
C ILE B 204 8.54 15.08 -27.69
N GLU B 205 8.45 15.56 -28.93
CA GLU B 205 9.32 16.61 -29.45
C GLU B 205 8.53 17.91 -29.42
N THR B 206 9.10 18.98 -28.84
CA THR B 206 8.37 20.24 -28.83
C THR B 206 8.18 20.78 -30.25
N VAL B 207 9.20 20.64 -31.10
CA VAL B 207 9.07 20.82 -32.55
C VAL B 207 9.47 19.52 -33.23
N GLN B 208 8.53 18.93 -33.96
CA GLN B 208 8.75 17.61 -34.54
C GLN B 208 9.63 17.70 -35.79
N GLY B 209 10.64 16.84 -35.87
CA GLY B 209 11.56 16.84 -36.99
C GLY B 209 11.12 16.06 -38.22
N GLU B 210 11.38 14.75 -38.23
CA GLU B 210 10.90 13.91 -39.33
C GLU B 210 9.41 14.12 -39.58
N GLY B 211 8.67 14.53 -38.55
CA GLY B 211 7.22 14.62 -38.66
C GLY B 211 6.72 15.80 -39.48
N GLY B 212 7.55 16.80 -39.73
CA GLY B 212 7.14 17.85 -40.66
C GLY B 212 7.28 19.27 -40.16
N ILE B 213 8.12 19.45 -39.14
CA ILE B 213 8.35 20.76 -38.52
C ILE B 213 7.06 21.21 -37.85
N ASN B 214 6.55 20.41 -36.91
CA ASN B 214 5.30 20.81 -36.27
C ASN B 214 5.61 21.39 -34.91
N PRO B 215 5.53 22.71 -34.73
CA PRO B 215 5.72 23.30 -33.40
C PRO B 215 4.48 23.12 -32.55
N ALA B 216 4.63 22.47 -31.39
CA ALA B 216 3.55 22.47 -30.41
C ALA B 216 3.41 23.84 -29.76
N GLY B 217 2.16 24.28 -29.57
CA GLY B 217 1.94 25.60 -29.02
C GLY B 217 2.28 25.67 -27.54
N ILE B 218 2.72 26.86 -27.10
CA ILE B 218 3.10 27.02 -25.69
C ILE B 218 1.96 26.69 -24.73
N PRO B 219 0.73 27.18 -24.91
CA PRO B 219 -0.38 26.70 -24.05
C PRO B 219 -0.50 25.19 -24.05
N TRP B 220 -0.38 24.59 -25.22
CA TRP B 220 -0.47 23.14 -25.34
C TRP B 220 0.57 22.44 -24.47
N LEU B 221 1.84 22.82 -24.65
CA LEU B 221 2.91 22.19 -23.86
C LEU B 221 2.67 22.34 -22.37
N GLN B 222 2.29 23.56 -21.92
CA GLN B 222 2.08 23.77 -20.49
C GLN B 222 0.97 22.90 -19.95
N ARG B 223 -0.11 22.74 -20.74
CA ARG B 223 -1.21 21.87 -20.34
C ARG B 223 -0.76 20.42 -20.26
N LEU B 224 -0.01 19.96 -21.26
CA LEU B 224 0.48 18.59 -21.24
C LEU B 224 1.38 18.36 -20.03
N GLU B 225 2.18 19.36 -19.64
CA GLU B 225 2.95 19.22 -18.40
C GLU B 225 2.04 19.00 -17.21
N LYS B 226 0.94 19.77 -17.12
CA LYS B 226 0.02 19.62 -15.99
C LYS B 226 -0.73 18.30 -16.07
N ILE B 227 -1.17 17.90 -17.26
CA ILE B 227 -1.77 16.57 -17.38
C ILE B 227 -0.81 15.51 -16.87
N CYS B 228 0.50 15.71 -17.05
CA CYS B 228 1.42 14.65 -16.66
C CYS B 228 1.54 14.55 -15.15
N ARG B 229 1.47 15.69 -14.44
CA ARG B 229 1.54 15.65 -12.99
C ARG B 229 0.21 15.18 -12.38
N ASP B 230 -0.91 15.59 -12.97
CA ASP B 230 -2.23 15.20 -12.51
C ASP B 230 -2.50 13.70 -12.65
N HIS B 231 -1.56 12.94 -13.20
CA HIS B 231 -1.83 11.53 -13.45
C HIS B 231 -0.60 10.66 -13.22
N ASP B 232 0.40 11.18 -12.51
CA ASP B 232 1.59 10.41 -12.16
C ASP B 232 2.37 9.95 -13.39
N MET B 233 2.32 10.71 -14.48
CA MET B 233 3.08 10.40 -15.69
C MET B 233 4.36 11.23 -15.74
N LEU B 234 5.45 10.58 -16.11
CA LEU B 234 6.68 11.31 -16.40
C LEU B 234 6.54 11.99 -17.77
N LEU B 235 7.12 13.18 -17.92
CA LEU B 235 7.17 13.86 -19.21
C LEU B 235 8.59 13.74 -19.74
N ILE B 236 8.75 13.02 -20.86
CA ILE B 236 10.03 12.93 -21.56
C ILE B 236 9.97 13.89 -22.75
N VAL B 237 10.88 14.87 -22.78
CA VAL B 237 11.04 15.73 -23.97
C VAL B 237 12.22 15.21 -24.78
N ASP B 238 11.96 14.82 -26.02
CA ASP B 238 13.02 14.38 -26.91
C ASP B 238 13.58 15.60 -27.64
N ASP B 239 14.70 16.13 -27.15
CA ASP B 239 15.33 17.29 -27.74
C ASP B 239 16.50 16.93 -28.65
N ILE B 240 16.44 15.76 -29.30
CA ILE B 240 17.62 15.27 -30.01
C ILE B 240 17.91 16.14 -31.23
N GLN B 241 16.87 16.58 -31.92
CA GLN B 241 16.97 17.50 -33.04
C GLN B 241 16.67 18.94 -32.67
N ALA B 242 15.61 19.17 -31.89
CA ALA B 242 15.19 20.53 -31.57
C ALA B 242 16.03 21.19 -30.47
N GLY B 243 16.98 20.47 -29.85
CA GLY B 243 17.78 21.00 -28.78
C GLY B 243 19.07 21.64 -29.26
N CYS B 244 19.97 21.86 -28.30
CA CYS B 244 21.24 22.53 -28.56
C CYS B 244 21.04 23.74 -29.49
N GLY B 245 20.16 24.64 -29.07
CA GLY B 245 20.03 25.94 -29.67
C GLY B 245 19.14 26.03 -30.88
N ARG B 246 18.70 24.89 -31.44
CA ARG B 246 18.06 24.93 -32.76
C ARG B 246 16.83 25.84 -32.77
N THR B 247 16.09 25.92 -31.67
CA THR B 247 14.86 26.70 -31.63
C THR B 247 15.05 28.12 -31.14
N GLY B 248 16.27 28.51 -30.81
CA GLY B 248 16.52 29.82 -30.28
C GLY B 248 16.70 29.86 -28.78
N LYS B 249 16.54 28.73 -28.11
CA LYS B 249 17.01 28.56 -26.75
C LYS B 249 17.69 27.20 -26.72
N PHE B 250 18.59 27.01 -25.75
CA PHE B 250 19.34 25.77 -25.69
C PHE B 250 18.41 24.57 -25.65
N PHE B 251 17.65 24.43 -24.56
CA PHE B 251 16.55 23.46 -24.51
C PHE B 251 15.31 24.03 -25.19
N SER B 252 14.74 23.25 -26.13
CA SER B 252 13.58 23.75 -26.88
C SER B 252 12.40 24.04 -25.97
N PHE B 253 12.29 23.34 -24.83
CA PHE B 253 11.14 23.51 -23.95
C PHE B 253 11.22 24.77 -23.13
N GLU B 254 12.33 25.51 -23.20
CA GLU B 254 12.42 26.76 -22.45
C GLU B 254 11.35 27.74 -22.91
N HIS B 255 10.92 27.63 -24.17
CA HIS B 255 9.94 28.58 -24.68
C HIS B 255 8.63 28.51 -23.90
N ALA B 256 8.38 27.41 -23.19
CA ALA B 256 7.10 27.21 -22.50
C ALA B 256 7.26 27.06 -21.00
N GLY B 257 8.44 27.33 -20.45
CA GLY B 257 8.65 27.35 -19.02
C GLY B 257 8.28 26.07 -18.30
N ILE B 258 8.21 24.94 -19.02
CA ILE B 258 7.99 23.63 -18.41
C ILE B 258 9.32 23.00 -18.02
N THR B 259 9.29 22.16 -17.01
CA THR B 259 10.47 21.38 -16.64
C THR B 259 10.12 19.90 -16.79
N PRO B 260 10.60 19.25 -17.84
CA PRO B 260 10.36 17.81 -17.98
C PRO B 260 11.11 17.02 -16.92
N ASP B 261 10.68 15.76 -16.78
CA ASP B 261 11.36 14.84 -15.87
C ASP B 261 12.53 14.17 -16.52
N ILE B 262 12.45 13.92 -17.83
CA ILE B 262 13.49 13.27 -18.59
C ILE B 262 13.70 14.04 -19.90
N VAL B 263 14.97 14.34 -20.22
CA VAL B 263 15.32 14.96 -21.51
C VAL B 263 16.36 14.09 -22.21
N THR B 264 16.12 13.79 -23.48
CA THR B 264 17.13 13.16 -24.33
C THR B 264 17.84 14.21 -25.15
N ASN B 265 19.16 14.09 -25.27
CA ASN B 265 19.96 14.91 -26.17
C ASN B 265 20.87 14.01 -26.99
N SER B 266 21.19 14.46 -28.21
CA SER B 266 22.21 13.79 -29.00
C SER B 266 22.78 14.76 -30.02
N LYS B 267 22.65 14.42 -31.30
CA LYS B 267 23.13 15.20 -32.45
C LYS B 267 24.15 16.28 -32.11
N SER B 268 23.66 17.49 -31.84
CA SER B 268 24.57 18.62 -31.71
C SER B 268 25.24 18.70 -30.34
N LEU B 269 25.05 17.72 -29.47
CA LEU B 269 25.64 17.76 -28.14
C LEU B 269 27.15 17.88 -28.19
N SER B 270 27.81 17.07 -29.04
CA SER B 270 29.27 17.16 -29.21
C SER B 270 29.70 18.50 -29.79
N GLY B 271 28.87 19.12 -30.65
CA GLY B 271 29.22 20.37 -31.27
C GLY B 271 30.05 20.25 -32.52
N PHE B 272 30.53 19.03 -32.83
CA PHE B 272 31.54 18.79 -33.83
C PHE B 272 31.20 17.65 -34.78
N GLY B 273 30.12 16.91 -34.54
CA GLY B 273 29.78 15.76 -35.34
C GLY B 273 30.31 14.45 -34.80
N LEU B 274 30.83 14.45 -33.56
CA LEU B 274 31.20 13.26 -32.81
C LEU B 274 29.95 12.58 -32.26
N PRO B 275 29.87 11.25 -32.33
CA PRO B 275 28.68 10.56 -31.82
C PRO B 275 28.61 10.67 -30.30
N PHE B 276 27.45 11.13 -29.80
CA PHE B 276 27.32 11.45 -28.38
C PHE B 276 25.84 11.56 -28.02
N ALA B 277 25.52 11.20 -26.77
CA ALA B 277 24.17 11.35 -26.24
C ALA B 277 24.23 11.31 -24.72
N HIS B 278 23.30 12.00 -24.07
CA HIS B 278 23.05 11.84 -22.65
C HIS B 278 21.56 11.88 -22.38
N VAL B 279 21.17 11.32 -21.23
CA VAL B 279 19.81 11.42 -20.70
C VAL B 279 19.83 12.26 -19.43
N LEU B 280 18.95 13.25 -19.34
CA LEU B 280 18.83 14.09 -18.17
C LEU B 280 17.61 13.68 -17.36
N MET B 281 17.77 13.46 -16.04
CA MET B 281 16.71 12.99 -15.15
C MET B 281 16.65 13.86 -13.90
N ARG B 282 15.45 14.06 -13.40
CA ARG B 282 15.33 14.66 -12.09
C ARG B 282 16.00 13.76 -11.06
N PRO B 283 16.70 14.33 -10.07
CA PRO B 283 17.61 13.51 -9.26
C PRO B 283 16.92 12.35 -8.55
N GLU B 284 15.66 12.53 -8.13
CA GLU B 284 14.95 11.42 -7.50
C GLU B 284 14.74 10.26 -8.46
N LEU B 285 14.68 10.54 -9.77
CA LEU B 285 14.44 9.48 -10.75
C LEU B 285 15.61 8.54 -10.93
N ASP B 286 16.74 8.78 -10.26
CA ASP B 286 17.88 7.91 -10.43
C ASP B 286 17.62 6.52 -9.86
N ILE B 287 16.72 5.77 -10.50
CA ILE B 287 16.27 4.49 -9.96
C ILE B 287 17.20 3.34 -10.34
N TRP B 288 17.95 3.48 -11.43
CA TRP B 288 18.90 2.44 -11.86
C TRP B 288 19.70 1.83 -10.71
N LYS B 289 19.89 0.48 -10.78
CA LYS B 289 20.91 -0.25 -10.03
C LYS B 289 22.16 -0.41 -10.88
N PRO B 290 23.34 -0.58 -10.26
CA PRO B 290 24.59 -0.54 -11.04
C PRO B 290 24.60 -1.62 -12.12
N GLY B 291 24.94 -1.20 -13.35
CA GLY B 291 25.06 -2.10 -14.48
C GLY B 291 23.76 -2.59 -15.11
N GLN B 292 22.60 -2.02 -14.75
CA GLN B 292 21.33 -2.43 -15.36
C GLN B 292 21.25 -2.03 -16.82
N TYR B 293 21.95 -0.96 -17.19
CA TYR B 293 22.07 -0.48 -18.56
C TYR B 293 23.55 -0.21 -18.82
N ASN B 294 24.00 -0.47 -20.04
CA ASN B 294 25.35 -0.06 -20.41
C ASN B 294 25.50 0.18 -21.92
N GLY B 295 26.66 -0.15 -22.47
CA GLY B 295 27.01 0.21 -23.82
C GLY B 295 28.48 0.59 -23.82
N THR B 296 29.18 0.31 -24.92
CA THR B 296 30.64 0.35 -24.87
C THR B 296 31.19 1.76 -25.02
N PHE B 297 30.57 2.59 -25.85
CA PHE B 297 31.08 3.94 -26.09
C PHE B 297 30.38 5.00 -25.24
N ARG B 298 30.11 4.68 -23.96
CA ARG B 298 29.61 5.67 -22.99
C ARG B 298 30.63 6.78 -22.76
N GLY B 299 31.79 6.42 -22.20
CA GLY B 299 32.83 7.38 -21.93
C GLY B 299 33.58 7.80 -23.19
N PHE B 300 32.87 8.29 -24.20
CA PHE B 300 33.56 8.79 -25.38
C PHE B 300 34.11 10.16 -25.02
N ASN B 301 35.40 10.19 -24.65
CA ASN B 301 35.96 11.40 -24.08
C ASN B 301 36.13 12.49 -25.13
N LEU B 302 36.37 12.16 -26.39
CA LEU B 302 36.56 13.22 -27.37
C LEU B 302 35.31 14.10 -27.47
N ALA B 303 34.11 13.50 -27.37
CA ALA B 303 32.90 14.28 -27.30
C ALA B 303 32.82 15.09 -26.01
N PHE B 304 33.38 14.59 -24.91
CA PHE B 304 33.36 15.38 -23.68
C PHE B 304 34.09 16.70 -23.89
N VAL B 305 35.26 16.66 -24.54
CA VAL B 305 36.05 17.87 -24.82
C VAL B 305 35.27 18.82 -25.74
N THR B 306 34.88 18.35 -26.93
CA THR B 306 34.19 19.26 -27.85
C THR B 306 32.89 19.78 -27.24
N ALA B 307 32.14 18.93 -26.53
CA ALA B 307 30.86 19.38 -25.95
C ALA B 307 31.07 20.40 -24.84
N ALA B 308 32.01 20.14 -23.93
CA ALA B 308 32.33 21.16 -22.92
C ALA B 308 32.78 22.45 -23.58
N ALA B 309 33.62 22.34 -24.62
CA ALA B 309 34.14 23.53 -25.30
C ALA B 309 33.03 24.34 -25.94
N ALA B 310 32.05 23.67 -26.57
CA ALA B 310 30.96 24.40 -27.20
C ALA B 310 30.11 25.13 -26.17
N MET B 311 29.84 24.49 -25.04
CA MET B 311 28.97 25.11 -24.06
C MET B 311 29.58 26.38 -23.52
N ARG B 312 30.87 26.34 -23.18
CA ARG B 312 31.53 27.52 -22.65
C ARG B 312 31.66 28.62 -23.69
N HIS B 313 31.86 28.25 -24.96
CA HIS B 313 32.11 29.27 -25.99
C HIS B 313 30.83 29.89 -26.51
N PHE B 314 29.80 29.08 -26.76
CA PHE B 314 28.57 29.67 -27.28
C PHE B 314 27.56 30.05 -26.21
N TRP B 315 27.57 29.38 -25.05
CA TRP B 315 26.49 29.54 -24.08
C TRP B 315 26.95 30.12 -22.75
N SER B 316 28.10 30.77 -22.69
CA SER B 316 28.42 31.47 -21.45
C SER B 316 27.61 32.75 -21.27
N ASP B 317 26.76 33.08 -22.23
CA ASP B 317 25.86 34.23 -22.16
C ASP B 317 24.91 34.12 -23.34
N ASP B 318 24.02 35.10 -23.49
CA ASP B 318 22.86 34.96 -24.34
C ASP B 318 22.97 35.69 -25.67
N THR B 319 24.18 36.14 -26.04
CA THR B 319 24.40 36.72 -27.36
C THR B 319 24.07 35.74 -28.47
N PHE B 320 24.72 34.56 -28.43
CA PHE B 320 24.51 33.54 -29.45
C PHE B 320 23.04 33.19 -29.56
N GLU B 321 22.40 32.95 -28.41
CA GLU B 321 20.96 32.71 -28.30
C GLU B 321 20.16 33.67 -29.16
N ARG B 322 20.39 34.97 -28.94
CA ARG B 322 19.57 35.97 -29.62
C ARG B 322 19.92 36.09 -31.08
N ASP B 323 21.18 35.80 -31.44
CA ASP B 323 21.51 35.82 -32.86
C ASP B 323 20.77 34.72 -33.63
N VAL B 324 20.60 33.53 -33.04
CA VAL B 324 19.77 32.49 -33.65
C VAL B 324 18.34 33.01 -33.85
N GLN B 325 17.77 33.60 -32.79
CA GLN B 325 16.47 34.26 -32.90
C GLN B 325 16.40 35.18 -34.12
N ARG B 326 17.42 36.04 -34.30
CA ARG B 326 17.35 36.98 -35.42
C ARG B 326 17.45 36.28 -36.77
N LYS B 327 18.32 35.27 -36.87
CA LYS B 327 18.44 34.53 -38.13
C LYS B 327 17.19 33.68 -38.40
N GLY B 328 16.60 33.10 -37.35
CA GLY B 328 15.34 32.41 -37.51
C GLY B 328 14.32 33.31 -38.17
N ARG B 329 14.38 34.62 -37.88
CA ARG B 329 13.39 35.52 -38.45
C ARG B 329 13.69 35.81 -39.91
N VAL B 330 14.96 35.90 -40.29
CA VAL B 330 15.30 36.03 -41.71
C VAL B 330 14.69 34.88 -42.51
N VAL B 331 14.87 33.65 -42.03
CA VAL B 331 14.34 32.48 -42.73
C VAL B 331 12.82 32.50 -42.78
N GLU B 332 12.17 32.83 -41.65
CA GLU B 332 10.72 32.98 -41.59
C GLU B 332 10.20 33.92 -42.67
N ASP B 333 10.86 35.06 -42.82
CA ASP B 333 10.46 36.03 -43.85
C ASP B 333 10.57 35.43 -45.25
N ARG B 334 11.75 34.95 -45.62
CA ARG B 334 11.96 34.40 -46.95
C ARG B 334 11.15 33.14 -47.20
N PHE B 335 10.78 32.38 -46.16
CA PHE B 335 9.98 31.18 -46.36
C PHE B 335 8.51 31.55 -46.60
N GLN B 336 8.01 32.54 -45.84
CA GLN B 336 6.68 33.09 -46.11
C GLN B 336 6.57 33.63 -47.54
N LYS B 337 7.44 34.57 -47.91
CA LYS B 337 7.45 35.14 -49.26
C LYS B 337 7.47 34.04 -50.31
N LEU B 338 8.36 33.06 -50.12
CA LEU B 338 8.40 31.93 -51.03
C LEU B 338 7.06 31.20 -51.06
N ALA B 339 6.39 31.10 -49.91
CA ALA B 339 5.12 30.38 -49.85
C ALA B 339 4.03 31.16 -50.58
N SER B 340 4.01 32.49 -50.44
CA SER B 340 3.07 33.31 -51.20
C SER B 340 3.25 33.08 -52.70
N PHE B 341 4.49 33.24 -53.18
CA PHE B 341 4.81 32.98 -54.57
C PHE B 341 4.22 31.66 -55.05
N MET B 342 4.35 30.60 -54.26
CA MET B 342 3.95 29.28 -54.75
C MET B 342 2.44 29.13 -54.80
N THR B 343 1.71 29.63 -53.78
CA THR B 343 0.26 29.60 -53.74
C THR B 343 -0.36 30.30 -54.93
N GLU B 344 0.03 31.54 -55.13
CA GLU B 344 -0.51 32.44 -56.15
C GLU B 344 -0.19 32.01 -57.56
N LYS B 345 0.71 31.05 -57.73
CA LYS B 345 0.87 30.34 -59.00
C LYS B 345 0.09 29.04 -59.03
N GLY B 346 -0.96 28.93 -58.21
CA GLY B 346 -1.85 27.79 -58.23
C GLY B 346 -1.38 26.53 -57.51
N HIS B 347 -0.57 26.68 -56.45
CA HIS B 347 0.08 25.53 -55.80
C HIS B 347 0.36 25.84 -54.33
N PRO B 348 -0.47 25.34 -53.41
CA PRO B 348 -0.48 25.89 -52.05
C PRO B 348 0.74 25.52 -51.21
N ALA B 349 1.11 26.47 -50.35
CA ALA B 349 2.32 26.40 -49.53
C ALA B 349 2.16 27.26 -48.28
N SER B 350 2.81 26.84 -47.20
CA SER B 350 2.84 27.60 -45.96
C SER B 350 4.20 27.42 -45.30
N GLU B 351 4.46 28.25 -44.28
CA GLU B 351 5.68 28.20 -43.50
C GLU B 351 5.33 27.93 -42.03
N ARG B 352 6.19 27.18 -41.34
CA ARG B 352 6.07 27.08 -39.88
C ARG B 352 7.45 26.84 -39.28
N GLY B 353 7.56 27.14 -37.99
CA GLY B 353 8.73 26.69 -37.25
C GLY B 353 9.03 27.61 -36.08
N ARG B 354 10.20 27.37 -35.50
CA ARG B 354 10.63 28.05 -34.29
C ARG B 354 12.15 28.12 -34.34
N GLY B 355 12.70 29.29 -34.09
CA GLY B 355 14.13 29.49 -34.30
C GLY B 355 14.57 29.10 -35.70
N LEU B 356 15.76 28.51 -35.77
CA LEU B 356 16.29 28.04 -37.05
C LEU B 356 15.85 26.61 -37.36
N MET B 357 14.73 26.19 -36.80
CA MET B 357 14.05 24.96 -37.18
C MET B 357 12.80 25.41 -37.92
N ARG B 358 12.90 25.54 -39.25
CA ARG B 358 11.82 26.06 -40.07
C ARG B 358 11.54 25.14 -41.25
N GLY B 359 10.31 25.25 -41.78
CA GLY B 359 9.86 24.40 -42.86
C GLY B 359 9.00 25.14 -43.86
N LEU B 360 9.18 24.83 -45.13
CA LEU B 360 8.38 25.41 -46.21
C LEU B 360 7.53 24.26 -46.77
N ASP B 361 6.25 24.25 -46.41
CA ASP B 361 5.33 23.17 -46.75
C ASP B 361 4.80 23.41 -48.16
N VAL B 362 5.38 22.74 -49.14
CA VAL B 362 4.74 22.63 -50.43
C VAL B 362 3.69 21.52 -50.36
N GLY B 363 2.81 21.46 -51.34
CA GLY B 363 1.69 20.54 -51.25
C GLY B 363 2.12 19.09 -51.04
N ASP B 364 2.99 18.61 -51.93
CA ASP B 364 3.22 17.18 -52.04
C ASP B 364 4.70 16.88 -52.15
N GLY B 365 5.03 15.61 -51.90
CA GLY B 365 6.41 15.17 -51.87
C GLY B 365 7.08 15.16 -53.22
N ASP B 366 6.34 15.34 -54.30
CA ASP B 366 6.94 15.32 -55.63
C ASP B 366 7.36 16.73 -56.06
N MET B 367 6.58 17.74 -55.70
CA MET B 367 7.01 19.10 -55.95
C MET B 367 8.22 19.45 -55.09
N ALA B 368 8.25 18.94 -53.84
CA ALA B 368 9.37 19.21 -52.95
C ALA B 368 10.63 18.48 -53.40
N ASP B 369 10.50 17.31 -54.01
CA ASP B 369 11.67 16.66 -54.56
C ASP B 369 12.22 17.46 -55.73
N LYS B 370 11.31 17.95 -56.59
CA LYS B 370 11.74 18.80 -57.70
C LYS B 370 12.52 20.01 -57.20
N ILE B 371 12.00 20.70 -56.18
CA ILE B 371 12.70 21.87 -55.64
C ILE B 371 14.03 21.48 -54.98
N THR B 372 14.03 20.41 -54.20
CA THR B 372 15.23 20.01 -53.47
C THR B 372 16.34 19.58 -54.40
N ALA B 373 16.00 18.92 -55.50
CA ALA B 373 17.03 18.45 -56.41
C ALA B 373 17.56 19.59 -57.25
N GLN B 374 16.68 20.53 -57.63
CA GLN B 374 17.10 21.72 -58.37
C GLN B 374 18.05 22.56 -57.53
N ALA B 375 17.70 22.77 -56.26
CA ALA B 375 18.60 23.45 -55.34
C ALA B 375 19.96 22.77 -55.28
N PHE B 376 19.99 21.44 -55.39
CA PHE B 376 21.28 20.76 -55.39
C PHE B 376 22.11 21.14 -56.62
N LYS B 377 21.47 21.29 -57.77
CA LYS B 377 22.21 21.68 -58.95
C LYS B 377 22.65 23.14 -58.89
N ASN B 378 22.01 23.96 -58.05
CA ASN B 378 22.41 25.34 -57.90
C ASN B 378 23.33 25.57 -56.72
N GLY B 379 23.76 24.50 -56.04
CA GLY B 379 24.74 24.60 -54.98
C GLY B 379 24.20 24.70 -53.58
N LEU B 380 22.93 24.35 -53.37
CA LEU B 380 22.32 24.31 -52.04
C LEU B 380 22.01 22.87 -51.65
N ILE B 381 22.42 22.49 -50.44
CA ILE B 381 22.08 21.19 -49.87
C ILE B 381 20.92 21.42 -48.91
N ILE B 382 19.73 20.93 -49.28
CA ILE B 382 18.53 21.08 -48.48
C ILE B 382 17.72 19.79 -48.63
N GLU B 383 17.16 19.33 -47.51
CA GLU B 383 16.47 18.05 -47.40
C GLU B 383 15.01 18.32 -47.06
N THR B 384 14.15 17.33 -47.32
CA THR B 384 12.75 17.38 -46.95
C THR B 384 12.44 16.48 -45.75
N SER B 385 11.42 16.87 -44.99
CA SER B 385 10.81 16.00 -43.99
C SER B 385 9.31 15.84 -44.26
N GLY B 386 8.51 15.57 -43.22
CA GLY B 386 7.10 15.30 -43.39
C GLY B 386 6.80 13.83 -43.65
N HIS B 387 5.51 13.50 -43.63
CA HIS B 387 5.13 12.11 -43.83
C HIS B 387 5.13 11.70 -45.29
N SER B 388 4.81 12.63 -46.21
CA SER B 388 4.95 12.40 -47.66
C SER B 388 6.31 12.86 -48.22
N GLY B 389 7.12 13.57 -47.44
CA GLY B 389 8.30 14.22 -47.96
C GLY B 389 8.08 15.60 -48.55
N GLN B 390 7.15 16.39 -47.96
CA GLN B 390 6.61 17.63 -48.55
C GLN B 390 7.03 18.91 -47.82
N VAL B 391 7.84 18.82 -46.77
CA VAL B 391 8.25 19.98 -45.97
C VAL B 391 9.74 20.24 -46.22
N ILE B 392 10.07 21.33 -46.89
CA ILE B 392 11.46 21.66 -47.08
C ILE B 392 11.94 22.28 -45.78
N LYS B 393 12.84 21.61 -45.08
CA LYS B 393 13.25 22.08 -43.77
C LYS B 393 14.54 22.87 -43.86
N CYS B 394 14.59 23.97 -43.14
CA CYS B 394 15.84 24.68 -42.88
C CYS B 394 16.48 24.07 -41.64
N LEU B 395 17.59 23.38 -41.81
CA LEU B 395 18.41 22.93 -40.71
C LEU B 395 19.83 23.44 -40.86
N CYS B 396 19.97 24.69 -41.31
CA CYS B 396 21.27 25.31 -41.50
C CYS B 396 22.00 25.50 -40.17
N PRO B 397 23.31 25.62 -40.19
CA PRO B 397 24.04 25.79 -38.92
C PRO B 397 23.62 27.05 -38.19
N LEU B 398 23.60 26.98 -36.85
CA LEU B 398 23.22 28.15 -36.09
C LEU B 398 24.27 29.26 -36.23
N THR B 399 25.51 28.87 -36.49
CA THR B 399 26.60 29.80 -36.61
C THR B 399 26.72 30.42 -38.00
N ILE B 400 25.81 30.07 -38.93
CA ILE B 400 25.94 30.53 -40.32
C ILE B 400 26.12 32.04 -40.35
N THR B 401 26.90 32.51 -41.32
CA THR B 401 27.07 33.93 -41.52
C THR B 401 25.87 34.45 -42.28
N ASP B 402 25.55 35.72 -42.02
CA ASP B 402 24.49 36.39 -42.76
C ASP B 402 24.67 36.23 -44.26
N GLU B 403 25.92 36.36 -44.73
CA GLU B 403 26.25 36.15 -46.14
C GLU B 403 25.79 34.80 -46.65
N ASP B 404 26.20 33.71 -45.96
CA ASP B 404 25.85 32.38 -46.44
C ASP B 404 24.39 32.04 -46.21
N LEU B 405 23.75 32.70 -45.23
CA LEU B 405 22.32 32.48 -44.99
C LEU B 405 21.48 33.09 -46.10
N VAL B 406 21.65 34.37 -46.34
CA VAL B 406 20.95 35.00 -47.45
C VAL B 406 21.37 34.35 -48.76
N GLY B 407 22.65 34.01 -48.89
CA GLY B 407 23.10 33.31 -50.09
C GLY B 407 22.38 31.98 -50.29
N GLY B 408 22.26 31.19 -49.21
CA GLY B 408 21.53 29.95 -49.32
C GLY B 408 20.06 30.13 -49.62
N LEU B 409 19.41 31.10 -48.96
CA LEU B 409 18.00 31.33 -49.23
C LEU B 409 17.78 31.88 -50.64
N ASP B 410 18.73 32.69 -51.12
CA ASP B 410 18.69 33.13 -52.52
C ASP B 410 18.71 31.96 -53.48
N ILE B 411 19.50 30.92 -53.20
CA ILE B 411 19.57 29.79 -54.12
C ILE B 411 18.25 29.05 -54.11
N LEU B 412 17.63 28.93 -52.92
CA LEU B 412 16.34 28.25 -52.79
C LEU B 412 15.26 28.93 -53.64
N GLU B 413 15.15 30.25 -53.54
CA GLU B 413 14.06 30.96 -54.22
C GLU B 413 14.20 30.86 -55.74
N GLN B 414 15.42 31.12 -56.23
CA GLN B 414 15.72 30.85 -57.63
C GLN B 414 15.33 29.42 -58.01
N SER B 415 15.73 28.45 -57.19
CA SER B 415 15.43 27.06 -57.49
C SER B 415 13.93 26.79 -57.54
N VAL B 416 13.16 27.50 -56.69
CA VAL B 416 11.70 27.35 -56.70
C VAL B 416 11.10 28.02 -57.93
N LYS B 417 11.53 29.26 -58.21
CA LYS B 417 11.10 29.93 -59.43
C LYS B 417 11.50 29.12 -60.66
N GLU B 418 12.67 28.48 -60.62
CA GLU B 418 13.13 27.66 -61.74
C GLU B 418 12.19 26.48 -61.99
N VAL B 419 11.71 25.84 -60.91
CA VAL B 419 10.88 24.66 -61.10
C VAL B 419 9.50 25.04 -61.65
N PHE B 420 8.99 26.22 -61.28
CA PHE B 420 7.76 26.70 -61.87
C PHE B 420 7.99 27.19 -63.30
N GLY B 421 8.54 26.33 -64.15
CA GLY B 421 8.83 26.67 -65.54
C GLY B 421 9.30 25.45 -66.34
N THR C 3 -25.74 -24.07 2.90
CA THR C 3 -25.33 -23.62 1.57
C THR C 3 -24.25 -22.53 1.67
N GLN C 4 -23.06 -22.99 2.09
CA GLN C 4 -21.86 -22.16 2.20
C GLN C 4 -20.62 -22.96 1.82
N ILE C 5 -20.74 -23.81 0.79
CA ILE C 5 -19.62 -24.57 0.24
C ILE C 5 -19.30 -23.98 -1.13
N LEU C 6 -20.33 -23.39 -1.76
CA LEU C 6 -20.10 -22.58 -2.96
C LEU C 6 -19.21 -21.38 -2.67
N GLU C 7 -19.15 -20.95 -1.40
CA GLU C 7 -18.23 -19.91 -0.95
C GLU C 7 -16.83 -20.45 -0.66
N ARG C 8 -16.74 -21.72 -0.21
CA ARG C 8 -15.49 -22.37 0.19
C ARG C 8 -14.78 -23.07 -0.97
N MET C 9 -15.52 -23.72 -1.86
CA MET C 9 -14.92 -24.52 -2.94
C MET C 9 -14.64 -23.72 -4.21
N GLU C 10 -15.06 -22.46 -4.28
CA GLU C 10 -14.96 -21.66 -5.49
C GLU C 10 -13.98 -20.51 -5.29
N SER C 11 -13.22 -20.22 -6.36
CA SER C 11 -12.29 -19.10 -6.41
C SER C 11 -13.02 -17.78 -6.15
N GLU C 12 -12.28 -16.78 -5.64
CA GLU C 12 -12.82 -15.44 -5.39
C GLU C 12 -12.83 -14.57 -6.64
N VAL C 13 -12.63 -15.17 -7.83
CA VAL C 13 -12.82 -14.50 -9.11
C VAL C 13 -14.31 -14.26 -9.40
N ARG C 14 -15.20 -15.00 -8.74
CA ARG C 14 -16.64 -14.93 -8.99
C ARG C 14 -17.17 -13.49 -8.89
N THR C 15 -18.09 -13.14 -9.80
CA THR C 15 -18.67 -11.79 -9.83
C THR C 15 -20.19 -11.75 -9.71
N TYR C 16 -20.92 -12.64 -10.40
CA TYR C 16 -22.38 -12.71 -10.30
C TYR C 16 -22.84 -13.56 -9.12
N SER C 17 -21.90 -14.23 -8.41
CA SER C 17 -22.20 -14.89 -7.13
C SER C 17 -22.38 -13.89 -5.99
N ARG C 18 -21.66 -12.75 -6.05
CA ARG C 18 -21.76 -11.67 -5.07
C ARG C 18 -22.90 -10.69 -5.36
N SER C 19 -23.31 -10.56 -6.64
CA SER C 19 -24.39 -9.64 -7.03
C SER C 19 -25.78 -10.21 -6.71
N PHE C 20 -25.93 -11.54 -6.76
CA PHE C 20 -27.20 -12.21 -6.49
C PHE C 20 -26.92 -13.46 -5.67
N PRO C 21 -26.79 -13.32 -4.31
CA PRO C 21 -26.36 -14.45 -3.45
C PRO C 21 -27.49 -15.35 -2.96
N THR C 22 -28.25 -15.90 -3.90
CA THR C 22 -29.25 -16.93 -3.62
C THR C 22 -28.93 -18.19 -4.42
N VAL C 23 -29.62 -19.27 -4.09
CA VAL C 23 -29.50 -20.54 -4.82
C VAL C 23 -30.68 -20.65 -5.78
N PHE C 24 -30.41 -20.49 -7.07
CA PHE C 24 -31.45 -20.59 -8.08
C PHE C 24 -31.71 -22.03 -8.44
N THR C 25 -32.98 -22.34 -8.62
CA THR C 25 -33.37 -23.72 -8.90
C THR C 25 -33.88 -23.85 -10.32
N GLU C 26 -35.16 -23.52 -10.52
CA GLU C 26 -35.85 -23.74 -11.78
C GLU C 26 -36.22 -22.41 -12.41
N ALA C 27 -36.01 -22.31 -13.73
CA ALA C 27 -36.27 -21.09 -14.48
C ALA C 27 -37.09 -21.40 -15.73
N LYS C 28 -37.95 -20.44 -16.09
CA LYS C 28 -38.75 -20.56 -17.29
C LYS C 28 -39.16 -19.16 -17.72
N GLY C 29 -38.93 -18.83 -18.98
CA GLY C 29 -39.26 -17.52 -19.49
C GLY C 29 -38.37 -16.41 -18.96
N ALA C 30 -38.96 -15.44 -18.28
CA ALA C 30 -38.21 -14.37 -17.65
C ALA C 30 -38.37 -14.40 -16.14
N ARG C 31 -38.85 -15.52 -15.59
CA ARG C 31 -38.96 -15.75 -14.15
C ARG C 31 -38.00 -16.86 -13.72
N LEU C 32 -37.31 -16.62 -12.60
CA LEU C 32 -36.40 -17.59 -12.00
C LEU C 32 -36.82 -17.87 -10.57
N HIS C 33 -36.95 -19.15 -10.22
CA HIS C 33 -37.26 -19.60 -8.87
C HIS C 33 -35.98 -19.73 -8.06
N ALA C 34 -36.10 -19.53 -6.74
CA ALA C 34 -35.01 -19.78 -5.82
C ALA C 34 -35.38 -20.91 -4.87
N GLU C 35 -34.36 -21.49 -4.22
CA GLU C 35 -34.59 -22.47 -3.16
C GLU C 35 -35.43 -21.88 -2.04
N ASP C 36 -35.17 -20.63 -1.71
CA ASP C 36 -35.94 -19.82 -0.79
C ASP C 36 -37.36 -19.58 -1.30
N GLY C 37 -37.69 -20.11 -2.47
CA GLY C 37 -39.08 -20.02 -2.88
C GLY C 37 -39.36 -18.65 -3.44
N ASN C 38 -38.38 -17.74 -3.34
CA ASN C 38 -38.49 -16.43 -3.95
C ASN C 38 -38.45 -16.54 -5.47
N GLN C 39 -39.10 -15.57 -6.13
CA GLN C 39 -39.25 -15.54 -7.58
C GLN C 39 -38.76 -14.21 -8.13
N TYR C 40 -38.00 -14.27 -9.22
CA TYR C 40 -37.31 -13.11 -9.76
C TYR C 40 -37.66 -12.92 -11.23
N ILE C 41 -37.88 -11.65 -11.62
CA ILE C 41 -37.93 -11.24 -13.03
C ILE C 41 -36.51 -11.00 -13.51
N ASP C 42 -36.14 -11.62 -14.62
CA ASP C 42 -34.75 -11.58 -15.11
C ASP C 42 -34.63 -10.57 -16.25
N PHE C 43 -34.03 -9.42 -15.98
CA PHE C 43 -33.63 -8.47 -17.00
C PHE C 43 -32.17 -8.61 -17.37
N LEU C 44 -31.58 -9.77 -17.08
CA LEU C 44 -30.18 -10.02 -17.39
C LEU C 44 -30.06 -11.13 -18.42
N ALA C 45 -30.56 -12.32 -18.12
CA ALA C 45 -30.67 -13.40 -19.11
C ALA C 45 -29.28 -13.79 -19.65
N GLY C 46 -28.38 -14.11 -18.75
CA GLY C 46 -27.05 -14.56 -19.14
C GLY C 46 -26.22 -13.52 -19.88
N ALA C 47 -26.32 -12.25 -19.46
CA ALA C 47 -25.73 -11.10 -20.16
C ALA C 47 -26.18 -11.04 -21.61
N GLY C 48 -27.42 -11.46 -21.86
CA GLY C 48 -27.98 -11.50 -23.18
C GLY C 48 -27.84 -12.81 -23.90
N THR C 49 -27.88 -13.95 -23.19
CA THR C 49 -27.71 -15.30 -23.73
C THR C 49 -29.03 -16.06 -23.89
N LEU C 50 -30.10 -15.60 -23.24
CA LEU C 50 -31.42 -16.20 -23.35
C LEU C 50 -32.39 -15.17 -23.98
N ASN C 51 -32.14 -14.87 -25.25
CA ASN C 51 -33.00 -13.94 -25.97
C ASN C 51 -34.41 -14.50 -26.18
N TYR C 52 -34.60 -15.81 -26.05
CA TYR C 52 -35.92 -16.44 -26.05
C TYR C 52 -36.30 -16.93 -24.66
N GLY C 53 -35.74 -16.30 -23.62
CA GLY C 53 -36.04 -16.65 -22.24
C GLY C 53 -35.45 -17.99 -21.81
N HIS C 54 -35.65 -18.28 -20.53
CA HIS C 54 -35.18 -19.54 -19.96
C HIS C 54 -36.07 -20.67 -20.43
N ASN C 55 -35.45 -21.74 -20.92
CA ASN C 55 -36.10 -23.00 -21.24
C ASN C 55 -37.36 -22.80 -22.09
N HIS C 56 -37.18 -22.22 -23.27
CA HIS C 56 -38.29 -22.07 -24.18
C HIS C 56 -38.87 -23.46 -24.51
N PRO C 57 -40.19 -23.63 -24.44
CA PRO C 57 -40.74 -24.98 -24.58
C PRO C 57 -40.50 -25.60 -25.95
N LYS C 58 -40.59 -24.81 -27.02
CA LYS C 58 -40.36 -25.37 -28.34
C LYS C 58 -38.94 -25.89 -28.48
N LEU C 59 -37.95 -25.09 -28.03
CA LEU C 59 -36.55 -25.53 -28.10
C LEU C 59 -36.28 -26.67 -27.12
N LYS C 60 -36.80 -26.54 -25.89
CA LYS C 60 -36.78 -27.64 -24.92
C LYS C 60 -37.26 -28.95 -25.52
N GLN C 61 -38.33 -28.90 -26.30
CA GLN C 61 -38.81 -30.10 -26.98
C GLN C 61 -37.81 -30.59 -28.03
N ALA C 62 -37.29 -29.67 -28.86
CA ALA C 62 -36.33 -30.11 -29.86
C ALA C 62 -35.11 -30.75 -29.20
N LEU C 63 -34.61 -30.15 -28.11
CA LEU C 63 -33.47 -30.71 -27.39
C LEU C 63 -33.82 -32.07 -26.78
N ALA C 64 -34.92 -32.13 -26.00
CA ALA C 64 -35.33 -33.38 -25.35
C ALA C 64 -35.40 -34.56 -26.32
N ASP C 65 -35.92 -34.32 -27.53
CA ASP C 65 -36.12 -35.39 -28.52
C ASP C 65 -34.80 -35.85 -29.13
N TYR C 66 -33.86 -34.93 -29.34
CA TYR C 66 -32.56 -35.33 -29.86
C TYR C 66 -31.83 -36.18 -28.83
N ILE C 67 -31.88 -35.80 -27.56
CA ILE C 67 -31.28 -36.60 -26.49
C ILE C 67 -31.94 -37.98 -26.45
N ALA C 68 -33.28 -37.99 -26.50
CA ALA C 68 -34.02 -39.24 -26.42
C ALA C 68 -33.65 -40.19 -27.55
N SER C 69 -33.28 -39.65 -28.72
CA SER C 69 -32.93 -40.44 -29.89
C SER C 69 -31.48 -40.93 -29.89
N ASP C 70 -30.71 -40.65 -28.84
CA ASP C 70 -29.28 -40.97 -28.80
C ASP C 70 -28.54 -40.32 -29.97
N GLY C 71 -28.90 -39.08 -30.28
CA GLY C 71 -28.16 -38.33 -31.28
C GLY C 71 -26.75 -38.03 -30.81
N ILE C 72 -25.84 -37.91 -31.77
CA ILE C 72 -24.43 -37.73 -31.44
C ILE C 72 -24.22 -36.32 -30.90
N VAL C 73 -23.63 -36.23 -29.70
CA VAL C 73 -23.48 -34.95 -29.03
C VAL C 73 -22.21 -34.24 -29.45
N HIS C 74 -21.09 -34.92 -29.35
CA HIS C 74 -19.80 -34.33 -29.64
C HIS C 74 -19.36 -34.81 -31.02
N GLY C 75 -19.53 -33.96 -32.02
CA GLY C 75 -19.20 -34.38 -33.36
C GLY C 75 -17.84 -33.96 -33.86
N LEU C 76 -17.05 -33.27 -33.02
CA LEU C 76 -15.76 -32.74 -33.45
C LEU C 76 -15.94 -31.89 -34.70
N ASP C 77 -15.43 -32.39 -35.83
CA ASP C 77 -15.63 -31.78 -37.13
C ASP C 77 -16.41 -32.66 -38.09
N MET C 78 -16.66 -33.92 -37.74
CA MET C 78 -17.33 -34.85 -38.63
C MET C 78 -18.72 -34.32 -39.02
N TRP C 79 -19.10 -34.59 -40.27
CA TRP C 79 -20.45 -34.26 -40.69
C TRP C 79 -21.45 -35.08 -39.89
N SER C 80 -22.56 -34.43 -39.57
CA SER C 80 -23.66 -35.11 -38.90
C SER C 80 -24.96 -34.53 -39.43
N ALA C 81 -26.05 -35.15 -39.00
CA ALA C 81 -27.36 -34.61 -39.32
C ALA C 81 -27.49 -33.22 -38.76
N ALA C 82 -27.33 -33.09 -37.43
CA ALA C 82 -27.62 -31.82 -36.78
C ALA C 82 -26.73 -30.71 -37.32
N LYS C 83 -25.51 -31.04 -37.79
CA LYS C 83 -24.67 -30.01 -38.39
C LYS C 83 -25.23 -29.57 -39.73
N ARG C 84 -25.58 -30.52 -40.61
CA ARG C 84 -26.16 -30.16 -41.91
C ARG C 84 -27.44 -29.33 -41.76
N ASP C 85 -28.34 -29.74 -40.86
CA ASP C 85 -29.57 -28.99 -40.64
C ASP C 85 -29.28 -27.56 -40.19
N TYR C 86 -28.23 -27.34 -39.39
CA TYR C 86 -27.93 -25.99 -38.94
C TYR C 86 -27.44 -25.11 -40.09
N LEU C 87 -26.55 -25.64 -40.93
CA LEU C 87 -26.09 -24.87 -42.09
C LEU C 87 -27.22 -24.62 -43.08
N GLU C 88 -28.10 -25.61 -43.27
CA GLU C 88 -29.28 -25.42 -44.11
C GLU C 88 -30.13 -24.26 -43.60
N THR C 89 -30.64 -24.40 -42.37
CA THR C 89 -31.64 -23.47 -41.82
C THR C 89 -31.05 -22.07 -41.67
N LEU C 90 -29.76 -21.97 -41.38
CA LEU C 90 -29.09 -20.67 -41.35
C LEU C 90 -29.12 -20.03 -42.72
N GLU C 91 -28.68 -20.75 -43.75
CA GLU C 91 -28.70 -20.21 -45.10
C GLU C 91 -30.13 -19.87 -45.53
N GLU C 92 -31.06 -20.80 -45.30
CA GLU C 92 -32.42 -20.69 -45.84
C GLU C 92 -33.27 -19.68 -45.09
N VAL C 93 -33.37 -19.81 -43.76
CA VAL C 93 -34.25 -18.93 -42.98
C VAL C 93 -33.62 -17.60 -42.61
N ILE C 94 -32.32 -17.41 -42.80
CA ILE C 94 -31.69 -16.25 -42.20
C ILE C 94 -30.89 -15.47 -43.23
N LEU C 95 -29.94 -16.15 -43.88
CA LEU C 95 -28.99 -15.45 -44.75
C LEU C 95 -29.67 -14.99 -46.04
N LYS C 96 -30.24 -15.93 -46.81
CA LYS C 96 -30.86 -15.61 -48.09
C LYS C 96 -31.96 -14.56 -47.98
N PRO C 97 -33.00 -14.72 -47.13
CA PRO C 97 -33.98 -13.63 -47.00
C PRO C 97 -33.37 -12.25 -46.81
N ARG C 98 -32.24 -12.14 -46.11
CA ARG C 98 -31.51 -10.89 -45.96
C ARG C 98 -30.47 -10.68 -47.06
N GLY C 99 -30.47 -11.53 -48.07
CA GLY C 99 -29.46 -11.47 -49.10
C GLY C 99 -28.04 -11.27 -48.59
N LEU C 100 -27.48 -12.27 -47.91
CA LEU C 100 -26.09 -12.24 -47.48
C LEU C 100 -25.38 -13.51 -47.92
N ASP C 101 -24.18 -13.34 -48.47
CA ASP C 101 -23.37 -14.42 -49.01
C ASP C 101 -22.30 -14.74 -47.97
N TYR C 102 -22.55 -15.75 -47.12
CA TYR C 102 -21.65 -16.06 -46.01
C TYR C 102 -21.43 -17.56 -45.90
N LYS C 103 -20.20 -17.93 -45.51
CA LYS C 103 -19.84 -19.27 -45.09
C LYS C 103 -19.58 -19.27 -43.57
N VAL C 104 -19.42 -20.46 -43.01
CA VAL C 104 -19.36 -20.65 -41.56
C VAL C 104 -18.09 -21.37 -41.15
N HIS C 105 -17.37 -20.79 -40.20
CA HIS C 105 -16.36 -21.49 -39.41
C HIS C 105 -16.94 -21.78 -38.03
N LEU C 106 -16.73 -22.99 -37.53
CA LEU C 106 -17.18 -23.35 -36.19
C LEU C 106 -15.97 -23.39 -35.28
N PRO C 107 -15.66 -22.31 -34.56
CA PRO C 107 -14.58 -22.37 -33.57
C PRO C 107 -15.06 -23.03 -32.30
N GLY C 108 -14.25 -22.97 -31.27
CA GLY C 108 -14.68 -23.37 -29.95
C GLY C 108 -15.91 -22.59 -29.55
N PRO C 109 -16.71 -23.17 -28.73
CA PRO C 109 -18.01 -22.58 -28.34
C PRO C 109 -17.96 -21.43 -27.34
N THR C 110 -17.06 -20.46 -27.56
CA THR C 110 -17.05 -19.26 -26.74
C THR C 110 -16.95 -18.04 -27.65
N GLY C 111 -17.36 -16.88 -27.10
CA GLY C 111 -17.22 -15.64 -27.84
C GLY C 111 -15.78 -15.18 -28.02
N THR C 112 -14.94 -15.33 -26.98
CA THR C 112 -13.50 -15.13 -27.15
C THR C 112 -12.96 -15.97 -28.29
N ASN C 113 -13.22 -17.28 -28.26
CA ASN C 113 -12.73 -18.18 -29.29
C ASN C 113 -13.18 -17.74 -30.68
N ALA C 114 -14.41 -17.20 -30.78
CA ALA C 114 -14.89 -16.71 -32.06
C ALA C 114 -14.11 -15.48 -32.51
N VAL C 115 -13.99 -14.48 -31.62
CA VAL C 115 -13.22 -13.28 -31.94
C VAL C 115 -11.78 -13.63 -32.33
N GLU C 116 -11.19 -14.62 -31.66
CA GLU C 116 -9.80 -14.98 -32.00
C GLU C 116 -9.71 -15.59 -33.39
N ALA C 117 -10.65 -16.48 -33.75
CA ALA C 117 -10.64 -17.06 -35.09
C ALA C 117 -10.81 -15.97 -36.14
N ALA C 118 -11.72 -15.02 -35.89
CA ALA C 118 -12.02 -13.98 -36.86
C ALA C 118 -10.83 -13.05 -37.10
N ILE C 119 -10.24 -12.51 -36.02
CA ILE C 119 -9.14 -11.58 -36.25
C ILE C 119 -7.89 -12.32 -36.72
N ARG C 120 -7.72 -13.58 -36.33
CA ARG C 120 -6.63 -14.39 -36.86
C ARG C 120 -6.79 -14.59 -38.35
N LEU C 121 -8.02 -14.96 -38.76
CA LEU C 121 -8.35 -15.09 -40.17
C LEU C 121 -8.13 -13.78 -40.93
N ALA C 122 -8.62 -12.67 -40.39
CA ALA C 122 -8.42 -11.37 -41.02
C ALA C 122 -6.93 -11.10 -41.27
N ARG C 123 -6.08 -11.37 -40.29
CA ARG C 123 -4.66 -11.10 -40.45
C ARG C 123 -4.06 -11.93 -41.57
N ASN C 124 -4.56 -13.14 -41.77
CA ASN C 124 -4.02 -14.00 -42.82
C ASN C 124 -4.49 -13.55 -44.20
N ALA C 125 -5.74 -13.12 -44.33
CA ALA C 125 -6.28 -12.69 -45.62
C ALA C 125 -5.57 -11.46 -46.14
N LYS C 126 -5.47 -10.44 -45.31
CA LYS C 126 -4.88 -9.18 -45.72
C LYS C 126 -3.37 -9.13 -45.53
N GLY C 127 -2.76 -10.14 -44.93
CA GLY C 127 -1.31 -10.12 -44.71
C GLY C 127 -0.82 -8.95 -43.88
N ARG C 128 -1.58 -8.53 -42.86
CA ARG C 128 -1.19 -7.44 -41.99
C ARG C 128 -1.60 -7.80 -40.57
N HIS C 129 -0.75 -7.45 -39.60
CA HIS C 129 -0.96 -7.90 -38.23
C HIS C 129 -1.90 -7.00 -37.45
N ASN C 130 -1.95 -5.72 -37.73
CA ASN C 130 -2.73 -4.83 -36.88
C ASN C 130 -4.24 -4.97 -37.09
N ILE C 131 -4.98 -4.72 -36.02
CA ILE C 131 -6.43 -4.76 -36.00
C ILE C 131 -6.91 -3.51 -35.30
N VAL C 132 -7.75 -2.73 -35.98
CA VAL C 132 -8.31 -1.55 -35.31
C VAL C 132 -9.55 -1.98 -34.54
N THR C 133 -9.63 -1.52 -33.29
CA THR C 133 -10.77 -1.67 -32.39
C THR C 133 -11.18 -0.27 -31.94
N PHE C 134 -12.22 -0.17 -31.10
CA PHE C 134 -12.75 1.12 -30.69
C PHE C 134 -12.79 1.27 -29.18
N THR C 135 -12.75 2.52 -28.72
CA THR C 135 -12.93 2.83 -27.29
C THR C 135 -14.10 2.06 -26.71
N ASN C 136 -13.93 1.61 -25.46
CA ASN C 136 -14.94 0.87 -24.71
C ASN C 136 -15.39 -0.40 -25.41
N GLY C 137 -14.68 -0.85 -26.44
CA GLY C 137 -14.98 -2.13 -27.01
C GLY C 137 -14.68 -3.26 -26.03
N PHE C 138 -15.52 -4.31 -26.07
CA PHE C 138 -15.25 -5.54 -25.35
C PHE C 138 -15.43 -6.71 -26.30
N HIS C 139 -14.41 -7.55 -26.41
CA HIS C 139 -14.42 -8.64 -27.37
C HIS C 139 -13.80 -9.92 -26.82
N GLY C 140 -13.60 -10.05 -25.52
CA GLY C 140 -13.10 -11.26 -24.92
C GLY C 140 -11.80 -11.04 -24.15
N VAL C 141 -11.44 -12.06 -23.38
CA VAL C 141 -10.37 -11.93 -22.39
C VAL C 141 -9.24 -12.93 -22.58
N THR C 142 -9.32 -13.86 -23.54
CA THR C 142 -8.12 -14.59 -23.95
C THR C 142 -7.14 -13.64 -24.63
N MET C 143 -5.88 -14.05 -24.68
CA MET C 143 -4.80 -13.10 -24.98
C MET C 143 -4.97 -12.41 -26.33
N GLY C 144 -5.51 -13.13 -27.32
CA GLY C 144 -5.66 -12.54 -28.66
C GLY C 144 -6.81 -11.55 -28.73
N ALA C 145 -7.96 -11.92 -28.19
CA ALA C 145 -9.05 -10.97 -28.17
C ALA C 145 -8.79 -9.86 -27.18
N LEU C 146 -7.94 -10.12 -26.18
CA LEU C 146 -7.68 -9.14 -25.13
C LEU C 146 -7.06 -7.87 -25.68
N ALA C 147 -6.25 -7.99 -26.76
CA ALA C 147 -5.63 -6.82 -27.36
C ALA C 147 -6.66 -5.85 -27.90
N THR C 148 -7.81 -6.34 -28.32
CA THR C 148 -8.88 -5.49 -28.82
C THR C 148 -9.83 -5.02 -27.73
N THR C 149 -9.70 -5.52 -26.49
CA THR C 149 -10.60 -5.16 -25.40
C THR C 149 -10.01 -3.97 -24.62
N GLY C 150 -10.88 -3.02 -24.26
CA GLY C 150 -10.40 -1.80 -23.63
C GLY C 150 -10.19 -1.87 -22.13
N ASN C 151 -10.93 -2.72 -21.42
CA ASN C 151 -10.95 -2.69 -19.96
C ASN C 151 -9.56 -2.90 -19.33
N ARG C 152 -9.09 -1.89 -18.61
CA ARG C 152 -7.85 -2.00 -17.84
C ARG C 152 -7.91 -3.16 -16.86
N LYS C 153 -9.08 -3.40 -16.26
CA LYS C 153 -9.20 -4.41 -15.21
C LYS C 153 -8.81 -5.80 -15.72
N PHE C 154 -9.12 -6.11 -16.97
CA PHE C 154 -8.68 -7.38 -17.54
C PHE C 154 -7.25 -7.29 -18.05
N ARG C 155 -6.89 -6.13 -18.63
CA ARG C 155 -5.59 -5.97 -19.26
C ARG C 155 -4.48 -5.83 -18.23
N GLU C 156 -4.81 -5.37 -17.03
CA GLU C 156 -3.82 -5.34 -15.96
C GLU C 156 -3.63 -6.70 -15.30
N ALA C 157 -4.42 -7.72 -15.67
CA ALA C 157 -4.40 -9.01 -14.99
C ALA C 157 -3.65 -10.08 -15.76
N THR C 158 -2.94 -9.71 -16.83
CA THR C 158 -2.28 -10.69 -17.69
C THR C 158 -0.98 -11.24 -17.12
N GLY C 159 -0.49 -10.68 -16.01
CA GLY C 159 0.73 -11.17 -15.41
C GLY C 159 1.99 -10.80 -16.16
N GLY C 160 2.14 -9.51 -16.51
CA GLY C 160 3.36 -8.98 -17.08
C GLY C 160 3.48 -9.07 -18.58
N ILE C 161 2.40 -9.42 -19.26
CA ILE C 161 2.39 -9.58 -20.71
C ILE C 161 1.51 -8.48 -21.29
N PRO C 162 2.09 -7.51 -21.98
CA PRO C 162 1.27 -6.51 -22.67
C PRO C 162 0.67 -7.14 -23.90
N THR C 163 -0.52 -6.68 -24.26
CA THR C 163 -1.14 -7.17 -25.47
C THR C 163 -0.42 -6.58 -26.70
N GLN C 164 -0.80 -7.06 -27.89
CA GLN C 164 -0.04 -6.79 -29.10
C GLN C 164 -0.93 -6.94 -30.33
N GLY C 165 -0.78 -6.04 -31.29
CA GLY C 165 -1.48 -6.16 -32.55
C GLY C 165 -2.83 -5.49 -32.62
N ALA C 166 -3.03 -4.38 -31.91
CA ALA C 166 -4.33 -3.72 -31.94
C ALA C 166 -4.14 -2.23 -31.67
N SER C 167 -4.87 -1.40 -32.43
CA SER C 167 -4.86 0.05 -32.23
C SER C 167 -6.28 0.51 -31.96
N PHE C 168 -6.43 1.46 -31.04
CA PHE C 168 -7.75 1.93 -30.62
C PHE C 168 -8.12 3.22 -31.34
N MET C 169 -9.35 3.27 -31.82
CA MET C 169 -9.89 4.49 -32.39
C MET C 169 -11.11 4.95 -31.58
N PRO C 170 -11.35 6.26 -31.48
CA PRO C 170 -12.51 6.74 -30.73
C PRO C 170 -13.82 6.32 -31.39
N PHE C 171 -14.71 5.73 -30.60
CA PHE C 171 -16.01 5.27 -31.08
C PHE C 171 -16.94 6.44 -31.30
N ASP C 172 -17.96 6.21 -32.14
CA ASP C 172 -18.93 7.23 -32.52
C ASP C 172 -19.39 8.01 -31.30
N GLY C 173 -19.15 9.31 -31.32
CA GLY C 173 -19.55 10.19 -30.24
C GLY C 173 -18.53 10.38 -29.14
N TYR C 174 -17.41 9.64 -29.18
CA TYR C 174 -16.45 9.73 -28.08
C TYR C 174 -15.89 11.14 -27.96
N MET C 175 -15.68 11.82 -29.09
CA MET C 175 -15.06 13.13 -29.12
C MET C 175 -16.07 14.25 -29.02
N GLY C 176 -17.16 14.03 -28.30
CA GLY C 176 -18.10 15.08 -27.98
C GLY C 176 -19.31 15.11 -28.89
N GLU C 177 -20.10 16.16 -28.65
CA GLU C 177 -21.29 16.43 -29.44
C GLU C 177 -20.91 16.81 -30.88
N GLY C 178 -21.64 16.23 -31.83
CA GLY C 178 -21.46 16.52 -33.25
C GLY C 178 -20.02 16.55 -33.70
N VAL C 179 -19.32 15.42 -33.57
CA VAL C 179 -17.96 15.29 -34.07
C VAL C 179 -17.85 13.93 -34.73
N ASP C 180 -17.48 13.91 -36.01
CA ASP C 180 -17.30 12.63 -36.69
C ASP C 180 -15.90 12.13 -36.38
N THR C 181 -15.83 11.18 -35.44
CA THR C 181 -14.57 10.56 -35.04
C THR C 181 -13.91 9.83 -36.18
N LEU C 182 -14.68 9.42 -37.20
CA LEU C 182 -14.13 8.67 -38.32
C LEU C 182 -13.20 9.50 -39.20
N SER C 183 -13.28 10.83 -39.13
CA SER C 183 -12.34 11.66 -39.87
C SER C 183 -10.93 11.45 -39.33
N TYR C 184 -10.77 11.55 -38.00
CA TYR C 184 -9.50 11.22 -37.36
C TYR C 184 -8.97 9.88 -37.87
N PHE C 185 -9.85 8.88 -37.94
CA PHE C 185 -9.45 7.57 -38.44
C PHE C 185 -8.92 7.67 -39.87
N GLU C 186 -9.69 8.28 -40.77
CA GLU C 186 -9.26 8.37 -42.16
C GLU C 186 -7.96 9.16 -42.30
N LYS C 187 -7.76 10.18 -41.48
CA LYS C 187 -6.49 10.92 -41.57
C LYS C 187 -5.31 10.02 -41.22
N LEU C 188 -5.40 9.29 -40.10
CA LEU C 188 -4.34 8.34 -39.72
C LEU C 188 -4.14 7.26 -40.77
N LEU C 189 -5.21 6.86 -41.47
CA LEU C 189 -5.06 5.82 -42.50
C LEU C 189 -4.17 6.29 -43.66
N GLY C 190 -4.12 7.60 -43.93
CA GLY C 190 -3.28 8.14 -44.96
C GLY C 190 -2.02 8.82 -44.49
N ASP C 191 -1.71 8.78 -43.21
CA ASP C 191 -0.54 9.45 -42.65
C ASP C 191 0.57 8.41 -42.46
N ASN C 192 1.67 8.58 -43.20
CA ASN C 192 2.75 7.60 -43.17
C ASN C 192 3.42 7.48 -41.80
N SER C 193 3.42 8.55 -40.99
CA SER C 193 4.01 8.49 -39.66
C SER C 193 3.01 8.89 -38.57
N GLY C 194 1.72 8.69 -38.83
CA GLY C 194 0.75 9.08 -37.81
C GLY C 194 0.71 8.13 -36.63
N GLY C 195 1.19 6.90 -36.81
CA GLY C 195 1.30 5.94 -35.73
C GLY C 195 0.44 4.71 -35.88
N LEU C 196 -0.51 4.71 -36.80
CA LEU C 196 -1.37 3.56 -37.05
C LEU C 196 -0.68 2.65 -38.06
N ASP C 197 -0.40 1.41 -37.66
CA ASP C 197 -0.02 0.41 -38.66
C ASP C 197 -1.24 0.04 -39.46
N VAL C 198 -1.08 -0.15 -40.77
CA VAL C 198 -2.24 -0.25 -41.65
C VAL C 198 -2.97 -1.53 -41.28
N PRO C 199 -4.24 -1.47 -40.88
CA PRO C 199 -4.88 -2.62 -40.26
C PRO C 199 -5.29 -3.63 -41.31
N ALA C 200 -5.34 -4.89 -40.87
CA ALA C 200 -6.00 -5.92 -41.66
C ALA C 200 -7.52 -5.82 -41.58
N ALA C 201 -8.06 -5.21 -40.52
CA ALA C 201 -9.50 -5.23 -40.29
C ALA C 201 -9.85 -4.25 -39.18
N VAL C 202 -11.15 -3.96 -39.07
CA VAL C 202 -11.73 -3.19 -37.98
C VAL C 202 -12.80 -4.06 -37.33
N ILE C 203 -12.78 -4.12 -35.99
CA ILE C 203 -13.75 -4.90 -35.22
C ILE C 203 -14.57 -3.94 -34.37
N ILE C 204 -15.89 -4.13 -34.35
CA ILE C 204 -16.79 -3.15 -33.77
C ILE C 204 -18.07 -3.83 -33.33
N GLU C 205 -18.65 -3.32 -32.24
CA GLU C 205 -20.03 -3.60 -31.88
C GLU C 205 -20.88 -2.44 -32.37
N THR C 206 -21.96 -2.75 -33.12
CA THR C 206 -22.83 -1.68 -33.59
C THR C 206 -23.57 -1.02 -32.44
N VAL C 207 -23.83 -1.77 -31.37
CA VAL C 207 -24.14 -1.21 -30.07
C VAL C 207 -23.18 -1.83 -29.06
N GLN C 208 -22.45 -0.99 -28.34
CA GLN C 208 -21.41 -1.49 -27.44
C GLN C 208 -22.05 -2.06 -26.19
N GLY C 209 -21.79 -3.35 -25.94
CA GLY C 209 -22.33 -4.06 -24.81
C GLY C 209 -21.73 -3.68 -23.48
N GLU C 210 -20.66 -4.37 -23.09
CA GLU C 210 -19.97 -4.03 -21.84
C GLU C 210 -19.68 -2.55 -21.74
N GLY C 211 -19.52 -1.87 -22.89
CA GLY C 211 -19.05 -0.50 -22.92
C GLY C 211 -20.03 0.55 -22.41
N GLY C 212 -21.29 0.19 -22.21
CA GLY C 212 -22.24 1.14 -21.63
C GLY C 212 -23.42 1.46 -22.53
N ILE C 213 -23.74 0.53 -23.44
CA ILE C 213 -24.85 0.65 -24.38
C ILE C 213 -24.68 1.91 -25.26
N ASN C 214 -23.64 1.91 -26.10
CA ASN C 214 -23.37 3.02 -26.99
C ASN C 214 -23.78 2.61 -28.40
N PRO C 215 -24.87 3.15 -28.93
CA PRO C 215 -25.24 2.78 -30.30
C PRO C 215 -24.61 3.70 -31.34
N ALA C 216 -23.67 3.18 -32.12
CA ALA C 216 -23.17 3.89 -33.29
C ALA C 216 -24.31 4.24 -34.23
N GLY C 217 -24.24 5.44 -34.81
CA GLY C 217 -25.30 5.90 -35.69
C GLY C 217 -25.27 5.23 -37.06
N ILE C 218 -26.42 5.22 -37.73
CA ILE C 218 -26.48 4.66 -39.08
C ILE C 218 -25.57 5.39 -40.04
N PRO C 219 -25.60 6.74 -40.14
CA PRO C 219 -24.60 7.43 -40.98
C PRO C 219 -23.20 6.90 -40.69
N TRP C 220 -22.78 7.07 -39.44
CA TRP C 220 -21.46 6.64 -38.95
C TRP C 220 -21.14 5.21 -39.40
N LEU C 221 -22.02 4.25 -39.10
CA LEU C 221 -21.78 2.89 -39.56
C LEU C 221 -21.56 2.82 -41.07
N GLN C 222 -22.36 3.57 -41.84
CA GLN C 222 -22.22 3.55 -43.30
C GLN C 222 -20.90 4.18 -43.74
N ARG C 223 -20.44 5.26 -43.08
CA ARG C 223 -19.15 5.80 -43.46
C ARG C 223 -18.04 4.81 -43.18
N LEU C 224 -18.14 4.08 -42.05
CA LEU C 224 -17.10 3.11 -41.68
C LEU C 224 -17.05 1.95 -42.66
N GLU C 225 -18.20 1.55 -43.23
CA GLU C 225 -18.17 0.58 -44.31
C GLU C 225 -17.41 1.10 -45.52
N LYS C 226 -17.71 2.34 -45.92
CA LYS C 226 -17.03 2.91 -47.08
C LYS C 226 -15.54 3.04 -46.82
N ILE C 227 -15.16 3.52 -45.62
CA ILE C 227 -13.74 3.65 -45.26
C ILE C 227 -13.02 2.31 -45.35
N CYS C 228 -13.69 1.22 -44.95
CA CYS C 228 -13.00 -0.07 -44.98
C CYS C 228 -12.79 -0.55 -46.40
N ARG C 229 -13.79 -0.38 -47.27
CA ARG C 229 -13.66 -0.90 -48.62
C ARG C 229 -12.64 -0.10 -49.42
N ASP C 230 -12.46 1.18 -49.07
CA ASP C 230 -11.53 2.03 -49.81
C ASP C 230 -10.08 1.74 -49.46
N HIS C 231 -9.78 1.54 -48.18
CA HIS C 231 -8.41 1.33 -47.71
C HIS C 231 -8.09 -0.15 -47.54
N ASP C 232 -8.89 -1.04 -48.14
CA ASP C 232 -8.57 -2.47 -48.22
C ASP C 232 -8.53 -3.11 -46.83
N MET C 233 -9.59 -2.87 -46.04
CA MET C 233 -9.72 -3.39 -44.68
C MET C 233 -11.01 -4.18 -44.54
N LEU C 234 -10.93 -5.38 -43.97
CA LEU C 234 -12.15 -6.13 -43.66
C LEU C 234 -12.93 -5.47 -42.51
N LEU C 235 -14.25 -5.58 -42.58
CA LEU C 235 -15.11 -5.15 -41.49
C LEU C 235 -15.58 -6.40 -40.75
N ILE C 236 -15.13 -6.58 -39.51
CA ILE C 236 -15.70 -7.56 -38.60
C ILE C 236 -16.73 -6.84 -37.77
N VAL C 237 -17.92 -7.41 -37.64
CA VAL C 237 -18.92 -6.91 -36.71
C VAL C 237 -19.07 -7.95 -35.62
N ASP C 238 -18.87 -7.53 -34.38
CA ASP C 238 -18.92 -8.41 -33.22
C ASP C 238 -20.34 -8.43 -32.67
N ASP C 239 -21.11 -9.44 -33.08
CA ASP C 239 -22.51 -9.52 -32.70
C ASP C 239 -22.75 -10.53 -31.57
N ILE C 240 -21.77 -10.70 -30.69
CA ILE C 240 -21.92 -11.64 -29.59
C ILE C 240 -23.11 -11.26 -28.72
N GLN C 241 -23.14 -10.01 -28.25
CA GLN C 241 -24.18 -9.55 -27.33
C GLN C 241 -25.30 -8.83 -28.05
N ALA C 242 -24.97 -8.01 -29.05
CA ALA C 242 -26.01 -7.27 -29.75
C ALA C 242 -26.66 -8.08 -30.89
N GLY C 243 -26.38 -9.37 -31.02
CA GLY C 243 -26.94 -10.16 -32.11
C GLY C 243 -28.24 -10.85 -31.74
N CYS C 244 -28.62 -11.81 -32.59
CA CYS C 244 -29.80 -12.66 -32.40
C CYS C 244 -31.04 -11.87 -31.97
N GLY C 245 -31.34 -10.82 -32.71
CA GLY C 245 -32.57 -10.09 -32.52
C GLY C 245 -32.54 -8.93 -31.53
N ARG C 246 -31.50 -8.81 -30.69
CA ARG C 246 -31.63 -7.94 -29.52
C ARG C 246 -31.89 -6.49 -29.90
N THR C 247 -31.36 -6.04 -31.03
CA THR C 247 -31.47 -4.64 -31.43
C THR C 247 -32.72 -4.36 -32.24
N GLY C 248 -33.55 -5.37 -32.50
CA GLY C 248 -34.69 -5.24 -33.39
C GLY C 248 -34.55 -6.02 -34.69
N LYS C 249 -33.34 -6.45 -35.03
CA LYS C 249 -33.09 -7.22 -36.24
C LYS C 249 -32.20 -8.39 -35.87
N PHE C 250 -32.19 -9.43 -36.72
CA PHE C 250 -31.34 -10.58 -36.42
C PHE C 250 -29.88 -10.15 -36.31
N PHE C 251 -29.37 -9.49 -37.34
CA PHE C 251 -28.05 -8.89 -37.28
C PHE C 251 -28.22 -7.41 -36.97
N SER C 252 -27.44 -6.91 -36.01
CA SER C 252 -27.64 -5.52 -35.63
C SER C 252 -27.22 -4.56 -36.74
N PHE C 253 -26.48 -5.03 -37.75
CA PHE C 253 -26.04 -4.16 -38.83
C PHE C 253 -27.08 -4.02 -39.93
N GLU C 254 -28.22 -4.70 -39.81
CA GLU C 254 -29.31 -4.51 -40.75
C GLU C 254 -29.83 -3.08 -40.72
N HIS C 255 -29.87 -2.48 -39.52
CA HIS C 255 -30.28 -1.07 -39.38
C HIS C 255 -29.52 -0.13 -40.30
N ALA C 256 -28.37 -0.54 -40.83
CA ALA C 256 -27.56 0.33 -41.67
C ALA C 256 -27.34 -0.23 -43.06
N GLY C 257 -27.85 -1.42 -43.36
CA GLY C 257 -27.76 -1.96 -44.70
C GLY C 257 -26.38 -2.39 -45.09
N ILE C 258 -25.38 -2.08 -44.25
CA ILE C 258 -24.02 -2.50 -44.54
C ILE C 258 -23.91 -4.01 -44.43
N THR C 259 -23.05 -4.61 -45.23
CA THR C 259 -22.82 -6.04 -45.05
C THR C 259 -21.36 -6.25 -44.66
N PRO C 260 -21.09 -6.74 -43.45
CA PRO C 260 -19.70 -6.92 -43.03
C PRO C 260 -19.01 -8.02 -43.81
N ASP C 261 -17.69 -8.04 -43.71
CA ASP C 261 -16.94 -9.16 -44.28
C ASP C 261 -16.80 -10.33 -43.33
N ILE C 262 -16.95 -10.09 -42.02
CA ILE C 262 -16.89 -11.13 -41.01
C ILE C 262 -17.89 -10.78 -39.91
N VAL C 263 -18.62 -11.78 -39.45
CA VAL C 263 -19.63 -11.64 -38.39
C VAL C 263 -19.39 -12.72 -37.34
N THR C 264 -19.48 -12.35 -36.07
CA THR C 264 -19.33 -13.28 -34.96
C THR C 264 -20.64 -13.35 -34.18
N ASN C 265 -21.04 -14.57 -33.83
CA ASN C 265 -22.20 -14.80 -32.97
C ASN C 265 -21.84 -15.80 -31.88
N SER C 266 -22.45 -15.65 -30.71
CA SER C 266 -22.30 -16.69 -29.70
C SER C 266 -23.43 -16.67 -28.67
N LYS C 267 -23.64 -15.52 -28.03
CA LYS C 267 -24.33 -15.53 -26.75
C LYS C 267 -25.67 -16.24 -26.87
N SER C 268 -26.58 -15.69 -27.68
CA SER C 268 -27.92 -16.23 -27.84
C SER C 268 -28.06 -17.17 -29.03
N LEU C 269 -26.96 -17.45 -29.73
CA LEU C 269 -27.02 -18.18 -31.00
C LEU C 269 -27.68 -19.55 -30.85
N SER C 270 -27.46 -20.25 -29.75
CA SER C 270 -28.14 -21.52 -29.53
C SER C 270 -29.54 -21.36 -28.95
N GLY C 271 -29.92 -20.16 -28.54
CA GLY C 271 -31.25 -19.90 -27.99
C GLY C 271 -31.57 -20.53 -26.65
N PHE C 272 -30.80 -21.52 -26.22
CA PHE C 272 -31.15 -22.29 -25.03
C PHE C 272 -30.16 -22.11 -23.88
N GLY C 273 -29.12 -21.29 -24.04
CA GLY C 273 -28.10 -21.17 -23.01
C GLY C 273 -27.02 -22.21 -23.11
N LEU C 274 -26.85 -22.80 -24.23
CA LEU C 274 -25.82 -23.79 -24.52
C LEU C 274 -24.60 -23.12 -25.15
N PRO C 275 -23.39 -23.41 -24.70
CA PRO C 275 -22.20 -22.82 -25.34
C PRO C 275 -22.17 -23.18 -26.82
N PHE C 276 -21.97 -22.16 -27.65
CA PHE C 276 -22.05 -22.26 -29.10
C PHE C 276 -21.65 -20.94 -29.72
N ALA C 277 -21.02 -20.99 -30.89
CA ALA C 277 -20.51 -19.79 -31.53
C ALA C 277 -20.08 -20.16 -32.93
N HIS C 278 -20.29 -19.25 -33.87
CA HIS C 278 -19.80 -19.44 -35.22
C HIS C 278 -19.18 -18.12 -35.69
N VAL C 279 -18.44 -18.21 -36.79
CA VAL C 279 -17.83 -17.06 -37.43
C VAL C 279 -18.35 -17.01 -38.86
N LEU C 280 -19.02 -15.93 -39.23
CA LEU C 280 -19.55 -15.74 -40.58
C LEU C 280 -18.56 -14.94 -41.41
N MET C 281 -18.21 -15.46 -42.57
CA MET C 281 -17.26 -14.83 -43.48
C MET C 281 -17.79 -14.84 -44.90
N ARG C 282 -17.26 -13.94 -45.71
CA ARG C 282 -17.60 -14.04 -47.11
C ARG C 282 -16.81 -15.19 -47.74
N PRO C 283 -17.40 -15.90 -48.71
CA PRO C 283 -16.78 -17.16 -49.17
C PRO C 283 -15.40 -16.99 -49.74
N GLU C 284 -15.13 -15.88 -50.42
CA GLU C 284 -13.78 -15.63 -50.94
C GLU C 284 -12.76 -15.38 -49.84
N LEU C 285 -13.19 -15.21 -48.59
CA LEU C 285 -12.29 -15.00 -47.45
C LEU C 285 -11.91 -16.29 -46.75
N ASP C 286 -12.31 -17.45 -47.28
CA ASP C 286 -11.94 -18.73 -46.70
C ASP C 286 -10.48 -19.09 -46.99
N ILE C 287 -9.58 -18.24 -46.47
CA ILE C 287 -8.14 -18.40 -46.66
C ILE C 287 -7.64 -19.70 -46.04
N TRP C 288 -8.29 -20.16 -44.96
CA TRP C 288 -7.80 -21.23 -44.11
C TRP C 288 -7.36 -22.47 -44.89
N LYS C 289 -6.17 -22.98 -44.53
CA LYS C 289 -5.74 -24.33 -44.88
C LYS C 289 -6.28 -25.32 -43.85
N PRO C 290 -6.38 -26.61 -44.19
CA PRO C 290 -7.07 -27.56 -43.30
C PRO C 290 -6.35 -27.74 -41.97
N GLY C 291 -7.09 -27.52 -40.88
CA GLY C 291 -6.59 -27.78 -39.54
C GLY C 291 -5.85 -26.64 -38.88
N GLN C 292 -5.68 -25.49 -39.57
CA GLN C 292 -4.91 -24.36 -39.03
C GLN C 292 -5.52 -23.80 -37.74
N TYR C 293 -6.77 -24.17 -37.43
CA TYR C 293 -7.47 -23.71 -36.24
C TYR C 293 -8.25 -24.89 -35.67
N ASN C 294 -8.34 -24.92 -34.35
CA ASN C 294 -8.72 -26.12 -33.61
C ASN C 294 -10.02 -25.81 -32.80
N GLY C 295 -10.11 -26.17 -31.53
CA GLY C 295 -11.40 -26.17 -30.87
C GLY C 295 -12.00 -27.56 -30.77
N THR C 296 -12.00 -28.17 -29.58
CA THR C 296 -12.55 -29.52 -29.46
C THR C 296 -14.07 -29.51 -29.55
N PHE C 297 -14.70 -28.71 -28.68
CA PHE C 297 -16.16 -28.64 -28.62
C PHE C 297 -16.77 -27.79 -29.76
N ARG C 298 -16.22 -27.84 -30.98
CA ARG C 298 -16.83 -27.11 -32.08
C ARG C 298 -18.13 -27.79 -32.54
N GLY C 299 -18.06 -29.08 -32.87
CA GLY C 299 -19.25 -29.86 -33.19
C GLY C 299 -20.05 -30.26 -31.96
N PHE C 300 -20.66 -29.26 -31.33
CA PHE C 300 -21.54 -29.48 -30.19
C PHE C 300 -22.96 -29.52 -30.76
N ASN C 301 -23.40 -30.74 -31.08
CA ASN C 301 -24.59 -30.91 -31.93
C ASN C 301 -25.87 -30.51 -31.21
N LEU C 302 -25.91 -30.63 -29.89
CA LEU C 302 -27.09 -30.20 -29.15
C LEU C 302 -27.37 -28.72 -29.37
N ALA C 303 -26.33 -27.93 -29.66
CA ALA C 303 -26.55 -26.52 -29.97
C ALA C 303 -27.10 -26.34 -31.38
N PHE C 304 -26.53 -27.07 -32.36
CA PHE C 304 -27.10 -27.11 -33.71
C PHE C 304 -28.60 -27.30 -33.66
N VAL C 305 -29.04 -28.30 -32.89
CA VAL C 305 -30.46 -28.62 -32.77
C VAL C 305 -31.25 -27.40 -32.31
N THR C 306 -30.91 -26.85 -31.13
CA THR C 306 -31.72 -25.76 -30.59
C THR C 306 -31.59 -24.50 -31.42
N ALA C 307 -30.40 -24.22 -31.95
CA ALA C 307 -30.25 -23.03 -32.78
C ALA C 307 -31.16 -23.11 -34.01
N ALA C 308 -31.15 -24.25 -34.71
CA ALA C 308 -32.00 -24.38 -35.89
C ALA C 308 -33.48 -24.29 -35.50
N ALA C 309 -33.86 -24.99 -34.43
CA ALA C 309 -35.24 -24.93 -33.95
C ALA C 309 -35.68 -23.49 -33.66
N ALA C 310 -34.75 -22.63 -33.25
CA ALA C 310 -35.06 -21.24 -32.92
C ALA C 310 -35.09 -20.32 -34.14
N MET C 311 -34.25 -20.58 -35.14
CA MET C 311 -34.39 -19.87 -36.40
C MET C 311 -35.73 -20.19 -37.06
N ARG C 312 -36.10 -21.47 -37.09
CA ARG C 312 -37.37 -21.87 -37.70
C ARG C 312 -38.56 -21.26 -36.95
N HIS C 313 -38.57 -21.38 -35.63
CA HIS C 313 -39.74 -20.96 -34.87
C HIS C 313 -39.82 -19.45 -34.70
N PHE C 314 -38.73 -18.71 -34.89
CA PHE C 314 -38.76 -17.29 -34.58
C PHE C 314 -38.50 -16.36 -35.76
N TRP C 315 -37.87 -16.83 -36.84
CA TRP C 315 -37.45 -15.97 -37.94
C TRP C 315 -37.98 -16.41 -39.29
N SER C 316 -39.10 -17.15 -39.31
CA SER C 316 -39.70 -17.50 -40.59
C SER C 316 -40.54 -16.37 -41.16
N ASP C 317 -41.18 -15.58 -40.32
CA ASP C 317 -41.79 -14.31 -40.70
C ASP C 317 -41.11 -13.18 -39.93
N ASP C 318 -41.51 -11.95 -40.21
CA ASP C 318 -40.98 -10.80 -39.50
C ASP C 318 -41.87 -10.38 -38.32
N THR C 319 -42.77 -11.27 -37.88
CA THR C 319 -43.60 -10.96 -36.72
C THR C 319 -42.74 -10.71 -35.48
N PHE C 320 -41.97 -11.72 -35.06
CA PHE C 320 -41.22 -11.63 -33.81
C PHE C 320 -40.34 -10.39 -33.80
N GLU C 321 -39.61 -10.18 -34.89
CA GLU C 321 -38.62 -9.11 -34.96
C GLU C 321 -39.24 -7.73 -34.72
N ARG C 322 -40.48 -7.50 -35.13
CA ARG C 322 -41.11 -6.22 -34.83
C ARG C 322 -41.70 -6.24 -33.43
N ASP C 323 -42.07 -7.41 -32.90
CA ASP C 323 -42.53 -7.46 -31.51
C ASP C 323 -41.47 -6.88 -30.56
N VAL C 324 -40.19 -7.22 -30.78
CA VAL C 324 -39.14 -6.71 -29.90
C VAL C 324 -38.96 -5.22 -30.09
N GLN C 325 -39.06 -4.75 -31.32
CA GLN C 325 -38.98 -3.32 -31.59
C GLN C 325 -40.06 -2.56 -30.83
N ARG C 326 -41.24 -3.15 -30.70
CA ARG C 326 -42.29 -2.55 -29.89
C ARG C 326 -41.88 -2.50 -28.42
N LYS C 327 -41.41 -3.62 -27.87
CA LYS C 327 -41.04 -3.62 -26.45
C LYS C 327 -39.82 -2.75 -26.17
N GLY C 328 -38.92 -2.61 -27.13
CA GLY C 328 -37.85 -1.63 -27.00
C GLY C 328 -38.34 -0.21 -26.70
N ARG C 329 -39.51 0.15 -27.24
CA ARG C 329 -39.99 1.51 -27.01
C ARG C 329 -40.65 1.65 -25.66
N VAL C 330 -41.32 0.62 -25.16
CA VAL C 330 -41.87 0.71 -23.81
C VAL C 330 -40.74 0.72 -22.78
N VAL C 331 -39.69 -0.08 -23.02
CA VAL C 331 -38.50 0.05 -22.19
C VAL C 331 -37.89 1.44 -22.36
N GLU C 332 -37.68 1.87 -23.61
CA GLU C 332 -37.10 3.17 -23.86
C GLU C 332 -37.86 4.27 -23.13
N ASP C 333 -39.19 4.22 -23.23
CA ASP C 333 -40.04 5.23 -22.63
C ASP C 333 -39.80 5.33 -21.13
N ARG C 334 -39.97 4.21 -20.41
CA ARG C 334 -39.85 4.28 -18.96
C ARG C 334 -38.45 4.65 -18.50
N PHE C 335 -37.42 4.26 -19.26
CA PHE C 335 -36.08 4.67 -18.90
C PHE C 335 -35.92 6.18 -18.97
N GLN C 336 -36.47 6.82 -20.02
CA GLN C 336 -36.41 8.30 -20.09
C GLN C 336 -37.21 8.93 -18.97
N LYS C 337 -38.32 8.31 -18.58
CA LYS C 337 -39.07 8.77 -17.42
C LYS C 337 -38.21 8.68 -16.16
N LEU C 338 -37.58 7.53 -15.93
CA LEU C 338 -36.73 7.39 -14.76
C LEU C 338 -35.55 8.35 -14.82
N ALA C 339 -35.00 8.54 -16.02
CA ALA C 339 -33.86 9.45 -16.19
C ALA C 339 -34.26 10.91 -15.96
N SER C 340 -35.42 11.32 -16.47
CA SER C 340 -35.84 12.68 -16.18
C SER C 340 -36.14 12.85 -14.70
N PHE C 341 -36.61 11.80 -14.03
CA PHE C 341 -36.85 11.83 -12.59
C PHE C 341 -35.56 12.14 -11.84
N MET C 342 -34.52 11.31 -12.02
CA MET C 342 -33.26 11.55 -11.34
C MET C 342 -32.66 12.89 -11.76
N THR C 343 -32.78 13.25 -13.03
CA THR C 343 -32.27 14.56 -13.45
C THR C 343 -32.97 15.66 -12.68
N GLU C 344 -34.29 15.54 -12.48
CA GLU C 344 -35.03 16.59 -11.76
C GLU C 344 -34.75 16.55 -10.27
N LYS C 345 -34.47 15.38 -9.69
CA LYS C 345 -34.06 15.31 -8.29
C LYS C 345 -32.61 15.72 -8.06
N GLY C 346 -31.94 16.25 -9.09
CA GLY C 346 -30.59 16.75 -8.95
C GLY C 346 -29.49 15.74 -9.18
N HIS C 347 -29.74 14.71 -9.99
CA HIS C 347 -28.75 13.67 -10.26
C HIS C 347 -28.90 13.29 -11.72
N PRO C 348 -28.16 13.96 -12.61
CA PRO C 348 -28.40 13.81 -14.05
C PRO C 348 -28.30 12.37 -14.52
N ALA C 349 -29.06 12.05 -15.56
CA ALA C 349 -29.15 10.69 -16.06
C ALA C 349 -29.74 10.76 -17.46
N SER C 350 -29.65 9.64 -18.17
CA SER C 350 -30.07 9.64 -19.56
C SER C 350 -30.41 8.23 -20.02
N GLU C 351 -31.28 8.15 -21.02
CA GLU C 351 -31.67 6.90 -21.65
C GLU C 351 -31.00 6.80 -23.01
N ARG C 352 -30.58 5.61 -23.37
CA ARG C 352 -30.08 5.39 -24.73
C ARG C 352 -30.13 3.89 -24.99
N GLY C 353 -30.10 3.55 -26.26
CA GLY C 353 -30.16 2.16 -26.66
C GLY C 353 -30.72 2.04 -28.06
N ARG C 354 -31.14 0.83 -28.39
CA ARG C 354 -31.68 0.50 -29.71
C ARG C 354 -32.31 -0.87 -29.60
N GLY C 355 -33.60 -0.97 -29.92
CA GLY C 355 -34.27 -2.24 -29.73
C GLY C 355 -34.36 -2.55 -28.25
N LEU C 356 -33.91 -3.75 -27.87
CA LEU C 356 -33.95 -4.19 -26.49
C LEU C 356 -32.57 -4.29 -25.85
N MET C 357 -31.54 -3.73 -26.49
CA MET C 357 -30.32 -3.31 -25.82
C MET C 357 -30.54 -1.87 -25.39
N ARG C 358 -31.00 -1.67 -24.17
CA ARG C 358 -31.19 -0.32 -23.69
C ARG C 358 -30.41 -0.12 -22.40
N GLY C 359 -30.10 1.14 -22.12
CA GLY C 359 -29.35 1.47 -20.93
C GLY C 359 -29.82 2.73 -20.25
N LEU C 360 -29.90 2.70 -18.93
CA LEU C 360 -30.12 3.90 -18.13
C LEU C 360 -28.78 4.32 -17.55
N ASP C 361 -28.27 5.46 -18.00
CA ASP C 361 -26.99 5.99 -17.53
C ASP C 361 -27.24 6.91 -16.33
N VAL C 362 -26.81 6.49 -15.13
CA VAL C 362 -26.91 7.38 -13.98
C VAL C 362 -25.56 8.07 -13.72
N GLY C 363 -25.39 8.68 -12.56
CA GLY C 363 -24.17 9.44 -12.34
C GLY C 363 -22.93 8.57 -12.38
N ASP C 364 -22.98 7.47 -11.64
CA ASP C 364 -21.79 6.73 -11.27
C ASP C 364 -22.17 5.29 -11.00
N GLY C 365 -21.16 4.47 -10.72
CA GLY C 365 -21.39 3.08 -10.39
C GLY C 365 -21.98 2.87 -9.02
N ASP C 366 -21.80 3.83 -8.11
CA ASP C 366 -22.29 3.64 -6.76
C ASP C 366 -23.80 3.85 -6.70
N MET C 367 -24.31 4.79 -7.49
CA MET C 367 -25.75 4.91 -7.67
C MET C 367 -26.31 3.69 -8.41
N ALA C 368 -25.73 3.37 -9.57
CA ALA C 368 -26.06 2.13 -10.24
C ALA C 368 -26.15 0.97 -9.27
N ASP C 369 -25.10 0.74 -8.48
CA ASP C 369 -25.07 -0.42 -7.60
C ASP C 369 -26.19 -0.35 -6.55
N LYS C 370 -26.54 0.86 -6.08
CA LYS C 370 -27.58 1.02 -5.07
C LYS C 370 -28.95 0.67 -5.65
N ILE C 371 -29.23 1.17 -6.86
CA ILE C 371 -30.47 0.82 -7.53
C ILE C 371 -30.49 -0.66 -7.87
N THR C 372 -29.39 -1.17 -8.43
CA THR C 372 -29.32 -2.57 -8.82
C THR C 372 -29.59 -3.46 -7.62
N ALA C 373 -29.00 -3.12 -6.48
CA ALA C 373 -29.14 -3.92 -5.27
C ALA C 373 -30.56 -3.84 -4.69
N GLN C 374 -31.14 -2.63 -4.63
CA GLN C 374 -32.55 -2.50 -4.23
C GLN C 374 -33.47 -3.33 -5.13
N ALA C 375 -33.25 -3.25 -6.45
CA ALA C 375 -34.06 -4.05 -7.38
C ALA C 375 -34.00 -5.53 -7.04
N PHE C 376 -32.88 -6.00 -6.49
CA PHE C 376 -32.81 -7.43 -6.16
C PHE C 376 -33.67 -7.75 -4.95
N LYS C 377 -33.72 -6.84 -3.98
CA LYS C 377 -34.60 -7.07 -2.83
C LYS C 377 -36.06 -7.07 -3.25
N ASN C 378 -36.40 -6.27 -4.24
CA ASN C 378 -37.77 -6.15 -4.70
C ASN C 378 -38.11 -7.13 -5.83
N GLY C 379 -37.20 -8.03 -6.18
CA GLY C 379 -37.54 -9.14 -7.03
C GLY C 379 -37.07 -9.07 -8.47
N LEU C 380 -36.15 -8.16 -8.79
CA LEU C 380 -35.70 -7.94 -10.16
C LEU C 380 -34.20 -8.18 -10.23
N ILE C 381 -33.77 -9.07 -11.13
CA ILE C 381 -32.35 -9.30 -11.41
C ILE C 381 -31.94 -8.35 -12.53
N ILE C 382 -31.11 -7.38 -12.21
CA ILE C 382 -30.67 -6.44 -13.21
C ILE C 382 -29.26 -5.99 -12.94
N GLU C 383 -28.40 -5.98 -13.93
CA GLU C 383 -27.05 -5.54 -13.67
C GLU C 383 -26.60 -4.40 -14.53
N THR C 384 -25.40 -3.93 -14.27
CA THR C 384 -24.87 -2.82 -14.99
C THR C 384 -23.78 -3.17 -15.96
N SER C 385 -23.31 -2.12 -16.62
CA SER C 385 -22.23 -2.18 -17.59
C SER C 385 -21.70 -0.78 -17.79
N GLY C 386 -20.60 -0.64 -18.50
CA GLY C 386 -20.04 0.68 -18.68
C GLY C 386 -18.65 0.71 -18.11
N HIS C 387 -17.87 1.72 -18.48
CA HIS C 387 -16.49 1.80 -18.03
C HIS C 387 -16.38 1.90 -16.51
N SER C 388 -17.45 2.29 -15.80
CA SER C 388 -17.51 2.26 -14.34
C SER C 388 -18.71 1.48 -13.83
N GLY C 389 -19.40 0.75 -14.72
CA GLY C 389 -20.67 0.17 -14.35
C GLY C 389 -21.66 1.22 -13.90
N GLN C 390 -21.65 2.39 -14.56
CA GLN C 390 -22.56 3.50 -14.33
C GLN C 390 -23.90 3.34 -15.04
N VAL C 391 -24.05 2.33 -15.91
CA VAL C 391 -25.20 2.19 -16.80
C VAL C 391 -26.00 0.98 -16.37
N ILE C 392 -27.24 1.20 -15.91
CA ILE C 392 -28.13 0.08 -15.63
C ILE C 392 -28.65 -0.42 -16.97
N LYS C 393 -28.27 -1.65 -17.34
CA LYS C 393 -28.58 -2.17 -18.66
C LYS C 393 -29.84 -3.04 -18.58
N CYS C 394 -30.78 -2.79 -19.48
CA CYS C 394 -31.84 -3.75 -19.74
C CYS C 394 -31.33 -4.79 -20.72
N LEU C 395 -31.50 -6.07 -20.35
CA LEU C 395 -31.20 -7.16 -21.26
C LEU C 395 -32.18 -8.29 -21.04
N CYS C 396 -33.45 -7.95 -20.74
CA CYS C 396 -34.52 -8.95 -20.61
C CYS C 396 -34.62 -9.80 -21.86
N PRO C 397 -35.18 -11.01 -21.76
CA PRO C 397 -35.38 -11.82 -22.97
C PRO C 397 -36.31 -11.12 -23.95
N LEU C 398 -36.04 -11.33 -25.24
CA LEU C 398 -36.85 -10.72 -26.29
C LEU C 398 -38.28 -11.24 -26.25
N THR C 399 -38.46 -12.47 -25.78
CA THR C 399 -39.74 -13.13 -25.74
C THR C 399 -40.52 -12.84 -24.47
N ILE C 400 -40.10 -11.85 -23.68
CA ILE C 400 -40.76 -11.60 -22.41
C ILE C 400 -42.21 -11.23 -22.68
N THR C 401 -43.11 -11.68 -21.79
CA THR C 401 -44.50 -11.26 -21.88
C THR C 401 -44.65 -9.81 -21.41
N ASP C 402 -45.76 -9.19 -21.83
CA ASP C 402 -45.99 -7.80 -21.46
C ASP C 402 -46.17 -7.67 -19.96
N GLU C 403 -46.81 -8.65 -19.32
CA GLU C 403 -46.98 -8.62 -17.87
C GLU C 403 -45.63 -8.56 -17.15
N ASP C 404 -44.67 -9.41 -17.55
CA ASP C 404 -43.37 -9.43 -16.89
C ASP C 404 -42.52 -8.22 -17.25
N LEU C 405 -42.67 -7.71 -18.48
CA LEU C 405 -41.87 -6.58 -18.92
C LEU C 405 -42.30 -5.31 -18.21
N VAL C 406 -43.61 -5.06 -18.14
CA VAL C 406 -44.07 -3.96 -17.30
C VAL C 406 -43.85 -4.31 -15.84
N GLY C 407 -43.87 -5.60 -15.49
CA GLY C 407 -43.63 -5.99 -14.13
C GLY C 407 -42.22 -5.66 -13.68
N GLY C 408 -41.24 -6.09 -14.49
CA GLY C 408 -39.86 -5.73 -14.22
C GLY C 408 -39.61 -4.24 -14.25
N LEU C 409 -40.14 -3.56 -15.28
CA LEU C 409 -40.00 -2.11 -15.35
C LEU C 409 -40.60 -1.43 -14.12
N ASP C 410 -41.58 -2.08 -13.47
CA ASP C 410 -42.23 -1.49 -12.30
C ASP C 410 -41.40 -1.67 -11.02
N ILE C 411 -40.72 -2.82 -10.88
CA ILE C 411 -39.81 -2.98 -9.76
C ILE C 411 -38.68 -1.98 -9.85
N LEU C 412 -38.14 -1.77 -11.06
CA LEU C 412 -37.02 -0.84 -11.23
C LEU C 412 -37.42 0.56 -10.84
N GLU C 413 -38.58 1.01 -11.32
CA GLU C 413 -39.09 2.32 -10.95
C GLU C 413 -39.30 2.42 -9.45
N GLN C 414 -39.86 1.38 -8.86
CA GLN C 414 -40.06 1.40 -7.41
C GLN C 414 -38.72 1.50 -6.69
N SER C 415 -37.69 0.82 -7.19
CA SER C 415 -36.40 0.80 -6.52
C SER C 415 -35.70 2.14 -6.64
N VAL C 416 -35.84 2.82 -7.78
CA VAL C 416 -35.22 4.12 -7.94
C VAL C 416 -35.84 5.15 -7.01
N LYS C 417 -37.17 5.17 -6.91
CA LYS C 417 -37.81 6.14 -6.03
C LYS C 417 -37.49 5.86 -4.57
N GLU C 418 -37.41 4.58 -4.19
CA GLU C 418 -37.03 4.19 -2.83
C GLU C 418 -35.64 4.71 -2.49
N VAL C 419 -34.67 4.41 -3.35
CA VAL C 419 -33.29 4.86 -3.20
C VAL C 419 -33.20 6.38 -3.11
N PHE C 420 -34.17 7.10 -3.69
CA PHE C 420 -34.20 8.56 -3.57
C PHE C 420 -35.13 9.06 -2.47
N GLY C 421 -36.42 9.17 -2.77
CA GLY C 421 -37.38 9.63 -1.78
C GLY C 421 -38.77 9.79 -2.36
N GLN D 4 -22.52 -32.05 -50.31
CA GLN D 4 -23.79 -31.60 -49.72
C GLN D 4 -23.84 -30.07 -49.56
N ILE D 5 -24.70 -29.62 -48.62
CA ILE D 5 -24.59 -28.28 -48.05
C ILE D 5 -23.48 -28.24 -47.01
N LEU D 6 -23.00 -29.41 -46.56
CA LEU D 6 -21.91 -29.59 -45.61
C LEU D 6 -20.52 -29.34 -46.21
N GLU D 7 -20.41 -29.20 -47.53
CA GLU D 7 -19.14 -28.93 -48.20
C GLU D 7 -18.96 -27.47 -48.57
N ARG D 8 -20.06 -26.81 -48.97
CA ARG D 8 -20.02 -25.42 -49.37
C ARG D 8 -20.13 -24.48 -48.16
N MET D 9 -21.09 -24.75 -47.27
CA MET D 9 -21.33 -23.86 -46.13
C MET D 9 -20.21 -23.96 -45.09
N GLU D 10 -19.58 -25.13 -44.95
CA GLU D 10 -18.53 -25.33 -43.96
C GLU D 10 -17.20 -24.79 -44.48
N SER D 11 -16.51 -24.01 -43.63
CA SER D 11 -15.18 -23.49 -43.98
C SER D 11 -14.19 -24.64 -44.14
N GLU D 12 -13.11 -24.38 -44.90
CA GLU D 12 -12.11 -25.39 -45.23
C GLU D 12 -11.04 -25.55 -44.15
N VAL D 13 -11.30 -25.11 -42.92
CA VAL D 13 -10.49 -25.49 -41.76
C VAL D 13 -10.63 -26.98 -41.48
N ARG D 14 -11.78 -27.56 -41.82
CA ARG D 14 -12.25 -28.81 -41.23
C ARG D 14 -11.23 -29.95 -41.36
N THR D 15 -11.14 -30.77 -40.31
CA THR D 15 -10.17 -31.84 -40.17
C THR D 15 -10.79 -33.23 -40.26
N TYR D 16 -11.89 -33.47 -39.55
CA TYR D 16 -12.48 -34.80 -39.43
C TYR D 16 -13.59 -35.05 -40.45
N SER D 17 -13.72 -34.17 -41.46
CA SER D 17 -14.70 -34.29 -42.53
C SER D 17 -14.03 -34.52 -43.89
N ARG D 18 -12.71 -34.65 -43.92
CA ARG D 18 -12.02 -35.19 -45.07
C ARG D 18 -11.59 -36.63 -44.85
N SER D 19 -11.49 -37.07 -43.59
CA SER D 19 -11.14 -38.45 -43.24
C SER D 19 -12.35 -39.32 -42.89
N PHE D 20 -13.44 -38.73 -42.41
CA PHE D 20 -14.66 -39.45 -42.05
C PHE D 20 -15.85 -38.77 -42.72
N PRO D 21 -15.97 -38.91 -44.05
CA PRO D 21 -16.91 -38.09 -44.83
C PRO D 21 -18.33 -38.64 -44.95
N THR D 22 -18.72 -39.58 -44.12
CA THR D 22 -20.11 -40.00 -44.03
C THR D 22 -20.83 -39.10 -43.04
N VAL D 23 -22.16 -39.12 -43.08
CA VAL D 23 -22.98 -38.33 -42.18
C VAL D 23 -23.44 -39.23 -41.05
N PHE D 24 -23.16 -38.83 -39.81
CA PHE D 24 -23.46 -39.65 -38.65
C PHE D 24 -24.81 -39.25 -38.04
N THR D 25 -25.50 -40.25 -37.48
CA THR D 25 -26.82 -40.05 -36.92
C THR D 25 -26.90 -40.47 -35.45
N GLU D 26 -27.15 -41.76 -35.18
CA GLU D 26 -27.34 -42.27 -33.83
C GLU D 26 -26.03 -42.78 -33.24
N ALA D 27 -25.85 -42.55 -31.94
CA ALA D 27 -24.56 -42.73 -31.27
C ALA D 27 -24.80 -43.33 -29.90
N LYS D 28 -24.17 -44.46 -29.61
CA LYS D 28 -24.29 -45.06 -28.28
C LYS D 28 -23.09 -45.94 -28.00
N GLY D 29 -22.54 -45.81 -26.79
CA GLY D 29 -21.38 -46.58 -26.41
C GLY D 29 -20.19 -46.21 -27.26
N ALA D 30 -19.55 -47.24 -27.80
CA ALA D 30 -18.45 -47.10 -28.74
C ALA D 30 -18.90 -47.35 -30.16
N ARG D 31 -20.20 -47.27 -30.43
CA ARG D 31 -20.76 -47.48 -31.76
C ARG D 31 -21.36 -46.18 -32.30
N LEU D 32 -21.02 -45.86 -33.54
CA LEU D 32 -21.66 -44.77 -34.27
C LEU D 32 -22.37 -45.33 -35.50
N HIS D 33 -23.55 -44.76 -35.80
CA HIS D 33 -24.32 -45.13 -36.98
C HIS D 33 -24.23 -44.03 -38.01
N ALA D 34 -23.99 -44.40 -39.27
CA ALA D 34 -23.95 -43.45 -40.36
C ALA D 34 -25.32 -43.35 -41.03
N GLU D 35 -25.48 -42.29 -41.84
CA GLU D 35 -26.62 -42.22 -42.74
C GLU D 35 -26.56 -43.35 -43.76
N ASP D 36 -25.36 -43.65 -44.25
CA ASP D 36 -25.10 -44.79 -45.13
C ASP D 36 -25.53 -46.12 -44.52
N GLY D 37 -25.88 -46.15 -43.25
CA GLY D 37 -26.34 -47.34 -42.61
C GLY D 37 -25.27 -48.20 -41.99
N ASN D 38 -24.01 -48.03 -42.40
CA ASN D 38 -22.95 -48.81 -41.77
C ASN D 38 -22.79 -48.39 -40.31
N GLN D 39 -22.31 -49.34 -39.51
CA GLN D 39 -21.94 -49.08 -38.13
C GLN D 39 -20.43 -48.84 -38.09
N TYR D 40 -19.98 -48.20 -37.00
CA TYR D 40 -18.58 -47.90 -36.80
C TYR D 40 -18.21 -48.07 -35.33
N ILE D 41 -17.02 -48.62 -35.09
CA ILE D 41 -16.45 -48.71 -33.74
C ILE D 41 -15.55 -47.50 -33.52
N ASP D 42 -15.79 -46.77 -32.41
CA ASP D 42 -15.16 -45.48 -32.16
C ASP D 42 -13.94 -45.64 -31.24
N PHE D 43 -12.75 -45.62 -31.84
CA PHE D 43 -11.49 -45.56 -31.11
C PHE D 43 -10.94 -44.14 -31.04
N LEU D 44 -11.82 -43.15 -31.20
CA LEU D 44 -11.52 -41.73 -31.16
C LEU D 44 -12.17 -41.05 -29.97
N ALA D 45 -13.44 -41.39 -29.68
CA ALA D 45 -14.20 -40.89 -28.52
C ALA D 45 -14.15 -39.36 -28.42
N GLY D 46 -14.21 -38.70 -29.57
CA GLY D 46 -14.00 -37.25 -29.61
C GLY D 46 -12.64 -36.83 -29.11
N ALA D 47 -11.60 -37.59 -29.46
CA ALA D 47 -10.23 -37.38 -28.95
C ALA D 47 -10.21 -37.31 -27.43
N GLY D 48 -10.79 -38.33 -26.79
CA GLY D 48 -10.78 -38.39 -25.34
C GLY D 48 -11.81 -37.52 -24.64
N THR D 49 -12.85 -37.08 -25.34
CA THR D 49 -13.94 -36.36 -24.67
C THR D 49 -15.00 -37.30 -24.13
N LEU D 50 -15.10 -38.49 -24.73
CA LEU D 50 -16.18 -39.38 -24.38
C LEU D 50 -15.61 -40.60 -23.68
N ASN D 51 -14.97 -40.38 -22.54
CA ASN D 51 -14.35 -41.47 -21.80
C ASN D 51 -15.38 -42.47 -21.28
N TYR D 52 -16.66 -42.09 -21.25
CA TYR D 52 -17.74 -43.00 -20.88
C TYR D 52 -18.58 -43.40 -22.09
N GLY D 53 -18.06 -43.20 -23.30
CA GLY D 53 -18.83 -43.49 -24.50
C GLY D 53 -19.94 -42.50 -24.78
N HIS D 54 -20.53 -42.60 -25.97
CA HIS D 54 -21.59 -41.67 -26.37
C HIS D 54 -22.87 -41.99 -25.62
N ASN D 55 -23.46 -40.97 -24.99
CA ASN D 55 -24.81 -41.02 -24.43
C ASN D 55 -24.98 -42.14 -23.41
N HIS D 56 -24.11 -42.14 -22.40
CA HIS D 56 -24.22 -43.16 -21.37
C HIS D 56 -25.59 -43.08 -20.70
N PRO D 57 -26.23 -44.23 -20.46
CA PRO D 57 -27.58 -44.24 -19.86
C PRO D 57 -27.74 -43.44 -18.58
N LYS D 58 -26.81 -43.59 -17.62
CA LYS D 58 -26.97 -42.90 -16.35
C LYS D 58 -26.94 -41.40 -16.54
N LEU D 59 -26.05 -40.92 -17.42
CA LEU D 59 -25.85 -39.50 -17.63
C LEU D 59 -26.99 -38.90 -18.46
N LYS D 60 -27.29 -39.54 -19.61
CA LYS D 60 -28.53 -39.25 -20.34
C LYS D 60 -29.71 -39.03 -19.40
N GLN D 61 -29.95 -39.98 -18.49
CA GLN D 61 -31.07 -39.85 -17.56
C GLN D 61 -30.92 -38.63 -16.67
N ALA D 62 -29.76 -38.46 -16.04
CA ALA D 62 -29.57 -37.30 -15.17
C ALA D 62 -29.74 -36.02 -15.97
N LEU D 63 -29.32 -36.03 -17.24
CA LEU D 63 -29.47 -34.86 -18.09
C LEU D 63 -30.94 -34.63 -18.41
N ALA D 64 -31.62 -35.68 -18.89
CA ALA D 64 -33.00 -35.50 -19.33
C ALA D 64 -33.88 -35.12 -18.15
N ASP D 65 -33.68 -35.75 -17.00
CA ASP D 65 -34.38 -35.35 -15.78
C ASP D 65 -34.18 -33.86 -15.48
N TYR D 66 -32.96 -33.35 -15.69
CA TYR D 66 -32.69 -31.95 -15.36
C TYR D 66 -33.43 -30.99 -16.29
N ILE D 67 -33.40 -31.27 -17.60
CA ILE D 67 -34.14 -30.45 -18.56
C ILE D 67 -35.65 -30.54 -18.31
N ALA D 68 -36.12 -31.67 -17.78
CA ALA D 68 -37.55 -31.87 -17.59
C ALA D 68 -38.10 -31.02 -16.43
N SER D 69 -37.34 -30.90 -15.35
CA SER D 69 -37.73 -30.04 -14.24
C SER D 69 -37.55 -28.55 -14.52
N ASP D 70 -37.01 -28.19 -15.68
CA ASP D 70 -36.75 -26.79 -16.04
C ASP D 70 -35.64 -26.17 -15.20
N GLY D 71 -34.67 -26.97 -14.77
CA GLY D 71 -33.53 -26.41 -14.09
C GLY D 71 -32.82 -25.37 -14.94
N ILE D 72 -32.32 -24.33 -14.28
CA ILE D 72 -31.60 -23.28 -15.00
C ILE D 72 -30.47 -23.92 -15.79
N VAL D 73 -30.36 -23.55 -17.07
CA VAL D 73 -29.36 -24.12 -17.96
C VAL D 73 -28.09 -23.29 -17.97
N HIS D 74 -28.27 -21.97 -17.89
CA HIS D 74 -27.17 -21.03 -18.02
C HIS D 74 -27.24 -20.12 -16.81
N GLY D 75 -26.35 -20.35 -15.85
CA GLY D 75 -26.37 -19.65 -14.60
C GLY D 75 -25.32 -18.59 -14.46
N LEU D 76 -24.60 -18.26 -15.54
CA LEU D 76 -23.56 -17.24 -15.51
C LEU D 76 -22.55 -17.59 -14.43
N ASP D 77 -22.54 -16.80 -13.35
CA ASP D 77 -21.80 -17.11 -12.14
C ASP D 77 -22.69 -17.58 -11.01
N MET D 78 -24.00 -17.38 -11.13
CA MET D 78 -24.94 -17.52 -10.02
C MET D 78 -24.74 -18.84 -9.28
N TRP D 79 -25.05 -18.81 -8.00
CA TRP D 79 -25.18 -20.05 -7.26
C TRP D 79 -26.47 -20.74 -7.70
N SER D 80 -26.34 -21.93 -8.27
CA SER D 80 -27.47 -22.81 -8.51
C SER D 80 -27.30 -24.07 -7.67
N ALA D 81 -28.38 -24.84 -7.60
CA ALA D 81 -28.29 -26.11 -6.91
C ALA D 81 -27.38 -27.08 -7.65
N ALA D 82 -27.32 -27.01 -8.98
CA ALA D 82 -26.49 -27.94 -9.74
C ALA D 82 -25.02 -27.65 -9.55
N LYS D 83 -24.69 -26.35 -9.45
CA LYS D 83 -23.32 -25.94 -9.15
C LYS D 83 -22.87 -26.44 -7.78
N ARG D 84 -23.71 -26.21 -6.75
CA ARG D 84 -23.37 -26.66 -5.40
C ARG D 84 -23.16 -28.17 -5.36
N ASP D 85 -23.91 -28.91 -6.19
CA ASP D 85 -23.79 -30.37 -6.20
C ASP D 85 -22.47 -30.80 -6.83
N TYR D 86 -22.10 -30.18 -7.95
CA TYR D 86 -20.86 -30.56 -8.61
C TYR D 86 -19.67 -30.35 -7.67
N LEU D 87 -19.65 -29.22 -6.96
CA LEU D 87 -18.55 -28.94 -6.04
C LEU D 87 -18.50 -29.98 -4.94
N GLU D 88 -19.66 -30.31 -4.36
CA GLU D 88 -19.69 -31.27 -3.26
C GLU D 88 -19.26 -32.66 -3.73
N THR D 89 -19.73 -33.07 -4.91
CA THR D 89 -19.34 -34.39 -5.41
C THR D 89 -17.85 -34.46 -5.69
N LEU D 90 -17.32 -33.47 -6.44
CA LEU D 90 -15.88 -33.42 -6.65
C LEU D 90 -15.11 -33.41 -5.33
N GLU D 91 -15.69 -32.77 -4.30
CA GLU D 91 -15.08 -32.74 -2.99
C GLU D 91 -15.14 -34.11 -2.32
N GLU D 92 -16.33 -34.71 -2.27
CA GLU D 92 -16.52 -35.94 -1.50
C GLU D 92 -15.99 -37.19 -2.20
N VAL D 93 -16.08 -37.25 -3.52
CA VAL D 93 -15.87 -38.48 -4.28
C VAL D 93 -14.48 -38.53 -4.90
N ILE D 94 -13.98 -37.39 -5.33
CA ILE D 94 -12.72 -37.30 -6.08
C ILE D 94 -11.60 -36.75 -5.22
N LEU D 95 -11.76 -35.52 -4.72
CA LEU D 95 -10.65 -34.80 -4.09
C LEU D 95 -10.31 -35.38 -2.72
N LYS D 96 -11.24 -35.31 -1.78
CA LYS D 96 -10.95 -35.74 -0.41
C LYS D 96 -10.46 -37.18 -0.27
N PRO D 97 -10.94 -38.17 -1.03
CA PRO D 97 -10.37 -39.52 -0.91
C PRO D 97 -8.93 -39.64 -1.34
N ARG D 98 -8.44 -38.76 -2.22
CA ARG D 98 -7.02 -38.75 -2.57
C ARG D 98 -6.22 -37.75 -1.73
N GLY D 99 -6.85 -37.07 -0.78
CA GLY D 99 -6.09 -36.13 0.00
C GLY D 99 -5.63 -34.92 -0.76
N LEU D 100 -6.31 -34.58 -1.86
CA LEU D 100 -6.05 -33.36 -2.62
C LEU D 100 -6.91 -32.21 -2.09
N ASP D 101 -6.27 -31.11 -1.79
CA ASP D 101 -6.92 -29.92 -1.27
C ASP D 101 -6.89 -28.91 -2.41
N TYR D 102 -8.04 -28.71 -3.05
CA TYR D 102 -8.11 -27.89 -4.25
C TYR D 102 -9.33 -26.99 -4.21
N LYS D 103 -9.15 -25.76 -4.67
CA LYS D 103 -10.22 -24.85 -5.01
C LYS D 103 -10.57 -25.05 -6.48
N VAL D 104 -11.77 -24.62 -6.87
CA VAL D 104 -12.22 -24.76 -8.25
C VAL D 104 -12.48 -23.38 -8.82
N HIS D 105 -11.94 -23.14 -10.01
CA HIS D 105 -12.23 -21.97 -10.80
C HIS D 105 -12.81 -22.48 -12.11
N LEU D 106 -14.02 -22.05 -12.44
CA LEU D 106 -14.63 -22.43 -13.70
C LEU D 106 -14.41 -21.31 -14.71
N PRO D 107 -13.61 -21.54 -15.78
CA PRO D 107 -13.48 -20.54 -16.85
C PRO D 107 -14.53 -20.73 -17.91
N GLY D 108 -14.23 -20.35 -19.14
CA GLY D 108 -15.07 -20.69 -20.25
C GLY D 108 -14.98 -22.19 -20.51
N PRO D 109 -15.96 -22.75 -21.20
CA PRO D 109 -15.98 -24.21 -21.35
C PRO D 109 -15.11 -24.76 -22.47
N THR D 110 -14.05 -24.07 -22.87
CA THR D 110 -13.09 -24.69 -23.76
C THR D 110 -11.90 -25.15 -22.93
N GLY D 111 -11.10 -26.04 -23.52
CA GLY D 111 -9.85 -26.44 -22.90
C GLY D 111 -8.77 -25.38 -23.01
N THR D 112 -8.75 -24.65 -24.13
CA THR D 112 -7.85 -23.51 -24.27
C THR D 112 -8.16 -22.44 -23.24
N ASN D 113 -9.43 -22.31 -22.87
CA ASN D 113 -9.79 -21.28 -21.92
C ASN D 113 -9.28 -21.59 -20.52
N ALA D 114 -9.16 -22.89 -20.18
CA ALA D 114 -8.66 -23.30 -18.87
C ALA D 114 -7.16 -23.08 -18.76
N VAL D 115 -6.41 -23.53 -19.77
CA VAL D 115 -4.98 -23.25 -19.83
C VAL D 115 -4.72 -21.74 -19.79
N GLU D 116 -5.50 -20.97 -20.55
CA GLU D 116 -5.34 -19.51 -20.54
C GLU D 116 -5.52 -18.93 -19.14
N ALA D 117 -6.46 -19.50 -18.37
CA ALA D 117 -6.72 -19.05 -17.00
C ALA D 117 -5.70 -19.59 -16.00
N ALA D 118 -5.14 -20.78 -16.29
CA ALA D 118 -4.13 -21.40 -15.43
C ALA D 118 -2.81 -20.64 -15.50
N ILE D 119 -2.31 -20.34 -16.72
CA ILE D 119 -1.04 -19.62 -16.83
C ILE D 119 -1.20 -18.17 -16.38
N ARG D 120 -2.35 -17.57 -16.66
CA ARG D 120 -2.59 -16.22 -16.14
C ARG D 120 -2.58 -16.21 -14.61
N LEU D 121 -3.22 -17.21 -13.98
CA LEU D 121 -3.18 -17.30 -12.53
C LEU D 121 -1.75 -17.46 -12.01
N ALA D 122 -0.99 -18.39 -12.60
CA ALA D 122 0.38 -18.63 -12.17
C ALA D 122 1.23 -17.36 -12.25
N ARG D 123 1.15 -16.65 -13.39
CA ARG D 123 1.94 -15.43 -13.56
C ARG D 123 1.59 -14.39 -12.49
N ASN D 124 0.30 -14.22 -12.21
CA ASN D 124 -0.06 -13.24 -11.19
C ASN D 124 0.41 -13.66 -9.81
N ALA D 125 0.30 -14.97 -9.50
CA ALA D 125 0.73 -15.46 -8.18
C ALA D 125 2.23 -15.25 -7.97
N LYS D 126 3.06 -15.62 -8.96
CA LYS D 126 4.51 -15.64 -8.81
C LYS D 126 5.19 -14.35 -9.27
N GLY D 127 4.45 -13.38 -9.79
CA GLY D 127 5.05 -12.13 -10.25
C GLY D 127 6.06 -12.30 -11.36
N ARG D 128 5.92 -13.34 -12.17
CA ARG D 128 6.83 -13.63 -13.27
C ARG D 128 6.02 -13.88 -14.53
N HIS D 129 6.52 -13.42 -15.68
CA HIS D 129 5.75 -13.57 -16.91
C HIS D 129 6.00 -14.88 -17.63
N ASN D 130 7.22 -15.42 -17.50
CA ASN D 130 7.62 -16.56 -18.33
C ASN D 130 6.98 -17.86 -17.84
N ILE D 131 6.60 -18.70 -18.79
CA ILE D 131 6.09 -20.03 -18.50
C ILE D 131 6.97 -21.06 -19.19
N VAL D 132 7.32 -22.14 -18.49
CA VAL D 132 8.11 -23.19 -19.11
C VAL D 132 7.17 -24.26 -19.65
N THR D 133 7.38 -24.63 -20.90
CA THR D 133 6.60 -25.68 -21.56
C THR D 133 7.58 -26.71 -22.12
N PHE D 134 7.07 -27.83 -22.61
CA PHE D 134 7.94 -28.93 -23.01
C PHE D 134 7.81 -29.23 -24.50
N THR D 135 8.90 -29.73 -25.08
CA THR D 135 8.87 -30.21 -26.46
C THR D 135 7.65 -31.10 -26.69
N ASN D 136 6.94 -30.81 -27.77
CA ASN D 136 5.79 -31.55 -28.32
C ASN D 136 4.50 -31.29 -27.55
N GLY D 137 4.51 -30.52 -26.46
CA GLY D 137 3.29 -30.26 -25.72
C GLY D 137 2.22 -29.62 -26.59
N PHE D 138 0.97 -29.75 -26.15
CA PHE D 138 -0.14 -29.08 -26.81
C PHE D 138 -1.12 -28.61 -25.76
N HIS D 139 -1.47 -27.32 -25.78
CA HIS D 139 -2.31 -26.78 -24.72
C HIS D 139 -3.40 -25.84 -25.23
N GLY D 140 -3.71 -25.86 -26.51
CA GLY D 140 -4.70 -24.97 -27.09
C GLY D 140 -4.10 -23.97 -28.06
N VAL D 141 -4.99 -23.24 -28.73
CA VAL D 141 -4.52 -22.37 -29.79
C VAL D 141 -4.98 -20.92 -29.66
N THR D 142 -5.65 -20.55 -28.56
CA THR D 142 -5.83 -19.12 -28.41
C THR D 142 -4.46 -18.50 -28.12
N MET D 143 -4.33 -17.19 -28.39
CA MET D 143 -3.01 -16.57 -28.52
C MET D 143 -2.15 -16.80 -27.28
N GLY D 144 -2.77 -16.90 -26.11
CA GLY D 144 -2.01 -17.07 -24.89
C GLY D 144 -1.65 -18.51 -24.63
N ALA D 145 -2.65 -19.38 -24.68
CA ALA D 145 -2.34 -20.80 -24.64
C ALA D 145 -1.44 -21.20 -25.80
N LEU D 146 -1.57 -20.54 -26.96
CA LEU D 146 -0.78 -20.92 -28.13
C LEU D 146 0.72 -20.78 -27.87
N ALA D 147 1.13 -19.93 -26.91
CA ALA D 147 2.57 -19.73 -26.70
C ALA D 147 3.25 -20.98 -26.17
N THR D 148 2.50 -21.82 -25.43
CA THR D 148 3.00 -23.06 -24.86
C THR D 148 2.75 -24.28 -25.76
N THR D 149 2.00 -24.13 -26.83
CA THR D 149 1.78 -25.22 -27.79
C THR D 149 2.97 -25.30 -28.73
N GLY D 150 3.48 -26.51 -28.97
CA GLY D 150 4.65 -26.64 -29.81
C GLY D 150 4.39 -26.56 -31.29
N ASN D 151 3.19 -26.97 -31.72
CA ASN D 151 2.95 -27.27 -33.13
C ASN D 151 3.18 -26.06 -34.04
N ARG D 152 3.96 -26.27 -35.11
CA ARG D 152 4.33 -25.20 -36.03
C ARG D 152 3.19 -24.79 -36.95
N LYS D 153 2.26 -25.69 -37.26
CA LYS D 153 1.18 -25.32 -38.17
C LYS D 153 0.23 -24.34 -37.51
N PHE D 154 0.12 -24.36 -36.18
CA PHE D 154 -0.71 -23.39 -35.44
C PHE D 154 0.04 -22.08 -35.23
N ARG D 155 1.30 -22.15 -34.79
CA ARG D 155 2.00 -20.94 -34.40
C ARG D 155 2.30 -20.06 -35.61
N GLU D 156 2.45 -20.67 -36.78
CA GLU D 156 2.69 -19.93 -38.02
C GLU D 156 1.41 -19.33 -38.60
N ALA D 157 0.25 -19.74 -38.11
CA ALA D 157 -1.03 -19.26 -38.62
C ALA D 157 -1.61 -18.12 -37.80
N THR D 158 -0.80 -17.45 -36.96
CA THR D 158 -1.27 -16.30 -36.19
C THR D 158 -1.39 -15.03 -37.00
N GLY D 159 -0.91 -15.03 -38.24
CA GLY D 159 -1.01 -13.86 -39.09
C GLY D 159 -0.16 -12.68 -38.67
N GLY D 160 1.13 -12.92 -38.42
CA GLY D 160 2.09 -11.86 -38.17
C GLY D 160 2.39 -11.54 -36.71
N ILE D 161 1.85 -12.32 -35.78
CA ILE D 161 2.04 -12.06 -34.34
C ILE D 161 2.81 -13.21 -33.72
N PRO D 162 4.05 -13.00 -33.27
CA PRO D 162 4.79 -14.07 -32.59
C PRO D 162 4.27 -14.25 -31.18
N THR D 163 4.31 -15.49 -30.70
CA THR D 163 3.93 -15.74 -29.33
C THR D 163 4.98 -15.16 -28.37
N GLN D 164 4.65 -15.20 -27.09
CA GLN D 164 5.42 -14.47 -26.09
C GLN D 164 5.14 -15.09 -24.72
N GLY D 165 6.17 -15.06 -23.86
CA GLY D 165 5.98 -15.49 -22.48
C GLY D 165 6.01 -16.99 -22.27
N ALA D 166 6.82 -17.72 -23.04
CA ALA D 166 6.97 -19.16 -22.84
C ALA D 166 8.31 -19.62 -23.43
N SER D 167 8.88 -20.63 -22.78
CA SER D 167 10.16 -21.21 -23.15
C SER D 167 10.01 -22.72 -23.12
N PHE D 168 10.65 -23.41 -24.07
CA PHE D 168 10.53 -24.85 -24.21
C PHE D 168 11.74 -25.55 -23.60
N MET D 169 11.49 -26.56 -22.84
CA MET D 169 12.44 -27.50 -22.29
C MET D 169 12.23 -28.87 -22.94
N PRO D 170 13.29 -29.68 -23.05
CA PRO D 170 13.13 -31.06 -23.53
C PRO D 170 12.30 -31.91 -22.58
N PHE D 171 11.17 -32.41 -23.08
CA PHE D 171 10.39 -33.45 -22.43
C PHE D 171 11.22 -34.73 -22.26
N ASP D 172 10.74 -35.61 -21.37
CA ASP D 172 11.46 -36.83 -21.02
C ASP D 172 11.79 -37.67 -22.26
N GLY D 173 13.07 -38.03 -22.39
CA GLY D 173 13.52 -38.82 -23.52
C GLY D 173 13.96 -38.04 -24.74
N TYR D 174 13.51 -36.77 -24.88
CA TYR D 174 13.78 -36.01 -26.10
C TYR D 174 15.27 -35.95 -26.49
N MET D 175 16.17 -36.07 -25.53
CA MET D 175 17.59 -36.00 -25.82
C MET D 175 18.24 -37.37 -25.93
N GLY D 176 17.46 -38.43 -25.74
CA GLY D 176 17.90 -39.77 -26.05
C GLY D 176 17.91 -40.70 -24.86
N GLU D 177 18.39 -41.91 -25.11
CA GLU D 177 18.34 -43.00 -24.15
C GLU D 177 19.13 -42.67 -22.88
N GLY D 178 18.47 -42.81 -21.73
CA GLY D 178 19.15 -42.65 -20.46
C GLY D 178 19.92 -41.36 -20.31
N VAL D 179 19.44 -40.31 -20.96
CA VAL D 179 19.87 -38.93 -20.74
C VAL D 179 18.76 -38.24 -19.96
N ASP D 180 19.11 -37.54 -18.88
CA ASP D 180 18.12 -36.83 -18.08
C ASP D 180 17.98 -35.40 -18.60
N THR D 181 16.82 -35.12 -19.18
CA THR D 181 16.53 -33.83 -19.76
C THR D 181 16.25 -32.76 -18.70
N LEU D 182 15.89 -33.16 -17.47
CA LEU D 182 15.72 -32.21 -16.39
C LEU D 182 17.05 -31.70 -15.81
N SER D 183 18.18 -32.32 -16.14
CA SER D 183 19.46 -31.77 -15.70
C SER D 183 19.78 -30.49 -16.46
N TYR D 184 19.43 -30.45 -17.75
CA TYR D 184 19.58 -29.24 -18.55
C TYR D 184 18.68 -28.13 -18.01
N PHE D 185 17.45 -28.50 -17.64
CA PHE D 185 16.52 -27.51 -17.10
C PHE D 185 17.00 -26.92 -15.79
N GLU D 186 17.54 -27.76 -14.89
CA GLU D 186 17.97 -27.28 -13.59
C GLU D 186 19.16 -26.36 -13.74
N LYS D 187 20.04 -26.68 -14.69
CA LYS D 187 21.21 -25.84 -14.94
C LYS D 187 20.82 -24.45 -15.45
N LEU D 188 19.88 -24.39 -16.41
CA LEU D 188 19.42 -23.09 -16.90
C LEU D 188 18.80 -22.26 -15.78
N LEU D 189 18.04 -22.89 -14.87
CA LEU D 189 17.48 -22.12 -13.76
C LEU D 189 18.58 -21.47 -12.94
N GLY D 190 19.71 -22.13 -12.81
CA GLY D 190 20.74 -21.51 -12.02
C GLY D 190 21.67 -20.60 -12.78
N ASP D 191 21.48 -20.46 -14.09
CA ASP D 191 22.40 -19.74 -14.94
C ASP D 191 21.81 -18.36 -15.22
N ASN D 192 22.47 -17.31 -14.71
CA ASN D 192 21.98 -15.96 -14.88
C ASN D 192 21.78 -15.61 -16.35
N SER D 193 22.62 -16.16 -17.22
CA SER D 193 22.58 -15.78 -18.61
C SER D 193 22.34 -16.97 -19.53
N GLY D 194 21.87 -18.09 -19.00
CA GLY D 194 21.56 -19.19 -19.89
C GLY D 194 20.37 -18.92 -20.81
N GLY D 195 19.68 -17.80 -20.64
CA GLY D 195 18.63 -17.38 -21.55
C GLY D 195 17.23 -17.68 -21.07
N LEU D 196 17.07 -18.36 -19.95
CA LEU D 196 15.76 -18.71 -19.43
C LEU D 196 15.33 -17.68 -18.39
N ASP D 197 14.44 -16.76 -18.78
CA ASP D 197 13.75 -15.93 -17.81
C ASP D 197 13.07 -16.83 -16.77
N VAL D 198 13.23 -16.51 -15.50
CA VAL D 198 12.80 -17.38 -14.40
C VAL D 198 11.30 -17.68 -14.50
N PRO D 199 10.91 -18.95 -14.57
CA PRO D 199 9.49 -19.25 -14.81
C PRO D 199 8.62 -19.00 -13.58
N ALA D 200 7.45 -18.41 -13.83
CA ALA D 200 6.34 -18.49 -12.87
C ALA D 200 5.84 -19.92 -12.71
N ALA D 201 5.87 -20.72 -13.78
CA ALA D 201 5.26 -22.03 -13.70
C ALA D 201 5.79 -22.90 -14.82
N VAL D 202 5.76 -24.21 -14.57
CA VAL D 202 5.88 -25.25 -15.57
C VAL D 202 4.47 -25.72 -15.92
N ILE D 203 4.25 -26.08 -17.19
CA ILE D 203 2.98 -26.69 -17.62
C ILE D 203 3.30 -27.94 -18.42
N ILE D 204 2.69 -29.07 -18.05
CA ILE D 204 3.08 -30.35 -18.62
C ILE D 204 1.86 -31.27 -18.71
N GLU D 205 1.88 -32.14 -19.70
CA GLU D 205 1.00 -33.31 -19.74
C GLU D 205 1.80 -34.51 -19.24
N THR D 206 1.20 -35.33 -18.38
CA THR D 206 1.95 -36.49 -17.90
C THR D 206 2.15 -37.48 -19.03
N VAL D 207 1.15 -37.62 -19.88
CA VAL D 207 1.31 -38.32 -21.15
C VAL D 207 0.95 -37.32 -22.24
N GLN D 208 1.88 -37.07 -23.16
CA GLN D 208 1.64 -36.08 -24.19
C GLN D 208 0.67 -36.62 -25.22
N GLY D 209 -0.46 -35.93 -25.40
CA GLY D 209 -1.50 -36.35 -26.32
C GLY D 209 -1.16 -36.15 -27.79
N GLU D 210 -1.21 -34.90 -28.27
CA GLU D 210 -0.88 -34.61 -29.65
C GLU D 210 0.59 -34.88 -29.96
N GLY D 211 1.48 -34.72 -28.98
CA GLY D 211 2.89 -34.96 -29.23
C GLY D 211 3.21 -36.36 -29.71
N GLY D 212 2.31 -37.31 -29.46
CA GLY D 212 2.49 -38.67 -29.94
C GLY D 212 2.41 -39.72 -28.85
N ILE D 213 1.50 -39.53 -27.88
CA ILE D 213 1.31 -40.48 -26.78
C ILE D 213 2.64 -40.75 -26.09
N ASN D 214 3.16 -39.75 -25.39
CA ASN D 214 4.49 -39.82 -24.78
C ASN D 214 4.39 -39.86 -23.27
N PRO D 215 4.45 -41.04 -22.65
CA PRO D 215 4.30 -41.11 -21.20
C PRO D 215 5.59 -40.67 -20.50
N ALA D 216 5.45 -39.79 -19.53
CA ALA D 216 6.58 -39.34 -18.74
C ALA D 216 6.92 -40.38 -17.69
N GLY D 217 8.22 -40.54 -17.46
CA GLY D 217 8.67 -41.42 -16.39
C GLY D 217 8.18 -40.94 -15.03
N ILE D 218 7.92 -41.90 -14.16
CA ILE D 218 7.42 -41.59 -12.82
C ILE D 218 8.52 -40.95 -12.00
N PRO D 219 9.76 -41.48 -11.97
CA PRO D 219 10.83 -40.70 -11.32
C PRO D 219 11.01 -39.33 -11.96
N TRP D 220 10.96 -39.28 -13.29
CA TRP D 220 11.05 -38.00 -13.99
C TRP D 220 10.04 -37.01 -13.45
N LEU D 221 8.77 -37.41 -13.40
CA LEU D 221 7.73 -36.56 -12.85
C LEU D 221 8.03 -36.19 -11.39
N GLN D 222 8.57 -37.13 -10.61
CA GLN D 222 8.88 -36.82 -9.22
C GLN D 222 10.02 -35.82 -9.12
N ARG D 223 11.01 -35.91 -10.00
CA ARG D 223 12.11 -34.94 -9.94
C ARG D 223 11.66 -33.55 -10.39
N LEU D 224 10.78 -33.47 -11.39
CA LEU D 224 10.20 -32.18 -11.78
C LEU D 224 9.54 -31.49 -10.59
N GLU D 225 8.71 -32.22 -9.83
CA GLU D 225 8.03 -31.61 -8.69
C GLU D 225 9.04 -31.10 -7.67
N LYS D 226 10.11 -31.88 -7.43
CA LYS D 226 11.20 -31.43 -6.58
C LYS D 226 11.79 -30.12 -7.10
N ILE D 227 12.15 -30.09 -8.39
CA ILE D 227 12.70 -28.89 -9.02
C ILE D 227 11.74 -27.71 -8.88
N CYS D 228 10.44 -27.95 -8.98
CA CYS D 228 9.49 -26.85 -8.94
C CYS D 228 9.42 -26.23 -7.55
N ARG D 229 9.31 -27.04 -6.50
CA ARG D 229 9.25 -26.45 -5.17
C ARG D 229 10.60 -25.85 -4.78
N ASP D 230 11.69 -26.51 -5.17
CA ASP D 230 13.01 -26.01 -4.82
C ASP D 230 13.33 -24.68 -5.49
N HIS D 231 12.68 -24.36 -6.61
CA HIS D 231 12.97 -23.15 -7.37
C HIS D 231 11.78 -22.22 -7.43
N ASP D 232 10.83 -22.36 -6.50
CA ASP D 232 9.68 -21.48 -6.38
C ASP D 232 8.88 -21.35 -7.69
N MET D 233 8.51 -22.48 -8.27
CA MET D 233 7.66 -22.48 -9.45
C MET D 233 6.42 -23.35 -9.23
N LEU D 234 5.26 -22.83 -9.62
CA LEU D 234 4.06 -23.64 -9.65
C LEU D 234 4.18 -24.75 -10.68
N LEU D 235 3.70 -25.94 -10.31
CA LEU D 235 3.54 -27.06 -11.24
C LEU D 235 2.11 -27.12 -11.76
N ILE D 236 1.93 -26.92 -13.05
CA ILE D 236 0.61 -26.98 -13.70
C ILE D 236 0.54 -28.28 -14.49
N VAL D 237 -0.27 -29.25 -14.05
CA VAL D 237 -0.53 -30.44 -14.87
C VAL D 237 -1.80 -30.22 -15.68
N ASP D 238 -1.63 -30.24 -17.00
CA ASP D 238 -2.73 -30.16 -17.96
C ASP D 238 -3.25 -31.58 -18.18
N ASP D 239 -4.34 -31.91 -17.49
CA ASP D 239 -5.01 -33.19 -17.66
C ASP D 239 -6.23 -33.08 -18.57
N ILE D 240 -6.17 -32.27 -19.62
CA ILE D 240 -7.35 -32.10 -20.45
C ILE D 240 -7.62 -33.35 -21.28
N GLN D 241 -6.56 -34.00 -21.80
CA GLN D 241 -6.75 -35.25 -22.54
C GLN D 241 -6.46 -36.50 -21.71
N ALA D 242 -5.29 -36.57 -21.05
CA ALA D 242 -4.90 -37.71 -20.24
C ALA D 242 -5.68 -37.82 -18.92
N GLY D 243 -6.54 -36.85 -18.60
CA GLY D 243 -7.28 -36.89 -17.36
C GLY D 243 -8.58 -37.67 -17.46
N CYS D 244 -9.37 -37.58 -16.38
CA CYS D 244 -10.64 -38.29 -16.24
C CYS D 244 -10.52 -39.80 -16.46
N GLY D 245 -9.53 -40.41 -15.79
CA GLY D 245 -9.35 -41.85 -15.85
C GLY D 245 -8.77 -42.39 -17.14
N ARG D 246 -8.27 -41.54 -18.02
CA ARG D 246 -7.75 -42.06 -19.28
C ARG D 246 -6.53 -42.96 -19.03
N THR D 247 -5.63 -42.57 -18.12
CA THR D 247 -4.42 -43.38 -17.89
C THR D 247 -4.63 -44.46 -16.83
N GLY D 248 -5.84 -44.67 -16.36
CA GLY D 248 -6.08 -45.72 -15.40
C GLY D 248 -6.24 -45.22 -14.00
N LYS D 249 -6.05 -43.93 -13.79
CA LYS D 249 -6.33 -43.26 -12.53
C LYS D 249 -7.07 -41.97 -12.89
N PHE D 250 -7.81 -41.41 -11.93
CA PHE D 250 -8.62 -40.26 -12.30
C PHE D 250 -7.75 -39.09 -12.74
N PHE D 251 -6.67 -38.84 -12.01
CA PHE D 251 -5.66 -37.86 -12.38
C PHE D 251 -4.43 -38.60 -12.87
N SER D 252 -3.96 -38.26 -14.08
CA SER D 252 -2.83 -38.99 -14.61
C SER D 252 -1.56 -38.78 -13.78
N PHE D 253 -1.53 -37.75 -12.93
CA PHE D 253 -0.42 -37.58 -12.02
C PHE D 253 -0.49 -38.49 -10.80
N GLU D 254 -1.61 -39.21 -10.59
CA GLU D 254 -1.68 -40.11 -9.44
C GLU D 254 -0.66 -41.23 -9.56
N HIS D 255 -0.24 -41.56 -10.77
CA HIS D 255 0.75 -42.63 -10.93
C HIS D 255 2.06 -42.32 -10.20
N ALA D 256 2.44 -41.04 -10.12
CA ALA D 256 3.72 -40.64 -9.56
C ALA D 256 3.62 -40.14 -8.13
N GLY D 257 2.42 -40.01 -7.58
CA GLY D 257 2.28 -39.54 -6.22
C GLY D 257 2.50 -38.05 -6.01
N ILE D 258 2.95 -37.32 -7.02
CA ILE D 258 3.05 -35.86 -6.89
C ILE D 258 1.66 -35.24 -6.73
N THR D 259 1.64 -33.98 -6.33
CA THR D 259 0.42 -33.18 -6.27
C THR D 259 0.70 -31.81 -6.87
N PRO D 260 0.15 -31.49 -8.03
CA PRO D 260 0.43 -30.20 -8.66
C PRO D 260 -0.17 -29.08 -7.86
N ASP D 261 0.16 -27.86 -8.28
CA ASP D 261 -0.48 -26.70 -7.71
C ASP D 261 -1.71 -26.28 -8.49
N ILE D 262 -1.73 -26.56 -9.78
CA ILE D 262 -2.83 -26.18 -10.65
C ILE D 262 -3.09 -27.34 -11.62
N VAL D 263 -4.34 -27.75 -11.73
CA VAL D 263 -4.74 -28.82 -12.63
C VAL D 263 -5.87 -28.30 -13.52
N THR D 264 -5.70 -28.43 -14.84
CA THR D 264 -6.75 -28.06 -15.78
C THR D 264 -7.43 -29.31 -16.30
N ASN D 265 -8.76 -29.27 -16.36
CA ASN D 265 -9.56 -30.35 -16.90
C ASN D 265 -10.59 -29.75 -17.87
N SER D 266 -10.99 -30.56 -18.85
CA SER D 266 -12.05 -30.15 -19.75
C SER D 266 -12.73 -31.32 -20.43
N LYS D 267 -12.01 -32.00 -21.32
CA LYS D 267 -12.63 -32.85 -22.34
C LYS D 267 -13.71 -33.76 -21.77
N SER D 268 -13.31 -34.76 -20.98
CA SER D 268 -14.28 -35.70 -20.43
C SER D 268 -14.85 -35.27 -19.10
N LEU D 269 -14.61 -34.03 -18.68
CA LEU D 269 -15.14 -33.59 -17.39
C LEU D 269 -16.66 -33.70 -17.35
N SER D 270 -17.34 -33.17 -18.38
CA SER D 270 -18.79 -33.32 -18.48
C SER D 270 -19.20 -34.78 -18.49
N GLY D 271 -18.42 -35.63 -19.18
CA GLY D 271 -18.77 -37.03 -19.27
C GLY D 271 -19.83 -37.35 -20.29
N PHE D 272 -20.25 -36.36 -21.10
CA PHE D 272 -21.37 -36.53 -22.00
C PHE D 272 -21.19 -35.79 -23.32
N GLY D 273 -19.97 -35.32 -23.61
CA GLY D 273 -19.74 -34.43 -24.72
C GLY D 273 -20.13 -32.98 -24.49
N LEU D 274 -20.67 -32.64 -23.32
CA LEU D 274 -20.98 -31.25 -23.04
C LEU D 274 -19.69 -30.43 -22.94
N PRO D 275 -19.65 -29.24 -23.54
CA PRO D 275 -18.54 -28.32 -23.30
C PRO D 275 -18.43 -27.95 -21.83
N PHE D 276 -17.21 -28.02 -21.30
CA PHE D 276 -16.97 -27.86 -19.88
C PHE D 276 -15.48 -27.85 -19.59
N ALA D 277 -15.07 -27.18 -18.52
CA ALA D 277 -13.68 -27.14 -18.09
C ALA D 277 -13.57 -26.44 -16.75
N HIS D 278 -12.53 -26.79 -16.00
CA HIS D 278 -12.23 -26.11 -14.75
C HIS D 278 -10.73 -26.06 -14.50
N VAL D 279 -10.35 -25.26 -13.51
CA VAL D 279 -8.98 -25.14 -13.04
C VAL D 279 -8.98 -25.49 -11.55
N LEU D 280 -8.28 -26.55 -11.19
CA LEU D 280 -8.04 -26.91 -9.79
C LEU D 280 -6.82 -26.13 -9.30
N MET D 281 -6.91 -25.56 -8.11
CA MET D 281 -5.78 -24.81 -7.59
C MET D 281 -5.66 -24.96 -6.09
N ARG D 282 -4.43 -25.12 -5.61
CA ARG D 282 -4.19 -25.18 -4.18
C ARG D 282 -4.72 -23.90 -3.52
N PRO D 283 -5.40 -24.02 -2.37
CA PRO D 283 -6.16 -22.86 -1.85
C PRO D 283 -5.34 -21.59 -1.69
N GLU D 284 -4.14 -21.69 -1.12
CA GLU D 284 -3.33 -20.48 -0.93
C GLU D 284 -3.10 -19.74 -2.26
N LEU D 285 -3.10 -20.44 -3.39
CA LEU D 285 -2.87 -19.76 -4.66
C LEU D 285 -4.05 -18.95 -5.15
N ASP D 286 -5.19 -18.94 -4.46
CA ASP D 286 -6.37 -18.20 -4.89
C ASP D 286 -6.15 -16.68 -4.89
N ILE D 287 -5.24 -16.20 -5.77
CA ILE D 287 -4.80 -14.81 -5.79
C ILE D 287 -5.70 -13.91 -6.64
N TRP D 288 -6.75 -14.47 -7.26
CA TRP D 288 -7.67 -13.69 -8.08
C TRP D 288 -8.44 -12.67 -7.24
N LYS D 289 -8.67 -11.48 -7.83
CA LYS D 289 -9.53 -10.37 -7.44
C LYS D 289 -10.88 -10.51 -8.16
N PRO D 290 -12.03 -10.22 -7.46
CA PRO D 290 -13.36 -10.52 -8.03
C PRO D 290 -13.61 -10.00 -9.45
N GLY D 291 -13.50 -10.88 -10.44
CA GLY D 291 -13.84 -10.57 -11.82
C GLY D 291 -12.70 -10.16 -12.74
N GLN D 292 -11.48 -10.66 -12.55
CA GLN D 292 -10.39 -10.40 -13.47
C GLN D 292 -10.41 -11.32 -14.68
N TYR D 293 -11.30 -12.32 -14.65
CA TYR D 293 -11.41 -13.32 -15.70
C TYR D 293 -12.87 -13.77 -15.71
N ASN D 294 -13.61 -13.43 -16.77
CA ASN D 294 -15.00 -13.89 -16.89
C ASN D 294 -15.12 -14.97 -17.96
N GLY D 295 -15.99 -14.79 -18.95
CA GLY D 295 -16.33 -15.85 -19.88
C GLY D 295 -17.78 -16.31 -19.75
N THR D 296 -18.59 -16.10 -20.80
CA THR D 296 -20.05 -16.14 -20.68
C THR D 296 -20.55 -17.48 -20.15
N PHE D 297 -20.24 -18.58 -20.83
CA PHE D 297 -20.78 -19.89 -20.46
C PHE D 297 -20.07 -20.52 -19.25
N ARG D 298 -19.66 -19.68 -18.29
CA ARG D 298 -19.06 -19.99 -16.98
C ARG D 298 -19.80 -21.09 -16.24
N GLY D 299 -21.01 -20.75 -15.80
CA GLY D 299 -21.87 -21.67 -15.07
C GLY D 299 -22.84 -22.35 -16.01
N PHE D 300 -22.36 -23.42 -16.64
CA PHE D 300 -23.15 -24.19 -17.59
C PHE D 300 -23.67 -25.39 -16.81
N ASN D 301 -24.88 -25.24 -16.27
CA ASN D 301 -25.37 -26.21 -15.30
C ASN D 301 -25.66 -27.57 -15.89
N LEU D 302 -25.85 -27.67 -17.21
CA LEU D 302 -26.06 -29.01 -17.79
C LEU D 302 -24.83 -29.88 -17.58
N ALA D 303 -23.64 -29.31 -17.79
CA ALA D 303 -22.41 -30.06 -17.54
C ALA D 303 -22.24 -30.35 -16.05
N PHE D 304 -22.61 -29.41 -15.18
CA PHE D 304 -22.57 -29.66 -13.73
C PHE D 304 -23.32 -30.93 -13.39
N VAL D 305 -24.52 -31.12 -13.98
CA VAL D 305 -25.33 -32.29 -13.72
C VAL D 305 -24.63 -33.55 -14.22
N THR D 306 -24.18 -33.54 -15.47
CA THR D 306 -23.62 -34.76 -16.04
C THR D 306 -22.26 -35.09 -15.43
N ALA D 307 -21.47 -34.07 -15.07
CA ALA D 307 -20.17 -34.32 -14.44
C ALA D 307 -20.34 -34.85 -13.02
N ALA D 308 -21.35 -34.37 -12.29
CA ALA D 308 -21.58 -34.87 -10.93
C ALA D 308 -22.21 -36.26 -10.93
N ALA D 309 -22.93 -36.61 -11.99
CA ALA D 309 -23.45 -37.97 -12.07
C ALA D 309 -22.36 -38.96 -12.46
N ALA D 310 -21.49 -38.56 -13.41
CA ALA D 310 -20.41 -39.44 -13.80
C ALA D 310 -19.48 -39.73 -12.64
N MET D 311 -19.20 -38.73 -11.80
CA MET D 311 -18.31 -38.95 -10.67
C MET D 311 -18.90 -39.96 -9.71
N ARG D 312 -20.18 -39.80 -9.37
CA ARG D 312 -20.79 -40.72 -8.42
C ARG D 312 -20.91 -42.11 -9.00
N HIS D 313 -21.22 -42.21 -10.29
CA HIS D 313 -21.46 -43.53 -10.88
C HIS D 313 -20.16 -44.33 -11.03
N PHE D 314 -19.15 -43.74 -11.64
CA PHE D 314 -17.92 -44.49 -11.94
C PHE D 314 -16.83 -44.37 -10.88
N TRP D 315 -16.78 -43.29 -10.12
CA TRP D 315 -15.62 -43.00 -9.28
C TRP D 315 -15.93 -43.08 -7.79
N SER D 316 -17.04 -43.73 -7.41
CA SER D 316 -17.35 -43.97 -6.02
C SER D 316 -16.56 -45.14 -5.44
N ASP D 317 -15.79 -45.85 -6.26
CA ASP D 317 -14.89 -46.85 -5.71
C ASP D 317 -13.87 -47.21 -6.77
N ASP D 318 -13.31 -48.39 -6.61
CA ASP D 318 -12.10 -48.88 -7.27
C ASP D 318 -12.37 -49.56 -8.59
N THR D 319 -13.59 -50.04 -8.82
CA THR D 319 -13.87 -51.01 -9.87
C THR D 319 -13.55 -50.47 -11.25
N PHE D 320 -14.09 -49.29 -11.57
CA PHE D 320 -13.88 -48.69 -12.89
C PHE D 320 -12.39 -48.51 -13.17
N GLU D 321 -11.66 -47.87 -12.26
CA GLU D 321 -10.21 -47.72 -12.31
C GLU D 321 -9.52 -48.98 -12.83
N ARG D 322 -9.78 -50.11 -12.16
CA ARG D 322 -8.99 -51.31 -12.40
C ARG D 322 -9.36 -51.98 -13.71
N ASP D 323 -10.63 -51.85 -14.14
CA ASP D 323 -10.99 -52.41 -15.44
C ASP D 323 -10.46 -51.55 -16.58
N VAL D 324 -10.23 -50.25 -16.35
CA VAL D 324 -9.53 -49.45 -17.35
C VAL D 324 -8.08 -49.91 -17.46
N GLN D 325 -7.43 -50.11 -16.31
CA GLN D 325 -6.07 -50.62 -16.34
C GLN D 325 -6.02 -51.96 -17.06
N ARG D 326 -7.02 -52.82 -16.86
CA ARG D 326 -7.02 -54.11 -17.54
C ARG D 326 -7.25 -53.97 -19.04
N LYS D 327 -8.23 -53.14 -19.43
CA LYS D 327 -8.46 -52.93 -20.85
C LYS D 327 -7.22 -52.32 -21.49
N GLY D 328 -6.55 -51.44 -20.76
CA GLY D 328 -5.32 -50.87 -21.28
C GLY D 328 -4.27 -51.92 -21.56
N ARG D 329 -4.19 -52.94 -20.70
CA ARG D 329 -3.23 -54.01 -20.91
C ARG D 329 -3.60 -54.89 -22.10
N VAL D 330 -4.90 -54.99 -22.41
CA VAL D 330 -5.32 -55.67 -23.64
C VAL D 330 -4.80 -54.91 -24.86
N VAL D 331 -5.06 -53.60 -24.90
CA VAL D 331 -4.63 -52.76 -26.02
C VAL D 331 -3.12 -52.84 -26.19
N GLU D 332 -2.39 -52.80 -25.07
CA GLU D 332 -0.93 -52.91 -25.12
C GLU D 332 -0.47 -54.25 -25.68
N ASP D 333 -1.18 -55.33 -25.35
CA ASP D 333 -0.80 -56.63 -25.88
C ASP D 333 -0.97 -56.69 -27.40
N ARG D 334 -2.03 -56.06 -27.94
CA ARG D 334 -2.27 -56.10 -29.38
C ARG D 334 -1.41 -55.10 -30.13
N PHE D 335 -1.26 -53.89 -29.60
CA PHE D 335 -0.38 -52.92 -30.25
C PHE D 335 1.04 -53.45 -30.32
N GLN D 336 1.47 -54.19 -29.30
CA GLN D 336 2.78 -54.83 -29.32
C GLN D 336 2.86 -55.89 -30.42
N LYS D 337 1.93 -56.85 -30.38
CA LYS D 337 1.83 -57.85 -31.45
C LYS D 337 1.77 -57.20 -32.83
N LEU D 338 1.18 -56.01 -32.94
CA LEU D 338 1.13 -55.35 -34.23
C LEU D 338 2.45 -54.67 -34.57
N ALA D 339 3.12 -54.05 -33.59
CA ALA D 339 4.45 -53.53 -33.88
C ALA D 339 5.44 -54.66 -34.13
N SER D 340 5.19 -55.83 -33.52
CA SER D 340 5.95 -57.04 -33.83
C SER D 340 5.82 -57.41 -35.31
N PHE D 341 4.59 -57.56 -35.77
CA PHE D 341 4.32 -57.83 -37.18
C PHE D 341 5.04 -56.82 -38.08
N MET D 342 4.79 -55.53 -37.84
CA MET D 342 5.23 -54.51 -38.80
C MET D 342 6.74 -54.47 -38.91
N THR D 343 7.44 -54.62 -37.80
CA THR D 343 8.90 -54.56 -37.85
C THR D 343 9.49 -55.70 -38.67
N GLU D 344 8.91 -56.94 -38.55
CA GLU D 344 9.49 -58.07 -39.27
C GLU D 344 9.20 -58.05 -40.72
N LYS D 345 8.69 -56.93 -41.20
CA LYS D 345 8.49 -56.69 -42.63
C LYS D 345 9.22 -55.42 -43.07
N GLY D 346 10.29 -55.06 -42.38
CA GLY D 346 11.11 -53.94 -42.78
C GLY D 346 10.52 -52.58 -42.54
N HIS D 347 9.39 -52.51 -41.81
CA HIS D 347 8.72 -51.25 -41.49
C HIS D 347 8.65 -51.12 -39.98
N PRO D 348 9.72 -50.63 -39.35
CA PRO D 348 9.80 -50.67 -37.88
C PRO D 348 8.66 -49.89 -37.22
N ALA D 349 8.22 -50.41 -36.07
CA ALA D 349 7.12 -49.83 -35.30
C ALA D 349 7.32 -50.17 -33.83
N SER D 350 6.51 -49.53 -32.97
CA SER D 350 6.64 -49.71 -31.53
C SER D 350 5.32 -49.35 -30.86
N GLU D 351 5.18 -49.79 -29.60
CA GLU D 351 4.02 -49.50 -28.78
C GLU D 351 4.42 -48.59 -27.61
N ARG D 352 3.55 -47.62 -27.30
CA ARG D 352 3.69 -46.76 -26.15
C ARG D 352 2.32 -46.55 -25.51
N GLY D 353 2.32 -46.07 -24.28
CA GLY D 353 1.08 -45.67 -23.66
C GLY D 353 1.15 -45.78 -22.16
N ARG D 354 -0.01 -45.56 -21.55
CA ARG D 354 -0.20 -45.71 -20.11
C ARG D 354 -1.70 -45.77 -19.86
N GLY D 355 -2.20 -46.90 -19.36
CA GLY D 355 -3.65 -47.03 -19.31
C GLY D 355 -4.24 -47.15 -20.71
N LEU D 356 -5.46 -46.65 -20.86
CA LEU D 356 -6.11 -46.62 -22.17
C LEU D 356 -5.77 -45.38 -22.98
N MET D 357 -4.51 -44.93 -22.89
CA MET D 357 -3.97 -43.87 -23.74
C MET D 357 -2.70 -44.44 -24.37
N ARG D 358 -2.87 -45.24 -25.43
CA ARG D 358 -1.75 -45.93 -26.06
C ARG D 358 -1.64 -45.57 -27.53
N GLY D 359 -0.47 -45.80 -28.08
CA GLY D 359 -0.22 -45.49 -29.47
C GLY D 359 0.65 -46.54 -30.12
N LEU D 360 0.37 -46.80 -31.39
CA LEU D 360 1.21 -47.64 -32.25
C LEU D 360 2.04 -46.70 -33.11
N ASP D 361 3.35 -46.70 -32.89
CA ASP D 361 4.28 -45.79 -33.57
C ASP D 361 4.84 -46.49 -34.79
N VAL D 362 4.10 -46.39 -35.90
CA VAL D 362 4.61 -46.82 -37.20
C VAL D 362 5.62 -45.77 -37.68
N GLY D 363 6.37 -46.08 -38.73
CA GLY D 363 7.43 -45.19 -39.19
C GLY D 363 7.03 -43.77 -39.57
N ASP D 364 6.17 -43.63 -40.58
CA ASP D 364 5.87 -42.36 -41.21
C ASP D 364 4.40 -42.00 -41.07
N GLY D 365 4.10 -40.71 -41.30
CA GLY D 365 2.71 -40.29 -41.32
C GLY D 365 1.94 -40.88 -42.49
N ASP D 366 2.58 -40.99 -43.66
CA ASP D 366 1.84 -41.45 -44.83
C ASP D 366 1.51 -42.93 -44.77
N MET D 367 2.26 -43.73 -44.00
CA MET D 367 1.88 -45.12 -43.78
C MET D 367 0.76 -45.24 -42.76
N ALA D 368 0.87 -44.52 -41.65
CA ALA D 368 -0.21 -44.50 -40.68
C ALA D 368 -1.50 -44.00 -41.30
N ASP D 369 -1.40 -43.17 -42.34
CA ASP D 369 -2.60 -42.65 -42.98
C ASP D 369 -3.32 -43.73 -43.78
N LYS D 370 -2.58 -44.61 -44.47
CA LYS D 370 -3.20 -45.75 -45.16
C LYS D 370 -3.98 -46.59 -44.18
N ILE D 371 -3.33 -46.96 -43.09
CA ILE D 371 -3.93 -47.83 -42.09
C ILE D 371 -5.16 -47.16 -41.48
N THR D 372 -5.03 -45.89 -41.10
CA THR D 372 -6.16 -45.15 -40.53
C THR D 372 -7.31 -45.04 -41.52
N ALA D 373 -7.00 -44.74 -42.79
CA ALA D 373 -8.04 -44.66 -43.81
C ALA D 373 -8.61 -46.04 -44.11
N GLN D 374 -7.74 -47.05 -44.24
CA GLN D 374 -8.18 -48.42 -44.46
C GLN D 374 -9.05 -48.92 -43.30
N ALA D 375 -8.71 -48.55 -42.07
CA ALA D 375 -9.54 -48.92 -40.92
C ALA D 375 -10.94 -48.34 -41.04
N PHE D 376 -11.05 -47.13 -41.59
CA PHE D 376 -12.36 -46.53 -41.80
C PHE D 376 -13.16 -47.32 -42.84
N LYS D 377 -12.46 -47.89 -43.84
CA LYS D 377 -13.12 -48.75 -44.82
C LYS D 377 -13.68 -50.01 -44.16
N ASN D 378 -13.00 -50.53 -43.14
CA ASN D 378 -13.44 -51.73 -42.45
C ASN D 378 -14.29 -51.44 -41.23
N GLY D 379 -14.70 -50.19 -41.04
CA GLY D 379 -15.65 -49.85 -40.00
C GLY D 379 -15.08 -49.45 -38.67
N LEU D 380 -13.87 -48.89 -38.63
CA LEU D 380 -13.22 -48.44 -37.40
C LEU D 380 -12.75 -47.00 -37.58
N ILE D 381 -13.29 -46.09 -36.77
CA ILE D 381 -12.77 -44.72 -36.70
C ILE D 381 -11.58 -44.69 -35.77
N ILE D 382 -10.43 -44.24 -36.28
CA ILE D 382 -9.23 -44.12 -35.47
C ILE D 382 -8.34 -43.03 -36.07
N GLU D 383 -7.88 -42.09 -35.24
CA GLU D 383 -7.08 -40.99 -35.76
C GLU D 383 -5.64 -41.09 -35.26
N THR D 384 -4.81 -40.16 -35.72
CA THR D 384 -3.39 -40.16 -35.43
C THR D 384 -3.00 -38.92 -34.64
N SER D 385 -1.79 -38.98 -34.08
CA SER D 385 -1.16 -37.80 -33.51
C SER D 385 0.35 -37.95 -33.72
N GLY D 386 1.11 -37.00 -33.19
CA GLY D 386 2.54 -36.96 -33.39
C GLY D 386 2.96 -35.75 -34.21
N HIS D 387 4.28 -35.57 -34.28
CA HIS D 387 4.83 -34.44 -35.03
C HIS D 387 4.71 -34.68 -36.53
N SER D 388 4.89 -35.92 -36.97
CA SER D 388 4.76 -36.29 -38.37
C SER D 388 3.37 -36.80 -38.71
N GLY D 389 2.47 -36.92 -37.74
CA GLY D 389 1.30 -37.76 -37.89
C GLY D 389 1.64 -39.20 -37.74
N GLN D 390 2.74 -39.48 -37.05
CA GLN D 390 3.40 -40.76 -37.06
C GLN D 390 2.66 -41.86 -36.31
N VAL D 391 1.85 -41.48 -35.32
CA VAL D 391 1.40 -42.37 -34.25
C VAL D 391 -0.10 -42.59 -34.36
N ILE D 392 -0.53 -43.85 -34.39
CA ILE D 392 -1.96 -44.18 -34.34
C ILE D 392 -2.34 -44.33 -32.88
N LYS D 393 -3.31 -43.52 -32.43
CA LYS D 393 -3.67 -43.45 -31.02
C LYS D 393 -4.92 -44.28 -30.74
N CYS D 394 -4.92 -44.95 -29.59
CA CYS D 394 -6.11 -45.56 -29.02
C CYS D 394 -6.71 -44.59 -28.01
N LEU D 395 -7.83 -43.99 -28.35
CA LEU D 395 -8.54 -43.15 -27.40
C LEU D 395 -9.99 -43.59 -27.27
N CYS D 396 -10.25 -44.90 -27.39
CA CYS D 396 -11.56 -45.52 -27.26
C CYS D 396 -12.20 -45.14 -25.93
N PRO D 397 -13.51 -45.32 -25.75
CA PRO D 397 -14.10 -45.07 -24.43
C PRO D 397 -13.50 -46.01 -23.40
N LEU D 398 -13.55 -45.57 -22.14
CA LEU D 398 -13.09 -46.41 -21.04
C LEU D 398 -14.17 -47.37 -20.56
N THR D 399 -15.43 -47.06 -20.82
CA THR D 399 -16.54 -47.99 -20.61
C THR D 399 -16.63 -49.06 -21.68
N ILE D 400 -15.80 -49.01 -22.74
CA ILE D 400 -15.99 -49.87 -23.90
C ILE D 400 -16.10 -51.33 -23.48
N THR D 401 -17.08 -52.01 -24.07
CA THR D 401 -17.28 -53.43 -23.81
C THR D 401 -16.12 -54.23 -24.36
N ASP D 402 -15.88 -55.40 -23.78
CA ASP D 402 -14.75 -56.17 -24.27
C ASP D 402 -15.00 -56.68 -25.68
N GLU D 403 -16.25 -56.95 -26.04
CA GLU D 403 -16.55 -57.32 -27.42
C GLU D 403 -16.11 -56.24 -28.39
N ASP D 404 -16.43 -54.98 -28.09
CA ASP D 404 -16.10 -53.88 -29.02
C ASP D 404 -14.60 -53.57 -29.01
N LEU D 405 -13.97 -53.50 -27.83
CA LEU D 405 -12.53 -53.29 -27.76
C LEU D 405 -11.76 -54.36 -28.51
N VAL D 406 -12.13 -55.64 -28.30
CA VAL D 406 -11.54 -56.70 -29.12
C VAL D 406 -11.94 -56.53 -30.58
N GLY D 407 -13.23 -56.30 -30.83
CA GLY D 407 -13.69 -56.11 -32.19
C GLY D 407 -12.93 -55.00 -32.90
N GLY D 408 -12.77 -53.86 -32.22
CA GLY D 408 -12.03 -52.76 -32.82
C GLY D 408 -10.59 -53.12 -33.16
N LEU D 409 -9.92 -53.83 -32.25
CA LEU D 409 -8.52 -54.18 -32.51
C LEU D 409 -8.38 -55.22 -33.60
N ASP D 410 -9.36 -56.12 -33.73
CA ASP D 410 -9.32 -57.06 -34.83
C ASP D 410 -9.47 -56.36 -36.16
N ILE D 411 -10.21 -55.23 -36.19
CA ILE D 411 -10.36 -54.46 -37.43
C ILE D 411 -9.06 -53.75 -37.79
N LEU D 412 -8.36 -53.19 -36.80
CA LEU D 412 -7.10 -52.52 -37.10
C LEU D 412 -6.02 -53.54 -37.44
N GLU D 413 -6.07 -54.73 -36.82
CA GLU D 413 -5.10 -55.77 -37.18
C GLU D 413 -5.27 -56.19 -38.63
N GLN D 414 -6.52 -56.47 -39.03
CA GLN D 414 -6.80 -56.80 -40.42
C GLN D 414 -6.40 -55.66 -41.35
N SER D 415 -6.86 -54.44 -41.03
CA SER D 415 -6.60 -53.29 -41.87
C SER D 415 -5.10 -53.02 -42.04
N VAL D 416 -4.28 -53.37 -41.05
CA VAL D 416 -2.84 -53.24 -41.21
C VAL D 416 -2.34 -54.26 -42.21
N LYS D 417 -2.79 -55.51 -42.08
CA LYS D 417 -2.37 -56.57 -43.00
C LYS D 417 -2.70 -56.21 -44.44
N GLU D 418 -3.90 -55.66 -44.67
CA GLU D 418 -4.29 -55.32 -46.02
C GLU D 418 -3.36 -54.29 -46.61
N VAL D 419 -2.94 -53.33 -45.79
CA VAL D 419 -2.01 -52.30 -46.25
C VAL D 419 -0.71 -52.93 -46.75
N PHE D 420 -0.39 -54.14 -46.29
CA PHE D 420 0.89 -54.78 -46.64
C PHE D 420 0.77 -55.78 -47.79
N GLN E 4 22.08 36.84 48.61
CA GLN E 4 22.07 36.03 47.40
C GLN E 4 20.80 36.24 46.56
N ILE E 5 21.00 36.59 45.29
CA ILE E 5 19.90 36.62 44.33
C ILE E 5 19.40 35.20 44.03
N LEU E 6 20.22 34.19 44.35
CA LEU E 6 19.89 32.80 44.00
C LEU E 6 18.72 32.24 44.81
N GLU E 7 18.48 32.75 46.03
CA GLU E 7 17.40 32.25 46.89
C GLU E 7 16.02 32.77 46.48
N ARG E 8 15.93 34.00 45.96
CA ARG E 8 14.64 34.59 45.61
C ARG E 8 14.33 34.53 44.11
N MET E 9 15.35 34.42 43.24
CA MET E 9 15.12 34.47 41.79
C MET E 9 14.99 33.11 41.14
N GLU E 10 15.41 32.03 41.79
CA GLU E 10 15.27 30.69 41.26
C GLU E 10 13.99 30.02 41.79
N SER E 11 13.50 29.04 41.02
CA SER E 11 12.23 28.40 41.31
C SER E 11 12.32 27.53 42.57
N GLU E 12 11.15 27.28 43.16
CA GLU E 12 11.02 26.51 44.38
C GLU E 12 11.15 24.99 44.20
N VAL E 13 11.45 24.49 42.98
CA VAL E 13 11.71 23.05 42.81
C VAL E 13 13.09 22.69 43.32
N ARG E 14 14.03 23.64 43.29
CA ARG E 14 15.45 23.39 43.45
C ARG E 14 15.74 22.33 44.51
N THR E 15 16.38 21.24 44.08
CA THR E 15 16.64 20.05 44.90
C THR E 15 18.04 20.04 45.50
N TYR E 16 19.07 20.29 44.67
CA TYR E 16 20.46 20.19 45.09
C TYR E 16 21.02 21.48 45.70
N SER E 17 20.31 22.60 45.55
CA SER E 17 20.71 23.85 46.19
C SER E 17 20.43 23.85 47.69
N ARG E 18 19.42 23.09 48.14
CA ARG E 18 19.14 23.01 49.57
C ARG E 18 20.06 22.01 50.27
N SER E 19 20.38 20.89 49.62
CA SER E 19 21.33 19.93 50.19
C SER E 19 22.67 20.59 50.48
N PHE E 20 23.21 21.34 49.51
CA PHE E 20 24.56 21.89 49.58
C PHE E 20 24.52 23.39 49.31
N PRO E 21 24.13 24.20 50.34
CA PRO E 21 24.01 25.69 50.20
C PRO E 21 25.36 26.41 50.31
N THR E 22 26.14 26.31 49.24
CA THR E 22 27.41 26.97 49.09
C THR E 22 27.53 27.38 47.61
N VAL E 23 28.48 28.26 47.32
CA VAL E 23 28.60 28.82 45.97
C VAL E 23 29.95 28.40 45.40
N PHE E 24 29.91 27.63 44.29
CA PHE E 24 31.11 26.99 43.75
C PHE E 24 31.75 27.81 42.64
N THR E 25 32.99 27.44 42.30
CA THR E 25 33.81 28.16 41.34
C THR E 25 34.64 27.21 40.49
N GLU E 26 35.91 27.03 40.83
CA GLU E 26 36.81 26.13 40.12
C GLU E 26 36.48 24.66 40.41
N ALA E 27 36.96 23.78 39.53
CA ALA E 27 36.76 22.36 39.68
C ALA E 27 37.74 21.63 38.77
N LYS E 28 38.40 20.60 39.29
CA LYS E 28 39.28 19.78 38.45
C LYS E 28 39.43 18.37 39.01
N GLY E 29 39.21 17.38 38.16
CA GLY E 29 39.11 15.99 38.58
C GLY E 29 38.00 15.78 39.58
N ALA E 30 38.34 15.35 40.79
CA ALA E 30 37.34 15.08 41.82
C ALA E 30 37.29 16.14 42.91
N ARG E 31 37.90 17.31 42.70
CA ARG E 31 37.92 18.35 43.73
C ARG E 31 37.21 19.61 43.23
N LEU E 32 36.23 20.09 44.00
CA LEU E 32 35.59 21.38 43.80
C LEU E 32 36.22 22.41 44.71
N HIS E 33 36.19 23.67 44.27
CA HIS E 33 36.47 24.80 45.15
C HIS E 33 35.21 25.65 45.27
N ALA E 34 34.92 26.08 46.48
CA ALA E 34 33.78 26.94 46.75
C ALA E 34 34.24 28.38 46.94
N GLU E 35 33.25 29.27 46.95
CA GLU E 35 33.53 30.71 47.03
C GLU E 35 34.20 31.10 48.33
N ASP E 36 33.89 30.39 49.43
CA ASP E 36 34.50 30.62 50.74
C ASP E 36 35.82 29.88 50.92
N GLY E 37 36.58 29.66 49.85
CA GLY E 37 37.90 29.08 49.99
C GLY E 37 37.91 27.61 50.37
N ASN E 38 36.74 27.10 50.78
CA ASN E 38 36.60 25.70 51.11
C ASN E 38 36.91 24.83 49.89
N GLN E 39 37.15 23.55 50.16
CA GLN E 39 37.37 22.60 49.08
C GLN E 39 36.60 21.32 49.41
N TYR E 40 36.30 20.55 48.36
CA TYR E 40 35.40 19.40 48.50
C TYR E 40 35.85 18.27 47.58
N ILE E 41 35.86 17.05 48.09
CA ILE E 41 35.97 15.88 47.24
C ILE E 41 34.58 15.49 46.80
N ASP E 42 34.42 15.25 45.50
CA ASP E 42 33.10 15.16 44.87
C ASP E 42 32.76 13.69 44.60
N PHE E 43 31.91 13.12 45.44
CA PHE E 43 31.44 11.77 45.22
C PHE E 43 30.08 11.73 44.52
N LEU E 44 29.63 12.86 44.00
CA LEU E 44 28.39 13.02 43.23
C LEU E 44 28.66 13.02 41.74
N ALA E 45 29.67 13.76 41.29
CA ALA E 45 30.06 13.85 39.87
C ALA E 45 28.87 14.24 38.99
N GLY E 46 28.01 15.10 39.52
CA GLY E 46 26.84 15.56 38.83
C GLY E 46 25.91 14.44 38.47
N ALA E 47 25.60 13.59 39.45
CA ALA E 47 24.73 12.42 39.27
C ALA E 47 25.31 11.46 38.23
N GLY E 48 26.63 11.45 38.11
CA GLY E 48 27.29 10.55 37.19
C GLY E 48 27.40 11.04 35.76
N THR E 49 27.45 12.36 35.58
CA THR E 49 27.72 13.01 34.30
C THR E 49 29.21 13.26 34.08
N LEU E 50 30.01 13.16 35.14
CA LEU E 50 31.43 13.50 35.08
C LEU E 50 32.29 12.29 35.40
N ASN E 51 32.15 11.22 34.60
CA ASN E 51 32.87 9.98 34.84
C ASN E 51 34.38 10.16 34.72
N TYR E 52 34.82 11.17 33.97
CA TYR E 52 36.23 11.49 33.84
C TYR E 52 36.62 12.71 34.68
N GLY E 53 35.78 13.09 35.64
CA GLY E 53 36.07 14.21 36.51
C GLY E 53 35.76 15.55 35.86
N HIS E 54 35.86 16.61 36.67
CA HIS E 54 35.64 17.97 36.19
C HIS E 54 36.79 18.40 35.29
N ASN E 55 36.46 18.93 34.11
CA ASN E 55 37.39 19.65 33.23
C ASN E 55 38.68 18.87 32.99
N HIS E 56 38.51 17.64 32.52
CA HIS E 56 39.66 16.80 32.27
C HIS E 56 40.61 17.48 31.29
N PRO E 57 41.92 17.52 31.58
CA PRO E 57 42.85 18.28 30.72
C PRO E 57 42.80 17.90 29.26
N LYS E 58 42.72 16.59 28.97
CA LYS E 58 42.73 16.18 27.57
C LYS E 58 41.48 16.68 26.86
N LEU E 59 40.31 16.50 27.49
CA LEU E 59 39.06 16.96 26.87
C LEU E 59 39.02 18.47 26.79
N LYS E 60 39.41 19.17 27.86
CA LYS E 60 39.31 20.62 27.85
C LYS E 60 40.09 21.18 26.68
N GLN E 61 41.33 20.73 26.50
CA GLN E 61 42.15 21.24 25.41
C GLN E 61 41.52 20.92 24.05
N ALA E 62 40.90 19.75 23.94
CA ALA E 62 40.23 19.39 22.68
C ALA E 62 39.07 20.36 22.40
N LEU E 63 38.26 20.63 23.41
CA LEU E 63 37.17 21.60 23.28
C LEU E 63 37.72 23.00 22.99
N ALA E 64 38.72 23.44 23.76
CA ALA E 64 39.28 24.76 23.55
C ALA E 64 39.75 24.93 22.12
N ASP E 65 40.42 23.91 21.58
CA ASP E 65 40.94 24.00 20.21
C ASP E 65 39.81 24.13 19.20
N TYR E 66 38.74 23.36 19.37
CA TYR E 66 37.60 23.49 18.46
C TYR E 66 37.09 24.92 18.44
N ILE E 67 36.83 25.46 19.63
CA ILE E 67 36.33 26.83 19.75
C ILE E 67 37.32 27.81 19.14
N ALA E 68 38.62 27.61 19.41
CA ALA E 68 39.61 28.53 18.88
C ALA E 68 39.60 28.53 17.36
N SER E 69 39.61 27.34 16.76
CA SER E 69 39.49 27.19 15.31
C SER E 69 38.22 27.80 14.74
N ASP E 70 37.27 28.22 15.57
CA ASP E 70 36.00 28.81 15.13
C ASP E 70 35.07 27.77 14.52
N GLY E 71 35.08 26.54 15.02
CA GLY E 71 34.25 25.50 14.45
C GLY E 71 32.78 25.71 14.73
N ILE E 72 31.93 25.17 13.86
CA ILE E 72 30.51 25.38 14.05
C ILE E 72 30.05 24.67 15.31
N VAL E 73 29.20 25.32 16.09
CA VAL E 73 28.77 24.80 17.38
C VAL E 73 27.42 24.11 17.29
N HIS E 74 26.52 24.64 16.47
CA HIS E 74 25.14 24.17 16.37
C HIS E 74 24.82 24.01 14.89
N GLY E 75 24.67 22.76 14.43
CA GLY E 75 24.37 22.49 13.03
C GLY E 75 23.01 21.90 12.72
N LEU E 76 22.08 21.94 13.70
CA LEU E 76 20.77 21.29 13.58
C LEU E 76 20.94 19.79 13.31
N ASP E 77 20.68 19.38 12.05
CA ASP E 77 21.05 18.06 11.55
C ASP E 77 22.24 18.08 10.61
N MET E 78 22.71 19.27 10.19
CA MET E 78 23.77 19.45 9.20
C MET E 78 24.90 18.43 9.36
N TRP E 79 25.46 18.01 8.24
CA TRP E 79 26.68 17.23 8.31
C TRP E 79 27.83 18.10 8.77
N SER E 80 28.63 17.58 9.69
CA SER E 80 29.79 18.30 10.19
C SER E 80 30.98 17.37 10.32
N ALA E 81 32.18 17.95 10.24
CA ALA E 81 33.39 17.16 10.46
C ALA E 81 33.43 16.61 11.89
N ALA E 82 32.97 17.38 12.87
CA ALA E 82 32.94 16.92 14.25
C ALA E 82 31.94 15.79 14.45
N LYS E 83 30.85 15.80 13.70
CA LYS E 83 29.90 14.70 13.74
C LYS E 83 30.50 13.43 13.15
N ARG E 84 31.21 13.53 12.03
CA ARG E 84 31.73 12.33 11.39
C ARG E 84 32.80 11.66 12.25
N ASP E 85 33.69 12.44 12.85
CA ASP E 85 34.66 11.87 13.78
C ASP E 85 33.96 11.24 14.96
N TYR E 86 32.82 11.80 15.39
CA TYR E 86 32.09 11.21 16.49
C TYR E 86 31.62 9.81 16.13
N LEU E 87 30.95 9.67 15.00
CA LEU E 87 30.42 8.36 14.66
C LEU E 87 31.51 7.43 14.16
N GLU E 88 32.64 7.98 13.72
CA GLU E 88 33.77 7.13 13.37
C GLU E 88 34.41 6.56 14.62
N THR E 89 34.77 7.43 15.57
CA THR E 89 35.35 6.99 16.83
C THR E 89 34.41 6.05 17.58
N LEU E 90 33.13 6.42 17.72
CA LEU E 90 32.17 5.54 18.36
C LEU E 90 32.23 4.13 17.76
N GLU E 91 32.15 4.05 16.43
CA GLU E 91 32.12 2.73 15.82
C GLU E 91 33.47 2.03 15.91
N GLU E 92 34.57 2.75 15.68
CA GLU E 92 35.84 2.05 15.62
C GLU E 92 36.35 1.69 17.01
N VAL E 93 36.17 2.59 17.98
CA VAL E 93 36.73 2.41 19.32
C VAL E 93 35.80 1.62 20.23
N ILE E 94 34.48 1.89 20.16
CA ILE E 94 33.55 1.27 21.10
C ILE E 94 32.84 0.08 20.49
N LEU E 95 32.20 0.26 19.34
CA LEU E 95 31.21 -0.74 18.92
C LEU E 95 31.87 -1.97 18.26
N LYS E 96 32.69 -1.76 17.22
CA LYS E 96 33.31 -2.87 16.51
C LYS E 96 34.13 -3.78 17.41
N PRO E 97 35.01 -3.27 18.29
CA PRO E 97 35.69 -4.18 19.21
C PRO E 97 34.77 -5.01 20.10
N ARG E 98 33.52 -4.61 20.32
CA ARG E 98 32.62 -5.36 21.17
C ARG E 98 31.63 -6.20 20.37
N GLY E 99 31.75 -6.22 19.05
CA GLY E 99 30.83 -6.97 18.22
C GLY E 99 29.48 -6.33 18.04
N LEU E 100 29.30 -5.10 18.54
CA LEU E 100 27.99 -4.47 18.58
C LEU E 100 27.74 -3.75 17.26
N ASP E 101 26.70 -4.18 16.56
CA ASP E 101 26.26 -3.53 15.32
C ASP E 101 25.14 -2.52 15.64
N TYR E 102 25.46 -1.24 15.73
CA TYR E 102 24.47 -0.22 16.12
C TYR E 102 24.55 1.01 15.21
N LYS E 103 23.40 1.39 14.64
CA LYS E 103 23.18 2.71 14.08
C LYS E 103 22.88 3.71 15.20
N VAL E 104 22.97 5.00 14.90
CA VAL E 104 22.90 6.07 15.90
C VAL E 104 21.81 7.06 15.51
N HIS E 105 20.93 7.37 16.44
CA HIS E 105 19.94 8.42 16.27
C HIS E 105 20.22 9.48 17.32
N LEU E 106 20.30 10.73 16.90
CA LEU E 106 20.59 11.78 17.86
C LEU E 106 19.31 12.55 18.17
N PRO E 107 18.69 12.38 19.34
CA PRO E 107 17.55 13.23 19.71
C PRO E 107 18.01 14.50 20.39
N GLY E 108 17.12 15.13 21.15
CA GLY E 108 17.54 16.23 22.00
C GLY E 108 18.62 15.80 22.98
N PRO E 109 19.41 16.73 23.45
CA PRO E 109 20.55 16.44 24.35
C PRO E 109 20.18 16.25 25.82
N THR E 110 19.18 15.42 26.08
CA THR E 110 18.82 15.04 27.44
C THR E 110 18.52 13.55 27.46
N GLY E 111 18.51 12.98 28.66
CA GLY E 111 18.15 11.57 28.81
C GLY E 111 16.68 11.30 28.55
N THR E 112 15.81 12.19 29.03
CA THR E 112 14.37 12.04 28.76
C THR E 112 14.10 12.04 27.28
N ASN E 113 14.74 12.93 26.53
CA ASN E 113 14.57 12.95 25.08
C ASN E 113 15.01 11.63 24.48
N ALA E 114 16.10 11.04 25.01
CA ALA E 114 16.61 9.79 24.45
C ALA E 114 15.60 8.66 24.69
N VAL E 115 15.05 8.61 25.90
CA VAL E 115 14.10 7.57 26.27
C VAL E 115 12.81 7.70 25.46
N GLU E 116 12.27 8.91 25.34
CA GLU E 116 11.04 9.10 24.57
C GLU E 116 11.26 8.67 23.12
N ALA E 117 12.46 8.93 22.59
CA ALA E 117 12.80 8.50 21.24
C ALA E 117 12.92 6.98 21.16
N ALA E 118 13.48 6.34 22.20
CA ALA E 118 13.63 4.89 22.21
C ALA E 118 12.27 4.18 22.28
N ILE E 119 11.41 4.57 23.22
CA ILE E 119 10.14 3.87 23.30
C ILE E 119 9.25 4.21 22.12
N ARG E 120 9.46 5.37 21.49
CA ARG E 120 8.67 5.71 20.31
C ARG E 120 9.14 4.90 19.11
N LEU E 121 10.45 4.73 18.98
CA LEU E 121 10.99 3.78 18.01
C LEU E 121 10.36 2.40 18.18
N ALA E 122 10.31 1.92 19.42
CA ALA E 122 9.88 0.55 19.66
C ALA E 122 8.39 0.41 19.41
N ARG E 123 7.61 1.42 19.79
CA ARG E 123 6.17 1.36 19.57
C ARG E 123 5.87 1.27 18.09
N ASN E 124 6.63 1.99 17.28
CA ASN E 124 6.41 1.97 15.84
C ASN E 124 6.90 0.67 15.24
N ALA E 125 8.12 0.24 15.58
CA ALA E 125 8.70 -0.99 15.04
C ALA E 125 7.79 -2.20 15.19
N LYS E 126 7.09 -2.32 16.31
CA LYS E 126 6.34 -3.53 16.60
C LYS E 126 4.83 -3.35 16.49
N GLY E 127 4.35 -2.13 16.27
CA GLY E 127 2.91 -1.95 16.16
C GLY E 127 2.14 -2.11 17.44
N ARG E 128 2.81 -1.95 18.59
CA ARG E 128 2.19 -2.11 19.91
C ARG E 128 2.48 -0.88 20.76
N HIS E 129 1.53 -0.56 21.64
CA HIS E 129 1.65 0.65 22.43
C HIS E 129 2.30 0.43 23.78
N ASN E 130 2.18 -0.79 24.33
CA ASN E 130 2.65 -0.99 25.68
C ASN E 130 4.18 -1.05 25.74
N ILE E 131 4.72 -0.61 26.87
CA ILE E 131 6.14 -0.71 27.22
C ILE E 131 6.19 -1.27 28.62
N VAL E 132 6.97 -2.33 28.84
CA VAL E 132 7.14 -2.87 30.19
C VAL E 132 8.34 -2.22 30.85
N THR E 133 8.13 -1.70 32.05
CA THR E 133 9.19 -1.17 32.86
C THR E 133 9.18 -1.94 34.17
N PHE E 134 10.11 -1.63 35.07
CA PHE E 134 10.24 -2.40 36.30
C PHE E 134 10.07 -1.53 37.51
N THR E 135 9.62 -2.14 38.61
CA THR E 135 9.65 -1.51 39.92
C THR E 135 10.92 -0.70 40.12
N ASN E 136 10.73 0.54 40.60
CA ASN E 136 11.77 1.50 40.94
C ASN E 136 12.56 1.99 39.74
N GLY E 137 12.11 1.72 38.53
CA GLY E 137 12.80 2.25 37.36
C GLY E 137 12.71 3.77 37.31
N PHE E 138 13.79 4.40 36.89
CA PHE E 138 13.75 5.82 36.58
C PHE E 138 14.25 6.02 35.16
N HIS E 139 13.45 6.73 34.35
CA HIS E 139 13.79 6.95 32.95
C HIS E 139 13.50 8.36 32.48
N GLY E 140 13.04 9.26 33.36
CA GLY E 140 12.86 10.65 33.02
C GLY E 140 11.49 11.17 33.45
N VAL E 141 11.28 12.47 33.22
CA VAL E 141 10.12 13.16 33.77
C VAL E 141 9.17 13.70 32.70
N THR E 142 9.58 13.88 31.45
CA THR E 142 8.59 14.34 30.47
C THR E 142 7.52 13.26 30.24
N MET E 143 6.32 13.70 29.84
CA MET E 143 5.12 12.86 29.91
C MET E 143 5.32 11.47 29.32
N GLY E 144 5.96 11.37 28.15
CA GLY E 144 6.17 10.05 27.57
C GLY E 144 7.08 9.19 28.42
N ALA E 145 8.26 9.71 28.78
CA ALA E 145 9.15 8.93 29.64
C ALA E 145 8.56 8.72 31.02
N LEU E 146 7.80 9.70 31.55
CA LEU E 146 7.25 9.57 32.90
C LEU E 146 6.46 8.27 33.08
N ALA E 147 5.80 7.79 32.01
CA ALA E 147 4.99 6.59 32.11
C ALA E 147 5.82 5.38 32.55
N THR E 148 7.12 5.40 32.29
CA THR E 148 8.01 4.32 32.69
C THR E 148 8.75 4.60 34.01
N THR E 149 8.49 5.74 34.64
CA THR E 149 9.16 6.10 35.89
C THR E 149 8.31 5.75 37.10
N GLY E 150 8.92 5.09 38.09
CA GLY E 150 8.14 4.56 39.20
C GLY E 150 7.67 5.62 40.18
N ASN E 151 8.42 6.71 40.31
CA ASN E 151 8.25 7.66 41.41
C ASN E 151 6.87 8.30 41.47
N ARG E 152 6.29 8.31 42.67
CA ARG E 152 5.02 9.01 42.86
C ARG E 152 5.20 10.51 42.85
N LYS E 153 6.31 11.02 43.40
CA LYS E 153 6.57 12.46 43.43
C LYS E 153 6.44 13.08 42.03
N PHE E 154 7.04 12.47 41.02
CA PHE E 154 6.90 13.03 39.68
C PHE E 154 5.56 12.67 39.06
N ARG E 155 5.04 11.47 39.32
CA ARG E 155 3.81 11.05 38.65
C ARG E 155 2.58 11.73 39.24
N GLU E 156 2.68 12.27 40.45
CA GLU E 156 1.57 13.01 41.06
C GLU E 156 1.64 14.50 40.75
N ALA E 157 2.69 14.96 40.08
CA ALA E 157 2.84 16.37 39.73
C ALA E 157 2.43 16.66 38.29
N THR E 158 1.74 15.73 37.63
CA THR E 158 1.38 15.94 36.22
C THR E 158 0.27 16.97 36.03
N GLY E 159 -0.55 17.23 37.05
CA GLY E 159 -1.66 18.15 36.90
C GLY E 159 -2.90 17.52 36.30
N GLY E 160 -3.19 16.26 36.67
CA GLY E 160 -4.42 15.64 36.26
C GLY E 160 -4.34 14.78 35.03
N ILE E 161 -3.12 14.52 34.55
CA ILE E 161 -2.90 13.77 33.33
C ILE E 161 -2.25 12.44 33.70
N PRO E 162 -3.01 11.36 33.86
CA PRO E 162 -2.39 10.07 34.17
C PRO E 162 -1.44 9.67 33.06
N THR E 163 -0.41 8.91 33.43
CA THR E 163 0.46 8.30 32.45
C THR E 163 -0.31 7.20 31.70
N GLN E 164 0.23 6.80 30.56
CA GLN E 164 -0.38 5.66 29.88
C GLN E 164 0.64 5.03 28.94
N GLY E 165 0.48 3.73 28.73
CA GLY E 165 1.34 3.00 27.83
C GLY E 165 2.51 2.27 28.48
N ALA E 166 2.38 1.90 29.75
CA ALA E 166 3.46 1.26 30.48
C ALA E 166 2.86 0.47 31.65
N SER E 167 3.36 -0.74 31.82
CA SER E 167 3.01 -1.63 32.92
C SER E 167 4.29 -1.97 33.65
N PHE E 168 4.20 -2.09 34.96
CA PHE E 168 5.36 -2.35 35.80
C PHE E 168 5.46 -3.85 36.12
N MET E 169 6.67 -4.40 36.01
CA MET E 169 6.98 -5.74 36.45
C MET E 169 7.93 -5.69 37.64
N PRO E 170 7.94 -6.73 38.49
CA PRO E 170 8.90 -6.74 39.60
C PRO E 170 10.32 -6.92 39.08
N PHE E 171 11.20 -6.00 39.48
CA PHE E 171 12.63 -6.12 39.19
C PHE E 171 13.18 -7.38 39.85
N ASP E 172 14.39 -7.74 39.43
CA ASP E 172 15.11 -8.82 40.11
C ASP E 172 15.16 -8.56 41.61
N GLY E 173 14.77 -9.57 42.39
CA GLY E 173 14.80 -9.51 43.85
C GLY E 173 13.63 -8.85 44.52
N TYR E 174 12.76 -8.13 43.80
CA TYR E 174 11.64 -7.41 44.41
C TYR E 174 10.70 -8.31 45.22
N MET E 175 10.61 -9.60 44.89
CA MET E 175 9.75 -10.53 45.63
C MET E 175 10.54 -11.40 46.59
N GLY E 176 11.59 -10.84 47.19
CA GLY E 176 12.33 -11.51 48.23
C GLY E 176 13.49 -12.36 47.73
N GLU E 177 14.09 -13.07 48.68
CA GLU E 177 15.21 -13.95 48.37
C GLU E 177 14.71 -15.19 47.63
N GLY E 178 15.41 -15.55 46.56
CA GLY E 178 15.13 -16.81 45.86
C GLY E 178 13.76 -16.90 45.22
N VAL E 179 13.25 -15.80 44.69
CA VAL E 179 12.06 -15.82 43.85
C VAL E 179 12.43 -15.18 42.51
N ASP E 180 12.20 -15.91 41.42
CA ASP E 180 12.41 -15.35 40.09
C ASP E 180 11.20 -14.51 39.73
N THR E 181 11.41 -13.20 39.60
CA THR E 181 10.32 -12.31 39.22
C THR E 181 9.94 -12.46 37.75
N LEU E 182 10.87 -12.93 36.90
CA LEU E 182 10.57 -13.15 35.48
C LEU E 182 9.62 -14.31 35.26
N SER E 183 9.29 -15.07 36.30
CA SER E 183 8.29 -16.11 36.15
C SER E 183 6.89 -15.53 36.18
N TYR E 184 6.65 -14.54 37.04
CA TYR E 184 5.41 -13.77 36.94
C TYR E 184 5.29 -13.15 35.55
N PHE E 185 6.37 -12.51 35.07
CA PHE E 185 6.38 -11.85 33.76
C PHE E 185 6.07 -12.82 32.62
N GLU E 186 6.84 -13.90 32.51
CA GLU E 186 6.60 -14.92 31.48
C GLU E 186 5.15 -15.39 31.52
N LYS E 187 4.58 -15.56 32.72
CA LYS E 187 3.22 -16.06 32.80
C LYS E 187 2.22 -15.05 32.25
N LEU E 188 2.42 -13.75 32.56
CA LEU E 188 1.51 -12.72 32.10
C LEU E 188 1.54 -12.59 30.59
N LEU E 189 2.73 -12.71 29.99
CA LEU E 189 2.82 -12.72 28.53
C LEU E 189 1.98 -13.84 27.92
N GLY E 190 1.83 -14.98 28.63
CA GLY E 190 1.02 -16.04 28.05
C GLY E 190 -0.44 -16.10 28.48
N ASP E 191 -0.87 -15.26 29.42
CA ASP E 191 -2.24 -15.24 29.93
C ASP E 191 -3.06 -14.21 29.14
N ASN E 192 -3.99 -14.69 28.32
CA ASN E 192 -4.84 -13.83 27.51
C ASN E 192 -5.64 -12.80 28.31
N SER E 193 -5.90 -13.06 29.59
CA SER E 193 -6.58 -12.07 30.42
C SER E 193 -5.76 -11.73 31.66
N GLY E 194 -4.45 -11.96 31.63
CA GLY E 194 -3.60 -11.61 32.77
C GLY E 194 -3.60 -10.13 33.09
N GLY E 195 -3.85 -9.28 32.10
CA GLY E 195 -3.86 -7.83 32.22
C GLY E 195 -2.75 -7.13 31.46
N LEU E 196 -1.74 -7.87 31.01
CA LEU E 196 -0.59 -7.27 30.33
C LEU E 196 -0.91 -7.15 28.84
N ASP E 197 -0.99 -5.92 28.35
CA ASP E 197 -1.07 -5.71 26.92
C ASP E 197 0.27 -6.06 26.32
N VAL E 198 0.27 -6.92 25.30
CA VAL E 198 1.49 -7.46 24.71
C VAL E 198 2.45 -6.33 24.36
N PRO E 199 3.61 -6.27 24.98
CA PRO E 199 4.43 -5.06 24.90
C PRO E 199 5.25 -4.99 23.61
N ALA E 200 5.50 -3.77 23.17
CA ALA E 200 6.45 -3.55 22.08
C ALA E 200 7.88 -3.73 22.54
N ALA E 201 8.14 -3.60 23.83
CA ALA E 201 9.50 -3.42 24.31
C ALA E 201 9.54 -3.41 25.83
N VAL E 202 10.70 -3.79 26.35
CA VAL E 202 10.97 -3.79 27.78
C VAL E 202 12.09 -2.79 28.00
N ILE E 203 11.93 -1.90 28.99
CA ILE E 203 12.95 -0.92 29.29
C ILE E 203 13.49 -1.19 30.67
N ILE E 204 14.82 -1.17 30.80
CA ILE E 204 15.48 -1.61 32.01
C ILE E 204 16.82 -0.92 32.20
N GLU E 205 17.17 -0.68 33.46
CA GLU E 205 18.54 -0.36 33.86
C GLU E 205 19.16 -1.62 34.43
N THR E 206 20.32 -2.01 33.93
CA THR E 206 20.98 -3.15 34.55
C THR E 206 21.32 -2.85 36.01
N VAL E 207 21.49 -1.58 36.36
CA VAL E 207 21.64 -1.18 37.76
C VAL E 207 20.75 0.02 37.95
N GLN E 208 19.70 -0.15 38.73
CA GLN E 208 18.75 0.91 38.98
C GLN E 208 19.43 1.96 39.84
N GLY E 209 19.67 3.15 39.28
CA GLY E 209 20.28 4.24 40.01
C GLY E 209 19.38 4.93 41.01
N GLU E 210 18.40 5.69 40.51
CA GLU E 210 17.47 6.34 41.43
C GLU E 210 16.66 5.36 42.26
N GLY E 211 16.48 4.12 41.76
CA GLY E 211 15.88 3.06 42.56
C GLY E 211 16.69 2.65 43.78
N GLY E 212 17.90 3.17 43.95
CA GLY E 212 18.70 2.82 45.11
C GLY E 212 19.82 1.82 44.86
N ILE E 213 20.50 1.94 43.71
CA ILE E 213 21.60 1.05 43.37
C ILE E 213 21.09 -0.40 43.50
N ASN E 214 20.23 -0.84 42.57
CA ASN E 214 19.77 -2.22 42.57
C ASN E 214 20.34 -2.93 41.35
N PRO E 215 21.44 -3.66 41.47
CA PRO E 215 21.99 -4.37 40.31
C PRO E 215 21.19 -5.62 39.97
N ALA E 216 21.02 -5.89 38.69
CA ALA E 216 20.28 -7.09 38.30
C ALA E 216 21.23 -8.27 38.14
N GLY E 217 20.76 -9.45 38.53
CA GLY E 217 21.59 -10.64 38.39
C GLY E 217 21.87 -10.94 36.93
N ILE E 218 23.16 -11.25 36.62
CA ILE E 218 23.51 -11.68 35.27
C ILE E 218 22.57 -12.74 34.72
N PRO E 219 22.29 -13.85 35.43
CA PRO E 219 21.37 -14.85 34.85
C PRO E 219 19.98 -14.28 34.67
N TRP E 220 19.52 -13.46 35.60
CA TRP E 220 18.27 -12.73 35.44
C TRP E 220 18.24 -11.93 34.15
N LEU E 221 19.33 -11.21 33.85
CA LEU E 221 19.41 -10.40 32.63
C LEU E 221 19.42 -11.26 31.37
N GLN E 222 20.03 -12.45 31.46
CA GLN E 222 20.08 -13.33 30.30
C GLN E 222 18.74 -14.01 30.07
N ARG E 223 18.05 -14.41 31.15
CA ARG E 223 16.65 -14.81 31.04
C ARG E 223 15.80 -13.71 30.41
N LEU E 224 15.98 -12.45 30.84
CA LEU E 224 15.15 -11.39 30.28
C LEU E 224 15.40 -11.20 28.79
N GLU E 225 16.68 -11.22 28.38
CA GLU E 225 16.96 -11.12 26.94
C GLU E 225 16.32 -12.27 26.18
N LYS E 226 16.25 -13.45 26.81
CA LYS E 226 15.69 -14.61 26.14
C LYS E 226 14.17 -14.47 25.99
N ILE E 227 13.50 -14.03 27.08
CA ILE E 227 12.05 -13.77 27.01
C ILE E 227 11.73 -12.81 25.87
N CYS E 228 12.53 -11.75 25.74
CA CYS E 228 12.27 -10.76 24.70
C CYS E 228 12.42 -11.38 23.31
N ARG E 229 13.51 -12.09 23.06
CA ARG E 229 13.70 -12.69 21.74
C ARG E 229 12.59 -13.68 21.43
N ASP E 230 12.10 -14.38 22.46
CA ASP E 230 11.12 -15.44 22.29
C ASP E 230 9.70 -14.93 22.13
N HIS E 231 9.40 -13.75 22.66
CA HIS E 231 8.04 -13.21 22.63
C HIS E 231 7.93 -11.96 21.75
N ASP E 232 8.95 -11.70 20.94
CA ASP E 232 8.88 -10.65 19.92
C ASP E 232 8.83 -9.25 20.53
N MET E 233 9.70 -9.01 21.52
CA MET E 233 9.76 -7.76 22.26
C MET E 233 11.16 -7.20 22.16
N LEU E 234 11.29 -5.95 21.76
CA LEU E 234 12.60 -5.32 21.79
C LEU E 234 13.04 -5.14 23.23
N LEU E 235 14.35 -5.11 23.43
CA LEU E 235 14.94 -4.88 24.75
C LEU E 235 15.67 -3.55 24.70
N ILE E 236 15.22 -2.60 25.52
CA ILE E 236 15.87 -1.31 25.64
C ILE E 236 16.64 -1.33 26.95
N VAL E 237 17.96 -1.23 26.87
CA VAL E 237 18.77 -0.99 28.06
C VAL E 237 19.03 0.51 28.15
N ASP E 238 18.48 1.13 29.18
CA ASP E 238 18.75 2.51 29.52
C ASP E 238 20.10 2.58 30.23
N ASP E 239 21.14 2.98 29.52
CA ASP E 239 22.47 3.14 30.12
C ASP E 239 22.82 4.57 30.39
N ILE E 240 21.85 5.37 30.85
CA ILE E 240 22.11 6.79 31.00
C ILE E 240 22.93 7.08 32.25
N GLN E 241 22.63 6.43 33.38
CA GLN E 241 23.47 6.66 34.55
C GLN E 241 24.49 5.56 34.79
N ALA E 242 24.24 4.35 34.31
CA ALA E 242 25.16 3.23 34.47
C ALA E 242 26.02 3.00 33.24
N GLY E 243 26.00 3.90 32.26
CA GLY E 243 26.79 3.74 31.06
C GLY E 243 28.16 4.35 31.21
N CYS E 244 28.91 4.31 30.11
CA CYS E 244 30.23 4.93 30.04
C CYS E 244 31.19 4.41 31.11
N GLY E 245 31.21 3.10 31.33
CA GLY E 245 32.12 2.50 32.29
C GLY E 245 31.78 2.64 33.77
N ARG E 246 30.64 3.22 34.11
CA ARG E 246 30.27 3.37 35.51
C ARG E 246 30.35 2.03 36.25
N THR E 247 29.92 0.95 35.62
CA THR E 247 29.91 -0.36 36.25
C THR E 247 31.16 -1.18 35.94
N GLY E 248 32.13 -0.61 35.23
CA GLY E 248 33.39 -1.28 34.96
C GLY E 248 33.55 -1.80 33.55
N LYS E 249 32.50 -1.79 32.73
CA LYS E 249 32.58 -1.99 31.29
C LYS E 249 31.86 -0.82 30.64
N PHE E 250 32.16 -0.52 29.39
CA PHE E 250 31.63 0.73 28.83
C PHE E 250 30.10 0.72 28.82
N PHE E 251 29.50 -0.29 28.20
CA PHE E 251 28.09 -0.58 28.39
C PHE E 251 27.93 -1.50 29.61
N SER E 252 26.98 -1.15 30.47
CA SER E 252 26.75 -1.94 31.68
C SER E 252 26.23 -3.33 31.37
N PHE E 253 25.57 -3.52 30.23
CA PHE E 253 25.06 -4.85 29.88
C PHE E 253 26.13 -5.77 29.37
N GLU E 254 27.39 -5.29 29.28
CA GLU E 254 28.46 -6.18 28.85
C GLU E 254 28.63 -7.30 29.86
N HIS E 255 28.41 -7.00 31.15
CA HIS E 255 28.63 -7.94 32.26
C HIS E 255 27.86 -9.24 32.07
N ALA E 256 26.95 -9.28 31.09
CA ALA E 256 26.07 -10.42 30.91
C ALA E 256 26.00 -10.89 29.47
N GLY E 257 26.79 -10.30 28.57
CA GLY E 257 26.91 -10.73 27.20
C GLY E 257 25.62 -10.78 26.43
N ILE E 258 24.58 -10.11 26.96
CA ILE E 258 23.38 -9.80 26.19
C ILE E 258 23.70 -8.65 25.26
N THR E 259 23.07 -8.65 24.09
CA THR E 259 23.14 -7.48 23.24
C THR E 259 21.73 -6.94 23.05
N PRO E 260 21.46 -5.72 23.49
CA PRO E 260 20.10 -5.18 23.44
C PRO E 260 19.76 -4.64 22.06
N ASP E 261 18.45 -4.53 21.84
CA ASP E 261 17.93 -4.03 20.58
C ASP E 261 18.12 -2.53 20.46
N ILE E 262 17.89 -1.80 21.55
CA ILE E 262 18.09 -0.36 21.58
C ILE E 262 18.83 0.00 22.86
N VAL E 263 19.65 1.03 22.79
CA VAL E 263 20.35 1.53 23.97
C VAL E 263 20.22 3.03 24.00
N THR E 264 19.81 3.58 25.13
CA THR E 264 19.91 5.02 25.33
C THR E 264 21.20 5.32 26.12
N ASN E 265 21.88 6.40 25.75
CA ASN E 265 22.99 6.94 26.51
C ASN E 265 22.83 8.43 26.68
N SER E 266 23.44 8.96 27.73
CA SER E 266 23.33 10.40 27.91
C SER E 266 24.38 11.03 28.82
N LYS E 267 24.43 10.61 30.08
CA LYS E 267 24.97 11.50 31.11
C LYS E 267 26.46 11.80 30.87
N SER E 268 27.31 10.78 30.97
CA SER E 268 28.73 11.00 30.73
C SER E 268 29.12 10.80 29.28
N LEU E 269 28.16 10.75 28.36
CA LEU E 269 28.46 10.55 26.94
C LEU E 269 29.51 11.55 26.45
N SER E 270 29.32 12.84 26.75
CA SER E 270 30.22 13.88 26.27
C SER E 270 31.54 13.93 27.02
N GLY E 271 31.62 13.40 28.23
CA GLY E 271 32.85 13.38 29.00
C GLY E 271 33.18 14.63 29.78
N PHE E 272 32.49 15.75 29.55
CA PHE E 272 32.91 17.05 30.03
C PHE E 272 31.79 17.79 30.74
N GLY E 273 30.58 17.25 30.73
CA GLY E 273 29.44 17.98 31.25
C GLY E 273 28.56 18.59 30.19
N LEU E 274 28.76 18.20 28.95
CA LEU E 274 27.93 18.93 28.01
C LEU E 274 26.63 18.16 27.77
N PRO E 275 25.52 18.87 27.64
CA PRO E 275 24.28 18.20 27.23
C PRO E 275 24.49 17.47 25.92
N PHE E 276 24.21 16.17 25.94
CA PHE E 276 24.43 15.28 24.81
C PHE E 276 23.69 13.99 25.10
N ALA E 277 23.27 13.30 24.04
CA ALA E 277 22.53 12.05 24.21
C ALA E 277 22.43 11.35 22.87
N HIS E 278 22.33 10.03 22.88
CA HIS E 278 22.09 9.35 21.61
C HIS E 278 21.31 8.07 21.85
N VAL E 279 20.90 7.44 20.76
CA VAL E 279 20.10 6.24 20.80
C VAL E 279 20.69 5.28 19.79
N LEU E 280 21.22 4.17 20.28
CA LEU E 280 21.77 3.09 19.45
C LEU E 280 20.67 2.09 19.17
N MET E 281 20.61 1.62 17.95
CA MET E 281 19.58 0.66 17.56
C MET E 281 20.20 -0.40 16.64
N ARG E 282 19.71 -1.63 16.75
CA ARG E 282 20.03 -2.63 15.74
C ARG E 282 19.61 -2.08 14.37
N PRO E 283 20.41 -2.31 13.32
CA PRO E 283 20.14 -1.64 12.04
C PRO E 283 18.82 -2.02 11.41
N GLU E 284 18.36 -3.26 11.58
CA GLU E 284 17.04 -3.60 11.07
C GLU E 284 15.97 -2.66 11.63
N LEU E 285 16.20 -2.08 12.82
CA LEU E 285 15.18 -1.27 13.47
C LEU E 285 15.12 0.17 12.98
N ASP E 286 15.91 0.57 11.99
CA ASP E 286 15.91 1.97 11.53
C ASP E 286 14.69 2.27 10.65
N ILE E 287 13.52 2.12 11.26
CA ILE E 287 12.26 2.30 10.55
C ILE E 287 11.77 3.72 10.75
N TRP E 288 12.60 4.57 11.37
CA TRP E 288 12.33 6.00 11.41
C TRP E 288 12.15 6.54 9.99
N LYS E 289 11.18 7.42 9.82
CA LYS E 289 11.10 8.07 8.51
C LYS E 289 11.40 9.56 8.65
N PRO E 290 11.95 10.20 7.61
CA PRO E 290 12.47 11.56 7.75
C PRO E 290 11.46 12.53 8.37
N GLY E 291 11.89 13.21 9.43
CA GLY E 291 11.05 14.22 10.06
C GLY E 291 10.45 13.84 11.41
N GLN E 292 9.95 12.60 11.53
CA GLN E 292 9.05 12.24 12.63
C GLN E 292 9.64 12.41 14.03
N TYR E 293 10.92 12.77 14.14
CA TYR E 293 11.49 13.13 15.43
C TYR E 293 12.58 14.16 15.22
N ASN E 294 12.45 15.29 15.93
CA ASN E 294 13.50 16.31 15.97
C ASN E 294 13.89 16.67 17.39
N GLY E 295 14.26 17.93 17.61
CA GLY E 295 14.96 18.37 18.79
C GLY E 295 16.09 19.28 18.35
N THR E 296 15.92 20.59 18.54
CA THR E 296 16.73 21.57 17.81
C THR E 296 18.23 21.43 18.11
N PHE E 297 18.62 21.04 19.34
CA PHE E 297 20.02 20.88 19.73
C PHE E 297 20.54 19.44 19.49
N ARG E 298 20.08 18.77 18.42
CA ARG E 298 20.58 17.42 18.12
C ARG E 298 22.00 17.47 17.55
N GLY E 299 22.31 18.47 16.70
CA GLY E 299 23.68 18.60 16.21
C GLY E 299 24.59 19.50 17.03
N PHE E 300 24.95 19.07 18.25
CA PHE E 300 25.70 19.92 19.18
C PHE E 300 27.18 19.54 19.05
N ASN E 301 27.85 20.14 18.08
CA ASN E 301 29.18 19.67 17.70
C ASN E 301 30.16 19.70 18.86
N LEU E 302 30.02 20.65 19.78
CA LEU E 302 30.96 20.72 20.91
C LEU E 302 30.98 19.43 21.69
N ALA E 303 29.82 18.77 21.83
CA ALA E 303 29.79 17.50 22.55
C ALA E 303 30.32 16.35 21.70
N PHE E 304 30.14 16.42 20.36
CA PHE E 304 30.83 15.48 19.49
C PHE E 304 32.34 15.51 19.75
N VAL E 305 32.89 16.70 19.95
CA VAL E 305 34.33 16.85 20.08
C VAL E 305 34.83 16.16 21.34
N THR E 306 34.30 16.55 22.51
CA THR E 306 34.79 15.97 23.75
C THR E 306 34.47 14.49 23.88
N ALA E 307 33.38 14.03 23.26
CA ALA E 307 33.05 12.63 23.37
C ALA E 307 34.05 11.78 22.61
N ALA E 308 34.32 12.15 21.36
CA ALA E 308 35.32 11.42 20.58
C ALA E 308 36.70 11.50 21.23
N ALA E 309 37.07 12.66 21.74
CA ALA E 309 38.32 12.74 22.50
C ALA E 309 38.33 11.74 23.64
N ALA E 310 37.20 11.63 24.35
CA ALA E 310 37.12 10.75 25.51
C ALA E 310 37.09 9.28 25.12
N MET E 311 36.55 8.98 23.94
CA MET E 311 36.53 7.58 23.56
C MET E 311 37.92 7.10 23.18
N ARG E 312 38.72 7.96 22.55
CA ARG E 312 40.08 7.53 22.19
C ARG E 312 40.98 7.47 23.41
N HIS E 313 40.85 8.43 24.33
CA HIS E 313 41.80 8.56 25.43
C HIS E 313 41.61 7.49 26.51
N PHE E 314 40.37 7.10 26.79
CA PHE E 314 40.13 6.14 27.88
C PHE E 314 39.78 4.74 27.42
N TRP E 315 39.26 4.56 26.20
CA TRP E 315 38.72 3.28 25.80
C TRP E 315 39.46 2.69 24.61
N SER E 316 40.69 3.13 24.36
CA SER E 316 41.50 2.50 23.30
C SER E 316 41.99 1.13 23.73
N ASP E 317 42.16 0.91 25.03
CA ASP E 317 42.50 -0.38 25.57
C ASP E 317 41.77 -0.54 26.89
N ASP E 318 41.81 -1.75 27.45
CA ASP E 318 41.00 -2.04 28.61
C ASP E 318 41.63 -1.61 29.92
N THR E 319 42.71 -0.83 29.87
CA THR E 319 43.36 -0.42 31.12
C THR E 319 42.43 0.39 32.01
N PHE E 320 41.72 1.36 31.44
CA PHE E 320 40.81 2.19 32.20
C PHE E 320 39.79 1.34 32.95
N GLU E 321 39.10 0.44 32.22
CA GLU E 321 37.97 -0.24 32.83
C GLU E 321 38.42 -1.23 33.89
N ARG E 322 39.57 -1.91 33.70
CA ARG E 322 40.08 -2.77 34.76
C ARG E 322 40.34 -1.96 36.02
N ASP E 323 40.72 -0.69 35.86
CA ASP E 323 40.99 0.18 37.01
C ASP E 323 39.70 0.64 37.67
N VAL E 324 38.61 0.83 36.92
CA VAL E 324 37.33 1.09 37.57
C VAL E 324 36.93 -0.12 38.40
N GLN E 325 37.08 -1.32 37.81
CA GLN E 325 36.76 -2.53 38.55
C GLN E 325 37.51 -2.57 39.86
N ARG E 326 38.79 -2.19 39.82
CA ARG E 326 39.58 -2.18 41.05
C ARG E 326 39.05 -1.16 42.04
N LYS E 327 38.91 0.10 41.62
CA LYS E 327 38.39 1.11 42.53
C LYS E 327 37.00 0.72 43.04
N GLY E 328 36.18 0.11 42.19
CA GLY E 328 34.92 -0.40 42.65
C GLY E 328 35.07 -1.24 43.90
N ARG E 329 36.08 -2.12 43.91
CA ARG E 329 36.28 -3.01 45.05
C ARG E 329 36.74 -2.27 46.31
N VAL E 330 37.47 -1.16 46.17
CA VAL E 330 37.86 -0.50 47.43
C VAL E 330 36.65 0.21 48.02
N VAL E 331 35.76 0.70 47.15
CA VAL E 331 34.48 1.24 47.59
C VAL E 331 33.61 0.12 48.16
N GLU E 332 33.64 -1.05 47.53
CA GLU E 332 32.84 -2.18 48.02
C GLU E 332 33.23 -2.56 49.45
N ASP E 333 34.53 -2.84 49.65
CA ASP E 333 35.01 -3.25 50.97
C ASP E 333 34.75 -2.17 52.01
N ARG E 334 34.79 -0.92 51.61
CA ARG E 334 34.64 0.12 52.61
C ARG E 334 33.17 0.41 52.90
N PHE E 335 32.29 0.24 51.91
CA PHE E 335 30.87 0.33 52.17
C PHE E 335 30.38 -0.85 52.98
N GLN E 336 30.95 -2.04 52.75
CA GLN E 336 30.61 -3.20 53.58
C GLN E 336 30.95 -2.96 55.04
N LYS E 337 32.16 -2.42 55.30
CA LYS E 337 32.59 -2.22 56.68
C LYS E 337 31.69 -1.22 57.41
N LEU E 338 31.30 -0.12 56.75
CA LEU E 338 30.36 0.82 57.37
C LEU E 338 29.01 0.19 57.64
N ALA E 339 28.54 -0.64 56.71
CA ALA E 339 27.28 -1.35 56.93
C ALA E 339 27.38 -2.19 58.18
N SER E 340 28.50 -2.88 58.36
CA SER E 340 28.68 -3.68 59.58
C SER E 340 28.79 -2.80 60.81
N PHE E 341 29.50 -1.67 60.71
CA PHE E 341 29.52 -0.74 61.84
C PHE E 341 28.11 -0.29 62.22
N MET E 342 27.37 0.28 61.26
CA MET E 342 26.03 0.77 61.56
C MET E 342 25.10 -0.35 62.03
N THR E 343 25.34 -1.59 61.59
CA THR E 343 24.47 -2.68 62.02
C THR E 343 24.74 -3.07 63.47
N GLU E 344 26.01 -3.06 63.88
CA GLU E 344 26.34 -3.38 65.26
C GLU E 344 25.74 -2.37 66.21
N LYS E 345 25.64 -1.10 65.81
CA LYS E 345 25.07 -0.10 66.67
C LYS E 345 23.53 -0.07 66.60
N GLY E 346 22.92 -1.15 66.11
CA GLY E 346 21.48 -1.30 66.08
C GLY E 346 20.79 -0.53 64.97
N HIS E 347 21.39 -0.48 63.78
CA HIS E 347 20.86 0.34 62.68
C HIS E 347 21.14 -0.39 61.38
N PRO E 348 20.21 -1.25 60.96
CA PRO E 348 20.48 -2.16 59.82
C PRO E 348 20.92 -1.41 58.56
N ALA E 349 22.03 -1.89 57.98
CA ALA E 349 22.64 -1.27 56.81
C ALA E 349 23.30 -2.36 55.98
N SER E 350 23.30 -2.17 54.67
CA SER E 350 23.91 -3.10 53.75
C SER E 350 24.62 -2.32 52.64
N GLU E 351 25.33 -3.05 51.79
CA GLU E 351 26.08 -2.49 50.68
C GLU E 351 25.72 -3.26 49.43
N ARG E 352 25.52 -2.56 48.31
CA ARG E 352 25.39 -3.27 47.05
C ARG E 352 25.91 -2.38 45.94
N GLY E 353 25.93 -2.92 44.73
CA GLY E 353 26.47 -2.16 43.64
C GLY E 353 27.27 -3.01 42.69
N ARG E 354 27.83 -2.38 41.65
CA ARG E 354 28.59 -3.06 40.62
C ARG E 354 29.53 -2.03 40.01
N GLY E 355 30.80 -2.38 39.86
CA GLY E 355 31.76 -1.40 39.42
C GLY E 355 31.82 -0.26 40.44
N LEU E 356 31.79 0.97 39.94
CA LEU E 356 31.82 2.16 40.77
C LEU E 356 30.45 2.80 40.93
N MET E 357 29.37 2.04 40.68
CA MET E 357 28.01 2.46 40.95
C MET E 357 27.54 1.67 42.17
N ARG E 358 27.85 2.17 43.35
CA ARG E 358 27.63 1.47 44.61
C ARG E 358 26.76 2.31 45.55
N GLY E 359 26.17 1.62 46.51
CA GLY E 359 25.26 2.28 47.41
C GLY E 359 25.36 1.72 48.80
N LEU E 360 25.34 2.59 49.81
CA LEU E 360 25.29 2.21 51.21
C LEU E 360 23.85 2.37 51.70
N ASP E 361 23.14 1.26 51.84
CA ASP E 361 21.71 1.26 52.17
C ASP E 361 21.54 1.37 53.67
N VAL E 362 21.38 2.59 54.14
CA VAL E 362 20.99 2.89 55.51
C VAL E 362 19.51 2.57 55.68
N GLY E 363 19.05 2.41 56.91
CA GLY E 363 17.67 2.07 57.11
C GLY E 363 16.68 3.01 56.44
N ASP E 364 16.72 4.28 56.85
CA ASP E 364 15.68 5.25 56.54
C ASP E 364 16.30 6.47 55.89
N GLY E 365 15.46 7.29 55.28
CA GLY E 365 15.96 8.45 54.55
C GLY E 365 16.38 9.62 55.41
N ASP E 366 15.89 9.70 56.65
CA ASP E 366 16.32 10.77 57.55
C ASP E 366 17.69 10.50 58.15
N MET E 367 18.11 9.24 58.21
CA MET E 367 19.45 8.96 58.71
C MET E 367 20.50 9.10 57.62
N ALA E 368 20.14 8.76 56.37
CA ALA E 368 21.02 9.07 55.25
C ALA E 368 21.20 10.57 55.08
N ASP E 369 20.18 11.36 55.40
CA ASP E 369 20.31 12.80 55.29
C ASP E 369 21.26 13.33 56.36
N LYS E 370 21.18 12.80 57.59
CA LYS E 370 22.13 13.19 58.62
C LYS E 370 23.56 12.92 58.19
N ILE E 371 23.79 11.79 57.53
CA ILE E 371 25.14 11.42 57.11
C ILE E 371 25.57 12.27 55.93
N THR E 372 24.65 12.52 54.99
CA THR E 372 24.95 13.33 53.80
C THR E 372 25.36 14.73 54.21
N ALA E 373 24.55 15.38 55.04
CA ALA E 373 24.89 16.72 55.52
C ALA E 373 26.19 16.71 56.31
N GLN E 374 26.36 15.75 57.22
CA GLN E 374 27.58 15.69 58.01
C GLN E 374 28.80 15.60 57.13
N ALA E 375 28.72 14.78 56.06
CA ALA E 375 29.84 14.67 55.13
C ALA E 375 30.09 15.99 54.40
N PHE E 376 29.03 16.74 54.12
CA PHE E 376 29.24 18.01 53.45
C PHE E 376 30.04 18.97 54.33
N LYS E 377 29.76 18.98 55.63
CA LYS E 377 30.54 19.82 56.52
C LYS E 377 31.99 19.33 56.62
N ASN E 378 32.21 18.05 56.42
CA ASN E 378 33.55 17.48 56.54
C ASN E 378 34.27 17.42 55.19
N GLY E 379 33.74 18.05 54.16
CA GLY E 379 34.45 18.16 52.90
C GLY E 379 34.15 17.09 51.86
N LEU E 380 32.99 16.44 51.93
CA LEU E 380 32.58 15.44 50.96
C LEU E 380 31.23 15.80 50.39
N ILE E 381 31.14 15.95 49.07
CA ILE E 381 29.83 16.05 48.41
C ILE E 381 29.36 14.63 48.16
N ILE E 382 28.22 14.25 48.75
CA ILE E 382 27.69 12.90 48.54
C ILE E 382 26.17 12.93 48.71
N GLU E 383 25.45 12.36 47.74
CA GLU E 383 24.00 12.42 47.64
C GLU E 383 23.37 11.04 47.85
N THR E 384 22.04 11.04 47.98
CA THR E 384 21.22 9.86 48.25
C THR E 384 20.28 9.51 47.10
N SER E 385 19.83 8.26 47.08
CA SER E 385 18.82 7.75 46.14
C SER E 385 18.04 6.61 46.81
N GLY E 386 17.04 6.10 46.09
CA GLY E 386 16.13 5.10 46.61
C GLY E 386 14.70 5.64 46.70
N HIS E 387 13.76 4.70 46.90
CA HIS E 387 12.35 5.09 47.02
C HIS E 387 12.09 6.03 48.19
N SER E 388 13.05 6.16 49.12
CA SER E 388 12.87 6.94 50.34
C SER E 388 14.11 7.77 50.68
N GLY E 389 15.03 7.96 49.72
CA GLY E 389 16.30 8.63 50.03
C GLY E 389 17.15 7.87 51.02
N GLN E 390 17.05 6.54 51.03
CA GLN E 390 17.63 5.67 52.04
C GLN E 390 19.05 5.21 51.68
N VAL E 391 19.45 5.30 50.43
CA VAL E 391 20.72 4.76 49.97
C VAL E 391 21.67 5.92 49.73
N ILE E 392 22.83 5.89 50.37
CA ILE E 392 23.91 6.82 50.07
C ILE E 392 24.66 6.27 48.86
N LYS E 393 24.74 7.06 47.79
CA LYS E 393 25.35 6.63 46.54
C LYS E 393 26.81 7.07 46.47
N CYS E 394 27.67 6.17 46.07
CA CYS E 394 28.97 6.55 45.55
C CYS E 394 28.82 6.74 44.04
N LEU E 395 28.86 7.99 43.61
CA LEU E 395 28.90 8.29 42.18
C LEU E 395 30.18 9.00 41.80
N CYS E 396 31.24 8.84 42.61
CA CYS E 396 32.57 9.40 42.38
C CYS E 396 33.04 9.26 40.94
N PRO E 397 33.90 10.16 40.44
CA PRO E 397 34.40 10.03 39.06
C PRO E 397 35.21 8.75 38.87
N LEU E 398 35.08 8.16 37.68
CA LEU E 398 35.81 6.92 37.37
C LEU E 398 37.31 7.13 37.32
N THR E 399 37.76 8.35 37.02
CA THR E 399 39.20 8.65 36.97
C THR E 399 39.79 9.01 38.32
N ILE E 400 39.01 8.93 39.41
CA ILE E 400 39.45 9.52 40.68
C ILE E 400 40.80 8.96 41.09
N THR E 401 41.64 9.83 41.66
CA THR E 401 42.90 9.35 42.24
C THR E 401 42.61 8.53 43.49
N ASP E 402 43.59 7.71 43.87
CA ASP E 402 43.40 6.89 45.05
C ASP E 402 43.45 7.74 46.31
N GLU E 403 44.29 8.77 46.35
CA GLU E 403 44.32 9.59 47.55
C GLU E 403 43.02 10.36 47.73
N ASP E 404 42.30 10.62 46.63
CA ASP E 404 41.00 11.25 46.77
C ASP E 404 39.92 10.20 46.98
N LEU E 405 40.05 9.06 46.31
CA LEU E 405 39.12 7.96 46.54
C LEU E 405 39.12 7.55 48.00
N VAL E 406 40.31 7.26 48.55
CA VAL E 406 40.40 6.93 49.96
C VAL E 406 40.06 8.14 50.82
N GLY E 407 40.46 9.33 50.38
CA GLY E 407 40.17 10.53 51.15
C GLY E 407 38.69 10.73 51.38
N GLY E 408 37.90 10.64 50.31
CA GLY E 408 36.46 10.76 50.45
C GLY E 408 35.89 9.65 51.31
N LEU E 409 36.32 8.41 51.08
CA LEU E 409 35.86 7.30 51.91
C LEU E 409 36.27 7.51 53.36
N ASP E 410 37.47 8.05 53.60
CA ASP E 410 37.83 8.39 54.97
C ASP E 410 36.89 9.45 55.56
N ILE E 411 36.53 10.46 54.76
CA ILE E 411 35.59 11.47 55.24
C ILE E 411 34.24 10.84 55.48
N LEU E 412 33.82 9.94 54.59
CA LEU E 412 32.52 9.32 54.79
C LEU E 412 32.48 8.49 56.07
N GLU E 413 33.57 7.77 56.35
CA GLU E 413 33.59 6.92 57.54
C GLU E 413 33.46 7.74 58.81
N GLN E 414 34.23 8.83 58.91
CA GLN E 414 34.21 9.63 60.13
C GLN E 414 32.88 10.33 60.30
N SER E 415 32.27 10.76 59.19
CA SER E 415 30.95 11.37 59.28
C SER E 415 29.92 10.40 59.85
N VAL E 416 30.03 9.11 59.49
CA VAL E 416 29.09 8.11 60.03
C VAL E 416 29.30 7.97 61.52
N LYS E 417 30.54 7.67 61.92
CA LYS E 417 30.88 7.56 63.33
C LYS E 417 30.42 8.80 64.10
N GLU E 418 30.53 9.98 63.50
CA GLU E 418 30.19 11.21 64.20
C GLU E 418 28.68 11.31 64.43
N VAL E 419 27.88 10.99 63.41
CA VAL E 419 26.42 11.00 63.58
C VAL E 419 25.97 10.02 64.67
N PHE E 420 26.80 9.03 65.02
CA PHE E 420 26.51 8.17 66.17
C PHE E 420 27.16 8.74 67.45
N GLY E 421 26.68 9.92 67.84
CA GLY E 421 27.06 10.54 69.10
C GLY E 421 25.94 10.55 70.13
N ILE F 5 30.60 9.64 3.74
CA ILE F 5 30.38 8.23 3.40
C ILE F 5 29.73 7.48 4.56
N LEU F 6 29.88 8.03 5.77
CA LEU F 6 29.36 7.39 6.98
C LEU F 6 27.98 7.98 7.32
N GLU F 7 27.04 7.75 6.40
CA GLU F 7 25.61 7.88 6.63
C GLU F 7 24.98 6.52 6.92
N ARG F 8 25.81 5.48 6.96
CA ARG F 8 25.49 4.12 7.41
C ARG F 8 25.42 4.02 8.94
N MET F 9 25.69 5.12 9.64
CA MET F 9 25.66 5.13 11.09
C MET F 9 24.50 5.92 11.68
N GLU F 10 24.04 6.98 11.00
CA GLU F 10 23.01 7.84 11.55
C GLU F 10 21.63 7.39 11.09
N SER F 11 20.63 7.72 11.91
CA SER F 11 19.24 7.40 11.62
C SER F 11 18.80 8.04 10.31
N GLU F 12 17.81 7.41 9.69
CA GLU F 12 17.18 7.99 8.52
C GLU F 12 16.18 9.11 8.90
N VAL F 13 15.89 9.31 10.20
CA VAL F 13 15.10 10.47 10.63
C VAL F 13 15.80 11.80 10.33
N ARG F 14 17.02 11.79 9.79
CA ARG F 14 17.68 13.03 9.39
C ARG F 14 16.85 13.77 8.34
N THR F 15 16.72 15.09 8.54
CA THR F 15 16.00 15.98 7.62
C THR F 15 16.88 17.07 7.02
N TYR F 16 17.72 17.71 7.84
CA TYR F 16 18.58 18.79 7.38
C TYR F 16 19.92 18.30 6.83
N SER F 17 20.14 16.96 6.79
CA SER F 17 21.28 16.37 6.08
C SER F 17 20.96 16.13 4.61
N ARG F 18 19.68 15.89 4.28
CA ARG F 18 19.22 15.74 2.90
C ARG F 18 19.03 17.08 2.22
N SER F 19 18.84 18.14 2.99
CA SER F 19 18.71 19.50 2.48
C SER F 19 20.01 20.10 1.97
N PHE F 20 21.11 19.83 2.68
CA PHE F 20 22.42 20.44 2.41
C PHE F 20 23.45 19.34 2.58
N PRO F 21 23.68 18.52 1.51
CA PRO F 21 24.53 17.31 1.67
C PRO F 21 26.04 17.57 1.70
N THR F 22 26.45 18.71 2.24
CA THR F 22 27.86 19.05 2.36
C THR F 22 28.27 19.06 3.83
N VAL F 23 29.58 18.94 4.06
CA VAL F 23 30.15 18.85 5.40
C VAL F 23 30.70 20.22 5.75
N PHE F 24 30.08 20.88 6.73
CA PHE F 24 30.53 22.19 7.17
C PHE F 24 31.58 22.05 8.26
N THR F 25 32.43 23.07 8.38
CA THR F 25 33.59 23.05 9.27
C THR F 25 33.70 24.31 10.13
N GLU F 26 34.03 25.43 9.48
CA GLU F 26 34.27 26.72 10.10
C GLU F 26 33.06 27.64 9.91
N ALA F 27 32.82 28.52 10.89
CA ALA F 27 31.63 29.36 10.88
C ALA F 27 31.90 30.68 11.59
N LYS F 28 31.48 31.80 10.99
CA LYS F 28 31.62 33.09 11.65
C LYS F 28 30.58 34.08 11.17
N GLY F 29 29.90 34.73 12.12
CA GLY F 29 28.89 35.70 11.78
C GLY F 29 27.75 35.00 11.08
N ALA F 30 27.44 35.40 9.85
CA ALA F 30 26.49 34.67 9.01
C ALA F 30 27.18 33.99 7.85
N ARG F 31 28.42 33.55 8.04
CA ARG F 31 29.19 32.93 6.97
C ARG F 31 29.63 31.53 7.39
N LEU F 32 29.39 30.55 6.50
CA LEU F 32 29.75 29.14 6.75
C LEU F 32 30.69 28.64 5.66
N HIS F 33 31.85 28.08 6.05
CA HIS F 33 32.79 27.46 5.13
C HIS F 33 32.59 25.94 5.15
N ALA F 34 32.52 25.34 3.96
CA ALA F 34 32.40 23.90 3.84
C ALA F 34 33.76 23.29 3.49
N GLU F 35 33.82 21.96 3.59
CA GLU F 35 35.03 21.22 3.22
C GLU F 35 35.60 21.67 1.89
N ASP F 36 34.73 21.77 0.86
CA ASP F 36 35.16 22.01 -0.51
C ASP F 36 35.46 23.47 -0.83
N GLY F 37 35.95 24.23 0.15
CA GLY F 37 36.29 25.63 -0.08
C GLY F 37 35.13 26.57 -0.36
N ASN F 38 33.90 26.09 -0.34
CA ASN F 38 32.77 26.98 -0.54
C ASN F 38 32.49 27.78 0.72
N GLN F 39 31.82 28.91 0.50
CA GLN F 39 31.38 29.81 1.55
C GLN F 39 29.88 30.01 1.35
N TYR F 40 29.13 29.97 2.44
CA TYR F 40 27.69 30.14 2.38
C TYR F 40 27.24 31.28 3.29
N ILE F 41 26.28 32.06 2.82
CA ILE F 41 25.53 32.99 3.67
C ILE F 41 24.40 32.21 4.34
N ASP F 42 24.26 32.38 5.65
CA ASP F 42 23.38 31.56 6.49
C ASP F 42 22.11 32.33 6.85
N PHE F 43 21.01 32.02 6.17
CA PHE F 43 19.70 32.54 6.55
C PHE F 43 18.86 31.53 7.34
N LEU F 44 19.51 30.59 8.00
CA LEU F 44 18.85 29.62 8.86
C LEU F 44 19.20 29.81 10.32
N ALA F 45 20.46 30.18 10.59
CA ALA F 45 20.96 30.45 11.94
C ALA F 45 20.52 29.39 12.94
N GLY F 46 20.69 28.12 12.56
CA GLY F 46 20.26 27.05 13.43
C GLY F 46 18.77 27.05 13.72
N ALA F 47 17.95 27.52 12.79
CA ALA F 47 16.49 27.64 12.98
C ALA F 47 16.16 28.58 14.14
N GLY F 48 16.70 29.79 14.07
CA GLY F 48 16.45 30.81 15.08
C GLY F 48 17.22 30.67 16.37
N THR F 49 18.35 29.95 16.37
CA THR F 49 19.09 29.70 17.59
C THR F 49 20.44 30.38 17.61
N LEU F 50 20.81 31.08 16.53
CA LEU F 50 22.07 31.81 16.47
C LEU F 50 21.81 33.28 16.16
N ASN F 51 21.03 33.93 17.02
CA ASN F 51 20.59 35.29 16.77
C ASN F 51 21.75 36.27 16.73
N TYR F 52 22.91 35.91 17.26
CA TYR F 52 24.08 36.77 17.25
C TYR F 52 25.15 36.23 16.31
N GLY F 53 24.76 35.40 15.36
CA GLY F 53 25.69 34.85 14.40
C GLY F 53 26.49 33.69 14.96
N HIS F 54 27.16 32.98 14.09
CA HIS F 54 28.03 31.91 14.56
C HIS F 54 29.22 32.52 15.29
N ASN F 55 29.55 31.98 16.46
CA ASN F 55 30.84 32.19 17.11
C ASN F 55 31.12 33.68 17.31
N HIS F 56 30.17 34.38 17.90
CA HIS F 56 30.35 35.82 18.06
C HIS F 56 31.58 36.12 18.92
N PRO F 57 32.43 37.05 18.50
CA PRO F 57 33.72 37.25 19.21
C PRO F 57 33.59 37.51 20.71
N LYS F 58 32.66 38.38 21.13
CA LYS F 58 32.52 38.67 22.55
C LYS F 58 32.11 37.43 23.36
N LEU F 59 31.20 36.61 22.81
CA LEU F 59 30.76 35.42 23.53
C LEU F 59 31.84 34.36 23.53
N LYS F 60 32.46 34.13 22.38
CA LYS F 60 33.62 33.26 22.30
C LYS F 60 34.62 33.57 23.42
N GLN F 61 34.96 34.85 23.58
CA GLN F 61 35.89 35.26 24.63
C GLN F 61 35.39 34.81 26.01
N ALA F 62 34.13 35.11 26.33
CA ALA F 62 33.61 34.78 27.65
C ALA F 62 33.63 33.28 27.87
N LEU F 63 33.12 32.52 26.90
CA LEU F 63 33.12 31.07 27.02
C LEU F 63 34.53 30.54 27.24
N ALA F 64 35.47 30.97 26.39
CA ALA F 64 36.84 30.44 26.47
C ALA F 64 37.50 30.82 27.77
N ASP F 65 37.32 32.06 28.21
CA ASP F 65 37.97 32.47 29.45
C ASP F 65 37.47 31.64 30.62
N TYR F 66 36.19 31.27 30.61
CA TYR F 66 35.63 30.44 31.67
C TYR F 66 36.24 29.05 31.66
N ILE F 67 36.31 28.45 30.47
CA ILE F 67 36.88 27.12 30.35
C ILE F 67 38.33 27.11 30.79
N ALA F 68 39.08 28.14 30.39
CA ALA F 68 40.51 28.18 30.71
C ALA F 68 40.75 28.23 32.21
N SER F 69 39.88 28.94 32.94
CA SER F 69 39.95 29.12 34.38
C SER F 69 39.48 27.91 35.17
N ASP F 70 39.10 26.82 34.49
CA ASP F 70 38.58 25.61 35.13
C ASP F 70 37.30 25.90 35.90
N GLY F 71 36.37 26.59 35.25
CA GLY F 71 35.06 26.80 35.86
C GLY F 71 34.25 25.51 35.87
N ILE F 72 33.41 25.36 36.90
CA ILE F 72 32.50 24.21 36.94
C ILE F 72 31.57 24.28 35.75
N VAL F 73 31.55 23.20 34.96
CA VAL F 73 30.75 23.14 33.73
C VAL F 73 29.33 22.68 34.01
N HIS F 74 29.19 21.61 34.78
CA HIS F 74 27.89 20.99 35.03
C HIS F 74 27.60 20.97 36.52
N GLY F 75 26.82 21.95 36.97
CA GLY F 75 26.59 22.12 38.39
C GLY F 75 25.25 21.63 38.89
N LEU F 76 24.53 20.85 38.06
CA LEU F 76 23.26 20.27 38.45
C LEU F 76 22.31 21.35 38.92
N ASP F 77 21.91 21.30 40.19
CA ASP F 77 21.12 22.37 40.80
C ASP F 77 21.91 23.14 41.86
N MET F 78 23.23 22.97 41.90
CA MET F 78 24.05 23.63 42.90
C MET F 78 24.23 25.10 42.57
N TRP F 79 24.49 25.90 43.61
CA TRP F 79 24.77 27.31 43.44
C TRP F 79 26.19 27.50 42.93
N SER F 80 26.31 28.13 41.78
CA SER F 80 27.61 28.47 41.23
C SER F 80 27.64 29.97 40.99
N ALA F 81 28.84 30.47 40.69
CA ALA F 81 28.95 31.88 40.35
C ALA F 81 28.32 32.16 39.00
N ALA F 82 28.67 31.37 37.99
CA ALA F 82 28.12 31.55 36.65
C ALA F 82 26.61 31.65 36.68
N LYS F 83 25.96 30.86 37.53
CA LYS F 83 24.51 30.88 37.61
C LYS F 83 24.02 32.16 38.27
N ARG F 84 24.68 32.57 39.35
CA ARG F 84 24.28 33.83 39.98
C ARG F 84 24.40 34.99 39.02
N ASP F 85 25.56 35.09 38.37
CA ASP F 85 25.82 36.15 37.39
C ASP F 85 24.76 36.14 36.31
N TYR F 86 24.28 34.96 35.92
CA TYR F 86 23.17 34.89 34.97
C TYR F 86 21.89 35.45 35.57
N LEU F 87 21.43 34.87 36.69
CA LEU F 87 20.21 35.36 37.35
C LEU F 87 20.26 36.87 37.62
N GLU F 88 21.42 37.37 38.05
CA GLU F 88 21.54 38.80 38.29
C GLU F 88 21.44 39.60 37.00
N THR F 89 22.18 39.19 35.97
CA THR F 89 22.16 39.92 34.71
C THR F 89 20.78 39.88 34.06
N LEU F 90 20.14 38.71 34.06
CA LEU F 90 18.80 38.61 33.52
C LEU F 90 17.87 39.58 34.22
N GLU F 91 17.93 39.65 35.55
CA GLU F 91 17.06 40.53 36.31
C GLU F 91 17.36 42.01 36.03
N GLU F 92 18.63 42.41 36.18
CA GLU F 92 18.96 43.83 36.13
C GLU F 92 18.98 44.37 34.69
N VAL F 93 19.43 43.58 33.71
CA VAL F 93 19.56 44.10 32.35
C VAL F 93 18.26 43.98 31.56
N ILE F 94 17.57 42.84 31.65
CA ILE F 94 16.46 42.52 30.76
C ILE F 94 15.14 42.84 31.44
N LEU F 95 14.92 42.27 32.62
CA LEU F 95 13.61 42.22 33.29
C LEU F 95 13.23 43.53 33.97
N LYS F 96 14.09 44.04 34.86
CA LYS F 96 13.74 45.28 35.55
C LYS F 96 13.49 46.43 34.59
N PRO F 97 14.34 46.69 33.58
CA PRO F 97 14.03 47.77 32.62
C PRO F 97 12.71 47.61 31.88
N ARG F 98 12.11 46.42 31.81
CA ARG F 98 10.84 46.24 31.10
C ARG F 98 9.67 46.13 32.03
N GLY F 99 9.87 46.45 33.31
CA GLY F 99 8.79 46.38 34.29
C GLY F 99 8.27 44.99 34.50
N LEU F 100 9.11 43.98 34.29
CA LEU F 100 8.74 42.58 34.29
C LEU F 100 9.16 41.93 35.59
N ASP F 101 8.24 41.23 36.20
CA ASP F 101 8.43 40.68 37.53
C ASP F 101 8.33 39.16 37.40
N TYR F 102 9.44 38.52 37.08
CA TYR F 102 9.48 37.08 36.87
C TYR F 102 10.56 36.44 37.71
N LYS F 103 10.30 35.20 38.16
CA LYS F 103 11.29 34.23 38.62
C LYS F 103 11.53 33.19 37.55
N VAL F 104 12.64 32.47 37.68
CA VAL F 104 13.10 31.57 36.61
C VAL F 104 13.10 30.16 37.14
N HIS F 105 12.71 29.22 36.29
CA HIS F 105 12.91 27.78 36.52
C HIS F 105 13.79 27.29 35.40
N LEU F 106 14.83 26.55 35.73
CA LEU F 106 15.70 26.01 34.72
C LEU F 106 15.35 24.54 34.48
N PRO F 107 14.66 24.19 33.37
CA PRO F 107 14.33 22.78 33.12
C PRO F 107 15.44 22.08 32.36
N GLY F 108 15.17 20.94 31.73
CA GLY F 108 16.12 20.40 30.78
C GLY F 108 16.47 21.45 29.73
N PRO F 109 17.68 21.35 29.09
CA PRO F 109 18.13 22.36 28.13
C PRO F 109 17.62 22.17 26.71
N THR F 110 16.32 21.90 26.58
CA THR F 110 15.70 21.80 25.28
C THR F 110 14.43 22.63 25.34
N GLY F 111 13.86 22.87 24.15
CA GLY F 111 12.61 23.60 24.08
C GLY F 111 11.43 22.80 24.62
N THR F 112 11.29 21.52 24.18
CA THR F 112 10.19 20.66 24.67
C THR F 112 10.19 20.53 26.18
N ASN F 113 11.38 20.39 26.75
CA ASN F 113 11.50 20.32 28.20
C ASN F 113 10.96 21.56 28.88
N ALA F 114 11.16 22.73 28.27
CA ALA F 114 10.63 23.97 28.83
C ALA F 114 9.12 24.05 28.65
N VAL F 115 8.63 23.73 27.45
CA VAL F 115 7.18 23.71 27.25
C VAL F 115 6.54 22.75 28.23
N GLU F 116 7.21 21.62 28.50
CA GLU F 116 6.60 20.59 29.35
C GLU F 116 6.54 21.04 30.80
N ALA F 117 7.62 21.65 31.31
CA ALA F 117 7.54 22.25 32.63
C ALA F 117 6.50 23.36 32.64
N ALA F 118 6.42 24.12 31.55
CA ALA F 118 5.49 25.24 31.54
C ALA F 118 4.05 24.77 31.71
N ILE F 119 3.61 23.83 30.86
CA ILE F 119 2.21 23.45 30.93
C ILE F 119 1.96 22.65 32.18
N ARG F 120 3.02 22.06 32.75
CA ARG F 120 2.84 21.30 34.00
C ARG F 120 2.61 22.25 35.17
N LEU F 121 3.45 23.28 35.28
CA LEU F 121 3.22 24.33 36.25
C LEU F 121 1.80 24.87 36.16
N ALA F 122 1.38 25.21 34.94
CA ALA F 122 0.07 25.81 34.76
C ALA F 122 -1.03 24.85 35.21
N ARG F 123 -0.92 23.57 34.83
CA ARG F 123 -1.89 22.58 35.28
C ARG F 123 -1.98 22.51 36.79
N ASN F 124 -0.85 22.57 37.49
CA ASN F 124 -0.87 22.49 38.94
C ASN F 124 -1.46 23.76 39.56
N ALA F 125 -1.01 24.92 39.11
CA ALA F 125 -1.42 26.17 39.72
C ALA F 125 -2.93 26.39 39.61
N LYS F 126 -3.55 26.02 38.50
CA LYS F 126 -4.99 26.23 38.35
C LYS F 126 -5.83 25.00 38.66
N GLY F 127 -5.22 23.86 38.98
CA GLY F 127 -6.01 22.67 39.28
C GLY F 127 -6.82 22.10 38.13
N ARG F 128 -6.60 22.56 36.90
CA ARG F 128 -7.29 22.06 35.73
C ARG F 128 -6.27 21.47 34.78
N HIS F 129 -6.72 20.58 33.89
CA HIS F 129 -5.80 19.76 33.10
C HIS F 129 -5.65 20.22 31.65
N ASN F 130 -6.71 20.78 31.06
CA ASN F 130 -6.68 21.16 29.66
C ASN F 130 -5.70 22.31 29.42
N ILE F 131 -5.07 22.29 28.24
CA ILE F 131 -4.28 23.40 27.72
C ILE F 131 -4.88 23.82 26.40
N VAL F 132 -5.15 25.11 26.24
CA VAL F 132 -5.57 25.59 24.93
C VAL F 132 -4.32 25.96 24.14
N THR F 133 -4.27 25.50 22.91
CA THR F 133 -3.24 25.80 21.93
C THR F 133 -3.94 26.25 20.63
N PHE F 134 -3.15 26.66 19.63
CA PHE F 134 -3.67 27.26 18.41
C PHE F 134 -3.23 26.51 17.16
N THR F 135 -4.14 26.48 16.16
CA THR F 135 -3.85 25.91 14.86
C THR F 135 -2.45 26.31 14.41
N ASN F 136 -1.70 25.33 13.90
CA ASN F 136 -0.40 25.53 13.30
C ASN F 136 0.67 25.85 14.34
N GLY F 137 0.35 25.75 15.62
CA GLY F 137 1.35 25.99 16.62
C GLY F 137 2.31 24.82 16.74
N PHE F 138 3.54 25.12 17.16
CA PHE F 138 4.55 24.08 17.38
C PHE F 138 5.23 24.37 18.71
N HIS F 139 5.16 23.40 19.64
CA HIS F 139 5.81 23.53 20.95
C HIS F 139 6.61 22.28 21.34
N GLY F 140 6.78 21.32 20.44
CA GLY F 140 7.69 20.24 20.65
C GLY F 140 7.05 18.89 20.43
N VAL F 141 7.87 17.85 20.59
CA VAL F 141 7.49 16.49 20.18
C VAL F 141 7.59 15.45 21.30
N THR F 142 8.26 15.69 22.42
CA THR F 142 8.06 14.80 23.55
C THR F 142 6.58 14.83 23.98
N MET F 143 6.09 13.68 24.48
CA MET F 143 4.65 13.44 24.55
C MET F 143 3.89 14.54 25.29
N GLY F 144 4.53 15.22 26.26
CA GLY F 144 3.85 16.29 26.97
C GLY F 144 3.57 17.49 26.08
N ALA F 145 4.63 18.04 25.48
CA ALA F 145 4.49 19.13 24.53
C ALA F 145 3.66 18.74 23.32
N LEU F 146 3.80 17.52 22.82
CA LEU F 146 3.20 17.14 21.55
C LEU F 146 1.68 17.23 21.57
N ALA F 147 1.05 17.22 22.76
CA ALA F 147 -0.39 17.41 22.84
C ALA F 147 -0.81 18.76 22.30
N THR F 148 0.07 19.77 22.44
CA THR F 148 -0.17 21.14 22.00
C THR F 148 0.40 21.43 20.61
N THR F 149 1.24 20.52 20.06
CA THR F 149 1.80 20.69 18.71
C THR F 149 0.81 20.20 17.67
N GLY F 150 0.57 20.99 16.65
CA GLY F 150 -0.46 20.61 15.71
C GLY F 150 -0.04 19.71 14.58
N ASN F 151 1.26 19.57 14.36
CA ASN F 151 1.78 18.82 13.23
C ASN F 151 1.29 17.37 13.19
N ARG F 152 0.42 17.06 12.23
CA ARG F 152 -0.08 15.71 12.03
C ARG F 152 1.04 14.68 11.90
N LYS F 153 2.20 15.09 11.40
CA LYS F 153 3.26 14.12 11.13
C LYS F 153 4.06 13.75 12.37
N PHE F 154 4.06 14.57 13.42
CA PHE F 154 4.65 14.09 14.66
C PHE F 154 3.63 13.36 15.53
N ARG F 155 2.35 13.67 15.37
CA ARG F 155 1.28 13.06 16.16
C ARG F 155 0.88 11.68 15.65
N GLU F 156 1.07 11.41 14.35
CA GLU F 156 0.87 10.08 13.82
C GLU F 156 2.04 9.15 14.13
N ALA F 157 3.19 9.70 14.53
CA ALA F 157 4.38 8.87 14.78
C ALA F 157 4.47 8.40 16.23
N THR F 158 3.40 8.51 17.02
CA THR F 158 3.47 8.17 18.45
C THR F 158 3.53 6.68 18.68
N GLY F 159 3.18 5.87 17.69
CA GLY F 159 3.17 4.44 17.87
C GLY F 159 2.00 4.01 18.75
N GLY F 160 0.82 4.53 18.43
CA GLY F 160 -0.39 4.02 19.04
C GLY F 160 -0.85 4.75 20.28
N ILE F 161 -0.33 5.94 20.53
CA ILE F 161 -0.74 6.66 21.74
C ILE F 161 -1.27 8.04 21.41
N PRO F 162 -2.59 8.21 21.50
CA PRO F 162 -3.17 9.52 21.23
C PRO F 162 -2.77 10.50 22.30
N THR F 163 -2.55 11.74 21.87
CA THR F 163 -2.27 12.86 22.75
C THR F 163 -3.44 13.10 23.70
N GLN F 164 -3.19 13.92 24.71
CA GLN F 164 -4.16 14.09 25.76
C GLN F 164 -3.91 15.40 26.50
N GLY F 165 -4.98 16.16 26.74
CA GLY F 165 -4.92 17.32 27.60
C GLY F 165 -4.61 18.64 26.93
N ALA F 166 -5.06 18.81 25.70
CA ALA F 166 -4.89 20.06 24.98
C ALA F 166 -6.08 20.24 24.03
N SER F 167 -6.42 21.50 23.76
CA SER F 167 -7.52 21.85 22.87
C SER F 167 -7.04 22.89 21.86
N PHE F 168 -7.44 22.73 20.61
CA PHE F 168 -6.96 23.62 19.56
C PHE F 168 -7.99 24.70 19.27
N MET F 169 -7.55 25.94 19.23
CA MET F 169 -8.33 27.09 18.80
C MET F 169 -7.78 27.66 17.49
N PRO F 170 -8.63 28.32 16.69
CA PRO F 170 -8.14 29.00 15.48
C PRO F 170 -7.29 30.22 15.81
N PHE F 171 -6.08 30.22 15.29
CA PHE F 171 -5.15 31.33 15.44
C PHE F 171 -5.65 32.54 14.66
N ASP F 172 -5.10 33.72 14.99
CA ASP F 172 -5.46 34.97 14.32
C ASP F 172 -5.53 34.79 12.81
N GLY F 173 -6.69 35.08 12.24
CA GLY F 173 -6.83 35.06 10.80
C GLY F 173 -7.15 33.72 10.23
N TYR F 174 -7.19 32.66 11.04
CA TYR F 174 -7.41 31.34 10.47
C TYR F 174 -8.74 31.24 9.76
N MET F 175 -9.69 32.11 10.07
CA MET F 175 -11.02 32.01 9.51
C MET F 175 -11.27 33.10 8.48
N GLY F 176 -10.22 33.68 7.93
CA GLY F 176 -10.33 34.67 6.88
C GLY F 176 -10.00 36.08 7.38
N GLU F 177 -9.68 36.94 6.41
CA GLU F 177 -9.65 38.38 6.64
C GLU F 177 -10.96 38.84 7.27
N GLY F 178 -10.87 39.54 8.39
CA GLY F 178 -12.04 40.17 8.95
C GLY F 178 -12.70 39.45 10.12
N VAL F 179 -12.47 38.14 10.27
CA VAL F 179 -13.08 37.39 11.36
C VAL F 179 -12.11 37.36 12.54
N ASP F 180 -12.59 37.80 13.71
CA ASP F 180 -11.82 37.69 14.95
C ASP F 180 -12.11 36.31 15.53
N THR F 181 -11.09 35.46 15.54
CA THR F 181 -11.23 34.09 16.01
C THR F 181 -11.46 34.01 17.50
N LEU F 182 -11.04 35.02 18.28
CA LEU F 182 -11.21 34.91 19.73
C LEU F 182 -12.68 34.94 20.13
N SER F 183 -13.58 35.33 19.23
CA SER F 183 -14.99 35.32 19.58
C SER F 183 -15.45 33.89 19.80
N TYR F 184 -15.10 33.00 18.86
CA TYR F 184 -15.34 31.58 18.98
C TYR F 184 -14.83 31.04 20.31
N PHE F 185 -13.51 31.20 20.54
CA PHE F 185 -12.86 30.83 21.80
C PHE F 185 -13.73 31.25 22.98
N GLU F 186 -14.03 32.56 23.03
CA GLU F 186 -14.70 33.13 24.19
C GLU F 186 -16.09 32.55 24.37
N LYS F 187 -16.83 32.34 23.28
CA LYS F 187 -18.14 31.72 23.42
C LYS F 187 -18.01 30.30 23.99
N LEU F 188 -17.00 29.53 23.54
CA LEU F 188 -16.78 28.19 24.10
C LEU F 188 -16.45 28.26 25.59
N LEU F 189 -15.61 29.22 26.00
CA LEU F 189 -15.31 29.34 27.43
C LEU F 189 -16.58 29.57 28.25
N GLY F 190 -17.58 30.24 27.67
CA GLY F 190 -18.86 30.41 28.34
C GLY F 190 -19.87 29.30 28.14
N ASP F 191 -19.64 28.37 27.23
CA ASP F 191 -20.61 27.31 26.91
C ASP F 191 -20.29 26.07 27.72
N ASN F 192 -21.27 25.58 28.47
CA ASN F 192 -21.03 24.44 29.35
C ASN F 192 -20.97 23.12 28.60
N SER F 193 -21.70 22.98 27.49
CA SER F 193 -21.67 21.76 26.71
C SER F 193 -20.91 21.95 25.39
N GLY F 194 -19.96 22.90 25.36
CA GLY F 194 -19.30 23.26 24.12
C GLY F 194 -18.20 22.33 23.66
N GLY F 195 -17.70 21.45 24.53
CA GLY F 195 -16.56 20.63 24.23
C GLY F 195 -15.25 21.11 24.84
N LEU F 196 -15.12 22.38 25.17
CA LEU F 196 -13.88 22.91 25.73
C LEU F 196 -13.84 22.61 27.23
N ASP F 197 -13.02 21.66 27.66
CA ASP F 197 -12.71 21.58 29.08
C ASP F 197 -12.04 22.87 29.53
N VAL F 198 -12.46 23.40 30.67
CA VAL F 198 -11.96 24.69 31.13
C VAL F 198 -10.43 24.64 31.21
N PRO F 199 -9.73 25.50 30.48
CA PRO F 199 -8.28 25.36 30.38
C PRO F 199 -7.57 25.89 31.60
N ALA F 200 -6.47 25.22 31.96
CA ALA F 200 -5.54 25.80 32.92
C ALA F 200 -4.85 27.01 32.31
N ALA F 201 -4.49 26.93 31.02
CA ALA F 201 -3.69 27.96 30.40
C ALA F 201 -3.90 27.96 28.89
N VAL F 202 -3.44 29.03 28.26
CA VAL F 202 -3.30 29.17 26.81
C VAL F 202 -1.82 29.23 26.46
N ILE F 203 -1.39 28.45 25.46
CA ILE F 203 -0.01 28.49 24.98
C ILE F 203 0.03 28.99 23.54
N ILE F 204 0.90 29.97 23.26
CA ILE F 204 0.85 30.66 21.97
C ILE F 204 2.23 31.22 21.60
N GLU F 205 2.51 31.24 20.29
CA GLU F 205 3.62 31.99 19.72
C GLU F 205 3.05 33.31 19.17
N THR F 206 3.63 34.45 19.59
CA THR F 206 3.16 35.71 19.04
C THR F 206 3.41 35.80 17.53
N VAL F 207 4.39 35.05 17.02
CA VAL F 207 4.60 34.81 15.59
C VAL F 207 4.94 33.33 15.45
N GLN F 208 4.12 32.61 14.69
CA GLN F 208 4.28 31.17 14.62
C GLN F 208 5.40 30.82 13.65
N GLY F 209 6.40 30.12 14.15
CA GLY F 209 7.54 29.67 13.35
C GLY F 209 7.16 28.56 12.42
N GLU F 210 7.24 27.29 12.87
CA GLU F 210 6.93 26.18 11.96
C GLU F 210 5.58 26.33 11.29
N GLY F 211 4.67 27.09 11.89
CA GLY F 211 3.33 27.25 11.36
C GLY F 211 3.23 28.04 10.06
N GLY F 212 4.29 28.72 9.63
CA GLY F 212 4.31 29.41 8.36
C GLY F 212 4.60 30.91 8.43
N ILE F 213 5.27 31.33 9.51
CA ILE F 213 5.52 32.74 9.82
C ILE F 213 4.18 33.47 9.93
N ASN F 214 3.36 33.06 10.89
CA ASN F 214 2.06 33.69 11.05
C ASN F 214 2.10 34.62 12.27
N PRO F 215 2.11 35.97 12.06
CA PRO F 215 2.04 36.91 13.20
C PRO F 215 0.62 37.27 13.64
N ALA F 216 0.37 37.12 14.92
CA ALA F 216 -0.85 37.59 15.51
C ALA F 216 -0.86 39.11 15.58
N GLY F 217 -2.03 39.70 15.33
CA GLY F 217 -2.15 41.14 15.46
C GLY F 217 -2.04 41.61 16.89
N ILE F 218 -1.55 42.84 17.07
CA ILE F 218 -1.45 43.41 18.41
C ILE F 218 -2.78 43.47 19.13
N PRO F 219 -3.86 44.01 18.54
CA PRO F 219 -5.16 43.99 19.26
C PRO F 219 -5.66 42.58 19.53
N TRP F 220 -5.31 41.63 18.67
CA TRP F 220 -5.58 40.23 18.97
C TRP F 220 -4.85 39.80 20.23
N LEU F 221 -3.55 40.07 20.30
CA LEU F 221 -2.82 39.70 21.49
C LEU F 221 -3.36 40.44 22.72
N GLN F 222 -3.84 41.68 22.55
CA GLN F 222 -4.41 42.38 23.69
C GLN F 222 -5.75 41.79 24.11
N ARG F 223 -6.62 41.47 23.15
CA ARG F 223 -7.87 40.83 23.52
C ARG F 223 -7.64 39.45 24.12
N LEU F 224 -6.58 38.73 23.70
CA LEU F 224 -6.32 37.41 24.28
C LEU F 224 -5.87 37.50 25.72
N GLU F 225 -5.02 38.47 26.06
CA GLU F 225 -4.60 38.62 27.46
C GLU F 225 -5.76 38.99 28.36
N LYS F 226 -6.75 39.73 27.82
CA LYS F 226 -7.93 40.05 28.61
C LYS F 226 -8.78 38.81 28.86
N ILE F 227 -9.02 38.03 27.81
CA ILE F 227 -9.74 36.77 27.97
C ILE F 227 -9.08 35.89 29.03
N CYS F 228 -7.75 35.81 29.02
CA CYS F 228 -7.09 35.01 30.03
C CYS F 228 -7.26 35.59 31.41
N ARG F 229 -7.35 36.91 31.53
CA ARG F 229 -7.55 37.48 32.86
C ARG F 229 -9.00 37.29 33.32
N ASP F 230 -9.97 37.39 32.41
CA ASP F 230 -11.38 37.30 32.79
C ASP F 230 -11.86 35.88 33.04
N HIS F 231 -11.11 34.86 32.64
CA HIS F 231 -11.56 33.48 32.79
C HIS F 231 -10.56 32.65 33.57
N ASP F 232 -9.66 33.31 34.31
CA ASP F 232 -8.78 32.62 35.24
C ASP F 232 -7.94 31.56 34.52
N MET F 233 -7.41 31.92 33.35
CA MET F 233 -6.43 31.13 32.64
C MET F 233 -5.10 31.86 32.68
N LEU F 234 -4.02 31.12 33.00
CA LEU F 234 -2.68 31.65 32.77
C LEU F 234 -2.40 31.82 31.27
N LEU F 235 -1.51 32.76 30.94
CA LEU F 235 -1.09 32.93 29.55
C LEU F 235 0.36 32.50 29.43
N ILE F 236 0.61 31.47 28.62
CA ILE F 236 1.94 30.99 28.34
C ILE F 236 2.32 31.50 26.95
N VAL F 237 3.30 32.37 26.88
CA VAL F 237 3.84 32.79 25.59
C VAL F 237 5.08 31.95 25.30
N ASP F 238 5.02 31.21 24.20
CA ASP F 238 6.13 30.35 23.80
C ASP F 238 7.08 31.16 22.93
N ASP F 239 8.13 31.69 23.57
CA ASP F 239 9.06 32.60 22.93
C ASP F 239 10.33 31.86 22.50
N ILE F 240 10.19 30.61 22.08
CA ILE F 240 11.37 29.77 21.83
C ILE F 240 12.02 30.14 20.50
N GLN F 241 11.22 30.51 19.50
CA GLN F 241 11.77 30.94 18.23
C GLN F 241 11.49 32.39 17.86
N ALA F 242 10.47 33.03 18.43
CA ALA F 242 10.27 34.46 18.24
C ALA F 242 11.00 35.30 19.27
N GLY F 243 11.64 34.68 20.26
CA GLY F 243 12.24 35.40 21.35
C GLY F 243 13.63 35.90 21.02
N CYS F 244 14.33 36.34 22.06
CA CYS F 244 15.70 36.86 22.01
C CYS F 244 15.95 37.79 20.82
N GLY F 245 15.06 38.76 20.64
CA GLY F 245 15.30 39.82 19.70
C GLY F 245 14.72 39.59 18.31
N ARG F 246 14.33 38.36 17.98
CA ARG F 246 14.00 38.02 16.60
C ARG F 246 12.97 38.97 15.97
N THR F 247 11.96 39.40 16.73
CA THR F 247 10.90 40.25 16.18
C THR F 247 11.16 41.75 16.32
N GLY F 248 12.28 42.17 16.87
CA GLY F 248 12.55 43.58 17.06
C GLY F 248 12.62 44.00 18.51
N LYS F 249 12.05 43.20 19.41
CA LYS F 249 12.07 43.40 20.85
C LYS F 249 12.57 42.11 21.47
N PHE F 250 13.22 42.22 22.62
CA PHE F 250 13.77 41.02 23.24
C PHE F 250 12.68 39.98 23.41
N PHE F 251 11.60 40.32 24.11
CA PHE F 251 10.43 39.45 24.20
C PHE F 251 9.48 39.80 23.08
N SER F 252 9.11 38.81 22.26
CA SER F 252 8.16 39.07 21.17
C SER F 252 6.90 39.77 21.67
N PHE F 253 6.43 39.41 22.86
CA PHE F 253 5.19 39.98 23.37
C PHE F 253 5.29 41.47 23.72
N GLU F 254 6.49 42.08 23.69
CA GLU F 254 6.60 43.50 24.00
C GLU F 254 5.84 44.36 22.99
N HIS F 255 5.58 43.85 21.78
CA HIS F 255 4.88 44.66 20.78
C HIS F 255 3.43 44.94 21.15
N ALA F 256 2.84 44.15 22.03
CA ALA F 256 1.46 44.40 22.43
C ALA F 256 1.35 44.78 23.88
N GLY F 257 2.46 45.03 24.55
CA GLY F 257 2.43 45.51 25.92
C GLY F 257 1.78 44.55 26.92
N ILE F 258 1.39 43.35 26.47
CA ILE F 258 0.87 42.36 27.39
C ILE F 258 2.00 41.78 28.25
N THR F 259 1.63 41.22 29.39
CA THR F 259 2.63 40.61 30.28
C THR F 259 2.16 39.20 30.60
N PRO F 260 2.70 38.17 29.93
CA PRO F 260 2.23 36.80 30.17
C PRO F 260 2.59 36.31 31.56
N ASP F 261 1.81 35.32 32.03
CA ASP F 261 2.10 34.70 33.32
C ASP F 261 3.32 33.80 33.28
N ILE F 262 3.54 33.12 32.14
CA ILE F 262 4.66 32.19 31.97
C ILE F 262 5.28 32.43 30.59
N VAL F 263 6.61 32.46 30.54
CA VAL F 263 7.35 32.61 29.28
C VAL F 263 8.33 31.45 29.16
N THR F 264 8.54 30.96 27.95
CA THR F 264 9.60 29.99 27.72
C THR F 264 10.64 30.57 26.78
N ASN F 265 11.89 30.25 27.03
CA ASN F 265 12.96 30.63 26.12
C ASN F 265 13.88 29.43 25.98
N SER F 266 14.28 29.14 24.74
CA SER F 266 15.35 28.17 24.54
C SER F 266 16.41 28.57 23.54
N LYS F 267 16.01 28.70 22.24
CA LYS F 267 16.93 28.56 21.11
C LYS F 267 18.13 29.46 21.28
N SER F 268 17.90 30.75 21.10
CA SER F 268 18.99 31.70 21.08
C SER F 268 19.40 32.16 22.47
N LEU F 269 18.77 31.64 23.53
CA LEU F 269 19.03 32.16 24.86
C LEU F 269 20.52 32.10 25.22
N SER F 270 21.22 31.04 24.85
CA SER F 270 22.65 31.01 25.17
C SER F 270 23.46 31.97 24.30
N GLY F 271 22.92 32.36 23.15
CA GLY F 271 23.59 33.22 22.20
C GLY F 271 24.78 32.62 21.48
N PHE F 272 25.13 31.36 21.76
CA PHE F 272 26.31 30.77 21.15
C PHE F 272 26.06 29.44 20.46
N GLY F 273 24.85 28.92 20.52
CA GLY F 273 24.59 27.59 20.03
C GLY F 273 24.68 26.51 21.07
N LEU F 274 24.87 26.88 22.37
CA LEU F 274 24.81 25.95 23.49
C LEU F 274 23.36 25.62 23.85
N PRO F 275 23.05 24.35 24.09
CA PRO F 275 21.69 24.00 24.53
C PRO F 275 21.39 24.64 25.86
N PHE F 276 20.18 25.19 25.97
CA PHE F 276 19.82 25.95 27.16
C PHE F 276 18.36 26.35 27.09
N ALA F 277 17.69 26.47 28.24
CA ALA F 277 16.31 26.92 28.25
C ALA F 277 15.93 27.31 29.66
N HIS F 278 14.96 28.23 29.78
CA HIS F 278 14.36 28.54 31.07
C HIS F 278 12.85 28.76 30.94
N VAL F 279 12.18 28.73 32.08
CA VAL F 279 10.78 29.12 32.21
C VAL F 279 10.74 30.33 33.12
N LEU F 280 10.20 31.44 32.62
CA LEU F 280 9.89 32.61 33.42
C LEU F 280 8.47 32.55 33.94
N MET F 281 8.27 32.89 35.21
CA MET F 281 6.93 32.81 35.81
C MET F 281 6.67 33.95 36.77
N ARG F 282 5.44 34.45 36.77
CA ARG F 282 5.04 35.42 37.78
C ARG F 282 5.32 34.84 39.16
N PRO F 283 5.89 35.63 40.08
CA PRO F 283 6.35 35.07 41.37
C PRO F 283 5.30 34.28 42.15
N GLU F 284 4.06 34.78 42.19
CA GLU F 284 2.97 34.06 42.85
C GLU F 284 2.77 32.67 42.28
N LEU F 285 3.25 32.40 41.07
CA LEU F 285 3.04 31.12 40.44
C LEU F 285 4.06 30.08 40.85
N ASP F 286 5.07 30.45 41.63
CA ASP F 286 6.04 29.45 42.06
C ASP F 286 5.45 28.37 42.97
N ILE F 287 4.36 27.71 42.53
CA ILE F 287 3.64 26.71 43.33
C ILE F 287 4.42 25.40 43.45
N TRP F 288 5.49 25.24 42.66
CA TRP F 288 6.36 24.07 42.73
C TRP F 288 6.86 23.80 44.15
N LYS F 289 7.15 22.51 44.43
CA LYS F 289 7.70 21.97 45.67
C LYS F 289 9.04 21.28 45.41
N PRO F 290 9.99 21.28 46.40
CA PRO F 290 11.34 20.75 46.14
C PRO F 290 11.38 19.39 45.46
N GLY F 291 11.95 19.35 44.26
CA GLY F 291 12.17 18.09 43.56
C GLY F 291 10.95 17.45 42.93
N GLN F 292 9.93 18.23 42.56
CA GLN F 292 8.80 17.75 41.77
C GLN F 292 9.09 17.69 40.27
N TYR F 293 10.18 18.34 39.84
CA TYR F 293 10.62 18.32 38.46
C TYR F 293 12.14 18.17 38.48
N ASN F 294 12.68 17.67 37.38
CA ASN F 294 14.09 17.32 37.34
C ASN F 294 14.79 17.90 36.11
N GLY F 295 15.45 17.04 35.34
CA GLY F 295 16.36 17.50 34.31
C GLY F 295 17.79 17.53 34.82
N THR F 296 18.64 16.65 34.29
CA THR F 296 20.00 16.52 34.78
C THR F 296 20.92 17.64 34.26
N PHE F 297 20.74 18.11 33.01
CA PHE F 297 21.58 19.16 32.46
C PHE F 297 21.03 20.56 32.71
N ARG F 298 20.22 20.74 33.78
CA ARG F 298 19.61 22.03 34.07
C ARG F 298 20.66 23.11 34.34
N GLY F 299 21.54 22.88 35.32
CA GLY F 299 22.64 23.80 35.56
C GLY F 299 23.78 23.61 34.58
N PHE F 300 23.68 24.26 33.42
CA PHE F 300 24.73 24.18 32.40
C PHE F 300 25.49 25.49 32.45
N ASN F 301 26.62 25.49 33.16
CA ASN F 301 27.25 26.75 33.50
C ASN F 301 27.79 27.47 32.27
N LEU F 302 28.35 26.73 31.30
CA LEU F 302 28.87 27.39 30.10
C LEU F 302 27.78 28.18 29.39
N ALA F 303 26.51 27.76 29.50
CA ALA F 303 25.45 28.55 28.86
C ALA F 303 25.10 29.78 29.69
N PHE F 304 25.14 29.66 31.02
CA PHE F 304 25.03 30.85 31.86
C PHE F 304 26.05 31.90 31.44
N VAL F 305 27.27 31.46 31.15
CA VAL F 305 28.33 32.41 30.79
C VAL F 305 27.98 33.13 29.50
N THR F 306 27.76 32.36 28.41
CA THR F 306 27.52 33.03 27.13
C THR F 306 26.21 33.80 27.13
N ALA F 307 25.20 33.35 27.89
CA ALA F 307 23.92 34.05 27.88
C ALA F 307 23.96 35.35 28.66
N ALA F 308 24.73 35.43 29.75
CA ALA F 308 24.82 36.70 30.47
C ALA F 308 25.64 37.72 29.69
N ALA F 309 26.76 37.27 29.11
CA ALA F 309 27.57 38.15 28.27
C ALA F 309 26.80 38.69 27.08
N ALA F 310 26.02 37.84 26.41
CA ALA F 310 25.17 38.33 25.34
C ALA F 310 24.18 39.36 25.86
N MET F 311 23.57 39.12 27.02
CA MET F 311 22.61 40.07 27.56
C MET F 311 23.27 41.43 27.80
N ARG F 312 24.48 41.43 28.39
N ARG F 312 24.47 41.43 28.40
CA ARG F 312 25.15 42.68 28.69
CA ARG F 312 25.16 42.68 28.69
C ARG F 312 25.57 43.40 27.42
C ARG F 312 25.55 43.40 27.41
N HIS F 313 26.19 42.67 26.48
CA HIS F 313 26.75 43.31 25.29
C HIS F 313 25.68 43.87 24.36
N PHE F 314 24.59 43.15 24.12
CA PHE F 314 23.61 43.61 23.15
C PHE F 314 22.41 44.33 23.75
N TRP F 315 22.08 44.08 25.02
CA TRP F 315 20.78 44.47 25.56
C TRP F 315 20.88 45.52 26.66
N SER F 316 21.95 46.32 26.65
CA SER F 316 22.07 47.41 27.59
C SER F 316 21.49 48.71 27.07
N ASP F 317 21.28 48.82 25.77
CA ASP F 317 20.59 49.94 25.15
C ASP F 317 19.73 49.36 24.04
N ASP F 318 19.02 50.22 23.31
CA ASP F 318 18.13 49.72 22.26
C ASP F 318 18.74 49.86 20.87
N THR F 319 20.05 50.09 20.77
CA THR F 319 20.67 50.17 19.45
C THR F 319 20.42 48.88 18.67
N PHE F 320 20.69 47.74 19.32
CA PHE F 320 20.49 46.44 18.70
C PHE F 320 19.04 46.23 18.26
N GLU F 321 18.08 46.37 19.21
CA GLU F 321 16.66 46.24 18.90
C GLU F 321 16.28 46.99 17.64
N ARG F 322 16.70 48.26 17.57
CA ARG F 322 16.29 49.12 16.49
C ARG F 322 16.98 48.75 15.20
N ASP F 323 18.24 48.32 15.28
CA ASP F 323 18.91 47.80 14.09
C ASP F 323 18.22 46.54 13.58
N VAL F 324 17.68 45.71 14.48
CA VAL F 324 16.84 44.57 14.07
C VAL F 324 15.57 45.07 13.38
N GLN F 325 14.85 45.99 14.01
CA GLN F 325 13.65 46.53 13.37
C GLN F 325 13.97 47.07 11.98
N ARG F 326 15.13 47.72 11.84
CA ARG F 326 15.54 48.26 10.55
C ARG F 326 15.76 47.16 9.52
N LYS F 327 16.55 46.15 9.86
CA LYS F 327 16.82 45.10 8.88
C LYS F 327 15.56 44.33 8.54
N GLY F 328 14.67 44.16 9.51
CA GLY F 328 13.37 43.61 9.21
C GLY F 328 12.69 44.33 8.06
N ARG F 329 12.78 45.66 8.03
CA ARG F 329 12.17 46.41 6.93
C ARG F 329 12.92 46.16 5.62
N VAL F 330 14.24 45.94 5.67
CA VAL F 330 14.96 45.64 4.44
C VAL F 330 14.55 44.29 3.89
N VAL F 331 14.40 43.28 4.75
CA VAL F 331 13.93 41.97 4.28
C VAL F 331 12.49 42.06 3.81
N GLU F 332 11.68 42.88 4.50
CA GLU F 332 10.27 43.03 4.13
C GLU F 332 10.12 43.59 2.73
N ASP F 333 10.96 44.56 2.37
CA ASP F 333 10.90 45.14 1.03
C ASP F 333 11.24 44.12 -0.04
N ARG F 334 12.37 43.41 0.14
CA ARG F 334 12.83 42.47 -0.87
C ARG F 334 11.89 41.28 -1.00
N PHE F 335 11.35 40.79 0.13
CA PHE F 335 10.37 39.72 0.03
C PHE F 335 9.09 40.20 -0.64
N GLN F 336 8.74 41.47 -0.46
CA GLN F 336 7.57 41.99 -1.14
C GLN F 336 7.79 42.07 -2.63
N LYS F 337 8.98 42.52 -3.04
CA LYS F 337 9.32 42.54 -4.46
C LYS F 337 9.26 41.15 -5.06
N LEU F 338 9.87 40.16 -4.40
CA LEU F 338 9.86 38.80 -4.93
C LEU F 338 8.44 38.29 -5.08
N ALA F 339 7.63 38.45 -4.03
CA ALA F 339 6.24 37.98 -4.07
C ALA F 339 5.46 38.69 -5.16
N SER F 340 5.70 39.99 -5.35
CA SER F 340 5.19 40.73 -6.50
C SER F 340 5.55 40.03 -7.81
N PHE F 341 6.85 39.84 -8.04
CA PHE F 341 7.32 39.25 -9.27
C PHE F 341 6.68 37.89 -9.53
N MET F 342 6.60 37.07 -8.48
CA MET F 342 6.09 35.71 -8.64
C MET F 342 4.60 35.70 -8.97
N THR F 343 3.85 36.69 -8.48
CA THR F 343 2.43 36.73 -8.77
C THR F 343 2.17 37.17 -10.20
N GLU F 344 2.91 38.19 -10.65
CA GLU F 344 2.81 38.63 -12.04
C GLU F 344 3.07 37.48 -13.01
N LYS F 345 4.10 36.65 -12.75
CA LYS F 345 4.31 35.52 -13.63
C LYS F 345 3.23 34.43 -13.49
N GLY F 346 2.20 34.62 -12.66
CA GLY F 346 1.11 33.66 -12.58
C GLY F 346 1.21 32.63 -11.48
N HIS F 347 1.98 32.89 -10.43
CA HIS F 347 2.14 31.99 -9.31
C HIS F 347 2.02 32.84 -8.05
N PRO F 348 0.82 32.95 -7.49
CA PRO F 348 0.59 33.94 -6.43
C PRO F 348 1.46 33.66 -5.22
N ALA F 349 1.96 34.75 -4.62
CA ALA F 349 2.85 34.69 -3.47
C ALA F 349 2.59 35.92 -2.62
N SER F 350 3.07 35.88 -1.37
CA SER F 350 2.95 37.03 -0.48
C SER F 350 4.04 37.00 0.57
N GLU F 351 4.20 38.14 1.22
CA GLU F 351 5.16 38.33 2.30
C GLU F 351 4.40 38.55 3.61
N ARG F 352 4.90 37.97 4.69
CA ARG F 352 4.48 38.45 6.01
C ARG F 352 5.64 38.33 6.98
N GLY F 353 5.47 38.90 8.17
CA GLY F 353 6.39 38.67 9.26
C GLY F 353 6.39 39.84 10.24
N ARG F 354 7.41 39.82 11.11
CA ARG F 354 7.64 40.88 12.09
C ARG F 354 9.10 40.83 12.50
N GLY F 355 9.74 41.99 12.55
CA GLY F 355 11.18 42.02 12.77
C GLY F 355 11.91 41.20 11.72
N LEU F 356 12.88 40.41 12.17
CA LEU F 356 13.62 39.51 11.30
C LEU F 356 13.06 38.09 11.32
N MET F 357 11.79 37.92 11.73
CA MET F 357 11.08 36.67 11.47
C MET F 357 10.11 36.94 10.32
N ARG F 358 10.57 36.73 9.08
CA ARG F 358 9.78 36.98 7.89
C ARG F 358 9.59 35.71 7.07
N GLY F 359 8.54 35.72 6.23
CA GLY F 359 8.24 34.60 5.37
C GLY F 359 7.83 35.02 3.98
N LEU F 360 8.41 34.40 2.97
CA LEU F 360 7.92 34.58 1.62
C LEU F 360 7.05 33.37 1.31
N ASP F 361 5.78 33.63 1.08
CA ASP F 361 4.78 32.58 0.94
C ASP F 361 4.59 32.31 -0.54
N VAL F 362 5.25 31.27 -1.06
CA VAL F 362 5.00 30.89 -2.45
C VAL F 362 3.76 30.02 -2.44
N GLY F 363 3.36 29.47 -3.57
CA GLY F 363 2.13 28.70 -3.52
C GLY F 363 2.23 27.45 -2.67
N ASP F 364 3.16 26.59 -3.04
CA ASP F 364 3.19 25.21 -2.57
C ASP F 364 4.60 24.86 -2.14
N GLY F 365 4.71 23.80 -1.35
CA GLY F 365 6.02 23.37 -0.90
C GLY F 365 6.92 22.88 -2.00
N ASP F 366 6.35 22.42 -3.12
CA ASP F 366 7.19 21.93 -4.21
C ASP F 366 7.92 23.09 -4.88
N MET F 367 7.23 24.19 -5.16
CA MET F 367 7.92 25.37 -5.69
C MET F 367 8.90 25.93 -4.67
N ALA F 368 8.56 25.87 -3.38
CA ALA F 368 9.43 26.34 -2.32
C ALA F 368 10.76 25.58 -2.31
N ASP F 369 10.70 24.26 -2.46
CA ASP F 369 11.92 23.44 -2.46
C ASP F 369 12.75 23.68 -3.70
N LYS F 370 12.11 23.97 -4.84
CA LYS F 370 12.84 24.38 -6.02
C LYS F 370 13.73 25.58 -5.72
N ILE F 371 13.14 26.63 -5.15
CA ILE F 371 13.86 27.88 -4.91
C ILE F 371 14.93 27.70 -3.84
N THR F 372 14.63 26.92 -2.81
CA THR F 372 15.57 26.74 -1.72
C THR F 372 16.77 25.90 -2.13
N ALA F 373 16.55 24.86 -2.94
CA ALA F 373 17.68 24.10 -3.48
C ALA F 373 18.53 24.95 -4.40
N GLN F 374 17.87 25.80 -5.19
CA GLN F 374 18.58 26.65 -6.15
C GLN F 374 19.39 27.72 -5.45
N ALA F 375 18.84 28.30 -4.38
CA ALA F 375 19.62 29.22 -3.58
C ALA F 375 20.81 28.52 -2.97
N PHE F 376 20.68 27.23 -2.65
CA PHE F 376 21.82 26.49 -2.12
C PHE F 376 22.94 26.38 -3.15
N LYS F 377 22.60 26.07 -4.40
CA LYS F 377 23.61 26.07 -5.46
C LYS F 377 24.26 27.43 -5.63
N ASN F 378 23.60 28.51 -5.21
CA ASN F 378 24.10 29.86 -5.45
C ASN F 378 24.79 30.47 -4.21
N GLY F 379 24.98 29.71 -3.15
CA GLY F 379 25.69 30.20 -2.00
C GLY F 379 24.84 30.55 -0.78
N LEU F 380 23.52 30.32 -0.82
CA LEU F 380 22.62 30.74 0.26
C LEU F 380 21.90 29.55 0.89
N ILE F 381 22.00 29.47 2.21
CA ILE F 381 21.33 28.45 3.01
C ILE F 381 20.05 29.07 3.55
N ILE F 382 18.93 28.61 3.05
CA ILE F 382 17.63 29.08 3.52
C ILE F 382 16.68 27.90 3.54
N GLU F 383 15.71 27.93 4.44
CA GLU F 383 14.82 26.80 4.65
C GLU F 383 13.37 27.24 4.70
N THR F 384 12.48 26.24 4.68
CA THR F 384 11.05 26.49 4.62
C THR F 384 10.38 26.07 5.93
N SER F 385 9.12 26.51 6.07
CA SER F 385 8.23 26.10 7.15
C SER F 385 6.79 26.33 6.68
N GLY F 386 5.84 26.06 7.55
CA GLY F 386 4.44 26.05 7.18
C GLY F 386 3.86 24.64 7.14
N HIS F 387 2.52 24.60 7.06
CA HIS F 387 1.85 23.30 7.06
C HIS F 387 2.24 22.49 5.82
N SER F 388 2.65 23.15 4.73
CA SER F 388 2.98 22.45 3.49
C SER F 388 4.44 22.60 3.09
N GLY F 389 5.29 23.14 3.96
CA GLY F 389 6.66 23.40 3.55
C GLY F 389 6.74 24.44 2.46
N GLN F 390 5.85 25.45 2.51
CA GLN F 390 5.61 26.34 1.39
C GLN F 390 5.98 27.80 1.67
N VAL F 391 6.52 28.10 2.84
CA VAL F 391 6.91 29.45 3.23
C VAL F 391 8.44 29.50 3.33
N ILE F 392 9.08 30.26 2.48
CA ILE F 392 10.52 30.46 2.60
C ILE F 392 10.73 31.48 3.70
N LYS F 393 11.57 31.14 4.67
CA LYS F 393 11.61 31.92 5.88
C LYS F 393 13.01 32.53 6.05
N CYS F 394 13.05 33.82 6.40
CA CYS F 394 14.29 34.49 6.80
C CYS F 394 14.45 34.27 8.29
N LEU F 395 15.46 33.49 8.68
CA LEU F 395 15.83 33.37 10.07
C LEU F 395 17.31 33.73 10.27
N CYS F 396 17.78 34.72 9.49
CA CYS F 396 19.18 35.15 9.47
C CYS F 396 19.61 35.70 10.83
N PRO F 397 20.92 35.71 11.12
CA PRO F 397 21.40 36.29 12.39
C PRO F 397 20.91 37.72 12.59
N LEU F 398 20.52 38.02 13.83
CA LEU F 398 20.16 39.41 14.13
C LEU F 398 21.33 40.34 13.98
N THR F 399 22.55 39.83 14.08
CA THR F 399 23.74 40.65 13.96
C THR F 399 24.22 40.79 12.52
N ILE F 400 23.45 40.32 11.54
CA ILE F 400 23.98 40.22 10.18
C ILE F 400 24.41 41.59 9.71
N THR F 401 25.54 41.64 9.02
CA THR F 401 25.98 42.89 8.40
C THR F 401 25.03 43.24 7.26
N ASP F 402 24.95 44.52 6.96
CA ASP F 402 24.11 44.92 5.84
C ASP F 402 24.70 44.45 4.52
N GLU F 403 26.02 44.29 4.47
CA GLU F 403 26.63 43.66 3.30
C GLU F 403 26.09 42.26 3.09
N ASP F 404 26.08 41.44 4.16
CA ASP F 404 25.66 40.05 4.04
C ASP F 404 24.15 39.90 3.94
N LEU F 405 23.38 40.83 4.53
CA LEU F 405 21.93 40.79 4.40
C LEU F 405 21.50 41.04 2.97
N VAL F 406 22.04 42.10 2.37
CA VAL F 406 21.74 42.41 0.99
C VAL F 406 22.33 41.33 0.07
N GLY F 407 23.54 40.86 0.35
CA GLY F 407 24.11 39.80 -0.46
C GLY F 407 23.30 38.51 -0.41
N GLY F 408 22.75 38.19 0.76
CA GLY F 408 21.90 37.01 0.87
C GLY F 408 20.58 37.17 0.13
N LEU F 409 19.97 38.36 0.21
CA LEU F 409 18.73 38.60 -0.49
C LEU F 409 18.94 38.69 -1.99
N ASP F 410 20.11 39.18 -2.40
CA ASP F 410 20.45 39.16 -3.82
C ASP F 410 20.53 37.73 -4.34
N ILE F 411 21.14 36.82 -3.56
CA ILE F 411 21.15 35.42 -3.98
C ILE F 411 19.73 34.87 -4.05
N LEU F 412 18.88 35.22 -3.08
CA LEU F 412 17.52 34.70 -3.09
C LEU F 412 16.76 35.17 -4.32
N GLU F 413 16.91 36.45 -4.68
CA GLU F 413 16.25 37.00 -5.86
C GLU F 413 16.80 36.39 -7.15
N GLN F 414 18.12 36.17 -7.22
CA GLN F 414 18.69 35.51 -8.39
C GLN F 414 18.15 34.10 -8.56
N SER F 415 17.94 33.39 -7.45
CA SER F 415 17.48 32.00 -7.52
C SER F 415 16.01 31.89 -7.92
N VAL F 416 15.17 32.81 -7.45
CA VAL F 416 13.78 32.83 -7.86
C VAL F 416 13.67 33.14 -9.35
N LYS F 417 14.36 34.18 -9.81
CA LYS F 417 14.42 34.46 -11.24
C LYS F 417 14.93 33.25 -12.02
N GLU F 418 15.91 32.53 -11.49
CA GLU F 418 16.42 31.34 -12.17
C GLU F 418 15.33 30.32 -12.39
N VAL F 419 14.61 29.95 -11.31
CA VAL F 419 13.57 28.93 -11.36
C VAL F 419 12.35 29.34 -12.18
N PHE F 420 12.18 30.63 -12.48
CA PHE F 420 11.11 31.11 -13.33
C PHE F 420 11.55 31.49 -14.74
N GLY F 421 12.82 31.78 -14.97
CA GLY F 421 13.29 32.22 -16.28
C GLY F 421 12.51 33.38 -16.87
N GLN G 2 -43.90 6.01 52.11
CA GLN G 2 -44.33 7.07 51.17
C GLN G 2 -43.22 7.73 50.30
N THR G 3 -42.50 8.70 50.90
CA THR G 3 -41.41 9.43 50.26
C THR G 3 -40.12 9.38 51.08
N GLN G 4 -40.17 8.92 52.34
CA GLN G 4 -39.01 8.97 53.23
C GLN G 4 -37.86 8.08 52.75
N ILE G 5 -38.16 6.84 52.31
CA ILE G 5 -37.10 5.90 51.93
C ILE G 5 -36.54 6.24 50.54
N LEU G 6 -37.41 6.72 49.63
CA LEU G 6 -36.96 7.11 48.30
C LEU G 6 -35.93 8.25 48.36
N GLU G 7 -36.01 9.07 49.41
CA GLU G 7 -35.10 10.19 49.63
C GLU G 7 -33.88 9.78 50.44
N ARG G 8 -34.06 8.82 51.36
CA ARG G 8 -33.00 8.37 52.27
C ARG G 8 -32.06 7.34 51.66
N MET G 9 -32.57 6.46 50.77
CA MET G 9 -31.77 5.36 50.23
C MET G 9 -31.28 5.59 48.80
N GLU G 10 -31.94 6.45 48.02
CA GLU G 10 -31.46 6.77 46.69
C GLU G 10 -30.20 7.63 46.79
N SER G 11 -29.35 7.52 45.76
CA SER G 11 -28.19 8.38 45.64
C SER G 11 -28.64 9.83 45.49
N GLU G 12 -27.77 10.76 45.92
CA GLU G 12 -28.02 12.18 45.71
C GLU G 12 -27.70 12.64 44.28
N VAL G 13 -27.19 11.75 43.43
CA VAL G 13 -27.05 12.03 42.00
C VAL G 13 -28.38 12.12 41.28
N ARG G 14 -29.49 11.77 41.96
CA ARG G 14 -30.79 11.77 41.32
C ARG G 14 -31.14 13.18 40.83
N THR G 15 -31.93 13.24 39.75
CA THR G 15 -32.27 14.51 39.10
C THR G 15 -33.79 14.71 38.96
N TYR G 16 -34.51 13.75 38.36
CA TYR G 16 -35.95 13.94 38.10
C TYR G 16 -36.80 13.80 39.36
N SER G 17 -36.28 13.15 40.41
CA SER G 17 -36.92 13.12 41.73
C SER G 17 -36.96 14.51 42.37
N ARG G 18 -36.10 15.43 41.91
CA ARG G 18 -36.06 16.81 42.38
C ARG G 18 -36.89 17.74 41.50
N SER G 19 -36.88 17.51 40.18
CA SER G 19 -37.72 18.28 39.28
C SER G 19 -39.20 18.06 39.60
N PHE G 20 -39.61 16.80 39.74
CA PHE G 20 -41.01 16.41 39.89
C PHE G 20 -41.15 15.44 41.05
N PRO G 21 -41.19 15.97 42.30
CA PRO G 21 -41.12 15.15 43.55
C PRO G 21 -42.43 14.53 44.02
N THR G 22 -42.92 13.54 43.25
CA THR G 22 -44.10 12.75 43.54
C THR G 22 -43.75 11.29 43.29
N VAL G 23 -44.63 10.37 43.71
CA VAL G 23 -44.51 8.96 43.35
C VAL G 23 -45.67 8.62 42.43
N PHE G 24 -45.36 8.08 41.25
CA PHE G 24 -46.37 7.89 40.22
C PHE G 24 -46.92 6.47 40.26
N THR G 25 -48.17 6.32 39.83
CA THR G 25 -48.79 5.00 39.93
C THR G 25 -49.02 4.42 38.53
N GLU G 26 -50.08 4.83 37.82
CA GLU G 26 -50.44 4.27 36.53
C GLU G 26 -50.23 5.28 35.40
N ALA G 27 -50.07 4.76 34.18
CA ALA G 27 -49.73 5.60 33.04
C ALA G 27 -50.34 5.02 31.77
N LYS G 28 -50.90 5.91 30.96
CA LYS G 28 -51.45 5.51 29.67
C LYS G 28 -51.48 6.75 28.76
N GLY G 29 -50.99 6.57 27.53
CA GLY G 29 -50.89 7.66 26.57
C GLY G 29 -50.00 8.76 27.07
N ALA G 30 -50.56 9.96 27.20
CA ALA G 30 -49.79 11.10 27.64
C ALA G 30 -50.12 11.52 29.10
N ARG G 31 -50.69 10.62 29.91
CA ARG G 31 -51.08 10.93 31.28
C ARG G 31 -50.40 10.02 32.30
N LEU G 32 -49.87 10.62 33.36
CA LEU G 32 -49.31 9.91 34.51
C LEU G 32 -50.15 10.21 35.74
N HIS G 33 -50.51 9.17 36.49
CA HIS G 33 -51.27 9.33 37.72
C HIS G 33 -50.34 9.19 38.90
N ALA G 34 -50.68 9.87 40.00
CA ALA G 34 -49.77 9.93 41.14
C ALA G 34 -50.38 9.27 42.37
N GLU G 35 -49.49 9.10 43.34
CA GLU G 35 -49.79 9.06 44.76
C GLU G 35 -51.20 9.52 45.15
N ASP G 36 -51.33 10.85 45.23
CA ASP G 36 -52.45 11.60 45.79
C ASP G 36 -53.61 11.76 44.80
N GLY G 37 -53.81 10.75 43.94
CA GLY G 37 -54.83 10.83 42.92
C GLY G 37 -54.71 11.95 41.91
N ASN G 38 -53.57 12.65 41.86
CA ASN G 38 -53.38 13.61 40.78
C ASN G 38 -53.15 12.90 39.45
N GLN G 39 -53.20 13.70 38.38
CA GLN G 39 -53.04 13.23 37.02
C GLN G 39 -52.31 14.32 36.25
N TYR G 40 -51.31 13.94 35.45
CA TYR G 40 -50.47 14.89 34.75
C TYR G 40 -50.45 14.63 33.25
N ILE G 41 -50.25 15.69 32.48
CA ILE G 41 -49.95 15.56 31.05
C ILE G 41 -48.44 15.48 30.90
N ASP G 42 -47.98 14.46 30.16
CA ASP G 42 -46.55 14.14 30.07
C ASP G 42 -45.99 14.67 28.76
N PHE G 43 -45.22 15.76 28.86
CA PHE G 43 -44.51 16.35 27.73
C PHE G 43 -43.02 15.99 27.76
N LEU G 44 -42.61 15.13 28.69
CA LEU G 44 -41.27 14.56 28.75
C LEU G 44 -41.18 13.20 28.06
N ALA G 45 -42.21 12.36 28.21
CA ALA G 45 -42.28 11.05 27.59
C ALA G 45 -41.00 10.26 27.83
N GLY G 46 -40.55 10.27 29.08
CA GLY G 46 -39.34 9.55 29.45
C GLY G 46 -38.13 10.03 28.68
N ALA G 47 -38.04 11.34 28.44
CA ALA G 47 -36.99 11.94 27.61
C ALA G 47 -37.02 11.40 26.18
N GLY G 48 -38.23 11.24 25.64
CA GLY G 48 -38.37 10.79 24.27
C GLY G 48 -38.25 9.29 24.09
N THR G 49 -38.21 8.56 25.20
CA THR G 49 -38.22 7.10 25.18
C THR G 49 -39.60 6.58 24.85
N LEU G 50 -40.66 7.34 25.14
CA LEU G 50 -42.02 6.85 24.94
C LEU G 50 -42.73 7.56 23.80
N ASN G 51 -42.21 7.45 22.57
CA ASN G 51 -42.79 8.11 21.41
C ASN G 51 -44.17 7.57 21.05
N TYR G 52 -44.60 6.44 21.61
CA TYR G 52 -45.95 5.96 21.37
C TYR G 52 -46.82 6.10 22.60
N GLY G 53 -46.33 6.80 23.63
CA GLY G 53 -47.04 6.98 24.89
C GLY G 53 -46.77 5.84 25.85
N HIS G 54 -47.31 5.99 27.05
CA HIS G 54 -47.12 4.96 28.07
C HIS G 54 -48.06 3.80 27.76
N ASN G 55 -47.51 2.58 27.79
CA ASN G 55 -48.33 1.38 27.81
C ASN G 55 -49.32 1.31 26.64
N HIS G 56 -48.83 1.52 25.44
CA HIS G 56 -49.74 1.54 24.31
C HIS G 56 -50.48 0.22 24.20
N PRO G 57 -51.81 0.24 24.01
CA PRO G 57 -52.59 -1.00 24.04
C PRO G 57 -52.10 -2.09 23.10
N LYS G 58 -51.75 -1.75 21.86
CA LYS G 58 -51.30 -2.79 20.94
C LYS G 58 -49.93 -3.34 21.35
N LEU G 59 -49.04 -2.47 21.84
CA LEU G 59 -47.76 -2.94 22.32
C LEU G 59 -47.92 -3.75 23.60
N LYS G 60 -48.70 -3.22 24.55
CA LYS G 60 -48.99 -3.97 25.78
C LYS G 60 -49.53 -5.37 25.48
N GLN G 61 -50.42 -5.48 24.50
CA GLN G 61 -50.97 -6.78 24.14
C GLN G 61 -49.88 -7.72 23.67
N ALA G 62 -49.10 -7.29 22.67
CA ALA G 62 -48.04 -8.15 22.11
C ALA G 62 -47.07 -8.62 23.19
N LEU G 63 -46.72 -7.73 24.12
CA LEU G 63 -45.77 -8.08 25.17
C LEU G 63 -46.38 -9.10 26.13
N ALA G 64 -47.59 -8.83 26.62
CA ALA G 64 -48.25 -9.73 27.58
C ALA G 64 -48.50 -11.11 26.99
N ASP G 65 -48.75 -11.21 25.68
CA ASP G 65 -48.94 -12.54 25.12
C ASP G 65 -47.63 -13.32 25.12
N TYR G 66 -46.54 -12.67 24.74
CA TYR G 66 -45.25 -13.34 24.68
C TYR G 66 -44.85 -13.87 26.05
N ILE G 67 -45.12 -13.08 27.10
CA ILE G 67 -44.92 -13.55 28.46
C ILE G 67 -45.89 -14.69 28.79
N ALA G 68 -47.14 -14.56 28.35
CA ALA G 68 -48.11 -15.61 28.63
C ALA G 68 -47.65 -16.96 28.09
N SER G 69 -46.98 -16.96 26.94
CA SER G 69 -46.54 -18.19 26.28
C SER G 69 -45.20 -18.71 26.78
N ASP G 70 -44.60 -18.08 27.81
CA ASP G 70 -43.32 -18.51 28.38
C ASP G 70 -42.22 -18.52 27.33
N GLY G 71 -42.27 -17.58 26.39
CA GLY G 71 -41.20 -17.42 25.44
C GLY G 71 -39.92 -16.93 26.10
N ILE G 72 -38.82 -17.08 25.39
CA ILE G 72 -37.49 -16.81 25.91
C ILE G 72 -37.36 -15.33 26.26
N VAL G 73 -36.93 -15.01 27.47
CA VAL G 73 -36.73 -13.59 27.78
C VAL G 73 -35.30 -13.16 27.46
N HIS G 74 -34.31 -13.89 27.96
CA HIS G 74 -32.92 -13.48 27.88
C HIS G 74 -32.11 -14.54 27.13
N GLY G 75 -31.70 -14.22 25.91
CA GLY G 75 -30.98 -15.21 25.12
C GLY G 75 -29.51 -14.89 24.88
N LEU G 76 -29.07 -13.71 25.32
CA LEU G 76 -27.74 -13.15 25.02
C LEU G 76 -27.57 -13.02 23.51
N ASP G 77 -26.78 -13.91 22.92
CA ASP G 77 -26.55 -13.94 21.47
C ASP G 77 -27.28 -15.05 20.75
N MET G 78 -28.02 -15.91 21.48
CA MET G 78 -28.71 -17.03 20.86
C MET G 78 -29.70 -16.54 19.81
N TRP G 79 -29.98 -17.42 18.84
CA TRP G 79 -31.03 -17.16 17.88
C TRP G 79 -32.37 -17.54 18.49
N SER G 80 -33.32 -16.61 18.45
CA SER G 80 -34.67 -16.86 18.92
C SER G 80 -35.65 -16.34 17.89
N ALA G 81 -36.83 -16.97 17.84
CA ALA G 81 -37.86 -16.53 16.91
C ALA G 81 -38.18 -15.06 17.10
N ALA G 82 -38.07 -14.54 18.32
CA ALA G 82 -38.41 -13.13 18.50
C ALA G 82 -37.37 -12.24 17.83
N LYS G 83 -36.08 -12.58 17.96
CA LYS G 83 -35.05 -11.82 17.28
C LYS G 83 -35.19 -11.93 15.75
N ARG G 84 -35.50 -13.13 15.24
CA ARG G 84 -35.73 -13.26 13.81
C ARG G 84 -36.88 -12.37 13.35
N ASP G 85 -37.96 -12.31 14.13
CA ASP G 85 -39.08 -11.44 13.74
C ASP G 85 -38.69 -9.97 13.84
N TYR G 86 -37.80 -9.62 14.76
CA TYR G 86 -37.37 -8.23 14.84
C TYR G 86 -36.51 -7.87 13.63
N LEU G 87 -35.55 -8.73 13.27
CA LEU G 87 -34.67 -8.42 12.14
C LEU G 87 -35.43 -8.38 10.82
N GLU G 88 -36.32 -9.34 10.60
CA GLU G 88 -37.11 -9.33 9.39
C GLU G 88 -38.02 -8.12 9.32
N THR G 89 -38.67 -7.77 10.45
CA THR G 89 -39.65 -6.69 10.40
C THR G 89 -38.97 -5.34 10.24
N LEU G 90 -37.82 -5.16 10.87
CA LEU G 90 -37.05 -3.96 10.63
C LEU G 90 -36.71 -3.81 9.14
N GLU G 91 -36.28 -4.90 8.49
CA GLU G 91 -35.90 -4.79 7.09
C GLU G 91 -37.12 -4.57 6.18
N GLU G 92 -38.21 -5.32 6.40
CA GLU G 92 -39.37 -5.25 5.51
C GLU G 92 -40.14 -3.94 5.65
N VAL G 93 -40.35 -3.48 6.88
CA VAL G 93 -41.20 -2.30 7.08
C VAL G 93 -40.38 -1.01 7.06
N ILE G 94 -39.19 -1.02 7.66
CA ILE G 94 -38.48 0.24 7.84
C ILE G 94 -37.44 0.46 6.75
N LEU G 95 -36.52 -0.50 6.55
CA LEU G 95 -35.28 -0.20 5.82
C LEU G 95 -35.47 -0.27 4.31
N LYS G 96 -36.02 -1.37 3.80
CA LYS G 96 -36.32 -1.48 2.38
C LYS G 96 -37.12 -0.30 1.84
N PRO G 97 -38.25 0.10 2.45
CA PRO G 97 -39.03 1.18 1.85
C PRO G 97 -38.31 2.50 1.81
N ARG G 98 -37.23 2.65 2.57
CA ARG G 98 -36.43 3.86 2.54
C ARG G 98 -35.17 3.69 1.69
N GLY G 99 -35.07 2.59 0.95
CA GLY G 99 -33.90 2.32 0.13
C GLY G 99 -32.62 2.36 0.93
N LEU G 100 -32.66 1.84 2.15
CA LEU G 100 -31.52 1.80 3.07
C LEU G 100 -31.06 0.36 3.20
N ASP G 101 -29.76 0.14 3.09
CA ASP G 101 -29.20 -1.20 3.20
C ASP G 101 -28.19 -1.21 4.36
N TYR G 102 -28.53 -1.95 5.44
CA TYR G 102 -27.79 -1.98 6.71
C TYR G 102 -27.82 -3.40 7.28
N LYS G 103 -26.74 -3.79 7.96
CA LYS G 103 -26.79 -4.87 8.92
C LYS G 103 -26.97 -4.29 10.32
N VAL G 104 -27.19 -5.17 11.29
CA VAL G 104 -27.57 -4.80 12.64
C VAL G 104 -26.58 -5.43 13.63
N HIS G 105 -26.01 -4.62 14.51
CA HIS G 105 -25.29 -5.10 15.70
C HIS G 105 -26.11 -4.76 16.93
N LEU G 106 -26.34 -5.74 17.80
CA LEU G 106 -27.13 -5.52 19.00
C LEU G 106 -26.19 -5.40 20.19
N PRO G 107 -25.92 -4.20 20.68
CA PRO G 107 -25.02 -4.04 21.82
C PRO G 107 -25.77 -4.15 23.15
N GLY G 108 -25.16 -3.62 24.21
CA GLY G 108 -25.86 -3.55 25.47
C GLY G 108 -27.06 -2.63 25.30
N PRO G 109 -28.09 -2.86 26.02
CA PRO G 109 -29.35 -2.15 25.81
C PRO G 109 -29.40 -0.74 26.38
N THR G 110 -28.38 0.07 26.08
CA THR G 110 -28.37 1.47 26.47
C THR G 110 -27.78 2.31 25.36
N GLY G 111 -28.02 3.62 25.45
CA GLY G 111 -27.52 4.56 24.44
C GLY G 111 -26.00 4.65 24.38
N THR G 112 -25.34 4.91 25.52
CA THR G 112 -23.88 4.87 25.54
C THR G 112 -23.33 3.58 24.98
N ASN G 113 -23.91 2.46 25.37
CA ASN G 113 -23.40 1.19 24.91
C ASN G 113 -23.38 1.15 23.39
N ALA G 114 -24.40 1.74 22.76
CA ALA G 114 -24.44 1.76 21.29
C ALA G 114 -23.48 2.77 20.69
N VAL G 115 -23.41 3.97 21.27
CA VAL G 115 -22.40 4.94 20.82
C VAL G 115 -21.00 4.34 20.96
N GLU G 116 -20.74 3.62 22.05
CA GLU G 116 -19.43 2.99 22.21
C GLU G 116 -19.17 1.90 21.18
N ALA G 117 -20.16 1.08 20.86
CA ALA G 117 -19.97 0.11 19.79
C ALA G 117 -19.81 0.79 18.43
N ALA G 118 -20.46 1.94 18.26
CA ALA G 118 -20.44 2.61 16.96
C ALA G 118 -19.11 3.31 16.74
N ILE G 119 -18.59 4.01 17.76
CA ILE G 119 -17.34 4.70 17.50
C ILE G 119 -16.20 3.69 17.47
N ARG G 120 -16.36 2.54 18.12
CA ARG G 120 -15.30 1.54 18.12
C ARG G 120 -15.23 0.81 16.79
N LEU G 121 -16.39 0.48 16.22
CA LEU G 121 -16.39 -0.11 14.89
C LEU G 121 -15.73 0.84 13.90
N ALA G 122 -16.08 2.13 13.95
CA ALA G 122 -15.47 3.14 13.10
C ALA G 122 -13.95 3.19 13.25
N ARG G 123 -13.45 3.22 14.49
CA ARG G 123 -12.01 3.32 14.65
C ARG G 123 -11.31 2.10 14.07
N ASN G 124 -11.91 0.92 14.21
CA ASN G 124 -11.27 -0.27 13.64
C ASN G 124 -11.42 -0.33 12.13
N ALA G 125 -12.46 0.29 11.57
CA ALA G 125 -12.68 0.17 10.14
C ALA G 125 -11.78 1.10 9.34
N LYS G 126 -11.37 2.20 9.94
CA LYS G 126 -10.52 3.16 9.25
C LYS G 126 -9.09 3.11 9.73
N GLY G 127 -8.82 2.39 10.81
CA GLY G 127 -7.51 2.39 11.43
C GLY G 127 -7.09 3.73 12.00
N ARG G 128 -8.05 4.54 12.46
CA ARG G 128 -7.81 5.91 12.90
C ARG G 128 -8.50 6.13 14.25
N HIS G 129 -7.80 6.80 15.19
CA HIS G 129 -8.31 6.82 16.55
C HIS G 129 -9.22 8.02 16.85
N ASN G 130 -9.06 9.15 16.18
CA ASN G 130 -9.85 10.34 16.49
C ASN G 130 -11.30 10.28 15.97
N ILE G 131 -12.23 10.80 16.78
CA ILE G 131 -13.64 10.93 16.42
C ILE G 131 -14.01 12.41 16.46
N VAL G 132 -14.64 12.91 15.40
CA VAL G 132 -15.08 14.29 15.40
C VAL G 132 -16.50 14.37 15.89
N THR G 133 -16.75 15.30 16.79
CA THR G 133 -18.01 15.51 17.46
C THR G 133 -18.30 17.01 17.40
N PHE G 134 -19.48 17.42 17.88
CA PHE G 134 -19.92 18.80 17.67
C PHE G 134 -20.28 19.48 18.99
N THR G 135 -20.00 20.79 19.03
CA THR G 135 -20.46 21.63 20.13
C THR G 135 -21.85 21.19 20.58
N ASN G 136 -22.03 21.08 21.90
CA ASN G 136 -23.29 20.69 22.54
C ASN G 136 -23.81 19.33 22.09
N GLY G 137 -22.98 18.52 21.43
CA GLY G 137 -23.39 17.14 21.20
C GLY G 137 -23.51 16.40 22.53
N PHE G 138 -24.50 15.52 22.60
CA PHE G 138 -24.61 14.61 23.72
C PHE G 138 -24.73 13.19 23.17
N HIS G 139 -23.90 12.27 23.70
CA HIS G 139 -23.94 10.89 23.22
C HIS G 139 -23.70 9.87 24.33
N GLY G 140 -23.71 10.29 25.59
CA GLY G 140 -23.66 9.37 26.70
C GLY G 140 -22.45 9.60 27.59
N VAL G 141 -22.45 8.91 28.73
CA VAL G 141 -21.60 9.28 29.86
C VAL G 141 -20.56 8.25 30.23
N THR G 142 -20.57 7.03 29.67
CA THR G 142 -19.46 6.12 29.96
C THR G 142 -18.22 6.64 29.23
N MET G 143 -17.03 6.30 29.78
CA MET G 143 -15.79 6.96 29.39
C MET G 143 -15.61 7.01 27.88
N GLY G 144 -16.00 5.96 27.16
CA GLY G 144 -15.83 5.98 25.72
C GLY G 144 -16.71 7.01 25.05
N ALA G 145 -18.00 6.96 25.32
CA ALA G 145 -18.90 7.97 24.77
C ALA G 145 -18.57 9.36 25.31
N LEU G 146 -18.16 9.45 26.58
CA LEU G 146 -18.03 10.77 27.19
C LEU G 146 -17.00 11.66 26.48
N ALA G 147 -16.02 11.10 25.78
CA ALA G 147 -15.10 11.94 24.98
C ALA G 147 -15.83 12.76 23.93
N THR G 148 -16.96 12.26 23.40
CA THR G 148 -17.74 12.93 22.37
C THR G 148 -18.89 13.78 22.92
N THR G 149 -19.11 13.76 24.24
CA THR G 149 -20.17 14.51 24.91
C THR G 149 -19.60 15.81 25.45
N GLY G 150 -20.32 16.92 25.23
CA GLY G 150 -19.72 18.23 25.49
C GLY G 150 -19.74 18.71 26.93
N ASN G 151 -20.66 18.21 27.75
CA ASN G 151 -21.02 18.83 29.02
C ASN G 151 -19.90 18.78 30.05
N ARG G 152 -19.50 19.92 30.60
CA ARG G 152 -18.55 19.82 31.70
C ARG G 152 -19.16 19.21 32.95
N LYS G 153 -20.50 19.14 33.02
CA LYS G 153 -21.15 18.55 34.18
C LYS G 153 -20.70 17.10 34.37
N PHE G 154 -20.76 16.31 33.29
CA PHE G 154 -20.31 14.93 33.32
C PHE G 154 -18.79 14.80 33.23
N ARG G 155 -18.15 15.59 32.37
CA ARG G 155 -16.74 15.41 32.06
C ARG G 155 -15.81 15.79 33.23
N GLU G 156 -16.28 16.64 34.15
CA GLU G 156 -15.52 16.96 35.36
C GLU G 156 -15.75 15.94 36.48
N ALA G 157 -16.69 15.02 36.30
CA ALA G 157 -17.01 14.04 37.31
C ALA G 157 -16.32 12.69 37.09
N THR G 158 -15.31 12.63 36.20
CA THR G 158 -14.65 11.34 35.93
C THR G 158 -13.55 10.98 36.92
N GLY G 159 -13.28 11.83 37.91
CA GLY G 159 -12.38 11.46 38.98
C GLY G 159 -10.90 11.56 38.66
N GLY G 160 -10.54 12.37 37.67
CA GLY G 160 -9.15 12.59 37.34
C GLY G 160 -8.70 11.92 36.06
N ILE G 161 -9.63 11.41 35.26
CA ILE G 161 -9.30 10.79 33.99
C ILE G 161 -9.85 11.69 32.88
N PRO G 162 -8.99 12.40 32.16
CA PRO G 162 -9.48 13.21 31.03
C PRO G 162 -9.91 12.30 29.91
N THR G 163 -10.81 12.80 29.06
CA THR G 163 -11.25 11.96 27.95
C THR G 163 -10.20 11.97 26.85
N GLN G 164 -10.41 11.10 25.87
CA GLN G 164 -9.43 10.81 24.85
C GLN G 164 -10.10 10.40 23.54
N GLY G 165 -9.46 10.77 22.43
CA GLY G 165 -9.90 10.23 21.16
C GLY G 165 -11.00 10.98 20.45
N ALA G 166 -11.22 12.26 20.77
CA ALA G 166 -12.24 13.04 20.09
C ALA G 166 -11.81 14.50 19.98
N SER G 167 -12.25 15.14 18.89
CA SER G 167 -12.07 16.56 18.63
C SER G 167 -13.45 17.17 18.41
N PHE G 168 -13.65 18.39 18.90
CA PHE G 168 -14.93 19.08 18.73
C PHE G 168 -14.88 20.05 17.55
N MET G 169 -15.93 20.02 16.72
CA MET G 169 -16.15 21.00 15.68
C MET G 169 -17.42 21.83 15.96
N PRO G 170 -17.49 23.06 15.46
CA PRO G 170 -18.68 23.89 15.74
C PRO G 170 -19.90 23.40 14.96
N PHE G 171 -21.02 23.19 15.67
CA PHE G 171 -22.25 22.74 15.04
C PHE G 171 -22.85 23.90 14.24
N ASP G 172 -23.79 23.55 13.35
CA ASP G 172 -24.42 24.54 12.48
C ASP G 172 -24.98 25.71 13.30
N GLY G 173 -24.74 26.91 12.82
CA GLY G 173 -25.12 28.10 13.55
C GLY G 173 -24.21 28.50 14.70
N TYR G 174 -23.25 27.69 15.11
CA TYR G 174 -22.53 28.02 16.34
C TYR G 174 -21.72 29.30 16.21
N MET G 175 -21.19 29.61 15.02
CA MET G 175 -20.41 30.83 14.80
C MET G 175 -21.27 31.98 14.26
N GLY G 176 -22.58 31.92 14.45
CA GLY G 176 -23.47 32.99 14.01
C GLY G 176 -24.18 32.68 12.72
N GLU G 177 -25.01 33.65 12.31
CA GLU G 177 -25.99 33.45 11.24
C GLU G 177 -25.31 33.12 9.91
N GLY G 178 -24.48 34.04 9.40
CA GLY G 178 -23.98 33.91 8.04
C GLY G 178 -23.03 32.75 7.82
N VAL G 179 -22.31 32.34 8.87
CA VAL G 179 -21.14 31.46 8.73
C VAL G 179 -21.57 30.02 8.49
N ASP G 180 -20.96 29.38 7.49
CA ASP G 180 -21.02 27.92 7.37
C ASP G 180 -19.85 27.38 8.19
N THR G 181 -20.16 26.84 9.36
CA THR G 181 -19.13 26.27 10.23
C THR G 181 -18.37 25.14 9.56
N LEU G 182 -18.94 24.52 8.52
CA LEU G 182 -18.28 23.41 7.85
C LEU G 182 -17.00 23.83 7.12
N SER G 183 -16.91 25.10 6.71
CA SER G 183 -15.70 25.61 6.06
C SER G 183 -14.48 25.47 6.94
N TYR G 184 -14.61 25.87 8.21
CA TYR G 184 -13.54 25.64 9.20
C TYR G 184 -13.17 24.16 9.28
N PHE G 185 -14.17 23.27 9.30
CA PHE G 185 -13.94 21.84 9.37
C PHE G 185 -13.13 21.37 8.17
N GLU G 186 -13.47 21.88 6.98
CA GLU G 186 -12.76 21.47 5.78
C GLU G 186 -11.33 22.00 5.76
N LYS G 187 -11.11 23.23 6.19
CA LYS G 187 -9.75 23.77 6.26
C LYS G 187 -8.90 22.97 7.26
N LEU G 188 -9.47 22.55 8.38
CA LEU G 188 -8.71 21.74 9.32
C LEU G 188 -8.39 20.36 8.76
N LEU G 189 -9.31 19.78 7.97
CA LEU G 189 -9.07 18.45 7.44
C LEU G 189 -7.90 18.43 6.46
N GLY G 190 -7.71 19.53 5.72
CA GLY G 190 -6.61 19.68 4.81
C GLY G 190 -5.37 20.37 5.33
N ASP G 191 -5.32 20.76 6.61
CA ASP G 191 -4.18 21.50 7.17
C ASP G 191 -3.33 20.51 7.98
N ASN G 192 -2.10 20.26 7.51
CA ASN G 192 -1.23 19.29 8.18
C ASN G 192 -0.85 19.70 9.59
N SER G 193 -0.84 21.00 9.93
CA SER G 193 -0.57 21.35 11.31
C SER G 193 -1.77 22.02 12.00
N GLY G 194 -2.98 21.80 11.49
CA GLY G 194 -4.16 22.44 12.07
C GLY G 194 -4.54 21.96 13.46
N GLY G 195 -4.11 20.78 13.85
CA GLY G 195 -4.42 20.26 15.15
C GLY G 195 -5.46 19.17 15.15
N LEU G 196 -6.08 18.90 14.02
CA LEU G 196 -7.11 17.88 13.92
C LEU G 196 -6.49 16.59 13.40
N ASP G 197 -6.41 15.58 14.26
CA ASP G 197 -5.99 14.27 13.77
C ASP G 197 -7.10 13.73 12.87
N VAL G 198 -6.71 13.17 11.73
CA VAL G 198 -7.66 12.69 10.73
C VAL G 198 -8.68 11.78 11.40
N PRO G 199 -9.94 12.18 11.42
CA PRO G 199 -10.96 11.40 12.11
C PRO G 199 -11.24 10.11 11.36
N ALA G 200 -11.63 9.08 12.11
CA ALA G 200 -12.18 7.89 11.48
C ALA G 200 -13.63 8.10 11.13
N ALA G 201 -14.28 9.04 11.83
CA ALA G 201 -15.71 9.28 11.64
C ALA G 201 -16.06 10.60 12.29
N VAL G 202 -17.24 11.09 11.96
CA VAL G 202 -17.87 12.17 12.71
C VAL G 202 -19.20 11.65 13.22
N ILE G 203 -19.51 12.01 14.46
CA ILE G 203 -20.76 11.61 15.10
C ILE G 203 -21.59 12.86 15.31
N ILE G 204 -22.87 12.78 14.92
CA ILE G 204 -23.74 13.94 14.90
C ILE G 204 -25.17 13.55 15.22
N GLU G 205 -25.85 14.44 15.94
CA GLU G 205 -27.31 14.48 16.03
C GLU G 205 -27.80 15.52 15.04
N THR G 206 -28.76 15.15 14.18
CA THR G 206 -29.30 16.14 13.25
C THR G 206 -30.07 17.23 14.00
N VAL G 207 -30.83 16.84 15.03
CA VAL G 207 -31.40 17.81 15.95
C VAL G 207 -30.80 17.51 17.30
N GLN G 208 -29.92 18.39 17.78
CA GLN G 208 -29.28 18.15 19.06
C GLN G 208 -30.29 18.29 20.18
N GLY G 209 -30.56 17.18 20.88
CA GLY G 209 -31.45 17.18 22.02
C GLY G 209 -30.91 17.82 23.29
N GLU G 210 -29.98 17.16 24.00
CA GLU G 210 -29.68 17.76 25.30
C GLU G 210 -28.91 19.05 25.17
N GLY G 211 -28.48 19.41 23.96
CA GLY G 211 -27.79 20.65 23.72
C GLY G 211 -28.68 21.86 23.57
N GLY G 212 -29.97 21.64 23.38
CA GLY G 212 -30.92 22.74 23.41
C GLY G 212 -31.87 22.79 22.23
N ILE G 213 -32.16 21.63 21.65
CA ILE G 213 -32.96 21.55 20.42
C ILE G 213 -32.38 22.45 19.35
N ASN G 214 -31.21 22.10 18.83
CA ASN G 214 -30.60 22.86 17.74
C ASN G 214 -30.67 21.99 16.50
N PRO G 215 -31.59 22.26 15.56
CA PRO G 215 -31.70 21.40 14.38
C PRO G 215 -30.72 21.88 13.33
N ALA G 216 -30.07 20.92 12.68
CA ALA G 216 -29.10 21.24 11.64
C ALA G 216 -29.79 21.44 10.29
N GLY G 217 -29.31 22.40 9.52
CA GLY G 217 -29.93 22.66 8.24
C GLY G 217 -29.72 21.55 7.23
N ILE G 218 -30.66 21.43 6.27
CA ILE G 218 -30.52 20.40 5.25
C ILE G 218 -29.30 20.61 4.37
N PRO G 219 -29.08 21.78 3.76
CA PRO G 219 -27.82 21.98 3.03
C PRO G 219 -26.60 21.66 3.88
N TRP G 220 -26.62 22.06 5.15
CA TRP G 220 -25.51 21.80 6.05
C TRP G 220 -25.25 20.31 6.16
N LEU G 221 -26.29 19.53 6.50
CA LEU G 221 -26.16 18.08 6.57
C LEU G 221 -25.69 17.48 5.26
N GLN G 222 -26.09 18.06 4.13
CA GLN G 222 -25.69 17.50 2.86
C GLN G 222 -24.22 17.80 2.57
N ARG G 223 -23.80 19.05 2.81
CA ARG G 223 -22.38 19.36 2.74
C ARG G 223 -21.59 18.42 3.63
N LEU G 224 -22.09 18.15 4.85
CA LEU G 224 -21.31 17.34 5.80
C LEU G 224 -21.13 15.92 5.30
N GLU G 225 -22.18 15.33 4.73
CA GLU G 225 -22.05 14.01 4.12
C GLU G 225 -21.02 14.04 3.00
N LYS G 226 -21.05 15.09 2.16
CA LYS G 226 -20.08 15.20 1.07
C LYS G 226 -18.66 15.24 1.63
N ILE G 227 -18.47 16.03 2.68
CA ILE G 227 -17.15 16.13 3.30
C ILE G 227 -16.68 14.78 3.82
N CYS G 228 -17.59 13.97 4.35
CA CYS G 228 -17.22 12.65 4.83
C CYS G 228 -16.81 11.73 3.68
N ARG G 229 -17.61 11.70 2.61
CA ARG G 229 -17.27 10.79 1.52
C ARG G 229 -16.00 11.24 0.81
N ASP G 230 -15.71 12.55 0.78
CA ASP G 230 -14.54 13.10 0.12
C ASP G 230 -13.28 13.09 0.99
N HIS G 231 -13.34 12.55 2.20
CA HIS G 231 -12.17 12.54 3.07
C HIS G 231 -12.02 11.19 3.78
N ASP G 232 -12.73 10.16 3.31
CA ASP G 232 -12.62 8.82 3.86
C ASP G 232 -13.06 8.75 5.33
N MET G 233 -14.05 9.56 5.73
CA MET G 233 -14.60 9.54 7.09
C MET G 233 -15.97 8.87 7.10
N LEU G 234 -16.21 8.03 8.10
CA LEU G 234 -17.54 7.46 8.28
C LEU G 234 -18.46 8.52 8.90
N LEU G 235 -19.69 8.61 8.41
CA LEU G 235 -20.68 9.47 9.04
C LEU G 235 -21.51 8.65 10.02
N ILE G 236 -21.49 9.03 11.29
CA ILE G 236 -22.34 8.39 12.31
C ILE G 236 -23.45 9.37 12.67
N VAL G 237 -24.71 9.00 12.41
CA VAL G 237 -25.84 9.77 12.94
C VAL G 237 -26.33 9.10 14.21
N ASP G 238 -26.29 9.85 15.32
CA ASP G 238 -26.78 9.39 16.62
C ASP G 238 -28.27 9.70 16.68
N ASP G 239 -29.10 8.70 16.41
CA ASP G 239 -30.55 8.86 16.30
C ASP G 239 -31.26 8.38 17.57
N ILE G 240 -30.56 8.43 18.69
CA ILE G 240 -31.07 7.85 19.94
C ILE G 240 -32.27 8.64 20.43
N GLN G 241 -32.16 9.97 20.43
CA GLN G 241 -33.21 10.87 20.92
C GLN G 241 -34.06 11.45 19.80
N ALA G 242 -33.44 11.87 18.71
CA ALA G 242 -34.16 12.50 17.63
C ALA G 242 -34.74 11.52 16.63
N GLY G 243 -34.63 10.21 16.88
CA GLY G 243 -35.08 9.19 15.95
C GLY G 243 -36.44 8.63 16.29
N CYS G 244 -36.74 7.48 15.69
CA CYS G 244 -38.02 6.78 15.83
C CYS G 244 -39.18 7.78 15.77
N GLY G 245 -39.24 8.48 14.64
CA GLY G 245 -40.35 9.36 14.33
C GLY G 245 -40.32 10.71 14.98
N ARG G 246 -39.39 10.98 15.92
CA ARG G 246 -39.47 12.17 16.76
C ARG G 246 -39.48 13.47 15.96
N THR G 247 -38.80 13.51 14.80
CA THR G 247 -38.75 14.73 13.98
C THR G 247 -39.68 14.69 12.78
N GLY G 248 -40.57 13.71 12.71
CA GLY G 248 -41.53 13.66 11.63
C GLY G 248 -41.20 12.66 10.55
N LYS G 249 -40.09 11.95 10.66
CA LYS G 249 -39.78 10.80 9.81
C LYS G 249 -39.10 9.79 10.71
N PHE G 250 -39.03 8.53 10.29
CA PHE G 250 -38.54 7.51 11.21
C PHE G 250 -37.11 7.79 11.63
N PHE G 251 -36.23 8.05 10.65
CA PHE G 251 -34.87 8.48 10.91
C PHE G 251 -34.83 9.98 10.70
N SER G 252 -34.21 10.72 11.62
CA SER G 252 -34.16 12.16 11.45
C SER G 252 -33.46 12.58 10.16
N PHE G 253 -32.58 11.73 9.61
CA PHE G 253 -31.85 12.11 8.41
C PHE G 253 -32.63 11.85 7.12
N GLU G 254 -33.85 11.34 7.18
CA GLU G 254 -34.64 11.30 5.94
C GLU G 254 -34.92 12.69 5.42
N HIS G 255 -35.03 13.70 6.30
CA HIS G 255 -35.24 15.07 5.84
C HIS G 255 -34.15 15.49 4.87
N ALA G 256 -32.89 15.27 5.24
CA ALA G 256 -31.78 15.79 4.47
C ALA G 256 -31.47 14.93 3.27
N GLY G 257 -32.16 13.80 3.11
CA GLY G 257 -31.86 12.85 2.06
C GLY G 257 -30.51 12.20 2.14
N ILE G 258 -29.71 12.45 3.18
CA ILE G 258 -28.42 11.82 3.31
C ILE G 258 -28.62 10.40 3.81
N THR G 259 -27.64 9.55 3.55
CA THR G 259 -27.73 8.17 4.03
C THR G 259 -26.42 7.80 4.71
N PRO G 260 -26.39 7.64 6.04
CA PRO G 260 -25.13 7.53 6.78
C PRO G 260 -24.56 6.12 6.83
N ASP G 261 -23.30 6.04 7.33
CA ASP G 261 -22.55 4.79 7.39
C ASP G 261 -22.89 3.99 8.62
N ILE G 262 -23.18 4.68 9.74
CA ILE G 262 -23.53 4.04 11.00
C ILE G 262 -24.65 4.87 11.65
N VAL G 263 -25.69 4.17 12.14
CA VAL G 263 -26.81 4.80 12.83
C VAL G 263 -27.00 4.13 14.19
N THR G 264 -27.20 4.93 15.23
CA THR G 264 -27.57 4.37 16.51
C THR G 264 -29.02 4.71 16.83
N ASN G 265 -29.67 3.80 17.55
CA ASN G 265 -31.05 3.94 18.00
C ASN G 265 -31.16 3.33 19.38
N SER G 266 -32.00 3.93 20.22
CA SER G 266 -32.18 3.33 21.53
C SER G 266 -33.50 3.71 22.19
N LYS G 267 -33.65 5.00 22.53
CA LYS G 267 -34.68 5.42 23.46
C LYS G 267 -36.05 4.82 23.12
N SER G 268 -36.72 5.28 22.06
CA SER G 268 -38.05 4.80 21.74
C SER G 268 -38.07 3.58 20.85
N LEU G 269 -36.93 2.90 20.70
CA LEU G 269 -36.88 1.79 19.76
C LEU G 269 -37.73 0.61 20.24
N SER G 270 -37.76 0.37 21.57
CA SER G 270 -38.58 -0.73 22.09
C SER G 270 -40.07 -0.41 22.04
N GLY G 271 -40.43 0.86 21.95
CA GLY G 271 -41.83 1.24 21.87
C GLY G 271 -42.57 1.23 23.17
N PHE G 272 -42.03 0.61 24.20
CA PHE G 272 -42.76 0.39 25.43
C PHE G 272 -42.06 0.92 26.68
N GLY G 273 -40.82 1.43 26.56
CA GLY G 273 -40.05 1.82 27.73
C GLY G 273 -39.05 0.79 28.21
N LEU G 274 -38.92 -0.37 27.47
CA LEU G 274 -37.98 -1.45 27.77
C LEU G 274 -36.58 -1.06 27.30
N PRO G 275 -35.54 -1.35 28.06
CA PRO G 275 -34.18 -0.99 27.63
C PRO G 275 -33.79 -1.78 26.39
N PHE G 276 -33.25 -1.07 25.38
CA PHE G 276 -32.99 -1.62 24.05
C PHE G 276 -32.24 -0.62 23.20
N ALA G 277 -31.32 -1.12 22.37
CA ALA G 277 -30.52 -0.32 21.46
C ALA G 277 -30.06 -1.23 20.32
N HIS G 278 -29.76 -0.61 19.18
CA HIS G 278 -29.05 -1.32 18.11
C HIS G 278 -28.11 -0.35 17.43
N VAL G 279 -27.20 -0.91 16.65
CA VAL G 279 -26.35 -0.16 15.76
C VAL G 279 -26.63 -0.64 14.35
N LEU G 280 -27.06 0.26 13.48
CA LEU G 280 -27.11 0.00 12.05
C LEU G 280 -25.79 0.43 11.40
N MET G 281 -25.35 -0.38 10.44
CA MET G 281 -24.07 -0.18 9.77
C MET G 281 -24.18 -0.71 8.36
N ARG G 282 -23.64 0.05 7.41
CA ARG G 282 -23.60 -0.43 6.03
C ARG G 282 -22.83 -1.75 5.96
N PRO G 283 -23.27 -2.69 5.13
CA PRO G 283 -22.84 -4.09 5.30
C PRO G 283 -21.35 -4.32 5.21
N GLU G 284 -20.70 -3.73 4.23
CA GLU G 284 -19.27 -3.92 4.09
C GLU G 284 -18.52 -3.49 5.35
N LEU G 285 -19.17 -2.76 6.25
CA LEU G 285 -18.53 -2.27 7.47
C LEU G 285 -18.60 -3.26 8.62
N ASP G 286 -18.94 -4.52 8.36
CA ASP G 286 -19.00 -5.55 9.40
C ASP G 286 -17.60 -6.12 9.71
N ILE G 287 -16.68 -5.22 10.05
CA ILE G 287 -15.30 -5.58 10.39
C ILE G 287 -15.20 -6.33 11.71
N TRP G 288 -16.28 -6.38 12.49
CA TRP G 288 -16.25 -7.04 13.79
C TRP G 288 -15.79 -8.49 13.66
N LYS G 289 -14.89 -8.90 14.55
CA LYS G 289 -14.60 -10.31 14.68
C LYS G 289 -15.43 -10.90 15.82
N PRO G 290 -15.68 -12.22 15.81
CA PRO G 290 -16.64 -12.82 16.77
C PRO G 290 -16.24 -12.63 18.23
N GLY G 291 -17.12 -11.96 18.98
CA GLY G 291 -16.92 -11.79 20.40
C GLY G 291 -16.19 -10.52 20.81
N GLN G 292 -15.71 -9.73 19.86
CA GLN G 292 -14.96 -8.51 20.19
C GLN G 292 -15.81 -7.45 20.87
N TYR G 293 -17.14 -7.59 20.91
CA TYR G 293 -17.97 -6.65 21.66
C TYR G 293 -19.07 -7.39 22.38
N ASN G 294 -19.06 -7.28 23.71
CA ASN G 294 -19.91 -8.06 24.61
C ASN G 294 -21.24 -7.37 24.89
N GLY G 295 -21.79 -7.60 26.09
CA GLY G 295 -23.11 -7.13 26.47
C GLY G 295 -24.00 -8.27 26.94
N THR G 296 -24.17 -8.42 28.26
CA THR G 296 -24.95 -9.53 28.79
C THR G 296 -26.39 -9.48 28.29
N PHE G 297 -27.00 -8.30 28.28
CA PHE G 297 -28.37 -8.15 27.76
C PHE G 297 -28.38 -7.76 26.27
N ARG G 298 -27.67 -8.56 25.45
CA ARG G 298 -27.65 -8.34 24.00
C ARG G 298 -28.99 -8.72 23.37
N GLY G 299 -29.47 -9.94 23.62
CA GLY G 299 -30.76 -10.37 23.10
C GLY G 299 -31.84 -10.29 24.15
N PHE G 300 -32.40 -9.09 24.35
CA PHE G 300 -33.54 -8.88 25.23
C PHE G 300 -34.79 -9.10 24.40
N ASN G 301 -35.46 -10.24 24.62
CA ASN G 301 -36.49 -10.64 23.66
C ASN G 301 -37.79 -9.89 23.86
N LEU G 302 -38.12 -9.47 25.08
CA LEU G 302 -39.33 -8.68 25.26
C LEU G 302 -39.29 -7.42 24.39
N ALA G 303 -38.13 -6.78 24.29
CA ALA G 303 -38.01 -5.55 23.50
C ALA G 303 -38.02 -5.83 22.00
N PHE G 304 -37.53 -7.01 21.55
CA PHE G 304 -37.77 -7.43 20.16
C PHE G 304 -39.25 -7.46 19.87
N VAL G 305 -40.03 -8.00 20.80
CA VAL G 305 -41.44 -8.20 20.60
C VAL G 305 -42.18 -6.87 20.58
N THR G 306 -41.90 -5.99 21.56
CA THR G 306 -42.59 -4.70 21.53
C THR G 306 -42.11 -3.84 20.37
N ALA G 307 -40.86 -4.01 19.91
CA ALA G 307 -40.37 -3.14 18.84
C ALA G 307 -40.83 -3.61 17.45
N ALA G 308 -40.85 -4.92 17.21
CA ALA G 308 -41.47 -5.41 15.98
C ALA G 308 -42.93 -4.98 15.89
N ALA G 309 -43.66 -5.10 17.01
CA ALA G 309 -45.07 -4.72 16.99
C ALA G 309 -45.25 -3.24 16.70
N ALA G 310 -44.39 -2.38 17.27
CA ALA G 310 -44.53 -0.95 17.00
C ALA G 310 -44.21 -0.64 15.56
N MET G 311 -43.22 -1.32 14.99
CA MET G 311 -42.86 -1.07 13.59
C MET G 311 -44.00 -1.44 12.65
N ARG G 312 -44.55 -2.65 12.81
CA ARG G 312 -45.73 -3.05 12.04
C ARG G 312 -46.88 -2.06 12.22
N HIS G 313 -47.19 -1.70 13.48
CA HIS G 313 -48.43 -0.99 13.76
C HIS G 313 -48.36 0.48 13.36
N PHE G 314 -47.22 1.14 13.55
CA PHE G 314 -47.18 2.57 13.28
C PHE G 314 -46.48 2.97 11.99
N TRP G 315 -45.63 2.11 11.40
CA TRP G 315 -44.81 2.52 10.27
C TRP G 315 -45.08 1.73 9.00
N SER G 316 -46.23 1.08 8.90
CA SER G 316 -46.57 0.34 7.69
C SER G 316 -46.97 1.25 6.55
N ASP G 317 -47.39 2.48 6.84
CA ASP G 317 -47.60 3.50 5.83
C ASP G 317 -47.26 4.85 6.47
N ASP G 318 -47.54 5.93 5.74
CA ASP G 318 -47.04 7.25 6.12
C ASP G 318 -48.05 8.08 6.91
N THR G 319 -49.10 7.46 7.46
CA THR G 319 -50.12 8.23 8.17
C THR G 319 -49.58 8.80 9.49
N PHE G 320 -49.11 7.92 10.37
CA PHE G 320 -48.53 8.35 11.63
C PHE G 320 -47.47 9.42 11.38
N GLU G 321 -46.69 9.26 10.31
CA GLU G 321 -45.63 10.19 9.94
C GLU G 321 -46.18 11.59 9.66
N ARG G 322 -47.22 11.67 8.83
CA ARG G 322 -47.86 12.95 8.53
C ARG G 322 -48.51 13.55 9.75
N ASP G 323 -49.14 12.73 10.60
CA ASP G 323 -49.79 13.30 11.76
C ASP G 323 -48.78 13.89 12.74
N VAL G 324 -47.56 13.35 12.79
CA VAL G 324 -46.52 13.91 13.66
C VAL G 324 -46.06 15.24 13.11
N GLN G 325 -45.83 15.31 11.80
CA GLN G 325 -45.44 16.57 11.18
C GLN G 325 -46.45 17.65 11.48
N ARG G 326 -47.74 17.29 11.50
CA ARG G 326 -48.78 18.27 11.82
C ARG G 326 -48.70 18.73 13.27
N LYS G 327 -48.77 17.78 14.22
CA LYS G 327 -48.70 18.14 15.63
C LYS G 327 -47.47 18.97 15.92
N GLY G 328 -46.37 18.71 15.19
CA GLY G 328 -45.20 19.56 15.33
C GLY G 328 -45.49 21.00 14.92
N ARG G 329 -46.35 21.19 13.92
CA ARG G 329 -46.72 22.54 13.50
C ARG G 329 -47.62 23.20 14.53
N VAL G 330 -48.52 22.42 15.15
CA VAL G 330 -49.29 22.91 16.29
C VAL G 330 -48.36 23.44 17.38
N VAL G 331 -47.44 22.59 17.85
CA VAL G 331 -46.52 22.95 18.92
C VAL G 331 -45.64 24.13 18.50
N GLU G 332 -45.12 24.11 17.28
CA GLU G 332 -44.28 25.21 16.82
C GLU G 332 -45.01 26.54 16.93
N ASP G 333 -46.26 26.57 16.48
CA ASP G 333 -47.06 27.80 16.56
C ASP G 333 -47.20 28.28 18.01
N ARG G 334 -47.73 27.43 18.88
CA ARG G 334 -47.93 27.82 20.28
C ARG G 334 -46.62 28.26 20.93
N PHE G 335 -45.50 27.66 20.51
CA PHE G 335 -44.18 28.01 21.00
C PHE G 335 -43.71 29.34 20.42
N GLN G 336 -44.11 29.65 19.18
CA GLN G 336 -43.75 30.94 18.60
C GLN G 336 -44.46 32.07 19.31
N LYS G 337 -45.78 31.94 19.50
CA LYS G 337 -46.53 32.92 20.28
C LYS G 337 -45.86 33.15 21.64
N LEU G 338 -45.68 32.07 22.41
CA LEU G 338 -45.17 32.22 23.77
C LEU G 338 -43.81 32.89 23.81
N ALA G 339 -43.02 32.75 22.74
CA ALA G 339 -41.70 33.36 22.68
C ALA G 339 -41.79 34.87 22.44
N SER G 340 -42.74 35.30 21.59
CA SER G 340 -42.94 36.74 21.39
C SER G 340 -43.46 37.40 22.67
N PHE G 341 -44.45 36.78 23.32
CA PHE G 341 -44.94 37.26 24.62
C PHE G 341 -43.78 37.59 25.56
N MET G 342 -42.83 36.66 25.69
CA MET G 342 -41.71 36.88 26.59
C MET G 342 -40.77 37.95 26.06
N THR G 343 -40.60 37.98 24.74
CA THR G 343 -39.75 39.00 24.11
C THR G 343 -40.27 40.42 24.41
N GLU G 344 -41.59 40.60 24.42
CA GLU G 344 -42.16 41.93 24.65
C GLU G 344 -42.00 42.38 26.10
N LYS G 345 -42.05 41.44 27.05
CA LYS G 345 -41.91 41.77 28.46
C LYS G 345 -40.45 41.99 28.88
N GLY G 346 -39.55 42.20 27.93
CA GLY G 346 -38.16 42.45 28.25
C GLY G 346 -37.33 41.21 28.52
N HIS G 347 -37.79 40.03 28.08
CA HIS G 347 -37.01 38.80 28.22
C HIS G 347 -36.92 38.10 26.88
N PRO G 348 -35.79 38.24 26.17
CA PRO G 348 -35.70 37.68 24.81
C PRO G 348 -35.79 36.16 24.82
N ALA G 349 -36.39 35.62 23.75
CA ALA G 349 -36.92 34.28 23.73
C ALA G 349 -37.28 33.91 22.31
N SER G 350 -37.07 32.64 21.95
CA SER G 350 -37.35 32.19 20.59
C SER G 350 -37.69 30.70 20.60
N GLU G 351 -38.29 30.26 19.49
CA GLU G 351 -38.70 28.88 19.27
C GLU G 351 -37.81 28.26 18.20
N ARG G 352 -37.57 26.95 18.31
CA ARG G 352 -36.98 26.18 17.21
C ARG G 352 -37.32 24.69 17.39
N GLY G 353 -37.11 23.93 16.34
CA GLY G 353 -37.38 22.51 16.40
C GLY G 353 -37.63 21.92 15.03
N ARG G 354 -37.90 20.63 15.03
CA ARG G 354 -38.18 19.89 13.80
C ARG G 354 -39.09 18.72 14.15
N GLY G 355 -40.24 18.62 13.49
CA GLY G 355 -41.17 17.59 13.93
C GLY G 355 -41.69 17.90 15.32
N LEU G 356 -41.94 16.85 16.08
CA LEU G 356 -42.34 17.00 17.47
C LEU G 356 -41.16 17.11 18.43
N MET G 357 -40.01 17.56 17.94
CA MET G 357 -38.87 17.83 18.82
C MET G 357 -38.61 19.34 18.74
N ARG G 358 -39.17 20.07 19.70
CA ARG G 358 -39.17 21.52 19.64
C ARG G 358 -38.72 22.10 20.97
N GLY G 359 -38.12 23.27 20.91
CA GLY G 359 -37.64 23.94 22.09
C GLY G 359 -38.12 25.37 22.16
N LEU G 360 -38.50 25.78 23.37
CA LEU G 360 -38.74 27.19 23.70
C LEU G 360 -37.49 27.69 24.40
N ASP G 361 -36.73 28.54 23.71
CA ASP G 361 -35.51 29.10 24.28
C ASP G 361 -35.90 30.34 25.07
N VAL G 362 -36.05 30.19 26.39
CA VAL G 362 -36.23 31.35 27.23
C VAL G 362 -34.85 31.98 27.40
N GLY G 363 -34.66 32.80 28.43
CA GLY G 363 -33.36 33.44 28.52
C GLY G 363 -32.32 32.52 29.11
N ASP G 364 -32.62 32.04 30.31
CA ASP G 364 -31.64 31.53 31.24
C ASP G 364 -32.26 30.39 32.02
N GLY G 365 -31.40 29.58 32.64
CA GLY G 365 -31.87 28.46 33.42
C GLY G 365 -32.83 28.86 34.53
N ASP G 366 -32.59 30.02 35.14
CA ASP G 366 -33.46 30.49 36.22
C ASP G 366 -34.90 30.62 35.74
N MET G 367 -35.11 31.44 34.71
CA MET G 367 -36.47 31.61 34.19
C MET G 367 -37.03 30.32 33.65
N ALA G 368 -36.18 29.50 33.01
CA ALA G 368 -36.67 28.23 32.46
C ALA G 368 -37.11 27.30 33.58
N ASP G 369 -36.38 27.30 34.70
CA ASP G 369 -36.75 26.48 35.85
C ASP G 369 -38.01 27.01 36.51
N LYS G 370 -38.14 28.34 36.61
CA LYS G 370 -39.32 28.95 37.19
C LYS G 370 -40.57 28.52 36.43
N ILE G 371 -40.49 28.47 35.10
CA ILE G 371 -41.64 28.06 34.29
C ILE G 371 -41.95 26.58 34.48
N THR G 372 -40.92 25.71 34.39
CA THR G 372 -41.16 24.27 34.47
C THR G 372 -41.83 23.89 35.80
N ALA G 373 -41.31 24.43 36.90
CA ALA G 373 -41.92 24.15 38.21
C ALA G 373 -43.37 24.59 38.25
N GLN G 374 -43.64 25.82 37.82
CA GLN G 374 -45.02 26.31 37.71
C GLN G 374 -45.83 25.45 36.74
N ALA G 375 -45.17 24.91 35.70
CA ALA G 375 -45.88 23.96 34.83
C ALA G 375 -46.26 22.69 35.58
N PHE G 376 -45.44 22.29 36.55
CA PHE G 376 -45.70 21.06 37.30
C PHE G 376 -46.90 21.21 38.25
N LYS G 377 -47.02 22.36 38.91
CA LYS G 377 -48.16 22.58 39.80
C LYS G 377 -49.47 22.60 39.03
N ASN G 378 -49.47 23.14 37.82
CA ASN G 378 -50.66 23.09 36.97
C ASN G 378 -50.83 21.74 36.26
N GLY G 379 -50.09 20.72 36.67
CA GLY G 379 -50.30 19.38 36.15
C GLY G 379 -49.66 19.08 34.81
N LEU G 380 -48.55 19.74 34.47
CA LEU G 380 -47.80 19.48 33.24
C LEU G 380 -46.37 19.09 33.58
N ILE G 381 -45.91 17.99 33.00
CA ILE G 381 -44.51 17.56 33.16
C ILE G 381 -43.73 17.95 31.93
N ILE G 382 -42.74 18.83 32.12
CA ILE G 382 -41.97 19.45 31.06
C ILE G 382 -40.56 19.64 31.60
N GLU G 383 -39.55 19.49 30.74
CA GLU G 383 -38.18 19.56 31.22
C GLU G 383 -37.35 20.50 30.37
N THR G 384 -36.19 20.85 30.91
CA THR G 384 -35.25 21.77 30.30
C THR G 384 -34.08 21.02 29.66
N SER G 385 -33.48 21.64 28.64
CA SER G 385 -32.15 21.24 28.17
C SER G 385 -31.44 22.53 27.75
N GLY G 386 -30.45 22.42 26.86
CA GLY G 386 -29.56 23.52 26.58
C GLY G 386 -28.36 23.57 27.52
N HIS G 387 -27.33 24.30 27.10
CA HIS G 387 -26.09 24.36 27.89
C HIS G 387 -26.34 24.89 29.31
N SER G 388 -27.37 25.72 29.50
CA SER G 388 -27.70 26.34 30.78
C SER G 388 -28.95 25.75 31.43
N GLY G 389 -29.58 24.76 30.79
CA GLY G 389 -30.96 24.45 31.13
C GLY G 389 -31.89 25.61 30.84
N GLN G 390 -31.69 26.29 29.71
CA GLN G 390 -32.46 27.47 29.33
C GLN G 390 -33.47 27.22 28.20
N VAL G 391 -33.68 25.97 27.79
CA VAL G 391 -34.60 25.63 26.71
C VAL G 391 -35.63 24.63 27.24
N ILE G 392 -36.91 25.02 27.20
CA ILE G 392 -37.98 24.12 27.61
C ILE G 392 -38.32 23.23 26.42
N LYS G 393 -38.08 21.91 26.55
CA LYS G 393 -38.20 21.02 25.41
C LYS G 393 -39.59 20.39 25.36
N CYS G 394 -40.12 20.27 24.14
CA CYS G 394 -41.34 19.50 23.87
C CYS G 394 -40.96 18.10 23.43
N LEU G 395 -41.08 17.13 24.35
CA LEU G 395 -40.90 15.75 23.95
C LEU G 395 -42.14 14.90 24.23
N CYS G 396 -43.32 15.42 23.88
CA CYS G 396 -44.57 14.69 24.09
C CYS G 396 -44.62 13.42 23.25
N PRO G 397 -45.41 12.43 23.67
CA PRO G 397 -45.63 11.26 22.82
C PRO G 397 -46.08 11.65 21.42
N LEU G 398 -45.55 10.97 20.42
CA LEU G 398 -45.95 11.29 19.06
C LEU G 398 -47.39 10.86 18.78
N THR G 399 -47.91 9.90 19.55
CA THR G 399 -49.29 9.42 19.50
C THR G 399 -50.28 10.37 20.19
N ILE G 400 -49.87 11.57 20.61
CA ILE G 400 -50.69 12.35 21.53
C ILE G 400 -52.00 12.76 20.87
N THR G 401 -53.11 12.60 21.61
CA THR G 401 -54.40 13.11 21.16
C THR G 401 -54.36 14.62 21.03
N ASP G 402 -55.03 15.13 20.00
CA ASP G 402 -55.08 16.58 19.86
C ASP G 402 -55.63 17.25 21.12
N GLU G 403 -56.53 16.57 21.83
CA GLU G 403 -57.07 17.11 23.07
C GLU G 403 -55.98 17.27 24.12
N ASP G 404 -55.15 16.25 24.32
CA ASP G 404 -54.13 16.35 25.35
C ASP G 404 -52.95 17.20 24.93
N LEU G 405 -52.71 17.34 23.64
CA LEU G 405 -51.66 18.23 23.16
C LEU G 405 -52.04 19.69 23.38
N VAL G 406 -53.25 20.09 22.98
CA VAL G 406 -53.70 21.45 23.25
C VAL G 406 -53.86 21.66 24.76
N GLY G 407 -54.27 20.63 25.50
CA GLY G 407 -54.27 20.72 26.96
C GLY G 407 -52.92 21.06 27.60
N GLY G 408 -51.91 20.23 27.34
CA GLY G 408 -50.59 20.53 27.86
C GLY G 408 -50.05 21.85 27.34
N LEU G 409 -50.36 22.18 26.08
CA LEU G 409 -49.90 23.45 25.53
C LEU G 409 -50.57 24.62 26.20
N ASP G 410 -51.83 24.46 26.58
CA ASP G 410 -52.54 25.51 27.31
C ASP G 410 -52.00 25.65 28.73
N ILE G 411 -51.70 24.53 29.39
CA ILE G 411 -51.09 24.59 30.71
C ILE G 411 -49.78 25.37 30.66
N LEU G 412 -48.98 25.13 29.63
CA LEU G 412 -47.69 25.80 29.51
C LEU G 412 -47.87 27.31 29.34
N GLU G 413 -48.81 27.74 28.48
CA GLU G 413 -49.04 29.17 28.26
C GLU G 413 -49.47 29.87 29.55
N GLN G 414 -50.50 29.33 30.21
CA GLN G 414 -50.91 29.81 31.52
C GLN G 414 -49.74 29.88 32.49
N SER G 415 -48.93 28.82 32.54
CA SER G 415 -47.82 28.80 33.49
C SER G 415 -46.80 29.91 33.21
N VAL G 416 -46.52 30.15 31.92
CA VAL G 416 -45.59 31.21 31.54
C VAL G 416 -46.17 32.57 31.91
N LYS G 417 -47.46 32.78 31.58
CA LYS G 417 -48.14 34.03 31.90
C LYS G 417 -48.09 34.32 33.40
N GLU G 418 -48.33 33.30 34.22
CA GLU G 418 -48.34 33.51 35.66
C GLU G 418 -46.96 33.91 36.20
N VAL G 419 -45.89 33.48 35.54
CA VAL G 419 -44.55 33.87 36.00
C VAL G 419 -44.19 35.26 35.53
N PHE G 420 -45.01 35.85 34.65
CA PHE G 420 -44.86 37.24 34.24
C PHE G 420 -45.96 38.15 34.82
N GLY G 421 -46.55 37.75 35.95
CA GLY G 421 -47.59 38.54 36.62
C GLY G 421 -48.92 38.67 35.88
N GLN G 422 -49.49 37.53 35.41
CA GLN G 422 -50.77 37.49 34.67
C GLN G 422 -51.56 36.22 35.04
N ALA G 423 -52.02 36.16 36.29
CA ALA G 423 -52.64 34.96 36.86
C ALA G 423 -53.81 34.41 36.05
N GLN H 4 -34.39 -18.39 10.12
CA GLN H 4 -33.61 -19.58 9.83
C GLN H 4 -32.29 -19.21 9.14
N ILE H 5 -32.37 -18.29 8.17
CA ILE H 5 -31.18 -17.68 7.54
C ILE H 5 -31.41 -16.16 7.39
N LEU H 6 -31.50 -15.47 8.53
CA LEU H 6 -31.18 -14.04 8.62
C LEU H 6 -29.92 -13.90 9.45
N GLU H 7 -28.92 -14.74 9.15
CA GLU H 7 -27.62 -14.73 9.82
C GLU H 7 -26.62 -13.80 9.16
N ARG H 8 -26.90 -13.30 7.96
CA ARG H 8 -26.12 -12.23 7.35
C ARG H 8 -26.86 -10.90 7.38
N MET H 9 -27.84 -10.78 8.28
CA MET H 9 -28.36 -9.49 8.72
C MET H 9 -27.86 -9.10 10.12
N GLU H 10 -27.46 -10.07 10.94
CA GLU H 10 -26.84 -9.79 12.21
C GLU H 10 -25.32 -9.64 12.05
N SER H 11 -24.73 -8.77 12.87
CA SER H 11 -23.29 -8.50 12.85
C SER H 11 -22.50 -9.78 13.08
N GLU H 12 -21.25 -9.75 12.60
CA GLU H 12 -20.31 -10.85 12.74
C GLU H 12 -19.72 -10.99 14.14
N VAL H 13 -20.15 -10.18 15.11
CA VAL H 13 -19.66 -10.30 16.49
C VAL H 13 -20.39 -11.38 17.27
N ARG H 14 -21.29 -12.14 16.64
CA ARG H 14 -22.04 -13.23 17.28
C ARG H 14 -21.10 -14.22 17.97
N THR H 15 -21.60 -14.85 19.03
CA THR H 15 -20.87 -15.86 19.81
C THR H 15 -21.74 -17.09 20.09
N TYR H 16 -22.92 -16.88 20.70
CA TYR H 16 -23.78 -17.98 21.12
C TYR H 16 -24.65 -18.54 20.00
N SER H 17 -24.77 -17.83 18.88
CA SER H 17 -25.36 -18.38 17.66
C SER H 17 -24.36 -19.21 16.84
N ARG H 18 -23.10 -19.31 17.29
CA ARG H 18 -22.07 -20.12 16.64
C ARG H 18 -21.61 -21.28 17.52
N SER H 19 -22.21 -21.47 18.71
CA SER H 19 -22.01 -22.66 19.52
C SER H 19 -23.30 -23.45 19.78
N PHE H 20 -24.43 -22.76 19.88
CA PHE H 20 -25.76 -23.35 20.05
C PHE H 20 -26.63 -22.84 18.91
N PRO H 21 -26.46 -23.40 17.66
CA PRO H 21 -26.91 -22.75 16.43
C PRO H 21 -28.34 -23.12 15.98
N THR H 22 -29.28 -23.12 16.92
CA THR H 22 -30.70 -23.31 16.63
C THR H 22 -31.48 -22.04 16.96
N VAL H 23 -32.80 -22.11 16.74
CA VAL H 23 -33.71 -20.99 17.00
C VAL H 23 -34.63 -21.36 18.15
N PHE H 24 -34.47 -20.67 19.28
CA PHE H 24 -35.19 -21.06 20.47
C PHE H 24 -36.56 -20.38 20.55
N THR H 25 -37.52 -21.09 21.16
CA THR H 25 -38.86 -20.53 21.40
C THR H 25 -39.14 -20.47 22.90
N GLU H 26 -40.03 -21.33 23.42
CA GLU H 26 -40.43 -21.25 24.82
C GLU H 26 -39.31 -21.74 25.74
N ALA H 27 -39.34 -21.27 26.99
CA ALA H 27 -38.37 -21.64 28.02
C ALA H 27 -39.04 -21.64 29.38
N LYS H 28 -38.72 -22.63 30.21
CA LYS H 28 -39.31 -22.75 31.54
C LYS H 28 -38.37 -23.50 32.45
N GLY H 29 -38.09 -22.92 33.63
CA GLY H 29 -37.18 -23.59 34.56
C GLY H 29 -35.77 -23.63 33.99
N ALA H 30 -35.19 -24.82 33.90
CA ALA H 30 -33.90 -25.03 33.24
C ALA H 30 -34.07 -25.83 31.95
N ARG H 31 -35.20 -25.61 31.25
CA ARG H 31 -35.55 -26.35 30.04
C ARG H 31 -35.87 -25.40 28.91
N LEU H 32 -35.10 -25.48 27.83
CA LEU H 32 -35.27 -24.69 26.61
C LEU H 32 -35.91 -25.53 25.52
N HIS H 33 -36.63 -24.87 24.62
CA HIS H 33 -37.25 -25.54 23.48
C HIS H 33 -36.78 -24.90 22.19
N ALA H 34 -36.09 -25.67 21.36
CA ALA H 34 -35.67 -25.20 20.05
C ALA H 34 -36.81 -25.34 19.07
N GLU H 35 -36.75 -24.53 18.00
CA GLU H 35 -37.85 -24.52 17.04
C GLU H 35 -38.01 -25.90 16.41
N ASP H 36 -36.90 -26.62 16.23
CA ASP H 36 -36.93 -27.96 15.63
C ASP H 36 -37.62 -28.97 16.55
N GLY H 37 -38.19 -28.51 17.65
CA GLY H 37 -38.91 -29.38 18.54
C GLY H 37 -38.04 -30.14 19.52
N ASN H 38 -36.80 -29.74 19.71
CA ASN H 38 -35.96 -30.35 20.72
C ASN H 38 -36.09 -29.63 22.06
N GLN H 39 -35.61 -30.29 23.11
CA GLN H 39 -35.61 -29.78 24.47
C GLN H 39 -34.19 -29.87 25.02
N TYR H 40 -33.78 -28.84 25.74
CA TYR H 40 -32.43 -28.78 26.28
C TYR H 40 -32.47 -28.46 27.77
N ILE H 41 -31.45 -28.93 28.49
CA ILE H 41 -31.23 -28.53 29.87
C ILE H 41 -30.23 -27.38 29.84
N ASP H 42 -30.58 -26.28 30.50
CA ASP H 42 -29.80 -25.03 30.43
C ASP H 42 -28.88 -24.97 31.64
N PHE H 43 -27.61 -25.34 31.42
CA PHE H 43 -26.58 -25.14 32.43
C PHE H 43 -25.84 -23.81 32.23
N LEU H 44 -26.33 -22.96 31.32
CA LEU H 44 -25.79 -21.64 31.06
C LEU H 44 -26.56 -20.55 31.78
N ALA H 45 -27.88 -20.68 31.84
CA ALA H 45 -28.75 -19.75 32.57
C ALA H 45 -28.46 -18.30 32.19
N GLY H 46 -28.45 -18.04 30.88
CA GLY H 46 -28.09 -16.72 30.39
C GLY H 46 -26.80 -16.18 30.98
N ALA H 47 -25.83 -17.08 31.22
CA ALA H 47 -24.54 -16.71 31.79
C ALA H 47 -24.65 -16.29 33.24
N GLY H 48 -25.46 -17.01 34.03
CA GLY H 48 -25.65 -16.64 35.42
C GLY H 48 -26.67 -15.54 35.66
N THR H 49 -27.52 -15.27 34.67
CA THR H 49 -28.51 -14.19 34.68
C THR H 49 -29.87 -14.70 35.10
N LEU H 50 -30.11 -15.99 34.94
CA LEU H 50 -31.36 -16.63 35.28
C LEU H 50 -31.12 -17.59 36.46
N ASN H 51 -30.90 -17.01 37.63
CA ASN H 51 -30.64 -17.82 38.81
C ASN H 51 -31.88 -18.50 39.37
N TYR H 52 -33.07 -18.00 39.05
CA TYR H 52 -34.32 -18.66 39.41
C TYR H 52 -34.98 -19.25 38.18
N GLY H 53 -34.19 -19.56 37.16
CA GLY H 53 -34.69 -20.24 35.98
C GLY H 53 -35.49 -19.32 35.06
N HIS H 54 -35.74 -19.84 33.87
CA HIS H 54 -36.53 -19.11 32.89
C HIS H 54 -37.98 -18.99 33.34
N ASN H 55 -38.50 -17.76 33.33
CA ASN H 55 -39.93 -17.51 33.48
C ASN H 55 -40.51 -18.10 34.77
N HIS H 56 -39.82 -17.86 35.88
CA HIS H 56 -40.28 -18.43 37.15
C HIS H 56 -41.72 -18.01 37.43
N PRO H 57 -42.59 -18.96 37.82
CA PRO H 57 -44.05 -18.67 37.87
C PRO H 57 -44.45 -17.57 38.81
N LYS H 58 -43.80 -17.44 39.97
CA LYS H 58 -44.16 -16.35 40.87
C LYS H 58 -43.69 -15.03 40.32
N LEU H 59 -42.54 -15.02 39.65
CA LEU H 59 -42.06 -13.78 39.05
C LEU H 59 -42.89 -13.41 37.83
N LYS H 60 -43.13 -14.37 36.93
CA LYS H 60 -44.03 -14.12 35.80
C LYS H 60 -45.36 -13.54 36.26
N GLN H 61 -45.92 -14.09 37.33
CA GLN H 61 -47.19 -13.60 37.86
C GLN H 61 -47.10 -12.13 38.27
N ALA H 62 -46.07 -11.77 39.05
CA ALA H 62 -45.93 -10.39 39.48
C ALA H 62 -45.77 -9.46 38.29
N LEU H 63 -44.92 -9.84 37.35
CA LEU H 63 -44.67 -9.02 36.17
C LEU H 63 -45.93 -8.89 35.33
N ALA H 64 -46.63 -10.00 35.11
CA ALA H 64 -47.85 -9.96 34.30
C ALA H 64 -48.90 -9.07 34.94
N ASP H 65 -49.07 -9.17 36.27
CA ASP H 65 -50.03 -8.35 36.98
C ASP H 65 -49.73 -6.86 36.81
N TYR H 66 -48.47 -6.46 37.05
CA TYR H 66 -48.08 -5.06 36.96
C TYR H 66 -48.37 -4.48 35.57
N ILE H 67 -48.05 -5.24 34.51
CA ILE H 67 -48.41 -4.85 33.15
C ILE H 67 -49.90 -4.56 33.07
N ALA H 68 -50.72 -5.55 33.46
CA ALA H 68 -52.17 -5.43 33.32
C ALA H 68 -52.68 -4.19 34.03
N SER H 69 -52.15 -3.91 35.20
CA SER H 69 -52.54 -2.70 35.93
C SER H 69 -52.04 -1.41 35.29
N ASP H 70 -51.27 -1.49 34.19
CA ASP H 70 -50.80 -0.29 33.51
C ASP H 70 -49.86 0.55 34.38
N GLY H 71 -49.04 -0.12 35.20
CA GLY H 71 -48.03 0.58 35.97
C GLY H 71 -47.01 1.24 35.07
N ILE H 72 -46.51 2.40 35.52
CA ILE H 72 -45.51 3.11 34.74
C ILE H 72 -44.30 2.21 34.52
N VAL H 73 -43.78 2.20 33.29
CA VAL H 73 -42.71 1.27 32.91
C VAL H 73 -41.34 1.93 32.90
N HIS H 74 -41.25 3.17 32.44
CA HIS H 74 -39.99 3.89 32.35
C HIS H 74 -40.06 5.12 33.25
N GLY H 75 -39.30 5.10 34.33
CA GLY H 75 -39.41 6.18 35.29
C GLY H 75 -38.38 7.28 35.20
N LEU H 76 -37.22 7.01 34.58
CA LEU H 76 -36.05 7.88 34.66
C LEU H 76 -35.55 7.86 36.09
N ASP H 77 -35.51 9.02 36.74
CA ASP H 77 -35.24 9.10 38.17
C ASP H 77 -36.52 9.22 39.00
N MET H 78 -37.65 9.44 38.35
CA MET H 78 -38.91 9.68 39.04
C MET H 78 -39.14 8.64 40.12
N TRP H 79 -39.54 9.14 41.29
CA TRP H 79 -40.06 8.28 42.33
C TRP H 79 -41.32 7.60 41.83
N SER H 80 -41.40 6.29 42.04
CA SER H 80 -42.59 5.55 41.67
C SER H 80 -42.88 4.56 42.78
N ALA H 81 -44.09 4.01 42.71
CA ALA H 81 -44.46 3.01 43.70
C ALA H 81 -43.54 1.81 43.59
N ALA H 82 -43.35 1.31 42.36
CA ALA H 82 -42.60 0.09 42.16
C ALA H 82 -41.16 0.26 42.60
N LYS H 83 -40.60 1.46 42.37
CA LYS H 83 -39.26 1.78 42.84
C LYS H 83 -39.20 1.80 44.36
N ARG H 84 -40.18 2.45 45.00
CA ARG H 84 -40.22 2.45 46.46
C ARG H 84 -40.42 1.05 47.01
N ASP H 85 -41.29 0.27 46.38
CA ASP H 85 -41.46 -1.11 46.83
C ASP H 85 -40.15 -1.87 46.75
N TYR H 86 -39.37 -1.64 45.68
CA TYR H 86 -38.07 -2.31 45.52
C TYR H 86 -37.08 -1.88 46.60
N LEU H 87 -36.90 -0.57 46.81
CA LEU H 87 -35.99 -0.09 47.84
C LEU H 87 -36.33 -0.61 49.24
N GLU H 88 -37.62 -0.79 49.55
CA GLU H 88 -37.99 -1.29 50.87
C GLU H 88 -37.65 -2.78 50.99
N THR H 89 -37.98 -3.55 49.94
CA THR H 89 -37.73 -4.98 49.99
C THR H 89 -36.24 -5.26 50.10
N LEU H 90 -35.43 -4.53 49.33
CA LEU H 90 -33.97 -4.64 49.47
C LEU H 90 -33.56 -4.47 50.92
N GLU H 91 -33.99 -3.37 51.55
CA GLU H 91 -33.54 -3.07 52.91
C GLU H 91 -34.07 -4.08 53.93
N GLU H 92 -35.33 -4.46 53.82
CA GLU H 92 -35.90 -5.28 54.87
C GLU H 92 -35.60 -6.76 54.70
N VAL H 93 -35.37 -7.23 53.47
CA VAL H 93 -35.24 -8.66 53.23
C VAL H 93 -33.76 -9.04 53.10
N ILE H 94 -32.93 -8.13 52.59
CA ILE H 94 -31.55 -8.45 52.25
C ILE H 94 -30.58 -7.72 53.18
N LEU H 95 -30.70 -6.40 53.28
CA LEU H 95 -29.58 -5.66 53.86
C LEU H 95 -29.62 -5.70 55.39
N LYS H 96 -30.75 -5.31 56.00
CA LYS H 96 -30.83 -5.29 57.46
C LYS H 96 -30.57 -6.65 58.11
N PRO H 97 -31.18 -7.77 57.63
CA PRO H 97 -30.84 -9.08 58.22
C PRO H 97 -29.35 -9.41 58.19
N ARG H 98 -28.60 -8.81 57.28
CA ARG H 98 -27.18 -9.06 57.18
C ARG H 98 -26.35 -8.00 57.90
N GLY H 99 -26.99 -6.95 58.40
CA GLY H 99 -26.27 -5.91 59.07
C GLY H 99 -25.55 -4.98 58.13
N LEU H 100 -26.01 -4.86 56.90
CA LEU H 100 -25.36 -4.07 55.86
C LEU H 100 -26.04 -2.71 55.75
N ASP H 101 -25.26 -1.66 56.00
CA ASP H 101 -25.73 -0.29 55.83
C ASP H 101 -25.32 0.17 54.43
N TYR H 102 -26.27 0.16 53.50
CA TYR H 102 -25.98 0.55 52.11
C TYR H 102 -27.06 1.47 51.56
N LYS H 103 -26.64 2.49 50.78
CA LYS H 103 -27.51 3.25 49.89
C LYS H 103 -27.40 2.68 48.48
N VAL H 104 -28.39 2.99 47.65
CA VAL H 104 -28.50 2.45 46.31
C VAL H 104 -28.39 3.58 45.30
N HIS H 105 -27.48 3.43 44.36
CA HIS H 105 -27.42 4.23 43.14
C HIS H 105 -27.85 3.33 42.00
N LEU H 106 -28.87 3.75 41.25
CA LEU H 106 -29.37 2.98 40.12
C LEU H 106 -28.76 3.50 38.83
N PRO H 107 -27.84 2.79 38.21
CA PRO H 107 -27.25 3.30 36.96
C PRO H 107 -27.95 2.72 35.75
N GLY H 108 -27.29 2.74 34.60
CA GLY H 108 -27.82 2.08 33.43
C GLY H 108 -27.97 0.59 33.66
N PRO H 109 -28.92 0.02 32.99
CA PRO H 109 -29.26 -1.39 33.26
C PRO H 109 -28.28 -2.41 32.70
N THR H 110 -26.98 -2.16 32.80
CA THR H 110 -26.00 -3.17 32.40
C THR H 110 -24.89 -3.25 33.43
N GLY H 111 -24.11 -4.33 33.35
CA GLY H 111 -23.02 -4.52 34.28
C GLY H 111 -21.89 -3.53 34.07
N THR H 112 -21.49 -3.30 32.82
CA THR H 112 -20.49 -2.28 32.52
C THR H 112 -20.89 -0.94 33.10
N ASN H 113 -22.13 -0.56 32.85
CA ASN H 113 -22.59 0.75 33.26
C ASN H 113 -22.52 0.90 34.78
N ALA H 114 -22.85 -0.17 35.51
CA ALA H 114 -22.73 -0.22 36.96
C ALA H 114 -21.26 -0.14 37.41
N VAL H 115 -20.37 -0.88 36.76
CA VAL H 115 -18.94 -0.82 37.10
C VAL H 115 -18.38 0.56 36.78
N GLU H 116 -18.81 1.18 35.66
CA GLU H 116 -18.38 2.53 35.34
C GLU H 116 -18.84 3.52 36.42
N ALA H 117 -20.10 3.39 36.86
CA ALA H 117 -20.57 4.24 37.95
C ALA H 117 -19.86 3.93 39.26
N ALA H 118 -19.50 2.66 39.52
CA ALA H 118 -18.82 2.31 40.76
C ALA H 118 -17.41 2.89 40.83
N ILE H 119 -16.65 2.78 39.74
CA ILE H 119 -15.27 3.21 39.78
C ILE H 119 -15.17 4.73 39.62
N ARG H 120 -16.08 5.34 38.86
CA ARG H 120 -16.13 6.80 38.80
C ARG H 120 -16.41 7.39 40.19
N LEU H 121 -17.34 6.79 40.93
CA LEU H 121 -17.65 7.19 42.30
C LEU H 121 -16.45 7.02 43.24
N ALA H 122 -15.80 5.86 43.20
CA ALA H 122 -14.66 5.65 44.09
C ALA H 122 -13.55 6.69 43.84
N ARG H 123 -13.35 7.09 42.58
CA ARG H 123 -12.29 8.03 42.23
C ARG H 123 -12.55 9.40 42.84
N ASN H 124 -13.75 9.93 42.62
CA ASN H 124 -14.10 11.22 43.22
C ASN H 124 -14.02 11.17 44.74
N ALA H 125 -14.55 10.10 45.36
CA ALA H 125 -14.56 10.01 46.81
C ALA H 125 -13.17 10.09 47.42
N LYS H 126 -12.18 9.54 46.75
CA LYS H 126 -10.85 9.45 47.33
C LYS H 126 -9.84 10.40 46.70
N GLY H 127 -10.21 11.10 45.63
CA GLY H 127 -9.33 12.05 44.97
C GLY H 127 -8.21 11.45 44.16
N ARG H 128 -8.22 10.15 43.93
CA ARG H 128 -7.20 9.44 43.17
C ARG H 128 -7.83 8.83 41.92
N HIS H 129 -7.08 8.82 40.82
CA HIS H 129 -7.60 8.25 39.58
C HIS H 129 -7.38 6.75 39.46
N ASN H 130 -6.34 6.22 40.08
CA ASN H 130 -6.00 4.81 39.85
C ASN H 130 -6.90 3.86 40.61
N ILE H 131 -7.04 2.67 40.04
CA ILE H 131 -7.93 1.61 40.48
C ILE H 131 -7.15 0.32 40.34
N VAL H 132 -7.08 -0.48 41.41
CA VAL H 132 -6.40 -1.76 41.33
C VAL H 132 -7.40 -2.83 40.93
N THR H 133 -7.06 -3.59 39.89
CA THR H 133 -7.79 -4.77 39.46
C THR H 133 -6.84 -5.96 39.52
N PHE H 134 -7.33 -7.15 39.19
CA PHE H 134 -6.60 -8.40 39.44
C PHE H 134 -6.49 -9.24 38.16
N THR H 135 -5.36 -9.94 38.04
CA THR H 135 -5.17 -10.91 36.97
C THR H 135 -6.47 -11.65 36.69
N ASN H 136 -6.88 -11.69 35.42
CA ASN H 136 -8.03 -12.45 34.92
C ASN H 136 -9.37 -11.84 35.34
N GLY H 137 -9.38 -10.62 35.88
CA GLY H 137 -10.64 -9.94 36.12
C GLY H 137 -11.40 -9.68 34.85
N PHE H 138 -12.73 -9.75 34.94
CA PHE H 138 -13.64 -9.25 33.91
C PHE H 138 -14.64 -8.30 34.57
N HIS H 139 -14.96 -7.19 33.89
CA HIS H 139 -15.76 -6.14 34.50
C HIS H 139 -16.50 -5.28 33.47
N GLY H 140 -16.64 -5.74 32.24
CA GLY H 140 -17.33 -5.01 31.18
C GLY H 140 -16.38 -4.53 30.10
N VAL H 141 -16.96 -4.04 29.00
CA VAL H 141 -16.17 -3.66 27.85
C VAL H 141 -16.38 -2.24 27.35
N THR H 142 -17.20 -1.41 28.00
CA THR H 142 -17.14 0.02 27.68
C THR H 142 -15.80 0.58 28.15
N MET H 143 -15.36 1.68 27.50
CA MET H 143 -13.97 2.12 27.62
C MET H 143 -13.52 2.27 29.07
N GLY H 144 -14.42 2.66 29.96
CA GLY H 144 -14.02 2.94 31.33
C GLY H 144 -13.85 1.68 32.14
N ALA H 145 -14.89 0.85 32.15
CA ALA H 145 -14.78 -0.46 32.77
C ALA H 145 -13.68 -1.29 32.14
N LEU H 146 -13.38 -1.05 30.85
CA LEU H 146 -12.47 -1.92 30.14
C LEU H 146 -11.05 -1.81 30.65
N ALA H 147 -10.70 -0.67 31.25
CA ALA H 147 -9.39 -0.54 31.88
C ALA H 147 -9.17 -1.65 32.90
N THR H 148 -10.20 -2.02 33.65
CA THR H 148 -10.11 -3.00 34.72
C THR H 148 -10.29 -4.46 34.23
N THR H 149 -10.59 -4.65 32.94
CA THR H 149 -10.86 -5.95 32.35
C THR H 149 -9.59 -6.50 31.71
N GLY H 150 -9.19 -7.71 32.09
CA GLY H 150 -7.87 -8.20 31.70
C GLY H 150 -7.73 -8.66 30.26
N ASN H 151 -8.83 -8.99 29.59
CA ASN H 151 -8.78 -9.72 28.33
C ASN H 151 -8.17 -8.91 27.17
N ARG H 152 -7.10 -9.46 26.59
CA ARG H 152 -6.48 -8.91 25.38
C ARG H 152 -7.47 -8.78 24.24
N LYS H 153 -8.31 -9.80 24.02
CA LYS H 153 -9.26 -9.74 22.91
C LYS H 153 -10.08 -8.45 22.96
N PHE H 154 -10.65 -8.11 24.11
CA PHE H 154 -11.42 -6.86 24.17
C PHE H 154 -10.51 -5.63 24.07
N ARG H 155 -9.36 -5.64 24.76
CA ARG H 155 -8.54 -4.43 24.80
C ARG H 155 -7.84 -4.14 23.46
N GLU H 156 -7.54 -5.17 22.68
CA GLU H 156 -6.93 -4.91 21.38
C GLU H 156 -7.91 -4.29 20.38
N ALA H 157 -9.22 -4.36 20.63
CA ALA H 157 -10.22 -3.90 19.66
C ALA H 157 -10.79 -2.51 19.97
N THR H 158 -10.14 -1.74 20.86
CA THR H 158 -10.56 -0.36 21.10
C THR H 158 -10.31 0.56 19.91
N GLY H 159 -9.65 0.08 18.86
CA GLY H 159 -9.33 0.92 17.71
C GLY H 159 -8.35 2.03 17.99
N GLY H 160 -7.33 1.78 18.79
CA GLY H 160 -6.27 2.74 18.92
C GLY H 160 -6.26 3.57 20.18
N ILE H 161 -7.07 3.24 21.16
CA ILE H 161 -7.07 3.98 22.41
C ILE H 161 -6.58 3.05 23.53
N PRO H 162 -5.38 3.24 24.08
CA PRO H 162 -5.03 2.45 25.26
C PRO H 162 -5.95 2.88 26.38
N THR H 163 -6.37 1.92 27.19
CA THR H 163 -7.03 2.23 28.45
C THR H 163 -6.05 2.94 29.40
N GLN H 164 -6.59 3.50 30.48
CA GLN H 164 -5.75 4.10 31.51
C GLN H 164 -6.57 4.20 32.79
N GLY H 165 -5.86 4.28 33.91
CA GLY H 165 -6.54 4.39 35.19
C GLY H 165 -6.74 3.09 35.95
N ALA H 166 -6.01 2.04 35.59
CA ALA H 166 -6.07 0.75 36.25
C ALA H 166 -4.67 0.17 36.37
N SER H 167 -4.47 -0.59 37.44
CA SER H 167 -3.24 -1.32 37.69
C SER H 167 -3.59 -2.75 38.06
N PHE H 168 -2.92 -3.72 37.46
CA PHE H 168 -3.21 -5.13 37.66
C PHE H 168 -2.30 -5.71 38.74
N MET H 169 -2.92 -6.36 39.71
CA MET H 169 -2.29 -7.16 40.75
C MET H 169 -2.58 -8.64 40.52
N PRO H 170 -1.79 -9.54 41.12
CA PRO H 170 -2.06 -10.97 40.94
C PRO H 170 -3.14 -11.45 41.92
N PHE H 171 -4.16 -12.12 41.36
CA PHE H 171 -5.23 -12.74 42.12
C PHE H 171 -4.67 -13.86 43.01
N ASP H 172 -5.50 -14.35 43.92
CA ASP H 172 -5.06 -15.40 44.84
C ASP H 172 -4.62 -16.63 44.04
N GLY H 173 -3.43 -17.16 44.34
CA GLY H 173 -2.94 -18.33 43.66
C GLY H 173 -2.26 -18.10 42.33
N TYR H 174 -2.26 -16.88 41.82
CA TYR H 174 -1.67 -16.67 40.50
C TYR H 174 -0.20 -17.02 40.47
N MET H 175 0.49 -16.89 41.60
CA MET H 175 1.92 -17.19 41.66
C MET H 175 2.20 -18.59 42.19
N GLY H 176 1.35 -19.56 41.85
CA GLY H 176 1.43 -20.89 42.42
C GLY H 176 0.88 -20.97 43.83
N GLU H 177 0.26 -22.09 44.20
CA GLU H 177 -0.23 -22.27 45.56
C GLU H 177 0.89 -22.06 46.57
N GLY H 178 0.52 -21.52 47.73
CA GLY H 178 1.46 -21.26 48.80
C GLY H 178 2.21 -19.95 48.74
N VAL H 179 1.84 -19.06 47.82
CA VAL H 179 2.35 -17.68 47.80
C VAL H 179 1.18 -16.74 48.06
N ASP H 180 1.35 -15.83 49.01
CA ASP H 180 0.37 -14.78 49.23
C ASP H 180 0.60 -13.69 48.20
N THR H 181 -0.28 -13.59 47.21
CA THR H 181 -0.08 -12.56 46.21
C THR H 181 -0.37 -11.17 46.78
N LEU H 182 -1.03 -11.09 47.94
CA LEU H 182 -1.30 -9.81 48.57
C LEU H 182 -0.05 -9.17 49.19
N SER H 183 0.98 -9.95 49.53
CA SER H 183 2.17 -9.30 50.07
C SER H 183 2.87 -8.46 49.00
N TYR H 184 2.78 -8.87 47.73
CA TYR H 184 3.34 -8.03 46.66
C TYR H 184 2.55 -6.73 46.53
N PHE H 185 1.21 -6.81 46.69
CA PHE H 185 0.35 -5.63 46.69
C PHE H 185 0.69 -4.69 47.82
N GLU H 186 0.83 -5.24 49.03
CA GLU H 186 1.15 -4.41 50.18
C GLU H 186 2.49 -3.72 49.98
N LYS H 187 3.45 -4.45 49.41
CA LYS H 187 4.77 -3.87 49.30
C LYS H 187 4.78 -2.75 48.27
N LEU H 188 4.06 -2.95 47.15
CA LEU H 188 3.96 -1.88 46.18
C LEU H 188 3.33 -0.65 46.80
N LEU H 189 2.28 -0.86 47.62
CA LEU H 189 1.62 0.27 48.26
C LEU H 189 2.60 1.07 49.12
N GLY H 190 3.54 0.41 49.78
CA GLY H 190 4.50 1.13 50.61
C GLY H 190 5.67 1.76 49.89
N ASP H 191 5.77 1.58 48.55
CA ASP H 191 6.94 1.92 47.76
C ASP H 191 6.64 3.14 46.88
N ASN H 192 7.34 4.26 47.15
CA ASN H 192 7.10 5.49 46.42
C ASN H 192 7.44 5.35 44.94
N SER H 193 8.41 4.51 44.60
CA SER H 193 8.84 4.37 43.22
C SER H 193 8.53 2.99 42.64
N GLY H 194 7.64 2.21 43.26
CA GLY H 194 7.34 0.89 42.72
C GLY H 194 6.49 0.90 41.46
N GLY H 195 5.97 2.05 41.05
CA GLY H 195 5.19 2.16 39.85
C GLY H 195 3.69 2.02 40.05
N LEU H 196 3.24 1.72 41.27
CA LEU H 196 1.81 1.67 41.60
C LEU H 196 1.37 3.05 42.09
N ASP H 197 0.62 3.78 41.27
CA ASP H 197 -0.05 4.99 41.71
C ASP H 197 -1.12 4.61 42.74
N VAL H 198 -1.14 5.34 43.87
CA VAL H 198 -1.96 4.98 45.03
C VAL H 198 -3.44 4.93 44.65
N PRO H 199 -4.11 3.80 44.87
CA PRO H 199 -5.43 3.61 44.26
C PRO H 199 -6.54 4.22 45.10
N ALA H 200 -7.53 4.74 44.39
CA ALA H 200 -8.80 5.06 45.04
C ALA H 200 -9.54 3.82 45.50
N ALA H 201 -9.24 2.65 44.93
CA ALA H 201 -10.11 1.50 45.12
C ALA H 201 -9.48 0.26 44.53
N VAL H 202 -9.86 -0.88 45.09
CA VAL H 202 -9.63 -2.21 44.53
C VAL H 202 -10.97 -2.75 44.07
N ILE H 203 -10.99 -3.36 42.88
CA ILE H 203 -12.21 -3.98 42.35
C ILE H 203 -11.92 -5.46 42.09
N ILE H 204 -12.89 -6.32 42.43
CA ILE H 204 -12.60 -7.74 42.55
C ILE H 204 -13.89 -8.56 42.52
N GLU H 205 -13.81 -9.77 41.98
CA GLU H 205 -14.85 -10.80 42.09
C GLU H 205 -14.33 -11.86 43.04
N THR H 206 -15.07 -12.14 44.13
CA THR H 206 -14.61 -13.17 45.07
C THR H 206 -14.52 -14.52 44.38
N VAL H 207 -15.33 -14.76 43.35
CA VAL H 207 -15.17 -15.89 42.45
C VAL H 207 -15.17 -15.30 41.04
N GLN H 208 -14.15 -15.64 40.25
CA GLN H 208 -14.00 -15.04 38.93
C GLN H 208 -14.75 -15.90 37.90
N GLY H 209 -15.69 -15.31 37.19
CA GLY H 209 -16.38 -15.99 36.13
C GLY H 209 -15.53 -16.21 34.90
N GLU H 210 -15.46 -15.20 34.02
CA GLU H 210 -14.79 -15.39 32.75
C GLU H 210 -13.31 -15.67 32.91
N GLY H 211 -12.73 -15.34 34.07
CA GLY H 211 -11.36 -15.69 34.33
C GLY H 211 -11.13 -17.15 34.62
N GLY H 212 -12.20 -17.94 34.74
CA GLY H 212 -12.06 -19.38 34.88
C GLY H 212 -12.44 -19.97 36.23
N ILE H 213 -13.48 -19.43 36.86
CA ILE H 213 -14.01 -19.94 38.12
C ILE H 213 -12.89 -20.07 39.16
N ASN H 214 -12.26 -18.94 39.50
CA ASN H 214 -11.15 -18.92 40.46
C ASN H 214 -11.64 -18.35 41.78
N PRO H 215 -11.98 -19.18 42.77
CA PRO H 215 -12.53 -18.67 44.04
C PRO H 215 -11.41 -18.10 44.91
N ALA H 216 -11.59 -16.87 45.36
CA ALA H 216 -10.66 -16.29 46.32
C ALA H 216 -10.85 -17.00 47.64
N GLY H 217 -9.75 -17.46 48.24
CA GLY H 217 -9.86 -18.08 49.55
C GLY H 217 -10.31 -17.06 50.59
N ILE H 218 -10.94 -17.58 51.66
CA ILE H 218 -11.51 -16.69 52.67
C ILE H 218 -10.46 -15.84 53.38
N PRO H 219 -9.34 -16.39 53.85
CA PRO H 219 -8.38 -15.52 54.55
C PRO H 219 -7.76 -14.47 53.63
N TRP H 220 -7.47 -14.85 52.39
CA TRP H 220 -7.04 -13.88 51.37
C TRP H 220 -8.02 -12.73 51.27
N LEU H 221 -9.31 -13.04 51.17
CA LEU H 221 -10.34 -11.99 51.17
C LEU H 221 -10.27 -11.12 52.42
N GLN H 222 -10.13 -11.73 53.60
CA GLN H 222 -10.10 -10.93 54.82
C GLN H 222 -8.84 -10.08 54.91
N ARG H 223 -7.73 -10.54 54.32
CA ARG H 223 -6.52 -9.73 54.26
C ARG H 223 -6.68 -8.57 53.28
N LEU H 224 -7.25 -8.82 52.09
CA LEU H 224 -7.53 -7.75 51.15
C LEU H 224 -8.36 -6.66 51.79
N GLU H 225 -9.32 -7.04 52.63
CA GLU H 225 -10.11 -6.03 53.33
C GLU H 225 -9.26 -5.26 54.33
N LYS H 226 -8.45 -5.98 55.12
CA LYS H 226 -7.53 -5.30 56.04
C LYS H 226 -6.66 -4.30 55.29
N ILE H 227 -6.10 -4.71 54.15
CA ILE H 227 -5.22 -3.80 53.40
C ILE H 227 -5.97 -2.55 52.98
N CYS H 228 -7.18 -2.70 52.45
CA CYS H 228 -7.89 -1.50 52.02
C CYS H 228 -8.13 -0.55 53.18
N ARG H 229 -8.31 -1.08 54.38
CA ARG H 229 -8.49 -0.23 55.56
C ARG H 229 -7.18 0.45 55.97
N ASP H 230 -6.11 -0.33 56.09
CA ASP H 230 -4.79 0.17 56.45
C ASP H 230 -4.17 1.09 55.40
N HIS H 231 -4.79 1.25 54.23
CA HIS H 231 -4.18 2.05 53.18
C HIS H 231 -5.20 2.97 52.50
N ASP H 232 -6.35 3.18 53.14
CA ASP H 232 -7.32 4.18 52.71
C ASP H 232 -7.82 3.93 51.30
N MET H 233 -8.09 2.68 50.97
CA MET H 233 -8.64 2.34 49.68
C MET H 233 -10.05 1.78 49.86
N LEU H 234 -10.95 2.15 48.96
CA LEU H 234 -12.27 1.56 48.90
C LEU H 234 -12.21 0.16 48.32
N LEU H 235 -12.93 -0.78 48.94
CA LEU H 235 -13.06 -2.14 48.43
C LEU H 235 -14.35 -2.25 47.62
N ILE H 236 -14.23 -2.46 46.31
CA ILE H 236 -15.38 -2.73 45.44
C ILE H 236 -15.47 -4.23 45.18
N VAL H 237 -16.60 -4.83 45.50
CA VAL H 237 -16.85 -6.22 45.12
C VAL H 237 -17.80 -6.19 43.94
N ASP H 238 -17.31 -6.58 42.78
CA ASP H 238 -18.17 -6.78 41.63
C ASP H 238 -18.86 -8.13 41.79
N ASP H 239 -20.09 -8.11 42.24
CA ASP H 239 -20.85 -9.33 42.44
C ASP H 239 -21.86 -9.57 41.31
N ILE H 240 -21.57 -9.10 40.10
CA ILE H 240 -22.53 -9.17 39.01
C ILE H 240 -22.83 -10.62 38.62
N GLN H 241 -21.79 -11.44 38.45
CA GLN H 241 -21.96 -12.82 38.02
C GLN H 241 -22.00 -13.80 39.18
N ALA H 242 -21.24 -13.54 40.24
CA ALA H 242 -21.21 -14.42 41.41
C ALA H 242 -22.26 -14.06 42.45
N GLY H 243 -23.04 -13.00 42.24
CA GLY H 243 -24.00 -12.55 43.21
C GLY H 243 -25.34 -13.22 43.07
N CYS H 244 -26.33 -12.64 43.77
CA CYS H 244 -27.70 -13.14 43.82
C CYS H 244 -27.75 -14.65 44.12
N GLY H 245 -26.99 -15.07 45.12
CA GLY H 245 -27.04 -16.44 45.59
C GLY H 245 -26.26 -17.45 44.79
N ARG H 246 -25.50 -17.03 43.78
CA ARG H 246 -24.74 -18.00 42.98
C ARG H 246 -23.80 -18.83 43.86
N THR H 247 -22.97 -18.21 44.70
CA THR H 247 -22.06 -19.02 45.51
C THR H 247 -22.71 -19.67 46.74
N GLY H 248 -24.01 -19.55 46.95
CA GLY H 248 -24.63 -20.13 48.14
C GLY H 248 -24.97 -19.14 49.23
N LYS H 249 -24.57 -17.88 49.08
CA LYS H 249 -25.10 -16.78 49.87
C LYS H 249 -25.54 -15.69 48.91
N PHE H 250 -26.46 -14.84 49.34
CA PHE H 250 -26.94 -13.78 48.43
C PHE H 250 -25.76 -12.93 47.94
N PHE H 251 -25.00 -12.34 48.87
CA PHE H 251 -23.75 -11.70 48.51
C PHE H 251 -22.65 -12.75 48.57
N SER H 252 -21.87 -12.86 47.49
CA SER H 252 -20.81 -13.84 47.50
C SER H 252 -19.75 -13.55 48.56
N PHE H 253 -19.71 -12.34 49.13
CA PHE H 253 -18.69 -12.03 50.12
C PHE H 253 -19.15 -12.34 51.55
N GLU H 254 -20.41 -12.74 51.73
CA GLU H 254 -20.85 -13.19 53.04
C GLU H 254 -19.96 -14.33 53.53
N HIS H 255 -19.38 -15.09 52.61
CA HIS H 255 -18.59 -16.25 52.99
C HIS H 255 -17.41 -15.85 53.89
N ALA H 256 -16.75 -14.75 53.57
CA ALA H 256 -15.57 -14.30 54.29
C ALA H 256 -15.88 -13.27 55.37
N GLY H 257 -17.13 -12.84 55.50
CA GLY H 257 -17.46 -11.88 56.52
C GLY H 257 -16.95 -10.47 56.28
N ILE H 258 -16.24 -10.23 55.19
CA ILE H 258 -15.87 -8.86 54.83
C ILE H 258 -17.12 -8.05 54.50
N THR H 259 -17.04 -6.74 54.66
CA THR H 259 -18.14 -5.87 54.24
C THR H 259 -17.57 -4.75 53.37
N PRO H 260 -17.70 -4.89 52.04
CA PRO H 260 -17.12 -3.91 51.12
C PRO H 260 -17.82 -2.57 51.19
N ASP H 261 -17.14 -1.56 50.63
CA ASP H 261 -17.68 -0.21 50.62
C ASP H 261 -18.61 0.03 49.43
N ILE H 262 -18.35 -0.63 48.30
CA ILE H 262 -19.13 -0.49 47.09
C ILE H 262 -19.35 -1.89 46.52
N VAL H 263 -20.58 -2.18 46.10
CA VAL H 263 -20.95 -3.49 45.57
C VAL H 263 -21.80 -3.26 44.33
N THR H 264 -21.43 -3.91 43.23
CA THR H 264 -22.18 -3.83 42.00
C THR H 264 -22.98 -5.11 41.83
N ASN H 265 -24.21 -4.99 41.34
CA ASN H 265 -25.07 -6.13 41.04
C ASN H 265 -25.72 -5.92 39.68
N SER H 266 -26.04 -7.03 38.99
CA SER H 266 -26.76 -6.88 37.73
C SER H 266 -27.48 -8.13 37.27
N LYS H 267 -26.72 -9.17 36.93
CA LYS H 267 -27.20 -10.24 36.05
C LYS H 267 -28.56 -10.81 36.49
N SER H 268 -28.62 -11.45 37.66
CA SER H 268 -29.90 -11.95 38.15
C SER H 268 -30.55 -11.01 39.16
N LEU H 269 -30.18 -9.73 39.18
CA LEU H 269 -30.84 -8.83 40.12
C LEU H 269 -32.33 -8.74 39.83
N SER H 270 -32.72 -8.71 38.55
CA SER H 270 -34.13 -8.74 38.20
C SER H 270 -34.74 -10.11 38.48
N GLY H 271 -33.93 -11.18 38.39
CA GLY H 271 -34.40 -12.53 38.55
C GLY H 271 -35.24 -13.06 37.41
N PHE H 272 -35.63 -12.22 36.46
CA PHE H 272 -36.44 -12.62 35.32
C PHE H 272 -35.70 -12.54 33.99
N GLY H 273 -34.47 -12.01 33.96
CA GLY H 273 -33.82 -11.76 32.69
C GLY H 273 -34.02 -10.37 32.16
N LEU H 274 -34.74 -9.52 32.90
CA LEU H 274 -34.85 -8.13 32.53
C LEU H 274 -33.55 -7.39 32.84
N PRO H 275 -33.08 -6.53 31.94
CA PRO H 275 -31.85 -5.76 32.22
C PRO H 275 -32.03 -4.92 33.47
N PHE H 276 -31.01 -4.91 34.32
CA PHE H 276 -31.11 -4.22 35.61
C PHE H 276 -29.73 -4.23 36.27
N ALA H 277 -29.46 -3.20 37.05
CA ALA H 277 -28.21 -3.14 37.78
C ALA H 277 -28.34 -2.09 38.86
N HIS H 278 -27.63 -2.29 39.96
CA HIS H 278 -27.53 -1.21 40.92
C HIS H 278 -26.12 -1.18 41.49
N VAL H 279 -25.82 -0.10 42.19
CA VAL H 279 -24.55 0.07 42.88
C VAL H 279 -24.89 0.33 44.33
N LEU H 280 -24.41 -0.53 45.23
CA LEU H 280 -24.53 -0.33 46.67
C LEU H 280 -23.29 0.36 47.19
N MET H 281 -23.47 1.39 48.03
CA MET H 281 -22.37 2.17 48.60
C MET H 281 -22.62 2.42 50.09
N ARG H 282 -21.54 2.41 50.88
CA ARG H 282 -21.64 2.92 52.25
C ARG H 282 -22.15 4.37 52.20
N PRO H 283 -23.04 4.76 53.11
CA PRO H 283 -23.77 6.03 52.91
C PRO H 283 -22.88 7.26 52.95
N GLU H 284 -21.76 7.20 53.67
CA GLU H 284 -20.81 8.31 53.68
C GLU H 284 -20.11 8.49 52.34
N LEU H 285 -20.24 7.53 51.41
CA LEU H 285 -19.60 7.65 50.12
C LEU H 285 -20.47 8.34 49.09
N ASP H 286 -21.76 8.45 49.35
CA ASP H 286 -22.64 9.11 48.38
C ASP H 286 -22.28 10.57 48.15
N ILE H 287 -21.14 10.81 47.50
CA ILE H 287 -20.66 12.18 47.33
C ILE H 287 -21.12 12.73 45.99
N TRP H 288 -22.02 12.01 45.33
CA TRP H 288 -22.55 12.48 44.05
C TRP H 288 -23.30 13.80 44.21
N LYS H 289 -22.94 14.81 43.37
CA LYS H 289 -23.87 15.93 43.26
C LYS H 289 -24.89 15.64 42.15
N PRO H 290 -26.09 16.24 42.21
CA PRO H 290 -27.15 15.85 41.25
C PRO H 290 -26.72 16.06 39.81
N GLY H 291 -27.13 15.11 38.95
CA GLY H 291 -26.91 15.21 37.52
C GLY H 291 -25.51 14.86 37.03
N GLN H 292 -24.58 14.52 37.93
CA GLN H 292 -23.21 14.16 37.54
C GLN H 292 -23.13 12.82 36.83
N TYR H 293 -24.18 11.99 36.91
CA TYR H 293 -24.22 10.72 36.21
C TYR H 293 -25.65 10.48 35.72
N ASN H 294 -25.77 9.70 34.66
CA ASN H 294 -27.03 9.59 33.92
C ASN H 294 -27.29 8.15 33.49
N GLY H 295 -28.14 8.00 32.49
CA GLY H 295 -28.63 6.71 32.04
C GLY H 295 -30.13 6.80 31.86
N THR H 296 -30.60 6.83 30.60
CA THR H 296 -32.04 6.96 30.35
C THR H 296 -32.83 5.88 31.06
N PHE H 297 -32.42 4.61 30.91
CA PHE H 297 -33.15 3.46 31.44
C PHE H 297 -32.81 3.16 32.90
N ARG H 298 -32.52 4.17 33.72
CA ARG H 298 -32.23 3.87 35.12
C ARG H 298 -33.48 3.58 35.93
N GLY H 299 -34.67 3.88 35.40
CA GLY H 299 -35.89 3.64 36.16
C GLY H 299 -36.78 2.58 35.53
N PHE H 300 -36.24 1.36 35.40
CA PHE H 300 -36.92 0.31 34.67
C PHE H 300 -37.84 -0.41 35.66
N ASN H 301 -39.05 0.14 35.82
CA ASN H 301 -39.99 -0.34 36.81
C ASN H 301 -40.28 -1.83 36.67
N LEU H 302 -40.19 -2.38 35.46
CA LEU H 302 -40.45 -3.81 35.34
C LEU H 302 -39.42 -4.63 36.11
N ALA H 303 -38.15 -4.21 36.09
CA ALA H 303 -37.17 -4.94 36.88
C ALA H 303 -37.45 -4.78 38.37
N PHE H 304 -37.83 -3.57 38.80
CA PHE H 304 -38.18 -3.32 40.21
C PHE H 304 -39.19 -4.35 40.71
N VAL H 305 -40.24 -4.58 39.90
CA VAL H 305 -41.31 -5.51 40.29
C VAL H 305 -40.74 -6.91 40.49
N THR H 306 -40.11 -7.47 39.45
CA THR H 306 -39.63 -8.84 39.53
C THR H 306 -38.51 -9.00 40.55
N ALA H 307 -37.65 -8.00 40.71
CA ALA H 307 -36.61 -8.09 41.72
C ALA H 307 -37.23 -8.20 43.12
N ALA H 308 -38.11 -7.26 43.47
CA ALA H 308 -38.79 -7.31 44.76
C ALA H 308 -39.43 -8.66 44.97
N ALA H 309 -40.20 -9.12 43.99
CA ALA H 309 -40.87 -10.40 44.11
C ALA H 309 -39.88 -11.53 44.37
N ALA H 310 -38.73 -11.51 43.70
CA ALA H 310 -37.74 -12.57 43.87
C ALA H 310 -37.03 -12.50 45.24
N MET H 311 -36.83 -11.29 45.77
CA MET H 311 -36.24 -11.16 47.10
C MET H 311 -37.20 -11.70 48.16
N ARG H 312 -38.49 -11.45 47.99
CA ARG H 312 -39.47 -11.91 48.97
C ARG H 312 -39.68 -13.40 48.87
N HIS H 313 -39.76 -13.93 47.67
CA HIS H 313 -40.07 -15.34 47.56
C HIS H 313 -38.89 -16.22 47.92
N PHE H 314 -37.66 -15.78 47.67
CA PHE H 314 -36.53 -16.68 47.82
C PHE H 314 -35.62 -16.36 48.99
N TRP H 315 -35.72 -15.17 49.60
CA TRP H 315 -34.71 -14.76 50.57
C TRP H 315 -35.34 -14.34 51.89
N SER H 316 -36.61 -14.67 52.12
CA SER H 316 -37.26 -14.33 53.38
C SER H 316 -36.82 -15.23 54.52
N ASP H 317 -36.32 -16.43 54.21
CA ASP H 317 -35.56 -17.24 55.14
C ASP H 317 -34.41 -17.85 54.35
N ASP H 318 -33.68 -18.77 54.98
CA ASP H 318 -32.48 -19.34 54.38
C ASP H 318 -32.71 -20.74 53.80
N THR H 319 -33.96 -21.15 53.61
CA THR H 319 -34.22 -22.47 53.02
C THR H 319 -33.55 -22.58 51.67
N PHE H 320 -33.91 -21.67 50.76
CA PHE H 320 -33.34 -21.63 49.41
C PHE H 320 -31.82 -21.54 49.45
N GLU H 321 -31.29 -20.58 50.20
CA GLU H 321 -29.85 -20.42 50.32
C GLU H 321 -29.17 -21.74 50.69
N ARG H 322 -29.70 -22.43 51.70
CA ARG H 322 -29.12 -23.70 52.13
C ARG H 322 -29.31 -24.79 51.08
N ASP H 323 -30.44 -24.79 50.36
CA ASP H 323 -30.58 -25.76 49.28
C ASP H 323 -29.60 -25.46 48.14
N VAL H 324 -29.34 -24.19 47.85
CA VAL H 324 -28.29 -23.87 46.88
C VAL H 324 -26.97 -24.50 47.32
N GLN H 325 -26.62 -24.37 48.60
CA GLN H 325 -25.39 -24.96 49.12
C GLN H 325 -25.35 -26.45 48.83
N ARG H 326 -26.47 -27.14 49.04
CA ARG H 326 -26.50 -28.58 48.81
C ARG H 326 -26.36 -28.92 47.32
N LYS H 327 -27.09 -28.19 46.46
CA LYS H 327 -26.94 -28.50 45.05
C LYS H 327 -25.52 -28.21 44.60
N GLY H 328 -24.87 -27.25 45.23
CA GLY H 328 -23.47 -26.99 44.92
C GLY H 328 -22.60 -28.18 45.24
N ARG H 329 -22.88 -28.87 46.35
CA ARG H 329 -22.14 -30.08 46.71
C ARG H 329 -22.38 -31.20 45.69
N VAL H 330 -23.60 -31.34 45.16
CA VAL H 330 -23.88 -32.37 44.16
C VAL H 330 -23.01 -32.17 42.92
N VAL H 331 -22.88 -30.93 42.46
CA VAL H 331 -22.06 -30.65 41.27
C VAL H 331 -20.58 -30.89 41.56
N GLU H 332 -20.13 -30.47 42.75
CA GLU H 332 -18.72 -30.65 43.13
C GLU H 332 -18.34 -32.11 43.07
N ASP H 333 -19.18 -32.97 43.67
CA ASP H 333 -18.92 -34.42 43.64
C ASP H 333 -18.74 -34.91 42.20
N ARG H 334 -19.71 -34.60 41.34
CA ARG H 334 -19.69 -35.16 39.99
C ARG H 334 -18.60 -34.54 39.12
N PHE H 335 -18.32 -33.24 39.28
CA PHE H 335 -17.20 -32.66 38.55
C PHE H 335 -15.90 -33.31 38.97
N GLN H 336 -15.75 -33.58 40.28
CA GLN H 336 -14.53 -34.21 40.77
C GLN H 336 -14.35 -35.61 40.18
N LYS H 337 -15.39 -36.44 40.31
CA LYS H 337 -15.37 -37.74 39.65
C LYS H 337 -15.04 -37.60 38.16
N LEU H 338 -15.63 -36.61 37.49
CA LEU H 338 -15.35 -36.39 36.07
C LEU H 338 -13.90 -36.01 35.86
N ALA H 339 -13.39 -35.06 36.65
CA ALA H 339 -11.98 -34.69 36.58
C ALA H 339 -11.09 -35.89 36.87
N SER H 340 -11.59 -36.88 37.61
CA SER H 340 -10.80 -38.09 37.88
C SER H 340 -10.79 -39.03 36.67
N PHE H 341 -11.96 -39.39 36.16
CA PHE H 341 -12.09 -40.14 34.92
C PHE H 341 -11.16 -39.62 33.84
N MET H 342 -11.10 -38.30 33.68
CA MET H 342 -10.29 -37.72 32.61
C MET H 342 -8.82 -37.83 32.93
N THR H 343 -8.46 -37.64 34.20
CA THR H 343 -7.05 -37.72 34.58
C THR H 343 -6.52 -39.14 34.49
N GLU H 344 -7.36 -40.14 34.75
CA GLU H 344 -6.90 -41.52 34.64
C GLU H 344 -6.66 -41.91 33.19
N LYS H 345 -7.49 -41.44 32.27
CA LYS H 345 -7.25 -41.64 30.85
C LYS H 345 -6.19 -40.70 30.30
N GLY H 346 -5.32 -40.14 31.14
CA GLY H 346 -4.13 -39.44 30.68
C GLY H 346 -4.33 -38.00 30.26
N HIS H 347 -5.44 -37.39 30.66
CA HIS H 347 -5.73 -35.99 30.33
C HIS H 347 -6.02 -35.28 31.65
N PRO H 348 -5.04 -34.59 32.23
CA PRO H 348 -5.21 -34.10 33.60
C PRO H 348 -6.29 -33.03 33.65
N ALA H 349 -7.25 -33.23 34.53
CA ALA H 349 -8.41 -32.36 34.67
C ALA H 349 -8.61 -32.09 36.14
N SER H 350 -9.37 -31.04 36.43
CA SER H 350 -9.51 -30.61 37.80
C SER H 350 -10.87 -29.96 37.96
N GLU H 351 -11.28 -29.80 39.23
CA GLU H 351 -12.52 -29.13 39.59
C GLU H 351 -12.23 -28.08 40.64
N ARG H 352 -13.01 -27.00 40.58
CA ARG H 352 -13.01 -25.96 41.61
C ARG H 352 -14.32 -25.20 41.50
N GLY H 353 -14.61 -24.43 42.54
CA GLY H 353 -15.79 -23.61 42.53
C GLY H 353 -16.19 -23.22 43.93
N ARG H 354 -17.40 -22.67 44.03
CA ARG H 354 -17.97 -22.32 45.31
C ARG H 354 -19.47 -22.19 45.12
N GLY H 355 -20.23 -22.91 45.93
CA GLY H 355 -21.67 -22.95 45.68
C GLY H 355 -22.00 -23.56 44.33
N LEU H 356 -22.94 -22.93 43.62
CA LEU H 356 -23.35 -23.34 42.29
C LEU H 356 -22.64 -22.52 41.20
N MET H 357 -21.47 -21.99 41.52
CA MET H 357 -20.53 -21.46 40.54
C MET H 357 -19.36 -22.44 40.57
N ARG H 358 -19.30 -23.34 39.60
CA ARG H 358 -18.29 -24.39 39.60
C ARG H 358 -17.71 -24.55 38.21
N GLY H 359 -16.46 -24.97 38.15
CA GLY H 359 -15.78 -25.19 36.89
C GLY H 359 -15.09 -26.54 36.86
N LEU H 360 -15.08 -27.13 35.68
CA LEU H 360 -14.35 -28.34 35.39
C LEU H 360 -13.22 -27.93 34.46
N ASP H 361 -11.99 -28.03 34.96
CA ASP H 361 -10.79 -27.55 34.27
C ASP H 361 -10.15 -28.69 33.50
N VAL H 362 -10.63 -28.91 32.27
CA VAL H 362 -9.97 -29.81 31.34
C VAL H 362 -8.72 -29.09 30.83
N GLY H 363 -7.83 -29.80 30.17
CA GLY H 363 -6.52 -29.21 29.92
C GLY H 363 -6.47 -27.91 29.12
N ASP H 364 -6.90 -27.98 27.86
CA ASP H 364 -6.82 -26.90 26.89
C ASP H 364 -8.22 -26.57 26.38
N GLY H 365 -8.30 -25.53 25.55
CA GLY H 365 -9.58 -25.05 25.04
C GLY H 365 -10.20 -25.89 23.94
N ASP H 366 -9.42 -26.75 23.28
CA ASP H 366 -9.97 -27.58 22.21
C ASP H 366 -10.77 -28.73 22.79
N MET H 367 -10.17 -29.43 23.75
CA MET H 367 -10.85 -30.50 24.44
C MET H 367 -12.16 -30.02 25.06
N ALA H 368 -12.14 -28.81 25.64
CA ALA H 368 -13.36 -28.29 26.26
C ALA H 368 -14.42 -27.92 25.23
N ASP H 369 -14.04 -27.55 24.01
CA ASP H 369 -15.05 -27.27 23.00
C ASP H 369 -15.67 -28.55 22.47
N LYS H 370 -14.87 -29.61 22.32
CA LYS H 370 -15.40 -30.87 21.84
C LYS H 370 -16.41 -31.44 22.84
N ILE H 371 -16.11 -31.36 24.13
CA ILE H 371 -17.10 -31.78 25.12
C ILE H 371 -18.33 -30.89 25.05
N THR H 372 -18.13 -29.57 25.00
CA THR H 372 -19.24 -28.62 24.97
C THR H 372 -20.16 -28.87 23.78
N ALA H 373 -19.57 -29.06 22.60
CA ALA H 373 -20.38 -29.33 21.42
C ALA H 373 -21.09 -30.65 21.55
N GLN H 374 -20.40 -31.68 22.06
CA GLN H 374 -21.05 -32.98 22.25
C GLN H 374 -22.21 -32.86 23.20
N ALA H 375 -22.00 -32.22 24.36
CA ALA H 375 -23.09 -32.06 25.31
C ALA H 375 -24.29 -31.40 24.65
N PHE H 376 -24.04 -30.43 23.75
CA PHE H 376 -25.15 -29.79 23.05
C PHE H 376 -25.85 -30.76 22.12
N LYS H 377 -25.08 -31.59 21.41
CA LYS H 377 -25.69 -32.64 20.62
C LYS H 377 -26.53 -33.56 21.48
N ASN H 378 -26.13 -33.77 22.72
CA ASN H 378 -26.82 -34.65 23.66
C ASN H 378 -27.89 -33.93 24.49
N GLY H 379 -28.10 -32.64 24.26
CA GLY H 379 -29.18 -31.91 24.92
C GLY H 379 -28.80 -31.14 26.16
N LEU H 380 -27.55 -30.73 26.29
CA LEU H 380 -27.09 -29.94 27.42
C LEU H 380 -26.42 -28.68 26.89
N ILE H 381 -26.98 -27.52 27.22
CA ILE H 381 -26.33 -26.24 26.91
C ILE H 381 -25.39 -25.89 28.05
N ILE H 382 -24.13 -25.70 27.72
CA ILE H 382 -23.09 -25.50 28.71
C ILE H 382 -21.91 -24.90 27.97
N GLU H 383 -21.17 -24.02 28.64
CA GLU H 383 -20.22 -23.19 27.93
C GLU H 383 -18.95 -23.06 28.74
N THR H 384 -17.94 -22.50 28.08
CA THR H 384 -16.57 -22.44 28.57
C THR H 384 -16.20 -21.06 29.09
N SER H 385 -15.10 -21.02 29.84
CA SER H 385 -14.52 -19.77 30.32
C SER H 385 -13.08 -20.05 30.70
N GLY H 386 -12.43 -19.07 31.31
CA GLY H 386 -10.99 -19.02 31.41
C GLY H 386 -10.37 -18.16 30.32
N HIS H 387 -9.09 -17.83 30.51
CA HIS H 387 -8.34 -17.09 29.51
C HIS H 387 -8.18 -17.85 28.19
N SER H 388 -8.41 -19.17 28.19
CA SER H 388 -8.16 -20.05 27.04
C SER H 388 -9.38 -20.85 26.60
N GLY H 389 -10.56 -20.64 27.21
CA GLY H 389 -11.68 -21.51 26.97
C GLY H 389 -11.46 -22.91 27.50
N GLN H 390 -10.69 -23.05 28.58
CA GLN H 390 -10.25 -24.34 29.11
C GLN H 390 -11.05 -24.78 30.34
N VAL H 391 -12.10 -24.05 30.71
CA VAL H 391 -12.86 -24.38 31.90
C VAL H 391 -14.33 -24.51 31.52
N ILE H 392 -14.93 -25.65 31.83
CA ILE H 392 -16.35 -25.85 31.61
C ILE H 392 -17.09 -25.40 32.86
N LYS H 393 -17.95 -24.39 32.73
CA LYS H 393 -18.65 -23.80 33.86
C LYS H 393 -20.00 -24.46 34.05
N CYS H 394 -20.33 -24.76 35.31
CA CYS H 394 -21.71 -25.00 35.70
C CYS H 394 -22.30 -23.67 36.12
N LEU H 395 -23.34 -23.24 35.42
CA LEU H 395 -24.04 -22.00 35.71
C LEU H 395 -25.56 -22.18 35.65
N CYS H 396 -26.05 -23.40 35.88
CA CYS H 396 -27.47 -23.77 35.92
C CYS H 396 -28.25 -22.87 36.88
N PRO H 397 -29.57 -22.78 36.75
CA PRO H 397 -30.33 -22.01 37.72
C PRO H 397 -30.09 -22.52 39.13
N LEU H 398 -30.19 -21.62 40.11
CA LEU H 398 -30.14 -22.06 41.48
C LEU H 398 -31.41 -22.81 41.89
N THR H 399 -32.49 -22.63 41.16
CA THR H 399 -33.76 -23.29 41.42
C THR H 399 -33.91 -24.62 40.71
N ILE H 400 -32.86 -25.09 40.02
CA ILE H 400 -32.99 -26.31 39.22
C ILE H 400 -33.39 -27.47 40.12
N THR H 401 -34.31 -28.30 39.62
CA THR H 401 -34.73 -29.51 40.31
C THR H 401 -33.64 -30.57 40.27
N ASP H 402 -33.62 -31.43 41.29
CA ASP H 402 -32.59 -32.45 41.39
C ASP H 402 -32.57 -33.35 40.16
N GLU H 403 -33.72 -33.56 39.52
CA GLU H 403 -33.80 -34.42 38.34
C GLU H 403 -33.06 -33.82 37.15
N ASP H 404 -33.33 -32.56 36.82
CA ASP H 404 -32.62 -31.93 35.71
C ASP H 404 -31.17 -31.61 36.08
N LEU H 405 -30.89 -31.28 37.35
CA LEU H 405 -29.49 -31.20 37.78
C LEU H 405 -28.76 -32.50 37.50
N VAL H 406 -29.30 -33.62 37.99
CA VAL H 406 -28.62 -34.90 37.79
C VAL H 406 -28.74 -35.35 36.34
N GLY H 407 -29.89 -35.08 35.70
CA GLY H 407 -30.02 -35.35 34.28
C GLY H 407 -29.00 -34.61 33.44
N GLY H 408 -28.89 -33.29 33.65
CA GLY H 408 -27.87 -32.51 32.95
C GLY H 408 -26.47 -33.00 33.26
N LEU H 409 -26.19 -33.25 34.54
CA LEU H 409 -24.88 -33.76 34.91
C LEU H 409 -24.60 -35.08 34.25
N ASP H 410 -25.64 -35.90 34.07
CA ASP H 410 -25.45 -37.16 33.37
C ASP H 410 -25.02 -36.91 31.93
N ILE H 411 -25.73 -36.00 31.25
CA ILE H 411 -25.40 -35.70 29.86
C ILE H 411 -23.95 -35.27 29.74
N LEU H 412 -23.52 -34.40 30.64
CA LEU H 412 -22.11 -33.99 30.64
C LEU H 412 -21.20 -35.19 30.78
N GLU H 413 -21.56 -36.12 31.68
CA GLU H 413 -20.74 -37.30 31.90
C GLU H 413 -20.68 -38.19 30.66
N GLN H 414 -21.85 -38.46 30.06
CA GLN H 414 -21.89 -39.26 28.85
C GLN H 414 -21.08 -38.61 27.74
N SER H 415 -21.13 -37.28 27.65
CA SER H 415 -20.48 -36.60 26.54
C SER H 415 -18.97 -36.63 26.67
N VAL H 416 -18.46 -36.46 27.90
CA VAL H 416 -17.02 -36.61 28.13
C VAL H 416 -16.56 -38.01 27.73
N LYS H 417 -17.34 -39.04 28.10
CA LYS H 417 -16.98 -40.41 27.74
C LYS H 417 -17.02 -40.63 26.23
N GLU H 418 -18.08 -40.15 25.56
CA GLU H 418 -18.19 -40.26 24.11
C GLU H 418 -17.10 -39.49 23.38
N VAL H 419 -16.43 -38.56 24.05
CA VAL H 419 -15.30 -37.87 23.43
C VAL H 419 -14.00 -38.66 23.63
N PHE H 420 -13.96 -39.59 24.58
CA PHE H 420 -12.79 -40.45 24.76
C PHE H 420 -12.99 -41.78 24.03
#